data_1RFL
#
_entry.id   1RFL
#
_entity_poly.entity_id   1
_entity_poly.type   'polypeptide(L)'
_entity_poly.pdbx_seq_one_letter_code
;GSLLREGMKVVIAGRPNAGKSSLLNALAGREAAIVTDIAGTTRDVLREHIHIDGMPLHIIDTAGLREASDEVERIGIERA
WQEIEQADRVLFMVDGTTTDAVDPAEIWPEFIARLPAKLPITVVRNKADITGETLGMSEVNGHALIRLSARTGEGVDVLR
NHLKQSMGIHRD
;
_entity_poly.pdbx_strand_id   A
#
# COMPACT_ATOMS: atom_id res chain seq x y z
N GLY A 1 21.08 -0.24 16.40
CA GLY A 1 20.42 -1.27 17.18
C GLY A 1 21.40 -2.38 17.58
N SER A 2 20.96 -3.61 17.38
CA SER A 2 21.79 -4.76 17.72
C SER A 2 21.60 -5.87 16.68
N LEU A 3 22.13 -5.61 15.48
CA LEU A 3 22.03 -6.58 14.40
C LEU A 3 20.62 -7.16 14.38
N LEU A 4 19.65 -6.30 14.12
CA LEU A 4 18.26 -6.73 14.07
C LEU A 4 17.44 -5.69 13.30
N ARG A 5 17.42 -5.86 11.99
CA ARG A 5 16.68 -4.95 11.12
C ARG A 5 15.63 -5.72 10.33
N GLU A 6 14.87 -4.97 9.53
CA GLU A 6 13.82 -5.57 8.71
C GLU A 6 13.25 -4.52 7.77
N GLY A 7 12.31 -4.97 6.94
CA GLY A 7 11.66 -4.09 5.98
C GLY A 7 11.32 -4.84 4.69
N MET A 8 10.63 -4.14 3.81
CA MET A 8 10.22 -4.73 2.53
C MET A 8 9.63 -3.67 1.60
N LYS A 9 9.17 -4.14 0.45
CA LYS A 9 8.57 -3.25 -0.52
C LYS A 9 7.05 -3.30 -0.40
N VAL A 10 6.45 -2.14 -0.19
CA VAL A 10 5.01 -2.05 -0.06
C VAL A 10 4.46 -1.11 -1.13
N VAL A 11 3.34 -1.52 -1.72
CA VAL A 11 2.72 -0.73 -2.76
C VAL A 11 1.32 -0.30 -2.29
N ILE A 12 0.95 0.91 -2.68
CA ILE A 12 -0.35 1.45 -2.31
C ILE A 12 -1.12 1.84 -3.56
N ALA A 13 -2.27 1.21 -3.74
CA ALA A 13 -3.11 1.48 -4.89
C ALA A 13 -4.58 1.37 -4.48
N GLY A 14 -5.45 1.54 -5.47
CA GLY A 14 -6.88 1.47 -5.24
C GLY A 14 -7.63 2.58 -5.98
N ARG A 15 -7.41 2.61 -7.28
CA ARG A 15 -8.04 3.62 -8.12
C ARG A 15 -7.56 5.02 -7.74
N PRO A 16 -7.55 5.93 -8.74
CA PRO A 16 -7.12 7.30 -8.52
C PRO A 16 -8.19 8.09 -7.77
N ASN A 17 -7.85 8.46 -6.54
CA ASN A 17 -8.76 9.21 -5.70
C ASN A 17 -9.82 8.27 -5.12
N ALA A 18 -9.46 7.66 -4.00
CA ALA A 18 -10.37 6.74 -3.34
C ALA A 18 -9.81 6.41 -1.95
N GLY A 19 -9.20 7.40 -1.34
CA GLY A 19 -8.62 7.23 -0.01
C GLY A 19 -7.26 6.55 -0.09
N LYS A 20 -6.38 7.14 -0.88
CA LYS A 20 -5.05 6.60 -1.06
C LYS A 20 -4.05 7.44 -0.26
N SER A 21 -3.95 8.71 -0.64
CA SER A 21 -3.04 9.63 0.03
C SER A 21 -3.48 9.81 1.48
N SER A 22 -4.72 10.24 1.64
CA SER A 22 -5.27 10.47 2.97
C SER A 22 -4.90 9.31 3.89
N LEU A 23 -4.85 8.12 3.31
CA LEU A 23 -4.52 6.93 4.06
C LEU A 23 -3.03 6.98 4.45
N LEU A 24 -2.18 6.97 3.44
CA LEU A 24 -0.75 7.01 3.64
C LEU A 24 -0.43 8.00 4.77
N ASN A 25 -1.03 9.17 4.66
CA ASN A 25 -0.83 10.22 5.65
C ASN A 25 -0.93 9.60 7.05
N ALA A 26 -2.12 9.13 7.38
CA ALA A 26 -2.38 8.53 8.67
C ALA A 26 -1.30 7.47 8.95
N LEU A 27 -0.76 6.93 7.86
CA LEU A 27 0.28 5.92 7.98
C LEU A 27 1.54 6.54 8.57
N ALA A 28 2.13 7.44 7.81
CA ALA A 28 3.35 8.12 8.25
C ALA A 28 3.08 8.80 9.59
N GLY A 29 3.81 8.35 10.60
CA GLY A 29 3.67 8.92 11.94
C GLY A 29 3.65 10.44 11.89
N ARG A 30 4.30 10.98 10.87
CA ARG A 30 4.37 12.42 10.69
C ARG A 30 2.97 13.03 10.81
N GLU A 31 2.93 14.27 11.27
CA GLU A 31 1.67 14.99 11.43
C GLU A 31 1.37 15.80 10.18
N ALA A 32 2.24 16.77 9.91
CA ALA A 32 2.08 17.62 8.75
C ALA A 32 1.68 16.77 7.54
N ALA A 33 0.38 16.74 7.27
CA ALA A 33 -0.13 15.96 6.15
C ALA A 33 0.00 16.79 4.86
N ILE A 34 0.95 16.38 4.04
CA ILE A 34 1.19 17.06 2.78
C ILE A 34 0.82 16.14 1.62
N VAL A 35 0.17 16.72 0.63
CA VAL A 35 -0.25 15.97 -0.55
C VAL A 35 0.04 16.79 -1.81
N THR A 36 0.49 16.09 -2.84
CA THR A 36 0.81 16.72 -4.10
C THR A 36 0.01 16.10 -5.23
N ASP A 37 0.31 16.54 -6.44
CA ASP A 37 -0.38 16.02 -7.62
C ASP A 37 0.51 15.00 -8.33
N ILE A 38 -0.12 13.93 -8.79
CA ILE A 38 0.61 12.88 -9.48
C ILE A 38 1.72 13.51 -10.33
N ALA A 39 1.36 14.60 -10.99
CA ALA A 39 2.30 15.30 -11.85
C ALA A 39 3.16 14.28 -12.60
N GLY A 40 2.56 13.13 -12.86
CA GLY A 40 3.25 12.07 -13.57
C GLY A 40 3.85 11.05 -12.59
N THR A 41 3.32 9.84 -12.67
CA THR A 41 3.80 8.77 -11.79
C THR A 41 5.32 8.64 -11.89
N THR A 42 5.96 8.75 -10.74
CA THR A 42 7.41 8.65 -10.68
C THR A 42 7.86 7.28 -11.20
N ARG A 43 9.05 7.27 -11.79
CA ARG A 43 9.61 6.04 -12.32
C ARG A 43 9.79 5.01 -11.21
N ASP A 44 10.19 5.50 -10.04
CA ASP A 44 10.40 4.63 -8.90
C ASP A 44 9.05 4.25 -8.30
N VAL A 45 7.99 4.83 -8.87
CA VAL A 45 6.65 4.55 -8.41
C VAL A 45 6.63 4.53 -6.88
N LEU A 46 7.37 5.45 -6.30
CA LEU A 46 7.46 5.55 -4.85
C LEU A 46 6.99 6.93 -4.41
N ARG A 47 5.68 7.13 -4.48
CA ARG A 47 5.10 8.40 -4.09
C ARG A 47 4.30 8.25 -2.78
N GLU A 48 4.56 7.15 -2.10
CA GLU A 48 3.89 6.86 -0.84
C GLU A 48 4.87 6.96 0.32
N HIS A 49 5.79 7.92 0.20
CA HIS A 49 6.79 8.13 1.23
C HIS A 49 7.47 6.80 1.56
N ILE A 50 8.34 6.85 2.55
CA ILE A 50 9.07 5.67 2.99
C ILE A 50 8.80 5.43 4.48
N HIS A 51 7.84 4.55 4.73
CA HIS A 51 7.49 4.21 6.10
C HIS A 51 8.63 3.44 6.75
N ILE A 52 9.14 4.02 7.84
CA ILE A 52 10.23 3.40 8.56
C ILE A 52 10.18 3.84 10.02
N ASP A 53 9.68 2.94 10.86
CA ASP A 53 9.57 3.22 12.28
C ASP A 53 10.91 2.96 12.96
N GLY A 54 11.59 1.93 12.46
CA GLY A 54 12.89 1.56 13.01
C GLY A 54 13.79 2.79 13.17
N MET A 55 14.63 3.01 12.16
CA MET A 55 15.53 4.14 12.18
C MET A 55 15.01 5.27 11.29
N PRO A 56 15.40 6.52 11.68
CA PRO A 56 14.98 7.70 10.94
C PRO A 56 15.76 7.83 9.62
N LEU A 57 17.07 7.69 9.74
CA LEU A 57 17.93 7.77 8.57
C LEU A 57 17.88 6.46 7.79
N HIS A 58 16.87 6.35 6.95
CA HIS A 58 16.69 5.16 6.14
C HIS A 58 15.92 5.50 4.87
N ILE A 59 16.59 5.33 3.74
CA ILE A 59 15.97 5.63 2.46
C ILE A 59 15.50 4.32 1.81
N ILE A 60 14.24 4.32 1.42
CA ILE A 60 13.66 3.14 0.79
C ILE A 60 13.09 3.52 -0.58
N ASP A 61 12.90 2.52 -1.42
CA ASP A 61 12.36 2.74 -2.75
C ASP A 61 11.59 1.50 -3.19
N THR A 62 10.31 1.68 -3.45
CA THR A 62 9.45 0.60 -3.89
C THR A 62 9.13 0.73 -5.38
N ALA A 63 9.80 -0.11 -6.16
CA ALA A 63 9.59 -0.09 -7.61
C ALA A 63 8.44 -1.03 -7.96
N GLY A 64 8.80 -2.25 -8.34
CA GLY A 64 7.80 -3.24 -8.70
C GLY A 64 7.74 -3.42 -10.22
N LEU A 65 8.80 -2.97 -10.87
CA LEU A 65 8.87 -3.07 -12.33
C LEU A 65 10.34 -3.11 -12.75
N ARG A 66 10.56 -3.55 -13.99
CA ARG A 66 11.90 -3.64 -14.52
C ARG A 66 12.55 -2.25 -14.56
N GLU A 67 11.98 -1.38 -15.38
CA GLU A 67 12.49 -0.03 -15.51
C GLU A 67 12.42 0.70 -14.17
N ALA A 68 11.50 0.24 -13.33
CA ALA A 68 11.32 0.83 -12.02
C ALA A 68 12.52 0.49 -11.13
N SER A 69 12.75 -0.81 -10.98
CA SER A 69 13.85 -1.28 -10.17
C SER A 69 15.16 -0.66 -10.65
N ASP A 70 15.26 -0.50 -11.96
CA ASP A 70 16.45 0.08 -12.55
C ASP A 70 16.56 1.54 -12.14
N GLU A 71 15.43 2.23 -12.18
CA GLU A 71 15.39 3.64 -11.81
C GLU A 71 15.58 3.79 -10.30
N VAL A 72 15.19 2.75 -9.58
CA VAL A 72 15.31 2.75 -8.13
C VAL A 72 16.79 2.78 -7.75
N GLU A 73 17.56 1.94 -8.42
CA GLU A 73 18.99 1.86 -8.14
C GLU A 73 19.72 2.99 -8.88
N ARG A 74 19.25 4.20 -8.65
CA ARG A 74 19.85 5.37 -9.28
C ARG A 74 19.36 6.65 -8.59
N ILE A 75 18.07 6.68 -8.32
CA ILE A 75 17.47 7.84 -7.66
C ILE A 75 18.00 7.94 -6.23
N GLY A 76 18.12 6.79 -5.61
CA GLY A 76 18.62 6.73 -4.23
C GLY A 76 20.13 6.57 -4.21
N ILE A 77 20.79 7.28 -5.12
CA ILE A 77 22.23 7.23 -5.20
C ILE A 77 22.71 5.79 -4.99
N GLU A 78 22.70 5.03 -6.08
CA GLU A 78 23.12 3.65 -6.02
C GLU A 78 23.46 3.14 -7.43
N ARG A 79 24.58 2.43 -7.52
CA ARG A 79 25.02 1.90 -8.80
C ARG A 79 23.89 1.10 -9.46
N ALA A 80 23.92 1.08 -10.78
CA ALA A 80 22.91 0.37 -11.54
C ALA A 80 23.17 -1.13 -11.45
N TRP A 81 23.06 -1.65 -10.23
CA TRP A 81 23.29 -3.07 -10.00
C TRP A 81 21.93 -3.73 -9.74
N GLN A 82 21.99 -4.91 -9.16
CA GLN A 82 20.78 -5.66 -8.85
C GLN A 82 20.66 -5.88 -7.34
N GLU A 83 19.49 -5.54 -6.82
CA GLU A 83 19.23 -5.69 -5.39
C GLU A 83 17.91 -5.02 -5.02
N ILE A 84 16.84 -5.79 -5.13
CA ILE A 84 15.51 -5.27 -4.80
C ILE A 84 14.51 -6.42 -4.86
N GLU A 85 13.74 -6.55 -3.78
CA GLU A 85 12.73 -7.59 -3.71
C GLU A 85 11.44 -7.15 -4.40
N GLN A 86 10.40 -7.93 -4.21
CA GLN A 86 9.11 -7.63 -4.81
C GLN A 86 8.10 -7.26 -3.72
N ALA A 87 6.98 -6.71 -4.17
CA ALA A 87 5.92 -6.31 -3.24
C ALA A 87 5.57 -7.48 -2.33
N ASP A 88 4.97 -7.15 -1.20
CA ASP A 88 4.58 -8.17 -0.24
C ASP A 88 3.15 -7.90 0.23
N ARG A 89 2.95 -6.69 0.73
CA ARG A 89 1.63 -6.29 1.21
C ARG A 89 0.99 -5.29 0.25
N VAL A 90 0.20 -5.82 -0.66
CA VAL A 90 -0.48 -4.98 -1.64
C VAL A 90 -1.93 -4.75 -1.21
N LEU A 91 -2.09 -3.82 -0.28
CA LEU A 91 -3.42 -3.50 0.24
C LEU A 91 -4.15 -2.64 -0.79
N PHE A 92 -5.46 -2.90 -0.91
CA PHE A 92 -6.29 -2.15 -1.84
C PHE A 92 -7.18 -1.16 -1.10
N MET A 93 -7.60 -0.14 -1.83
CA MET A 93 -8.46 0.88 -1.26
C MET A 93 -9.69 1.12 -2.14
N VAL A 94 -10.85 0.84 -1.57
CA VAL A 94 -12.11 1.02 -2.28
C VAL A 94 -12.98 2.03 -1.54
N ASP A 95 -13.85 2.68 -2.29
CA ASP A 95 -14.75 3.67 -1.71
C ASP A 95 -16.14 3.04 -1.52
N GLY A 96 -16.48 2.81 -0.26
CA GLY A 96 -17.77 2.22 0.07
C GLY A 96 -18.13 1.12 -0.93
N THR A 97 -19.44 0.96 -1.13
CA THR A 97 -19.94 -0.05 -2.05
C THR A 97 -20.02 0.52 -3.47
N THR A 98 -18.93 1.13 -3.90
CA THR A 98 -18.88 1.72 -5.23
C THR A 98 -18.12 0.80 -6.19
N THR A 99 -18.72 0.56 -7.34
CA THR A 99 -18.11 -0.29 -8.34
C THR A 99 -17.90 0.48 -9.64
N ASP A 100 -16.65 0.87 -9.86
CA ASP A 100 -16.31 1.62 -11.06
C ASP A 100 -15.69 0.67 -12.09
N ALA A 101 -15.42 1.21 -13.27
CA ALA A 101 -14.83 0.43 -14.34
C ALA A 101 -13.32 0.35 -14.14
N VAL A 102 -12.83 1.25 -13.29
CA VAL A 102 -11.40 1.29 -13.01
C VAL A 102 -11.11 0.44 -11.77
N ASP A 103 -12.18 0.01 -11.12
CA ASP A 103 -12.05 -0.80 -9.92
C ASP A 103 -11.32 -2.10 -10.27
N PRO A 104 -11.84 -2.78 -11.33
CA PRO A 104 -11.25 -4.03 -11.78
C PRO A 104 -9.94 -3.78 -12.54
N ALA A 105 -9.95 -2.71 -13.32
CA ALA A 105 -8.77 -2.35 -14.10
C ALA A 105 -7.67 -1.87 -13.16
N GLU A 106 -7.23 -2.77 -12.30
CA GLU A 106 -6.19 -2.44 -11.34
C GLU A 106 -6.04 -3.56 -10.31
N ILE A 107 -7.17 -4.19 -10.01
CA ILE A 107 -7.17 -5.28 -9.05
C ILE A 107 -7.08 -6.62 -9.79
N TRP A 108 -7.34 -6.56 -11.09
CA TRP A 108 -7.28 -7.75 -11.92
C TRP A 108 -5.82 -8.22 -11.97
N PRO A 109 -4.94 -7.29 -12.43
CA PRO A 109 -3.53 -7.59 -12.54
C PRO A 109 -2.86 -7.60 -11.16
N GLU A 110 -3.41 -8.42 -10.28
CA GLU A 110 -2.89 -8.53 -8.92
C GLU A 110 -3.14 -9.94 -8.38
N PHE A 111 -4.38 -10.35 -8.46
CA PHE A 111 -4.77 -11.67 -7.98
C PHE A 111 -3.73 -12.73 -8.38
N ILE A 112 -3.21 -12.57 -9.59
CA ILE A 112 -2.21 -13.50 -10.09
C ILE A 112 -0.82 -13.07 -9.59
N ALA A 113 -0.54 -13.42 -8.34
CA ALA A 113 0.73 -13.07 -7.74
C ALA A 113 1.02 -14.01 -6.57
N ARG A 114 2.16 -13.79 -5.95
CA ARG A 114 2.56 -14.61 -4.82
C ARG A 114 2.62 -13.77 -3.54
N LEU A 115 1.50 -13.11 -3.25
CA LEU A 115 1.42 -12.27 -2.07
C LEU A 115 -0.06 -11.96 -1.78
N PRO A 116 -0.33 -11.64 -0.49
CA PRO A 116 -1.68 -11.33 -0.06
C PRO A 116 -2.10 -9.93 -0.54
N ALA A 117 -3.41 -9.75 -0.65
CA ALA A 117 -3.94 -8.48 -1.10
C ALA A 117 -4.44 -7.69 0.12
N LYS A 118 -5.54 -8.19 0.69
CA LYS A 118 -6.13 -7.55 1.86
C LYS A 118 -7.03 -6.39 1.40
N LEU A 119 -8.28 -6.72 1.14
CA LEU A 119 -9.23 -5.73 0.69
C LEU A 119 -9.92 -5.11 1.91
N PRO A 120 -10.33 -3.82 1.75
CA PRO A 120 -11.00 -3.11 2.83
C PRO A 120 -12.44 -3.59 3.00
N ILE A 121 -13.19 -2.82 3.78
CA ILE A 121 -14.59 -3.16 4.03
C ILE A 121 -15.43 -1.89 3.95
N THR A 122 -16.69 -2.07 3.55
CA THR A 122 -17.60 -0.95 3.44
C THR A 122 -18.57 -0.92 4.63
N VAL A 123 -18.87 0.29 5.07
CA VAL A 123 -19.78 0.46 6.20
C VAL A 123 -20.66 1.68 5.95
N VAL A 124 -21.12 1.81 4.71
CA VAL A 124 -21.98 2.93 4.33
C VAL A 124 -23.41 2.65 4.79
N ARG A 125 -24.25 3.65 4.60
CA ARG A 125 -25.65 3.53 4.99
C ARG A 125 -26.26 2.26 4.39
N ASN A 126 -27.53 2.04 4.73
CA ASN A 126 -28.23 0.87 4.23
C ASN A 126 -27.50 -0.39 4.67
N LYS A 127 -28.11 -1.09 5.63
CA LYS A 127 -27.52 -2.32 6.14
C LYS A 127 -27.68 -3.42 5.11
N ALA A 128 -28.93 -3.68 4.76
CA ALA A 128 -29.23 -4.72 3.78
C ALA A 128 -28.72 -4.29 2.40
N ASP A 129 -27.40 -4.40 2.24
CA ASP A 129 -26.77 -4.03 0.99
C ASP A 129 -25.25 -4.17 1.13
N ILE A 130 -24.77 -3.84 2.32
CA ILE A 130 -23.34 -3.92 2.59
C ILE A 130 -22.92 -5.38 2.58
N THR A 131 -23.45 -6.12 3.55
CA THR A 131 -23.13 -7.54 3.67
C THR A 131 -23.12 -8.20 2.29
N GLY A 132 -24.10 -7.81 1.48
CA GLY A 132 -24.22 -8.36 0.14
C GLY A 132 -22.88 -8.31 -0.60
N GLU A 133 -22.31 -7.11 -0.65
CA GLU A 133 -21.03 -6.93 -1.32
C GLU A 133 -19.91 -6.82 -0.29
N THR A 134 -19.91 -7.75 0.65
CA THR A 134 -18.90 -7.77 1.69
C THR A 134 -18.04 -9.03 1.56
N LEU A 135 -18.69 -10.13 1.24
CA LEU A 135 -17.99 -11.40 1.09
C LEU A 135 -17.41 -11.49 -0.31
N GLY A 136 -18.31 -11.63 -1.28
CA GLY A 136 -17.89 -11.74 -2.67
C GLY A 136 -16.73 -10.79 -2.97
N MET A 137 -16.94 -9.52 -2.65
CA MET A 137 -15.93 -8.51 -2.88
C MET A 137 -15.26 -8.71 -4.25
N SER A 138 -16.10 -8.68 -5.28
CA SER A 138 -15.61 -8.84 -6.63
C SER A 138 -15.16 -10.29 -6.86
N GLU A 139 -14.06 -10.64 -6.20
CA GLU A 139 -13.51 -11.97 -6.31
C GLU A 139 -12.18 -12.07 -5.57
N VAL A 140 -11.55 -13.23 -5.68
CA VAL A 140 -10.28 -13.46 -5.03
C VAL A 140 -10.50 -13.62 -3.53
N ASN A 141 -9.60 -14.36 -2.90
CA ASN A 141 -9.69 -14.59 -1.47
C ASN A 141 -8.76 -13.63 -0.73
N GLY A 142 -9.29 -12.46 -0.42
CA GLY A 142 -8.53 -11.45 0.28
C GLY A 142 -7.96 -11.99 1.59
N HIS A 143 -6.67 -11.74 1.79
CA HIS A 143 -6.01 -12.20 3.00
C HIS A 143 -6.91 -11.96 4.21
N ALA A 144 -7.29 -10.70 4.39
CA ALA A 144 -8.15 -10.31 5.50
C ALA A 144 -8.93 -9.06 5.12
N LEU A 145 -10.18 -9.02 5.57
CA LEU A 145 -11.04 -7.88 5.30
C LEU A 145 -11.20 -7.05 6.57
N ILE A 146 -10.69 -5.83 6.51
CA ILE A 146 -10.78 -4.93 7.65
C ILE A 146 -11.36 -3.59 7.19
N ARG A 147 -12.37 -3.13 7.92
CA ARG A 147 -13.02 -1.87 7.59
C ARG A 147 -12.23 -0.71 8.21
N LEU A 148 -12.33 0.44 7.55
CA LEU A 148 -11.65 1.63 8.01
C LEU A 148 -12.13 2.85 7.21
N SER A 149 -11.66 4.01 7.62
CA SER A 149 -12.04 5.25 6.95
C SER A 149 -10.83 6.16 6.82
N ALA A 150 -11.02 7.24 6.07
CA ALA A 150 -9.95 8.20 5.86
C ALA A 150 -9.84 9.12 7.09
N ARG A 151 -10.79 10.04 7.19
CA ARG A 151 -10.81 10.97 8.31
C ARG A 151 -10.52 10.23 9.61
N THR A 152 -11.57 9.67 10.19
CA THR A 152 -11.45 8.94 11.44
C THR A 152 -10.60 7.69 11.23
N GLY A 153 -9.72 7.44 12.20
CA GLY A 153 -8.86 6.27 12.13
C GLY A 153 -9.60 5.01 12.58
N GLU A 154 -10.64 4.69 11.83
CA GLU A 154 -11.45 3.51 12.13
C GLU A 154 -10.55 2.29 12.32
N GLY A 155 -9.97 1.84 11.21
CA GLY A 155 -9.09 0.68 11.24
C GLY A 155 -7.78 0.97 10.49
N VAL A 156 -6.97 1.81 11.09
CA VAL A 156 -5.69 2.18 10.50
C VAL A 156 -4.57 1.41 11.18
N ASP A 157 -4.62 1.41 12.51
CA ASP A 157 -3.61 0.71 13.30
C ASP A 157 -3.66 -0.77 12.97
N VAL A 158 -4.86 -1.27 12.76
CA VAL A 158 -5.06 -2.68 12.44
C VAL A 158 -4.36 -2.99 11.11
N LEU A 159 -4.39 -2.01 10.22
CA LEU A 159 -3.77 -2.16 8.91
C LEU A 159 -2.25 -1.94 9.04
N ARG A 160 -1.89 -1.22 10.09
CA ARG A 160 -0.49 -0.93 10.34
C ARG A 160 0.20 -2.13 10.98
N ASN A 161 -0.46 -2.68 12.00
CA ASN A 161 0.07 -3.82 12.71
C ASN A 161 0.23 -5.00 11.73
N HIS A 162 -0.57 -4.96 10.68
CA HIS A 162 -0.53 -6.00 9.66
C HIS A 162 0.45 -5.59 8.56
N LEU A 163 1.34 -4.68 8.90
CA LEU A 163 2.33 -4.20 7.95
C LEU A 163 3.73 -4.46 8.51
N LYS A 164 3.90 -4.15 9.79
CA LYS A 164 5.17 -4.35 10.44
C LYS A 164 5.48 -5.84 10.52
N GLN A 165 4.43 -6.63 10.67
CA GLN A 165 4.58 -8.07 10.75
C GLN A 165 5.00 -8.64 9.40
N SER A 166 4.41 -8.09 8.35
CA SER A 166 4.71 -8.53 7.00
C SER A 166 6.21 -8.36 6.72
N MET A 167 6.61 -7.11 6.57
CA MET A 167 8.01 -6.80 6.30
C MET A 167 8.93 -7.50 7.30
N GLY A 168 9.96 -8.15 6.76
CA GLY A 168 10.91 -8.86 7.58
C GLY A 168 12.23 -9.11 6.83
N ILE A 169 13.23 -9.54 7.57
CA ILE A 169 14.53 -9.81 6.99
C ILE A 169 15.02 -8.57 6.25
N HIS A 170 16.29 -8.61 5.87
CA HIS A 170 16.89 -7.50 5.15
C HIS A 170 17.45 -6.48 6.16
N ARG A 171 18.76 -6.35 6.15
CA ARG A 171 19.42 -5.42 7.06
C ARG A 171 20.03 -4.25 6.27
N ASP A 172 19.20 -3.27 6.00
CA ASP A 172 19.64 -2.10 5.26
C ASP A 172 20.29 -2.54 3.94
N GLY A 1 13.65 -7.93 23.67
CA GLY A 1 14.99 -7.83 23.12
C GLY A 1 15.04 -8.36 21.68
N SER A 2 15.31 -7.44 20.76
CA SER A 2 15.38 -7.79 19.36
C SER A 2 16.74 -7.37 18.78
N LEU A 3 17.19 -8.15 17.80
CA LEU A 3 18.48 -7.88 17.17
C LEU A 3 18.30 -7.91 15.65
N LEU A 4 17.05 -7.81 15.23
CA LEU A 4 16.74 -7.83 13.81
C LEU A 4 15.94 -6.57 13.45
N ARG A 5 16.14 -6.12 12.22
CA ARG A 5 15.44 -4.93 11.74
C ARG A 5 14.41 -5.31 10.68
N GLU A 6 13.48 -4.39 10.45
CA GLU A 6 12.43 -4.62 9.47
C GLU A 6 12.72 -3.83 8.20
N GLY A 7 12.47 -4.47 7.06
CA GLY A 7 12.69 -3.84 5.78
C GLY A 7 11.98 -4.61 4.66
N MET A 8 11.08 -3.90 3.98
CA MET A 8 10.32 -4.48 2.90
C MET A 8 9.62 -3.41 2.06
N LYS A 9 8.69 -3.86 1.24
CA LYS A 9 7.95 -2.95 0.39
C LYS A 9 6.45 -3.17 0.60
N VAL A 10 5.68 -2.10 0.39
CA VAL A 10 4.25 -2.17 0.56
C VAL A 10 3.58 -1.18 -0.40
N VAL A 11 3.04 -1.73 -1.48
CA VAL A 11 2.37 -0.92 -2.49
C VAL A 11 0.92 -0.68 -2.06
N ILE A 12 0.39 0.45 -2.50
CA ILE A 12 -0.98 0.81 -2.17
C ILE A 12 -1.72 1.21 -3.45
N ALA A 13 -2.30 0.21 -4.10
CA ALA A 13 -3.03 0.44 -5.33
C ALA A 13 -4.48 0.79 -4.99
N GLY A 14 -5.27 0.97 -6.04
CA GLY A 14 -6.68 1.31 -5.87
C GLY A 14 -7.13 2.31 -6.93
N ARG A 15 -8.44 2.35 -7.15
CA ARG A 15 -9.02 3.26 -8.13
C ARG A 15 -8.63 4.70 -7.80
N PRO A 16 -8.72 5.57 -8.85
CA PRO A 16 -8.38 6.97 -8.68
C PRO A 16 -9.50 7.71 -7.94
N ASN A 17 -9.09 8.43 -6.90
CA ASN A 17 -10.04 9.18 -6.11
C ASN A 17 -10.96 8.22 -5.35
N ALA A 18 -10.47 7.75 -4.21
CA ALA A 18 -11.23 6.82 -3.40
C ALA A 18 -10.71 6.87 -1.95
N GLY A 19 -9.42 6.61 -1.81
CA GLY A 19 -8.79 6.62 -0.50
C GLY A 19 -7.41 5.96 -0.54
N LYS A 20 -6.50 6.64 -1.23
CA LYS A 20 -5.14 6.13 -1.35
C LYS A 20 -4.20 7.02 -0.55
N SER A 21 -3.72 8.07 -1.19
CA SER A 21 -2.81 9.00 -0.55
C SER A 21 -3.37 9.41 0.82
N SER A 22 -4.69 9.45 0.91
CA SER A 22 -5.36 9.83 2.13
C SER A 22 -4.91 8.91 3.28
N LEU A 23 -4.87 7.62 2.97
CA LEU A 23 -4.46 6.63 3.95
C LEU A 23 -2.98 6.80 4.25
N LEU A 24 -2.21 7.00 3.19
CA LEU A 24 -0.78 7.17 3.33
C LEU A 24 -0.49 8.11 4.49
N ASN A 25 -1.09 9.29 4.43
CA ASN A 25 -0.90 10.28 5.47
C ASN A 25 -1.01 9.61 6.84
N ALA A 26 -2.22 9.19 7.18
CA ALA A 26 -2.46 8.54 8.44
C ALA A 26 -1.37 7.49 8.68
N LEU A 27 -1.15 6.67 7.67
CA LEU A 27 -0.14 5.63 7.77
C LEU A 27 1.17 6.24 8.28
N ALA A 28 1.79 7.03 7.43
CA ALA A 28 3.04 7.67 7.78
C ALA A 28 2.93 8.26 9.19
N GLY A 29 1.94 9.13 9.35
CA GLY A 29 1.71 9.77 10.64
C GLY A 29 3.01 10.39 11.18
N ARG A 30 3.52 11.35 10.43
CA ARG A 30 4.75 12.02 10.83
C ARG A 30 4.55 13.54 10.82
N GLU A 31 3.37 13.95 11.28
CA GLU A 31 3.04 15.37 11.32
C GLU A 31 3.23 16.01 9.95
N ALA A 32 2.76 17.23 9.83
CA ALA A 32 2.87 17.97 8.57
C ALA A 32 2.53 17.03 7.41
N ALA A 33 1.24 16.87 7.19
CA ALA A 33 0.76 16.00 6.11
C ALA A 33 1.23 16.57 4.78
N ILE A 34 2.02 15.77 4.08
CA ILE A 34 2.54 16.17 2.79
C ILE A 34 1.77 15.45 1.68
N VAL A 35 1.20 16.24 0.79
CA VAL A 35 0.44 15.69 -0.32
C VAL A 35 0.90 16.34 -1.63
N THR A 36 0.97 15.52 -2.67
CA THR A 36 1.39 15.99 -3.98
C THR A 36 0.49 15.43 -5.07
N ASP A 37 0.38 16.18 -6.15
CA ASP A 37 -0.46 15.77 -7.27
C ASP A 37 0.44 15.45 -8.47
N ILE A 38 1.05 14.28 -8.42
CA ILE A 38 1.93 13.85 -9.50
C ILE A 38 1.16 13.87 -10.82
N ALA A 39 1.91 13.91 -11.91
CA ALA A 39 1.32 13.93 -13.23
C ALA A 39 1.79 12.71 -14.02
N GLY A 40 3.09 12.67 -14.26
CA GLY A 40 3.67 11.56 -14.99
C GLY A 40 4.26 10.52 -14.04
N THR A 41 3.44 10.11 -13.07
CA THR A 41 3.87 9.12 -12.09
C THR A 41 5.32 9.39 -11.67
N THR A 42 5.93 8.36 -11.12
CA THR A 42 7.31 8.45 -10.66
C THR A 42 8.15 7.32 -11.26
N ARG A 43 9.42 7.64 -11.51
CA ARG A 43 10.33 6.66 -12.08
C ARG A 43 10.51 5.48 -11.12
N ASP A 44 10.64 5.82 -9.85
CA ASP A 44 10.81 4.80 -8.82
C ASP A 44 9.45 4.25 -8.41
N VAL A 45 8.42 4.81 -9.02
CA VAL A 45 7.06 4.40 -8.73
C VAL A 45 6.86 4.34 -7.20
N LEU A 46 7.56 5.23 -6.51
CA LEU A 46 7.48 5.29 -5.07
C LEU A 46 6.75 6.57 -4.66
N ARG A 47 5.47 6.41 -4.35
CA ARG A 47 4.65 7.54 -3.94
C ARG A 47 3.97 7.24 -2.61
N GLU A 48 4.32 6.10 -2.03
CA GLU A 48 3.76 5.68 -0.76
C GLU A 48 4.65 6.17 0.39
N HIS A 49 5.55 7.09 0.06
CA HIS A 49 6.46 7.63 1.05
C HIS A 49 7.14 6.48 1.80
N ILE A 50 7.93 6.85 2.79
CA ILE A 50 8.64 5.87 3.60
C ILE A 50 8.42 6.16 5.08
N HIS A 51 8.78 5.18 5.90
CA HIS A 51 8.61 5.31 7.34
C HIS A 51 9.30 4.16 8.04
N ILE A 52 10.48 4.46 8.59
CA ILE A 52 11.26 3.45 9.29
C ILE A 52 11.10 3.65 10.80
N ASP A 53 10.04 3.03 11.34
CA ASP A 53 9.76 3.13 12.75
C ASP A 53 11.07 3.03 13.54
N GLY A 54 11.87 2.02 13.21
CA GLY A 54 13.14 1.81 13.87
C GLY A 54 13.90 3.12 14.01
N MET A 55 14.70 3.42 12.99
CA MET A 55 15.49 4.63 12.98
C MET A 55 15.29 5.41 11.68
N PRO A 56 15.06 6.75 11.85
CA PRO A 56 14.85 7.61 10.69
C PRO A 56 16.17 7.90 9.97
N LEU A 57 16.80 6.82 9.52
CA LEU A 57 18.07 6.92 8.82
C LEU A 57 18.13 5.86 7.72
N HIS A 58 17.00 5.68 7.04
CA HIS A 58 16.92 4.70 5.98
C HIS A 58 16.22 5.33 4.77
N ILE A 59 16.55 4.80 3.60
CA ILE A 59 15.97 5.29 2.37
C ILE A 59 15.67 4.11 1.44
N ILE A 60 14.41 3.69 1.46
CA ILE A 60 13.97 2.57 0.64
C ILE A 60 12.99 3.08 -0.43
N ASP A 61 13.05 2.45 -1.59
CA ASP A 61 12.18 2.83 -2.69
C ASP A 61 11.57 1.56 -3.31
N THR A 62 10.28 1.62 -3.56
CA THR A 62 9.57 0.50 -4.14
C THR A 62 9.83 0.44 -5.65
N ALA A 63 10.67 -0.51 -6.04
CA ALA A 63 11.01 -0.69 -7.43
C ALA A 63 9.75 -1.13 -8.20
N GLY A 64 9.65 -2.43 -8.42
CA GLY A 64 8.52 -2.99 -9.14
C GLY A 64 8.98 -3.93 -10.25
N LEU A 65 9.54 -3.35 -11.29
CA LEU A 65 10.02 -4.13 -12.42
C LEU A 65 11.52 -3.86 -12.61
N ARG A 66 11.94 -3.94 -13.86
CA ARG A 66 13.34 -3.71 -14.19
C ARG A 66 13.64 -2.21 -14.21
N GLU A 67 12.76 -1.47 -14.89
CA GLU A 67 12.93 -0.03 -14.99
C GLU A 67 12.97 0.60 -13.58
N ALA A 68 11.85 0.48 -12.89
CA ALA A 68 11.74 1.02 -11.54
C ALA A 68 13.01 0.65 -10.75
N SER A 69 13.30 -0.63 -10.73
CA SER A 69 14.46 -1.12 -10.01
C SER A 69 15.70 -0.30 -10.39
N ASP A 70 15.87 -0.12 -11.69
CA ASP A 70 17.00 0.65 -12.19
C ASP A 70 16.97 2.06 -11.59
N GLU A 71 15.89 2.77 -11.88
CA GLU A 71 15.72 4.12 -11.37
C GLU A 71 15.84 4.13 -9.85
N VAL A 72 15.44 3.02 -9.25
CA VAL A 72 15.50 2.89 -7.80
C VAL A 72 16.96 2.92 -7.35
N GLU A 73 17.84 2.51 -8.25
CA GLU A 73 19.27 2.49 -7.95
C GLU A 73 19.90 3.81 -8.37
N ARG A 74 19.12 4.63 -9.05
CA ARG A 74 19.60 5.92 -9.51
C ARG A 74 19.34 7.00 -8.44
N ILE A 75 18.06 7.22 -8.19
CA ILE A 75 17.65 8.20 -7.21
C ILE A 75 18.08 7.74 -5.82
N GLY A 76 18.33 6.44 -5.71
CA GLY A 76 18.74 5.85 -4.45
C GLY A 76 20.26 5.97 -4.26
N ILE A 77 20.95 6.16 -5.38
CA ILE A 77 22.40 6.28 -5.35
C ILE A 77 22.99 5.12 -4.56
N GLU A 78 22.74 3.92 -5.06
CA GLU A 78 23.25 2.72 -4.42
C GLU A 78 23.62 1.66 -5.46
N ARG A 79 24.88 1.73 -5.90
CA ARG A 79 25.37 0.80 -6.89
C ARG A 79 24.51 0.86 -8.16
N ALA A 80 25.07 0.34 -9.24
CA ALA A 80 24.37 0.33 -10.51
C ALA A 80 23.13 -0.56 -10.40
N TRP A 81 23.37 -1.82 -10.03
CA TRP A 81 22.29 -2.78 -9.89
C TRP A 81 22.62 -3.67 -8.69
N GLN A 82 21.61 -3.88 -7.85
CA GLN A 82 21.77 -4.72 -6.68
C GLN A 82 20.43 -5.34 -6.28
N GLU A 83 20.36 -5.76 -5.02
CA GLU A 83 19.15 -6.37 -4.51
C GLU A 83 18.10 -5.29 -4.19
N ILE A 84 16.85 -5.69 -4.26
CA ILE A 84 15.74 -4.77 -3.99
C ILE A 84 14.57 -5.56 -3.41
N GLU A 85 14.26 -6.68 -4.06
CA GLU A 85 13.16 -7.52 -3.63
C GLU A 85 11.82 -6.89 -4.04
N GLN A 86 10.83 -7.76 -4.18
CA GLN A 86 9.50 -7.31 -4.57
C GLN A 86 8.68 -6.96 -3.33
N ALA A 87 7.45 -6.53 -3.58
CA ALA A 87 6.55 -6.17 -2.49
C ALA A 87 6.18 -7.41 -1.69
N ASP A 88 5.82 -7.19 -0.44
CA ASP A 88 5.45 -8.29 0.45
C ASP A 88 3.99 -8.12 0.86
N ARG A 89 3.42 -6.99 0.47
CA ARG A 89 2.03 -6.70 0.80
C ARG A 89 1.51 -5.55 -0.07
N VAL A 90 0.26 -5.69 -0.48
CA VAL A 90 -0.37 -4.67 -1.32
C VAL A 90 -1.74 -4.34 -0.76
N LEU A 91 -1.97 -3.05 -0.55
CA LEU A 91 -3.24 -2.58 -0.02
C LEU A 91 -4.10 -2.06 -1.16
N PHE A 92 -5.35 -2.51 -1.18
CA PHE A 92 -6.28 -2.09 -2.21
C PHE A 92 -7.54 -1.48 -1.60
N MET A 93 -7.63 -0.17 -1.67
CA MET A 93 -8.78 0.54 -1.12
C MET A 93 -9.95 0.54 -2.11
N VAL A 94 -11.13 0.25 -1.58
CA VAL A 94 -12.33 0.21 -2.41
C VAL A 94 -13.44 1.02 -1.71
N ASP A 95 -13.76 2.15 -2.31
CA ASP A 95 -14.80 3.01 -1.77
C ASP A 95 -16.05 2.18 -1.49
N GLY A 96 -16.78 2.59 -0.46
CA GLY A 96 -17.99 1.90 -0.08
C GLY A 96 -19.03 1.96 -1.19
N THR A 97 -19.66 0.81 -1.44
CA THR A 97 -20.67 0.73 -2.48
C THR A 97 -20.26 1.55 -3.70
N THR A 98 -19.09 1.24 -4.23
CA THR A 98 -18.58 1.95 -5.39
C THR A 98 -18.03 0.95 -6.42
N THR A 99 -18.90 0.57 -7.34
CA THR A 99 -18.52 -0.38 -8.38
C THR A 99 -18.30 0.35 -9.71
N ASP A 100 -17.05 0.64 -10.00
CA ASP A 100 -16.70 1.33 -11.23
C ASP A 100 -16.04 0.34 -12.21
N ALA A 101 -15.87 0.79 -13.44
CA ALA A 101 -15.26 -0.04 -14.47
C ALA A 101 -13.74 -0.04 -14.27
N VAL A 102 -13.29 0.85 -13.39
CA VAL A 102 -11.87 0.96 -13.11
C VAL A 102 -11.54 0.17 -11.84
N ASP A 103 -12.58 -0.45 -11.28
CA ASP A 103 -12.42 -1.23 -10.06
C ASP A 103 -11.75 -2.56 -10.42
N PRO A 104 -12.34 -3.26 -11.42
CA PRO A 104 -11.82 -4.54 -11.85
C PRO A 104 -10.54 -4.36 -12.68
N ALA A 105 -10.54 -3.29 -13.48
CA ALA A 105 -9.40 -2.99 -14.33
C ALA A 105 -8.18 -2.70 -13.45
N GLU A 106 -8.45 -2.50 -12.17
CA GLU A 106 -7.39 -2.21 -11.22
C GLU A 106 -6.88 -3.50 -10.58
N ILE A 107 -7.82 -4.37 -10.24
CA ILE A 107 -7.48 -5.64 -9.62
C ILE A 107 -7.34 -6.72 -10.72
N TRP A 108 -7.02 -6.25 -11.91
CA TRP A 108 -6.85 -7.15 -13.04
C TRP A 108 -5.47 -7.78 -12.93
N PRO A 109 -4.42 -6.90 -12.89
CA PRO A 109 -3.05 -7.37 -12.80
C PRO A 109 -2.74 -7.84 -11.37
N GLU A 110 -3.60 -7.44 -10.44
CA GLU A 110 -3.42 -7.82 -9.05
C GLU A 110 -3.82 -9.28 -8.84
N PHE A 111 -4.65 -9.77 -9.76
CA PHE A 111 -5.11 -11.15 -9.68
C PHE A 111 -4.14 -12.08 -10.39
N ILE A 112 -2.87 -11.92 -10.08
CA ILE A 112 -1.83 -12.75 -10.68
C ILE A 112 -0.49 -12.42 -10.03
N ALA A 113 -0.31 -12.94 -8.82
CA ALA A 113 0.92 -12.72 -8.08
C ALA A 113 0.86 -13.48 -6.75
N ARG A 114 2.04 -13.74 -6.20
CA ARG A 114 2.12 -14.46 -4.94
C ARG A 114 2.17 -13.46 -3.77
N LEU A 115 1.40 -12.39 -3.92
CA LEU A 115 1.34 -11.37 -2.89
C LEU A 115 -0.10 -11.21 -2.42
N PRO A 116 -0.27 -11.19 -1.07
CA PRO A 116 -1.58 -11.04 -0.47
C PRO A 116 -2.09 -9.60 -0.59
N ALA A 117 -3.36 -9.48 -0.92
CA ALA A 117 -3.98 -8.17 -1.07
C ALA A 117 -5.03 -7.97 0.02
N LYS A 118 -5.06 -6.76 0.56
CA LYS A 118 -6.01 -6.45 1.61
C LYS A 118 -6.95 -5.34 1.12
N LEU A 119 -8.21 -5.44 1.54
CA LEU A 119 -9.21 -4.46 1.15
C LEU A 119 -9.92 -3.94 2.39
N PRO A 120 -10.20 -2.61 2.39
CA PRO A 120 -10.87 -1.98 3.51
C PRO A 120 -12.36 -2.33 3.51
N ILE A 121 -13.10 -1.61 4.35
CA ILE A 121 -14.53 -1.83 4.47
C ILE A 121 -15.24 -0.50 4.74
N THR A 122 -16.39 -0.33 4.12
CA THR A 122 -17.17 0.88 4.29
C THR A 122 -18.49 0.59 5.00
N VAL A 123 -18.36 0.06 6.21
CA VAL A 123 -19.54 -0.28 7.00
C VAL A 123 -20.19 1.00 7.51
N VAL A 124 -20.73 1.77 6.57
CA VAL A 124 -21.38 3.02 6.91
C VAL A 124 -22.87 2.76 7.15
N ARG A 125 -23.60 3.84 7.39
CA ARG A 125 -25.02 3.75 7.63
C ARG A 125 -25.67 2.77 6.66
N ASN A 126 -26.85 2.30 7.03
CA ASN A 126 -27.58 1.35 6.21
C ASN A 126 -26.77 0.06 6.10
N LYS A 127 -26.99 -0.82 7.07
CA LYS A 127 -26.30 -2.09 7.10
C LYS A 127 -26.91 -3.03 6.06
N ALA A 128 -27.98 -2.54 5.44
CA ALA A 128 -28.67 -3.31 4.42
C ALA A 128 -28.42 -2.69 3.05
N ASP A 129 -27.17 -2.82 2.60
CA ASP A 129 -26.79 -2.28 1.31
C ASP A 129 -25.28 -2.43 1.12
N ILE A 130 -24.55 -2.06 2.17
CA ILE A 130 -23.11 -2.15 2.14
C ILE A 130 -22.67 -3.60 2.40
N THR A 131 -23.41 -4.23 3.31
CA THR A 131 -23.12 -5.61 3.67
C THR A 131 -23.36 -6.54 2.47
N GLY A 132 -24.24 -6.11 1.60
CA GLY A 132 -24.57 -6.88 0.40
C GLY A 132 -23.60 -6.55 -0.74
N GLU A 133 -23.12 -5.32 -0.73
CA GLU A 133 -22.19 -4.87 -1.75
C GLU A 133 -20.80 -5.47 -1.51
N THR A 134 -20.44 -5.55 -0.25
CA THR A 134 -19.15 -6.09 0.14
C THR A 134 -19.16 -7.61 0.00
N LEU A 135 -20.14 -8.23 0.67
CA LEU A 135 -20.27 -9.67 0.63
C LEU A 135 -18.88 -10.32 0.67
N GLY A 136 -18.77 -11.48 0.06
CA GLY A 136 -17.51 -12.20 0.02
C GLY A 136 -16.56 -11.57 -1.00
N MET A 137 -16.21 -10.32 -0.73
CA MET A 137 -15.31 -9.59 -1.61
C MET A 137 -15.89 -9.48 -3.02
N SER A 138 -15.65 -10.50 -3.82
CA SER A 138 -16.15 -10.53 -5.18
C SER A 138 -15.34 -11.52 -6.02
N GLU A 139 -14.06 -11.62 -5.70
CA GLU A 139 -13.17 -12.52 -6.41
C GLU A 139 -11.85 -12.67 -5.65
N VAL A 140 -11.03 -13.59 -6.14
CA VAL A 140 -9.75 -13.85 -5.51
C VAL A 140 -9.94 -14.07 -4.01
N ASN A 141 -8.83 -14.36 -3.34
CA ASN A 141 -8.88 -14.60 -1.91
C ASN A 141 -8.37 -13.36 -1.17
N GLY A 142 -9.21 -12.83 -0.30
CA GLY A 142 -8.86 -11.65 0.47
C GLY A 142 -7.93 -12.01 1.63
N HIS A 143 -6.92 -11.17 1.81
CA HIS A 143 -5.96 -11.40 2.88
C HIS A 143 -6.60 -11.04 4.23
N ALA A 144 -7.21 -9.87 4.26
CA ALA A 144 -7.87 -9.40 5.47
C ALA A 144 -8.88 -8.31 5.11
N LEU A 145 -10.12 -8.54 5.53
CA LEU A 145 -11.18 -7.60 5.26
C LEU A 145 -11.51 -6.82 6.54
N ILE A 146 -10.94 -5.63 6.64
CA ILE A 146 -11.15 -4.78 7.80
C ILE A 146 -11.64 -3.41 7.34
N ARG A 147 -12.16 -2.65 8.30
CA ARG A 147 -12.67 -1.32 8.00
C ARG A 147 -11.75 -0.26 8.62
N LEU A 148 -11.68 0.87 7.92
CA LEU A 148 -10.83 1.97 8.38
C LEU A 148 -11.04 3.18 7.47
N SER A 149 -10.98 4.35 8.07
CA SER A 149 -11.16 5.59 7.32
C SER A 149 -9.95 6.51 7.54
N ALA A 150 -9.39 6.98 6.44
CA ALA A 150 -8.25 7.87 6.50
C ALA A 150 -8.70 9.25 6.97
N ARG A 151 -9.19 9.29 8.20
CA ARG A 151 -9.65 10.54 8.78
C ARG A 151 -9.28 10.61 10.26
N THR A 152 -9.95 9.78 11.04
CA THR A 152 -9.71 9.75 12.47
C THR A 152 -8.88 8.52 12.84
N GLY A 153 -8.44 7.81 11.81
CA GLY A 153 -7.64 6.62 12.00
C GLY A 153 -8.41 5.56 12.80
N GLU A 154 -9.61 5.26 12.31
CA GLU A 154 -10.46 4.28 12.96
C GLU A 154 -9.62 3.08 13.42
N GLY A 155 -9.08 2.37 12.44
CA GLY A 155 -8.26 1.21 12.74
C GLY A 155 -6.99 1.19 11.88
N VAL A 156 -6.28 2.31 11.93
CA VAL A 156 -5.05 2.44 11.16
C VAL A 156 -3.93 1.70 11.88
N ASP A 157 -4.27 1.14 13.03
CA ASP A 157 -3.29 0.40 13.82
C ASP A 157 -3.29 -1.05 13.37
N VAL A 158 -4.48 -1.63 13.32
CA VAL A 158 -4.62 -3.03 12.90
C VAL A 158 -4.06 -3.19 11.49
N LEU A 159 -4.01 -2.08 10.78
CA LEU A 159 -3.50 -2.09 9.41
C LEU A 159 -1.97 -2.11 9.44
N ARG A 160 -1.41 -1.10 10.10
CA ARG A 160 0.03 -1.00 10.21
C ARG A 160 0.63 -2.33 10.69
N ASN A 161 0.07 -2.84 11.77
CA ASN A 161 0.53 -4.10 12.32
C ASN A 161 0.63 -5.15 11.21
N HIS A 162 -0.49 -5.31 10.50
CA HIS A 162 -0.54 -6.27 9.42
C HIS A 162 0.59 -5.99 8.42
N LEU A 163 0.90 -4.70 8.29
CA LEU A 163 1.96 -4.28 7.38
C LEU A 163 3.31 -4.53 8.03
N LYS A 164 3.30 -4.55 9.36
CA LYS A 164 4.53 -4.78 10.11
C LYS A 164 4.87 -6.27 10.10
N GLN A 165 3.86 -7.07 10.41
CA GLN A 165 4.04 -8.51 10.44
C GLN A 165 4.41 -9.03 9.04
N SER A 166 4.19 -8.18 8.06
CA SER A 166 4.51 -8.53 6.68
C SER A 166 6.01 -8.37 6.43
N MET A 167 6.48 -7.16 6.62
CA MET A 167 7.89 -6.86 6.42
C MET A 167 8.77 -7.96 7.02
N GLY A 168 9.33 -8.77 6.13
CA GLY A 168 10.20 -9.86 6.57
C GLY A 168 11.57 -9.33 6.99
N ILE A 169 12.29 -10.17 7.74
CA ILE A 169 13.60 -9.80 8.21
C ILE A 169 14.50 -9.45 7.02
N HIS A 170 14.98 -8.22 7.02
CA HIS A 170 15.84 -7.75 5.95
C HIS A 170 16.22 -6.29 6.20
N ARG A 171 17.44 -5.94 5.81
CA ARG A 171 17.92 -4.58 5.98
C ARG A 171 19.03 -4.29 4.97
N ASP A 172 19.27 -3.00 4.77
CA ASP A 172 20.30 -2.57 3.83
C ASP A 172 20.17 -3.37 2.53
N GLY A 1 23.15 -9.00 23.10
CA GLY A 1 23.62 -8.60 21.78
C GLY A 1 22.61 -8.96 20.70
N SER A 2 21.97 -7.92 20.17
CA SER A 2 20.97 -8.10 19.13
C SER A 2 20.64 -6.76 18.48
N LEU A 3 20.72 -6.74 17.17
CA LEU A 3 20.43 -5.53 16.41
C LEU A 3 19.24 -5.78 15.48
N LEU A 4 19.27 -6.95 14.85
CA LEU A 4 18.21 -7.32 13.93
C LEU A 4 18.03 -6.22 12.88
N ARG A 5 17.02 -6.40 12.03
CA ARG A 5 16.75 -5.44 10.98
C ARG A 5 15.73 -6.02 9.99
N GLU A 6 14.86 -5.14 9.50
CA GLU A 6 13.84 -5.55 8.56
C GLU A 6 13.75 -4.55 7.40
N GLY A 7 13.41 -5.07 6.23
CA GLY A 7 13.29 -4.24 5.05
C GLY A 7 12.34 -4.87 4.03
N MET A 8 11.39 -4.06 3.58
CA MET A 8 10.41 -4.53 2.60
C MET A 8 9.57 -3.36 2.07
N LYS A 9 9.13 -3.51 0.83
CA LYS A 9 8.33 -2.49 0.19
C LYS A 9 6.92 -3.03 -0.05
N VAL A 10 5.95 -2.14 0.04
CA VAL A 10 4.55 -2.51 -0.16
C VAL A 10 3.94 -1.61 -1.24
N VAL A 11 3.02 -2.18 -1.99
CA VAL A 11 2.35 -1.44 -3.05
C VAL A 11 0.88 -1.23 -2.67
N ILE A 12 0.40 -0.03 -2.95
CA ILE A 12 -0.99 0.30 -2.65
C ILE A 12 -1.68 0.77 -3.92
N ALA A 13 -2.04 -0.20 -4.75
CA ALA A 13 -2.71 0.10 -6.01
C ALA A 13 -4.21 0.24 -5.75
N GLY A 14 -4.72 1.42 -6.09
CA GLY A 14 -6.13 1.71 -5.90
C GLY A 14 -6.63 2.73 -6.92
N ARG A 15 -7.83 3.24 -6.68
CA ARG A 15 -8.43 4.22 -7.57
C ARG A 15 -7.83 5.59 -7.30
N PRO A 16 -7.94 6.48 -8.33
CA PRO A 16 -7.41 7.83 -8.23
C PRO A 16 -8.31 8.69 -7.35
N ASN A 17 -9.43 8.11 -6.95
CA ASN A 17 -10.38 8.82 -6.10
C ASN A 17 -11.06 7.83 -5.16
N ALA A 18 -10.25 7.30 -4.23
CA ALA A 18 -10.76 6.34 -3.27
C ALA A 18 -10.30 6.76 -1.86
N GLY A 19 -9.01 6.67 -1.65
CA GLY A 19 -8.43 7.03 -0.35
C GLY A 19 -7.10 6.32 -0.12
N LYS A 20 -6.14 6.62 -0.99
CA LYS A 20 -4.83 6.02 -0.91
C LYS A 20 -3.82 7.08 -0.47
N SER A 21 -4.23 8.33 -0.59
CA SER A 21 -3.37 9.45 -0.22
C SER A 21 -3.53 9.74 1.28
N SER A 22 -4.77 10.01 1.67
CA SER A 22 -5.07 10.32 3.05
C SER A 22 -4.79 9.09 3.93
N LEU A 23 -4.64 7.96 3.27
CA LEU A 23 -4.36 6.71 3.97
C LEU A 23 -2.89 6.69 4.41
N LEU A 24 -2.02 6.86 3.42
CA LEU A 24 -0.59 6.86 3.68
C LEU A 24 -0.26 7.97 4.69
N ASN A 25 -1.07 9.02 4.66
CA ASN A 25 -0.88 10.15 5.55
C ASN A 25 -1.34 9.76 6.96
N ALA A 26 -2.17 8.72 7.01
CA ALA A 26 -2.68 8.24 8.27
C ALA A 26 -1.74 7.19 8.85
N LEU A 27 -0.97 6.58 7.95
CA LEU A 27 -0.03 5.55 8.34
C LEU A 27 1.38 5.98 7.94
N ALA A 28 1.67 7.25 8.15
CA ALA A 28 2.97 7.79 7.81
C ALA A 28 3.75 8.08 9.09
N GLY A 29 3.09 8.74 10.02
CA GLY A 29 3.71 9.08 11.29
C GLY A 29 4.26 10.51 11.27
N ARG A 30 5.10 10.77 10.28
CA ARG A 30 5.70 12.09 10.13
C ARG A 30 4.66 13.17 10.41
N GLU A 31 4.93 13.95 11.46
CA GLU A 31 4.04 15.03 11.84
C GLU A 31 3.49 15.72 10.60
N ALA A 32 2.26 16.22 10.73
CA ALA A 32 1.61 16.91 9.64
C ALA A 32 1.42 15.94 8.47
N ALA A 33 2.50 15.78 7.69
CA ALA A 33 2.46 14.89 6.55
C ALA A 33 1.81 15.61 5.36
N ILE A 34 2.65 16.08 4.46
CA ILE A 34 2.17 16.79 3.28
C ILE A 34 1.82 15.77 2.19
N VAL A 35 0.91 16.19 1.31
CA VAL A 35 0.47 15.33 0.22
C VAL A 35 0.74 16.03 -1.11
N THR A 36 1.01 15.21 -2.12
CA THR A 36 1.28 15.74 -3.45
C THR A 36 0.20 15.28 -4.43
N ASP A 37 0.12 16.00 -5.54
CA ASP A 37 -0.84 15.67 -6.58
C ASP A 37 -0.25 15.97 -7.95
N ILE A 38 0.51 15.01 -8.45
CA ILE A 38 1.15 15.15 -9.75
C ILE A 38 0.83 13.94 -10.61
N ALA A 39 0.22 14.20 -11.75
CA ALA A 39 -0.16 13.14 -12.67
C ALA A 39 1.11 12.49 -13.23
N GLY A 40 2.12 13.32 -13.41
CA GLY A 40 3.40 12.84 -13.94
C GLY A 40 3.90 11.62 -13.16
N THR A 41 3.85 10.48 -13.83
CA THR A 41 4.30 9.24 -13.21
C THR A 41 5.53 9.49 -12.34
N THR A 42 5.68 8.64 -11.33
CA THR A 42 6.80 8.75 -10.42
C THR A 42 7.98 7.92 -10.91
N ARG A 43 7.67 6.97 -11.78
CA ARG A 43 8.69 6.10 -12.35
C ARG A 43 9.28 5.19 -11.25
N ASP A 44 9.85 5.83 -10.25
CA ASP A 44 10.44 5.11 -9.14
C ASP A 44 9.35 4.41 -8.34
N VAL A 45 8.11 4.75 -8.67
CA VAL A 45 6.96 4.17 -8.00
C VAL A 45 6.88 4.73 -6.58
N LEU A 46 7.93 4.47 -5.81
CA LEU A 46 8.00 4.94 -4.44
C LEU A 46 7.43 6.35 -4.36
N ARG A 47 6.16 6.42 -3.96
CA ARG A 47 5.49 7.70 -3.84
C ARG A 47 4.60 7.72 -2.60
N GLU A 48 4.94 6.86 -1.65
CA GLU A 48 4.20 6.76 -0.41
C GLU A 48 5.14 6.74 0.79
N HIS A 49 5.86 7.84 0.94
CA HIS A 49 6.80 7.97 2.04
C HIS A 49 7.60 6.68 2.18
N ILE A 50 8.27 6.55 3.32
CA ILE A 50 9.07 5.37 3.60
C ILE A 50 8.46 4.60 4.77
N HIS A 51 7.98 5.36 5.74
CA HIS A 51 7.37 4.77 6.92
C HIS A 51 8.31 3.71 7.51
N ILE A 52 9.20 4.16 8.37
CA ILE A 52 10.15 3.27 9.00
C ILE A 52 10.14 3.50 10.51
N ASP A 53 9.39 2.66 11.20
CA ASP A 53 9.28 2.77 12.65
C ASP A 53 10.68 2.71 13.26
N GLY A 54 11.45 1.71 12.84
CA GLY A 54 12.80 1.54 13.33
C GLY A 54 13.49 2.89 13.53
N MET A 55 14.01 3.42 12.44
CA MET A 55 14.70 4.69 12.48
C MET A 55 14.50 5.47 11.18
N PRO A 56 14.32 6.81 11.32
CA PRO A 56 14.11 7.67 10.17
C PRO A 56 15.42 7.89 9.41
N LEU A 57 15.40 8.89 8.54
CA LEU A 57 16.57 9.21 7.75
C LEU A 57 17.07 7.95 7.05
N HIS A 58 16.19 7.36 6.25
CA HIS A 58 16.53 6.16 5.52
C HIS A 58 15.46 5.86 4.48
N ILE A 59 15.89 5.67 3.25
CA ILE A 59 14.98 5.38 2.15
C ILE A 59 15.19 3.94 1.68
N ILE A 60 14.13 3.38 1.12
CA ILE A 60 14.19 2.01 0.63
C ILE A 60 14.22 2.03 -0.90
N ASP A 61 13.05 1.81 -1.49
CA ASP A 61 12.94 1.80 -2.94
C ASP A 61 11.71 0.98 -3.34
N THR A 62 10.55 1.53 -3.04
CA THR A 62 9.29 0.86 -3.35
C THR A 62 9.10 0.80 -4.87
N ALA A 63 9.93 -0.01 -5.51
CA ALA A 63 9.86 -0.17 -6.95
C ALA A 63 8.66 -1.05 -7.31
N GLY A 64 8.71 -1.61 -8.51
CA GLY A 64 7.64 -2.48 -8.98
C GLY A 64 8.12 -3.36 -10.12
N LEU A 65 8.45 -2.72 -11.23
CA LEU A 65 8.92 -3.44 -12.41
C LEU A 65 10.45 -3.35 -12.48
N ARG A 66 10.98 -3.74 -13.62
CA ARG A 66 12.41 -3.71 -13.83
C ARG A 66 12.89 -2.26 -14.03
N GLU A 67 12.18 -1.55 -14.89
CA GLU A 67 12.52 -0.17 -15.17
C GLU A 67 12.56 0.64 -13.88
N ALA A 68 11.65 0.31 -12.97
CA ALA A 68 11.57 0.99 -11.70
C ALA A 68 12.80 0.66 -10.87
N SER A 69 13.15 -0.62 -10.86
CA SER A 69 14.30 -1.09 -10.11
C SER A 69 15.51 -0.21 -10.43
N ASP A 70 15.59 0.21 -11.68
CA ASP A 70 16.68 1.05 -12.13
C ASP A 70 16.43 2.49 -11.70
N GLU A 71 15.24 2.97 -12.05
CA GLU A 71 14.84 4.33 -11.71
C GLU A 71 15.05 4.59 -10.22
N VAL A 72 14.51 3.68 -9.41
CA VAL A 72 14.63 3.80 -7.98
C VAL A 72 16.10 3.63 -7.57
N GLU A 73 16.86 3.04 -8.48
CA GLU A 73 18.28 2.80 -8.23
C GLU A 73 19.10 3.98 -8.76
N ARG A 74 18.43 4.86 -9.48
CA ARG A 74 19.09 6.02 -10.06
C ARG A 74 18.96 7.22 -9.12
N ILE A 75 17.72 7.47 -8.70
CA ILE A 75 17.44 8.58 -7.80
C ILE A 75 18.06 8.29 -6.43
N GLY A 76 18.22 7.00 -6.16
CA GLY A 76 18.79 6.56 -4.89
C GLY A 76 20.32 6.45 -4.98
N ILE A 77 20.80 6.45 -6.22
CA ILE A 77 22.23 6.33 -6.46
C ILE A 77 22.76 5.05 -5.81
N GLU A 78 22.96 4.04 -6.65
CA GLU A 78 23.47 2.77 -6.16
C GLU A 78 23.79 1.85 -7.35
N ARG A 79 24.90 2.14 -8.00
CA ARG A 79 25.33 1.36 -9.15
C ARG A 79 24.17 1.15 -10.12
N ALA A 80 23.49 0.04 -9.92
CA ALA A 80 22.35 -0.30 -10.77
C ALA A 80 21.66 -1.56 -10.24
N TRP A 81 22.46 -2.61 -10.11
CA TRP A 81 21.95 -3.88 -9.61
C TRP A 81 22.32 -3.98 -8.13
N GLN A 82 21.39 -3.52 -7.29
CA GLN A 82 21.61 -3.57 -5.85
C GLN A 82 20.55 -4.43 -5.19
N GLU A 83 20.17 -5.50 -5.88
CA GLU A 83 19.17 -6.42 -5.36
C GLU A 83 18.00 -5.63 -4.75
N ILE A 84 17.06 -5.28 -5.61
CA ILE A 84 15.89 -4.54 -5.17
C ILE A 84 14.91 -5.48 -4.49
N GLU A 85 14.29 -4.99 -3.43
CA GLU A 85 13.33 -5.79 -2.68
C GLU A 85 11.97 -5.73 -3.36
N GLN A 86 11.34 -6.90 -3.45
CA GLN A 86 10.04 -7.01 -4.08
C GLN A 86 8.93 -6.88 -3.02
N ALA A 87 7.73 -6.59 -3.51
CA ALA A 87 6.58 -6.45 -2.61
C ALA A 87 6.10 -7.82 -2.16
N ASP A 88 5.55 -7.86 -0.96
CA ASP A 88 5.05 -9.11 -0.41
C ASP A 88 3.70 -8.85 0.29
N ARG A 89 3.08 -7.74 -0.11
CA ARG A 89 1.80 -7.37 0.47
C ARG A 89 1.12 -6.31 -0.40
N VAL A 90 -0.20 -6.28 -0.32
CA VAL A 90 -0.97 -5.32 -1.08
C VAL A 90 -2.08 -4.73 -0.19
N LEU A 91 -2.40 -3.48 -0.46
CA LEU A 91 -3.43 -2.79 0.30
C LEU A 91 -4.44 -2.16 -0.66
N PHE A 92 -5.47 -2.92 -0.96
CA PHE A 92 -6.51 -2.44 -1.87
C PHE A 92 -7.37 -1.36 -1.20
N MET A 93 -8.09 -0.62 -2.04
CA MET A 93 -8.95 0.44 -1.55
C MET A 93 -10.16 0.62 -2.45
N VAL A 94 -11.34 0.54 -1.84
CA VAL A 94 -12.59 0.69 -2.58
C VAL A 94 -13.42 1.80 -1.94
N ASP A 95 -13.63 2.86 -2.71
CA ASP A 95 -14.41 3.98 -2.23
C ASP A 95 -15.85 3.54 -1.98
N GLY A 96 -16.22 3.55 -0.71
CA GLY A 96 -17.57 3.15 -0.33
C GLY A 96 -18.02 1.91 -1.10
N THR A 97 -19.32 1.81 -1.28
CA THR A 97 -19.89 0.68 -2.01
C THR A 97 -20.13 1.04 -3.47
N THR A 98 -19.15 1.74 -4.04
CA THR A 98 -19.24 2.16 -5.42
C THR A 98 -18.39 1.24 -6.31
N THR A 99 -19.05 0.69 -7.33
CA THR A 99 -18.37 -0.20 -8.25
C THR A 99 -18.42 0.36 -9.67
N ASP A 100 -17.25 0.47 -10.27
CA ASP A 100 -17.14 0.99 -11.63
C ASP A 100 -15.80 0.58 -12.24
N ALA A 101 -15.62 0.92 -13.50
CA ALA A 101 -14.39 0.59 -14.20
C ALA A 101 -13.19 1.01 -13.35
N VAL A 102 -12.01 0.71 -13.87
CA VAL A 102 -10.78 1.05 -13.16
C VAL A 102 -10.56 0.06 -12.02
N ASP A 103 -11.57 -0.03 -11.16
CA ASP A 103 -11.49 -0.94 -10.02
C ASP A 103 -11.08 -2.33 -10.51
N PRO A 104 -11.82 -2.82 -11.54
CA PRO A 104 -11.54 -4.13 -12.11
C PRO A 104 -10.27 -4.09 -12.98
N ALA A 105 -9.67 -2.92 -13.03
CA ALA A 105 -8.46 -2.73 -13.83
C ALA A 105 -7.23 -2.89 -12.92
N GLU A 106 -7.36 -2.36 -11.72
CA GLU A 106 -6.26 -2.43 -10.75
C GLU A 106 -6.47 -3.63 -9.82
N ILE A 107 -6.70 -4.78 -10.42
CA ILE A 107 -6.91 -6.00 -9.65
C ILE A 107 -6.27 -7.17 -10.38
N TRP A 108 -6.56 -7.26 -11.68
CA TRP A 108 -6.02 -8.33 -12.49
C TRP A 108 -4.53 -8.48 -12.15
N PRO A 109 -3.79 -7.35 -12.31
CA PRO A 109 -2.36 -7.35 -12.01
C PRO A 109 -2.12 -7.36 -10.50
N GLU A 110 -2.67 -8.37 -9.85
CA GLU A 110 -2.51 -8.51 -8.41
C GLU A 110 -2.79 -9.95 -7.99
N PHE A 111 -4.06 -10.32 -8.04
CA PHE A 111 -4.47 -11.66 -7.66
C PHE A 111 -3.56 -12.71 -8.30
N ILE A 112 -3.11 -12.41 -9.51
CA ILE A 112 -2.24 -13.31 -10.24
C ILE A 112 -0.79 -12.90 -10.01
N ALA A 113 -0.25 -13.33 -8.88
CA ALA A 113 1.12 -13.00 -8.54
C ALA A 113 1.64 -14.02 -7.53
N ARG A 114 1.62 -13.62 -6.26
CA ARG A 114 2.08 -14.48 -5.19
C ARG A 114 1.78 -13.86 -3.83
N LEU A 115 2.06 -12.56 -3.74
CA LEU A 115 1.84 -11.82 -2.51
C LEU A 115 0.33 -11.72 -2.25
N PRO A 116 -0.02 -11.66 -0.94
CA PRO A 116 -1.41 -11.56 -0.55
C PRO A 116 -1.96 -10.15 -0.80
N ALA A 117 -3.17 -9.92 -0.30
CA ALA A 117 -3.81 -8.62 -0.47
C ALA A 117 -4.78 -8.38 0.70
N LYS A 118 -5.27 -7.16 0.78
CA LYS A 118 -6.20 -6.80 1.83
C LYS A 118 -7.25 -5.84 1.27
N LEU A 119 -8.51 -6.25 1.39
CA LEU A 119 -9.61 -5.44 0.90
C LEU A 119 -10.31 -4.75 2.08
N PRO A 120 -10.36 -3.39 2.00
CA PRO A 120 -10.99 -2.61 3.05
C PRO A 120 -12.51 -2.72 2.98
N ILE A 121 -13.17 -2.10 3.95
CA ILE A 121 -14.62 -2.12 4.01
C ILE A 121 -15.12 -0.73 4.44
N THR A 122 -16.30 -0.38 3.94
CA THR A 122 -16.90 0.89 4.27
C THR A 122 -18.37 0.71 4.63
N VAL A 123 -18.60 0.49 5.92
CA VAL A 123 -19.95 0.31 6.42
C VAL A 123 -20.46 1.63 7.01
N VAL A 124 -20.98 2.47 6.12
CA VAL A 124 -21.50 3.76 6.53
C VAL A 124 -22.81 4.02 5.79
N ARG A 125 -23.87 4.21 6.56
CA ARG A 125 -25.17 4.48 6.00
C ARG A 125 -25.58 3.34 5.05
N ASN A 126 -26.83 3.41 4.61
CA ASN A 126 -27.36 2.40 3.70
C ASN A 126 -27.52 1.09 4.46
N LYS A 127 -26.41 0.53 4.88
CA LYS A 127 -26.41 -0.72 5.62
C LYS A 127 -26.85 -1.85 4.67
N ALA A 128 -28.12 -1.80 4.30
CA ALA A 128 -28.68 -2.81 3.41
C ALA A 128 -27.78 -2.95 2.17
N ASP A 129 -27.65 -1.84 1.45
CA ASP A 129 -26.84 -1.82 0.26
C ASP A 129 -25.41 -2.29 0.61
N ILE A 130 -24.95 -1.82 1.76
CA ILE A 130 -23.62 -2.19 2.21
C ILE A 130 -23.69 -3.47 3.04
N THR A 131 -23.79 -4.59 2.33
CA THR A 131 -23.87 -5.88 2.97
C THR A 131 -23.52 -7.00 1.98
N GLY A 132 -24.46 -7.26 1.08
CA GLY A 132 -24.27 -8.28 0.07
C GLY A 132 -22.95 -8.07 -0.69
N GLU A 133 -22.76 -6.84 -1.13
CA GLU A 133 -21.55 -6.50 -1.86
C GLU A 133 -20.34 -6.50 -0.93
N THR A 134 -20.39 -5.62 0.05
CA THR A 134 -19.30 -5.52 1.01
C THR A 134 -18.90 -6.90 1.53
N LEU A 135 -19.85 -7.54 2.20
CA LEU A 135 -19.62 -8.86 2.75
C LEU A 135 -19.24 -9.81 1.61
N GLY A 136 -20.25 -10.21 0.84
CA GLY A 136 -20.05 -11.11 -0.27
C GLY A 136 -18.72 -10.82 -0.98
N MET A 137 -18.77 -9.84 -1.86
CA MET A 137 -17.58 -9.45 -2.62
C MET A 137 -16.70 -10.66 -2.92
N SER A 138 -17.17 -11.46 -3.88
CA SER A 138 -16.45 -12.66 -4.28
C SER A 138 -14.94 -12.37 -4.28
N GLU A 139 -14.52 -11.58 -5.25
CA GLU A 139 -13.11 -11.23 -5.38
C GLU A 139 -12.24 -12.46 -5.18
N VAL A 140 -11.04 -12.23 -4.67
CA VAL A 140 -10.10 -13.31 -4.43
C VAL A 140 -10.00 -13.57 -2.92
N ASN A 141 -9.18 -14.54 -2.57
CA ASN A 141 -9.00 -14.90 -1.18
C ASN A 141 -8.24 -13.77 -0.46
N GLY A 142 -8.99 -12.75 -0.09
CA GLY A 142 -8.41 -11.61 0.60
C GLY A 142 -7.77 -12.03 1.93
N HIS A 143 -6.63 -11.43 2.22
CA HIS A 143 -5.91 -11.73 3.45
C HIS A 143 -6.79 -11.41 4.65
N ALA A 144 -7.50 -10.29 4.55
CA ALA A 144 -8.39 -9.87 5.62
C ALA A 144 -9.23 -8.68 5.13
N LEU A 145 -10.30 -8.41 5.87
CA LEU A 145 -11.19 -7.32 5.53
C LEU A 145 -11.47 -6.48 6.78
N ILE A 146 -10.97 -5.25 6.75
CA ILE A 146 -11.16 -4.34 7.87
C ILE A 146 -11.59 -2.97 7.34
N ARG A 147 -12.52 -2.37 8.05
CA ARG A 147 -13.02 -1.06 7.67
C ARG A 147 -12.07 0.04 8.15
N LEU A 148 -12.20 1.20 7.53
CA LEU A 148 -11.35 2.33 7.87
C LEU A 148 -11.93 3.60 7.25
N SER A 149 -11.44 4.74 7.73
CA SER A 149 -11.90 6.02 7.23
C SER A 149 -10.70 6.92 6.92
N ALA A 150 -10.86 7.74 5.89
CA ALA A 150 -9.81 8.65 5.48
C ALA A 150 -9.29 9.41 6.71
N ARG A 151 -10.12 10.31 7.20
CA ARG A 151 -9.77 11.10 8.36
C ARG A 151 -9.10 10.23 9.42
N THR A 152 -8.01 10.74 9.98
CA THR A 152 -7.28 10.02 10.99
C THR A 152 -8.24 9.29 11.93
N GLY A 153 -8.12 7.97 11.95
CA GLY A 153 -8.98 7.15 12.80
C GLY A 153 -9.61 6.01 11.99
N GLU A 154 -10.34 5.16 12.71
CA GLU A 154 -10.99 4.03 12.09
C GLU A 154 -9.97 3.17 11.35
N GLY A 155 -9.43 2.19 12.08
CA GLY A 155 -8.44 1.29 11.52
C GLY A 155 -7.05 1.93 11.52
N VAL A 156 -6.52 2.12 10.32
CA VAL A 156 -5.21 2.71 10.17
C VAL A 156 -4.17 1.83 10.87
N ASP A 157 -4.06 2.02 12.18
CA ASP A 157 -3.11 1.25 12.97
C ASP A 157 -3.30 -0.24 12.69
N VAL A 158 -4.57 -0.61 12.51
CA VAL A 158 -4.90 -1.99 12.24
C VAL A 158 -4.16 -2.46 10.98
N LEU A 159 -4.07 -1.55 10.03
CA LEU A 159 -3.40 -1.86 8.77
C LEU A 159 -1.90 -1.56 8.93
N ARG A 160 -1.60 -0.69 9.88
CA ARG A 160 -0.22 -0.30 10.14
C ARG A 160 0.53 -1.45 10.81
N ASN A 161 -0.18 -2.15 11.69
CA ASN A 161 0.41 -3.26 12.41
C ASN A 161 0.49 -4.47 11.48
N HIS A 162 -0.46 -4.56 10.58
CA HIS A 162 -0.51 -5.65 9.63
C HIS A 162 0.60 -5.48 8.59
N LEU A 163 1.08 -4.25 8.49
CA LEU A 163 2.14 -3.94 7.54
C LEU A 163 3.50 -4.27 8.19
N LYS A 164 3.45 -4.54 9.47
CA LYS A 164 4.67 -4.88 10.21
C LYS A 164 4.77 -6.39 10.36
N GLN A 165 3.62 -7.05 10.24
CA GLN A 165 3.56 -8.49 10.36
C GLN A 165 4.36 -9.15 9.23
N SER A 166 4.07 -8.71 8.01
CA SER A 166 4.75 -9.25 6.85
C SER A 166 6.22 -8.84 6.86
N MET A 167 6.51 -7.75 6.15
CA MET A 167 7.86 -7.24 6.08
C MET A 167 8.88 -8.39 6.04
N GLY A 168 9.20 -8.81 4.83
CA GLY A 168 10.15 -9.89 4.64
C GLY A 168 11.49 -9.57 5.30
N ILE A 169 11.90 -10.46 6.19
CA ILE A 169 13.16 -10.27 6.90
C ILE A 169 14.30 -10.22 5.89
N HIS A 170 14.98 -9.09 5.87
CA HIS A 170 16.10 -8.89 4.96
C HIS A 170 16.87 -7.63 5.34
N ARG A 171 18.15 -7.64 5.03
CA ARG A 171 19.01 -6.51 5.33
C ARG A 171 20.07 -6.33 4.25
N ASP A 172 20.74 -5.19 4.29
CA ASP A 172 21.78 -4.89 3.32
C ASP A 172 21.27 -5.21 1.92
N GLY A 1 18.61 -4.11 22.50
CA GLY A 1 19.59 -4.67 21.60
C GLY A 1 18.94 -5.17 20.31
N SER A 2 19.60 -4.89 19.20
CA SER A 2 19.09 -5.32 17.91
C SER A 2 20.18 -6.08 17.14
N LEU A 3 19.78 -7.20 16.56
CA LEU A 3 20.71 -8.03 15.81
C LEU A 3 20.52 -7.75 14.31
N LEU A 4 19.35 -8.12 13.81
CA LEU A 4 19.04 -7.91 12.41
C LEU A 4 18.00 -6.79 12.28
N ARG A 5 17.65 -6.50 11.03
CA ARG A 5 16.67 -5.47 10.75
C ARG A 5 15.81 -5.86 9.55
N GLU A 6 14.52 -5.55 9.66
CA GLU A 6 13.59 -5.85 8.58
C GLU A 6 13.56 -4.71 7.57
N GLY A 7 13.32 -5.09 6.32
CA GLY A 7 13.26 -4.11 5.24
C GLY A 7 12.48 -4.65 4.05
N MET A 8 11.33 -4.05 3.82
CA MET A 8 10.48 -4.47 2.71
C MET A 8 9.73 -3.27 2.11
N LYS A 9 8.67 -3.58 1.39
CA LYS A 9 7.86 -2.55 0.76
C LYS A 9 6.41 -3.03 0.66
N VAL A 10 5.50 -2.07 0.64
CA VAL A 10 4.08 -2.37 0.54
C VAL A 10 3.44 -1.43 -0.48
N VAL A 11 2.92 -2.04 -1.55
CA VAL A 11 2.27 -1.27 -2.60
C VAL A 11 0.87 -0.85 -2.12
N ILE A 12 0.44 0.30 -2.61
CA ILE A 12 -0.88 0.82 -2.25
C ILE A 12 -1.74 0.91 -3.50
N ALA A 13 -2.27 -0.24 -3.91
CA ALA A 13 -3.11 -0.31 -5.08
C ALA A 13 -4.39 0.49 -4.83
N GLY A 14 -5.30 0.40 -5.79
CA GLY A 14 -6.57 1.10 -5.68
C GLY A 14 -6.71 2.16 -6.77
N ARG A 15 -7.94 2.60 -6.99
CA ARG A 15 -8.21 3.60 -8.00
C ARG A 15 -7.90 5.00 -7.45
N PRO A 16 -7.52 5.91 -8.39
CA PRO A 16 -7.20 7.27 -8.01
C PRO A 16 -8.46 8.07 -7.69
N ASN A 17 -9.13 7.66 -6.62
CA ASN A 17 -10.35 8.33 -6.19
C ASN A 17 -11.06 7.47 -5.14
N ALA A 18 -10.25 6.93 -4.23
CA ALA A 18 -10.78 6.09 -3.18
C ALA A 18 -10.19 6.53 -1.83
N GLY A 19 -8.87 6.60 -1.80
CA GLY A 19 -8.17 7.01 -0.59
C GLY A 19 -6.70 6.57 -0.63
N LYS A 20 -6.01 7.01 -1.67
CA LYS A 20 -4.61 6.67 -1.84
C LYS A 20 -3.76 7.60 -0.97
N SER A 21 -3.85 8.88 -1.27
CA SER A 21 -3.09 9.88 -0.52
C SER A 21 -3.60 9.95 0.92
N SER A 22 -4.91 9.89 1.05
CA SER A 22 -5.54 9.95 2.36
C SER A 22 -4.98 8.84 3.25
N LEU A 23 -4.91 7.65 2.68
CA LEU A 23 -4.40 6.50 3.41
C LEU A 23 -2.99 6.80 3.91
N LEU A 24 -2.13 7.19 2.98
CA LEU A 24 -0.74 7.51 3.32
C LEU A 24 -0.73 8.40 4.57
N ASN A 25 -1.29 9.58 4.42
CA ASN A 25 -1.34 10.53 5.52
C ASN A 25 -1.83 9.81 6.78
N ALA A 26 -2.75 8.88 6.57
CA ALA A 26 -3.31 8.12 7.67
C ALA A 26 -2.17 7.46 8.46
N LEU A 27 -1.46 6.57 7.79
CA LEU A 27 -0.36 5.87 8.41
C LEU A 27 0.96 6.44 7.89
N ALA A 28 1.19 7.71 8.22
CA ALA A 28 2.40 8.38 7.80
C ALA A 28 3.31 8.63 9.01
N GLY A 29 2.79 9.43 9.94
CA GLY A 29 3.53 9.75 11.15
C GLY A 29 3.82 11.25 11.23
N ARG A 30 4.36 11.78 10.15
CA ARG A 30 4.69 13.19 10.09
C ARG A 30 3.48 14.03 10.52
N GLU A 31 3.78 15.09 11.26
CA GLU A 31 2.74 15.97 11.75
C GLU A 31 2.13 16.77 10.59
N ALA A 32 2.99 17.50 9.89
CA ALA A 32 2.56 18.30 8.76
C ALA A 32 2.94 17.60 7.46
N ALA A 33 2.09 16.68 7.04
CA ALA A 33 2.34 15.94 5.82
C ALA A 33 2.37 16.90 4.63
N ILE A 34 2.57 16.33 3.45
CA ILE A 34 2.62 17.12 2.24
C ILE A 34 2.04 16.31 1.08
N VAL A 35 0.77 16.57 0.80
CA VAL A 35 0.08 15.87 -0.27
C VAL A 35 0.47 16.51 -1.61
N THR A 36 0.59 15.65 -2.62
CA THR A 36 0.97 16.11 -3.95
C THR A 36 -0.07 15.66 -4.97
N ASP A 37 -0.78 16.63 -5.53
CA ASP A 37 -1.80 16.33 -6.53
C ASP A 37 -1.21 16.54 -7.93
N ILE A 38 -0.54 15.51 -8.41
CA ILE A 38 0.07 15.56 -9.73
C ILE A 38 -0.08 14.20 -10.41
N ALA A 39 -0.11 14.23 -11.74
CA ALA A 39 -0.25 13.02 -12.52
C ALA A 39 1.14 12.46 -12.83
N GLY A 40 1.94 12.33 -11.78
CA GLY A 40 3.29 11.81 -11.93
C GLY A 40 3.30 10.28 -11.83
N THR A 41 3.89 9.67 -12.85
CA THR A 41 3.97 8.22 -12.89
C THR A 41 5.00 7.71 -11.88
N THR A 42 6.07 8.48 -11.73
CA THR A 42 7.12 8.12 -10.79
C THR A 42 7.59 6.69 -11.05
N ARG A 43 8.63 6.58 -11.87
CA ARG A 43 9.18 5.27 -12.21
C ARG A 43 9.58 4.53 -10.93
N ASP A 44 10.17 5.28 -10.00
CA ASP A 44 10.60 4.69 -8.74
C ASP A 44 9.39 4.09 -8.02
N VAL A 45 8.21 4.49 -8.47
CA VAL A 45 6.98 3.99 -7.88
C VAL A 45 7.11 3.97 -6.36
N LEU A 46 7.95 4.88 -5.85
CA LEU A 46 8.18 4.98 -4.42
C LEU A 46 7.71 6.35 -3.93
N ARG A 47 6.43 6.61 -4.14
CA ARG A 47 5.85 7.88 -3.73
C ARG A 47 4.83 7.66 -2.60
N GLU A 48 4.86 6.43 -2.07
CA GLU A 48 3.96 6.09 -0.98
C GLU A 48 4.66 6.25 0.37
N HIS A 49 5.32 7.39 0.52
CA HIS A 49 6.03 7.68 1.76
C HIS A 49 7.07 6.58 2.02
N ILE A 50 7.71 6.69 3.16
CA ILE A 50 8.73 5.73 3.55
C ILE A 50 8.42 5.21 4.96
N HIS A 51 7.54 4.24 5.02
CA HIS A 51 7.16 3.65 6.30
C HIS A 51 8.38 3.01 6.96
N ILE A 52 9.12 3.84 7.69
CA ILE A 52 10.31 3.37 8.37
C ILE A 52 10.33 3.93 9.80
N ASP A 53 10.08 3.04 10.74
CA ASP A 53 10.06 3.43 12.14
C ASP A 53 11.33 2.91 12.83
N GLY A 54 11.81 1.79 12.34
CA GLY A 54 13.01 1.18 12.88
C GLY A 54 14.04 2.26 13.26
N MET A 55 14.54 2.94 12.24
CA MET A 55 15.52 3.98 12.44
C MET A 55 15.20 5.21 11.60
N PRO A 56 15.44 6.41 12.21
CA PRO A 56 15.18 7.66 11.52
C PRO A 56 16.24 7.94 10.47
N LEU A 57 15.82 8.60 9.40
CA LEU A 57 16.73 8.94 8.32
C LEU A 57 17.04 7.69 7.51
N HIS A 58 15.98 7.02 7.09
CA HIS A 58 16.12 5.80 6.30
C HIS A 58 15.36 5.95 4.98
N ILE A 59 15.89 5.29 3.96
CA ILE A 59 15.29 5.36 2.64
C ILE A 59 15.20 3.94 2.06
N ILE A 60 14.17 3.72 1.27
CA ILE A 60 13.95 2.43 0.65
C ILE A 60 13.53 2.62 -0.81
N ASP A 61 13.25 1.51 -1.47
CA ASP A 61 12.84 1.55 -2.86
C ASP A 61 11.66 0.59 -3.06
N THR A 62 10.81 0.95 -4.02
CA THR A 62 9.64 0.15 -4.32
C THR A 62 9.85 -0.62 -5.63
N ALA A 63 10.00 0.13 -6.70
CA ALA A 63 10.20 -0.46 -8.01
C ALA A 63 9.05 -1.41 -8.32
N GLY A 64 9.24 -2.22 -9.36
CA GLY A 64 8.22 -3.17 -9.76
C GLY A 64 8.72 -4.05 -10.91
N LEU A 65 9.00 -3.41 -12.03
CA LEU A 65 9.48 -4.12 -13.20
C LEU A 65 10.93 -3.73 -13.46
N ARG A 66 11.40 -4.08 -14.66
CA ARG A 66 12.78 -3.77 -15.04
C ARG A 66 13.03 -2.27 -14.91
N GLU A 67 12.25 -1.49 -15.65
CA GLU A 67 12.38 -0.05 -15.63
C GLU A 67 11.84 0.52 -14.31
N ALA A 68 12.50 0.16 -13.22
CA ALA A 68 12.08 0.63 -11.91
C ALA A 68 13.13 0.20 -10.87
N SER A 69 13.56 -1.05 -10.99
CA SER A 69 14.55 -1.59 -10.08
C SER A 69 15.89 -0.90 -10.30
N ASP A 70 16.02 -0.28 -11.47
CA ASP A 70 17.25 0.42 -11.81
C ASP A 70 17.08 1.91 -11.53
N GLU A 71 15.84 2.36 -11.64
CA GLU A 71 15.53 3.76 -11.41
C GLU A 71 15.78 4.11 -9.94
N VAL A 72 15.17 3.34 -9.06
CA VAL A 72 15.31 3.55 -7.63
C VAL A 72 16.80 3.49 -7.26
N GLU A 73 17.53 2.71 -8.04
CA GLU A 73 18.96 2.56 -7.80
C GLU A 73 19.74 3.66 -8.52
N ARG A 74 19.25 4.88 -8.38
CA ARG A 74 19.89 6.03 -9.00
C ARG A 74 19.47 7.32 -8.30
N ILE A 75 18.18 7.45 -8.08
CA ILE A 75 17.63 8.63 -7.42
C ILE A 75 17.92 8.54 -5.92
N GLY A 76 18.27 7.33 -5.49
CA GLY A 76 18.56 7.10 -4.09
C GLY A 76 20.06 6.85 -3.88
N ILE A 77 20.86 7.62 -4.60
CA ILE A 77 22.30 7.50 -4.50
C ILE A 77 22.75 6.17 -5.11
N GLU A 78 22.23 5.10 -4.54
CA GLU A 78 22.55 3.76 -5.01
C GLU A 78 22.75 3.77 -6.53
N ARG A 79 23.85 3.18 -6.95
CA ARG A 79 24.17 3.11 -8.37
C ARG A 79 24.12 1.65 -8.86
N ALA A 80 24.51 0.75 -7.97
CA ALA A 80 24.51 -0.66 -8.30
C ALA A 80 23.21 -1.02 -9.01
N TRP A 81 23.23 -2.18 -9.67
CA TRP A 81 22.07 -2.64 -10.40
C TRP A 81 21.61 -3.96 -9.77
N GLN A 82 21.32 -3.89 -8.47
CA GLN A 82 20.87 -5.06 -7.74
C GLN A 82 20.26 -4.65 -6.40
N GLU A 83 19.70 -5.63 -5.72
CA GLU A 83 19.08 -5.38 -4.43
C GLU A 83 17.77 -4.60 -4.60
N ILE A 84 16.71 -5.34 -4.85
CA ILE A 84 15.41 -4.73 -5.04
C ILE A 84 14.32 -5.79 -4.84
N GLU A 85 14.25 -6.31 -3.62
CA GLU A 85 13.27 -7.32 -3.30
C GLU A 85 11.89 -6.92 -3.81
N GLN A 86 11.06 -7.92 -4.08
CA GLN A 86 9.72 -7.68 -4.59
C GLN A 86 8.79 -7.29 -3.44
N ALA A 87 7.66 -6.73 -3.80
CA ALA A 87 6.67 -6.31 -2.81
C ALA A 87 6.41 -7.45 -1.84
N ASP A 88 5.56 -7.18 -0.87
CA ASP A 88 5.22 -8.18 0.13
C ASP A 88 3.71 -8.14 0.40
N ARG A 89 3.21 -6.93 0.63
CA ARG A 89 1.80 -6.74 0.89
C ARG A 89 1.24 -5.64 -0.02
N VAL A 90 -0.09 -5.62 -0.12
CA VAL A 90 -0.77 -4.65 -0.94
C VAL A 90 -1.90 -4.01 -0.15
N LEU A 91 -2.38 -2.88 -0.66
CA LEU A 91 -3.46 -2.16 -0.01
C LEU A 91 -4.52 -1.78 -1.05
N PHE A 92 -5.49 -2.67 -1.22
CA PHE A 92 -6.55 -2.44 -2.17
C PHE A 92 -7.67 -1.61 -1.56
N MET A 93 -7.47 -0.29 -1.59
CA MET A 93 -8.45 0.63 -1.04
C MET A 93 -9.60 0.85 -2.02
N VAL A 94 -10.80 0.91 -1.45
CA VAL A 94 -12.00 1.12 -2.25
C VAL A 94 -12.77 2.32 -1.72
N ASP A 95 -13.55 2.92 -2.60
CA ASP A 95 -14.34 4.08 -2.24
C ASP A 95 -15.77 3.64 -1.90
N GLY A 96 -16.03 3.56 -0.60
CA GLY A 96 -17.35 3.16 -0.14
C GLY A 96 -17.84 1.91 -0.90
N THR A 97 -19.12 1.94 -1.25
CA THR A 97 -19.72 0.84 -1.97
C THR A 97 -19.85 1.19 -3.46
N THR A 98 -18.93 2.02 -3.93
CA THR A 98 -18.93 2.43 -5.32
C THR A 98 -18.21 1.39 -6.18
N THR A 99 -18.88 1.00 -7.26
CA THR A 99 -18.32 0.01 -8.17
C THR A 99 -18.30 0.57 -9.59
N ASP A 100 -17.23 1.29 -9.90
CA ASP A 100 -17.08 1.88 -11.22
C ASP A 100 -16.43 0.86 -12.16
N ALA A 101 -16.12 1.32 -13.36
CA ALA A 101 -15.49 0.45 -14.35
C ALA A 101 -14.01 0.31 -14.03
N VAL A 102 -13.57 1.10 -13.05
CA VAL A 102 -12.17 1.08 -12.64
C VAL A 102 -12.01 0.13 -11.45
N ASP A 103 -13.14 -0.20 -10.84
CA ASP A 103 -13.15 -1.08 -9.69
C ASP A 103 -12.53 -2.43 -10.08
N PRO A 104 -13.08 -3.00 -11.19
CA PRO A 104 -12.59 -4.28 -11.69
C PRO A 104 -11.25 -4.12 -12.39
N ALA A 105 -10.86 -2.87 -12.59
CA ALA A 105 -9.60 -2.56 -13.25
C ALA A 105 -8.45 -2.83 -12.28
N GLU A 106 -8.38 -2.00 -11.25
CA GLU A 106 -7.33 -2.14 -10.25
C GLU A 106 -7.11 -3.62 -9.92
N ILE A 107 -8.18 -4.38 -10.00
CA ILE A 107 -8.11 -5.80 -9.71
C ILE A 107 -7.95 -6.58 -11.02
N TRP A 108 -6.71 -6.96 -11.30
CA TRP A 108 -6.42 -7.70 -12.51
C TRP A 108 -4.92 -8.01 -12.53
N PRO A 109 -4.11 -6.91 -12.51
CA PRO A 109 -2.68 -7.04 -12.52
C PRO A 109 -2.15 -7.49 -11.15
N GLU A 110 -3.05 -7.47 -10.18
CA GLU A 110 -2.70 -7.88 -8.83
C GLU A 110 -2.91 -9.38 -8.64
N PHE A 111 -4.09 -9.83 -9.06
CA PHE A 111 -4.42 -11.24 -8.94
C PHE A 111 -3.21 -12.12 -9.24
N ILE A 112 -2.64 -11.92 -10.41
CA ILE A 112 -1.47 -12.68 -10.81
C ILE A 112 -0.23 -12.12 -10.13
N ALA A 113 0.09 -12.70 -8.98
CA ALA A 113 1.25 -12.27 -8.21
C ALA A 113 1.53 -13.27 -7.10
N ARG A 114 2.60 -13.02 -6.37
CA ARG A 114 2.99 -13.90 -5.27
C ARG A 114 2.96 -13.14 -3.95
N LEU A 115 1.91 -12.34 -3.78
CA LEU A 115 1.76 -11.56 -2.56
C LEU A 115 0.26 -11.38 -2.27
N PRO A 116 -0.07 -11.41 -0.95
CA PRO A 116 -1.45 -11.25 -0.53
C PRO A 116 -1.90 -9.79 -0.64
N ALA A 117 -3.20 -9.59 -0.54
CA ALA A 117 -3.76 -8.25 -0.63
C ALA A 117 -4.96 -8.14 0.31
N LYS A 118 -5.14 -6.95 0.86
CA LYS A 118 -6.23 -6.71 1.78
C LYS A 118 -7.42 -6.12 1.00
N LEU A 119 -8.51 -5.91 1.72
CA LEU A 119 -9.71 -5.36 1.11
C LEU A 119 -10.63 -4.82 2.20
N PRO A 120 -10.63 -3.46 2.33
CA PRO A 120 -11.46 -2.80 3.34
C PRO A 120 -12.93 -2.80 2.91
N ILE A 121 -13.77 -3.26 3.83
CA ILE A 121 -15.20 -3.32 3.56
C ILE A 121 -15.90 -2.19 4.33
N THR A 122 -16.14 -1.10 3.62
CA THR A 122 -16.81 0.05 4.22
C THR A 122 -18.00 -0.41 5.07
N VAL A 123 -18.44 0.50 5.92
CA VAL A 123 -19.57 0.20 6.80
C VAL A 123 -20.33 1.50 7.09
N VAL A 124 -20.69 2.19 6.02
CA VAL A 124 -21.42 3.44 6.14
C VAL A 124 -22.72 3.35 5.36
N ARG A 125 -23.62 4.27 5.64
CA ARG A 125 -24.91 4.31 4.96
C ARG A 125 -25.76 3.10 5.38
N ASN A 126 -26.92 2.99 4.75
CA ASN A 126 -27.82 1.89 5.04
C ASN A 126 -27.02 0.60 5.15
N LYS A 127 -27.21 -0.09 6.27
CA LYS A 127 -26.51 -1.34 6.50
C LYS A 127 -26.89 -2.34 5.42
N ALA A 128 -28.06 -2.13 4.84
CA ALA A 128 -28.56 -3.01 3.79
C ALA A 128 -27.54 -3.03 2.64
N ASP A 129 -27.43 -1.88 1.98
CA ASP A 129 -26.51 -1.77 0.86
C ASP A 129 -25.19 -2.43 1.22
N ILE A 130 -24.45 -1.78 2.11
CA ILE A 130 -23.16 -2.29 2.55
C ILE A 130 -23.37 -3.60 3.29
N THR A 131 -23.17 -4.69 2.57
CA THR A 131 -23.33 -6.02 3.15
C THR A 131 -23.31 -7.09 2.05
N GLY A 132 -24.24 -6.93 1.11
CA GLY A 132 -24.34 -7.87 0.01
C GLY A 132 -23.10 -7.82 -0.88
N GLU A 133 -22.65 -6.61 -1.15
CA GLU A 133 -21.49 -6.40 -1.98
C GLU A 133 -20.22 -6.42 -1.12
N THR A 134 -20.42 -6.26 0.18
CA THR A 134 -19.31 -6.26 1.12
C THR A 134 -18.62 -7.63 1.13
N LEU A 135 -19.39 -8.63 1.51
CA LEU A 135 -18.86 -9.99 1.57
C LEU A 135 -19.00 -10.64 0.20
N GLY A 136 -20.09 -10.31 -0.48
CA GLY A 136 -20.35 -10.85 -1.80
C GLY A 136 -19.53 -10.13 -2.86
N MET A 137 -18.23 -10.08 -2.63
CA MET A 137 -17.33 -9.42 -3.56
C MET A 137 -16.46 -10.44 -4.31
N SER A 138 -16.51 -11.67 -3.83
CA SER A 138 -15.75 -12.74 -4.44
C SER A 138 -14.28 -12.31 -4.61
N GLU A 139 -13.99 -11.78 -5.79
CA GLU A 139 -12.64 -11.32 -6.08
C GLU A 139 -11.62 -12.39 -5.69
N VAL A 140 -10.36 -12.03 -5.82
CA VAL A 140 -9.28 -12.94 -5.48
C VAL A 140 -9.21 -13.10 -3.95
N ASN A 141 -8.68 -14.24 -3.54
CA ASN A 141 -8.56 -14.54 -2.12
C ASN A 141 -8.06 -13.28 -1.39
N GLY A 142 -9.00 -12.59 -0.75
CA GLY A 142 -8.68 -11.39 -0.01
C GLY A 142 -7.98 -11.72 1.31
N HIS A 143 -6.82 -11.11 1.50
CA HIS A 143 -6.05 -11.34 2.70
C HIS A 143 -6.61 -10.47 3.84
N ALA A 144 -7.71 -10.93 4.41
CA ALA A 144 -8.35 -10.21 5.49
C ALA A 144 -9.06 -8.97 4.93
N LEU A 145 -10.18 -8.63 5.56
CA LEU A 145 -10.95 -7.48 5.14
C LEU A 145 -11.13 -6.53 6.32
N ILE A 146 -10.26 -5.53 6.38
CA ILE A 146 -10.31 -4.55 7.45
C ILE A 146 -10.62 -3.17 6.86
N ARG A 147 -11.77 -2.64 7.25
CA ARG A 147 -12.20 -1.34 6.77
C ARG A 147 -11.50 -0.23 7.56
N LEU A 148 -11.62 0.99 7.03
CA LEU A 148 -11.00 2.13 7.68
C LEU A 148 -11.45 3.41 6.97
N SER A 149 -11.22 4.53 7.63
CA SER A 149 -11.61 5.82 7.08
C SER A 149 -10.50 6.85 7.34
N ALA A 150 -9.64 7.03 6.34
CA ALA A 150 -8.55 7.97 6.46
C ALA A 150 -9.06 9.28 7.06
N ARG A 151 -10.33 9.55 6.78
CA ARG A 151 -10.96 10.76 7.29
C ARG A 151 -10.79 10.87 8.80
N THR A 152 -10.92 9.72 9.45
CA THR A 152 -10.78 9.66 10.90
C THR A 152 -9.57 8.80 11.28
N GLY A 153 -9.60 7.57 10.80
CA GLY A 153 -8.52 6.63 11.09
C GLY A 153 -9.00 5.49 11.97
N GLU A 154 -10.09 4.87 11.53
CA GLU A 154 -10.68 3.76 12.27
C GLU A 154 -9.63 2.66 12.48
N GLY A 155 -9.29 2.00 11.38
CA GLY A 155 -8.32 0.92 11.42
C GLY A 155 -7.01 1.33 10.73
N VAL A 156 -6.38 2.37 11.28
CA VAL A 156 -5.13 2.86 10.73
C VAL A 156 -3.96 2.25 11.49
N ASP A 157 -4.23 1.87 12.74
CA ASP A 157 -3.22 1.27 13.58
C ASP A 157 -3.30 -0.24 13.48
N VAL A 158 -4.41 -0.71 12.92
CA VAL A 158 -4.62 -2.14 12.76
C VAL A 158 -3.78 -2.66 11.60
N LEU A 159 -3.99 -2.07 10.44
CA LEU A 159 -3.25 -2.46 9.25
C LEU A 159 -1.75 -2.21 9.49
N ARG A 160 -1.47 -1.32 10.42
CA ARG A 160 -0.08 -1.00 10.76
C ARG A 160 0.57 -2.16 11.49
N ASN A 161 -0.27 -2.97 12.14
CA ASN A 161 0.21 -4.12 12.87
C ASN A 161 0.60 -5.23 11.89
N HIS A 162 -0.13 -5.28 10.79
CA HIS A 162 0.12 -6.28 9.76
C HIS A 162 1.02 -5.70 8.68
N LEU A 163 1.73 -4.64 9.06
CA LEU A 163 2.64 -3.98 8.13
C LEU A 163 4.06 -4.51 8.36
N LYS A 164 4.55 -4.30 9.56
CA LYS A 164 5.89 -4.74 9.91
C LYS A 164 5.95 -6.26 9.84
N GLN A 165 4.94 -6.90 10.43
CA GLN A 165 4.87 -8.35 10.43
C GLN A 165 5.09 -8.89 9.01
N SER A 166 4.18 -8.53 8.12
CA SER A 166 4.26 -8.97 6.75
C SER A 166 5.67 -8.70 6.19
N MET A 167 6.05 -7.44 6.24
CA MET A 167 7.36 -7.04 5.75
C MET A 167 8.43 -8.07 6.12
N GLY A 168 8.98 -8.70 5.10
CA GLY A 168 10.01 -9.72 5.31
C GLY A 168 11.27 -9.08 5.89
N ILE A 169 12.18 -9.95 6.34
CA ILE A 169 13.43 -9.50 6.92
C ILE A 169 14.47 -9.35 5.81
N HIS A 170 15.22 -8.27 5.89
CA HIS A 170 16.26 -8.01 4.91
C HIS A 170 17.12 -6.83 5.37
N ARG A 171 18.37 -6.83 4.93
CA ARG A 171 19.29 -5.77 5.29
C ARG A 171 20.63 -5.97 4.57
N ASP A 172 21.14 -7.19 4.66
CA ASP A 172 22.41 -7.52 4.03
C ASP A 172 22.16 -8.54 2.92
N GLY A 1 21.92 0.36 17.81
CA GLY A 1 22.53 -0.68 16.99
C GLY A 1 21.63 -1.92 16.93
N SER A 2 22.13 -3.01 17.48
CA SER A 2 21.39 -4.26 17.49
C SER A 2 21.18 -4.75 16.06
N LEU A 3 21.52 -6.01 15.85
CA LEU A 3 21.37 -6.62 14.53
C LEU A 3 19.90 -6.64 14.14
N LEU A 4 19.65 -7.07 12.92
CA LEU A 4 18.29 -7.15 12.41
C LEU A 4 17.77 -5.73 12.13
N ARG A 5 16.88 -5.64 11.16
CA ARG A 5 16.31 -4.36 10.78
C ARG A 5 14.92 -4.56 10.17
N GLU A 6 14.83 -5.54 9.28
CA GLU A 6 13.57 -5.85 8.63
C GLU A 6 13.21 -4.75 7.63
N GLY A 7 12.17 -5.01 6.86
CA GLY A 7 11.72 -4.05 5.86
C GLY A 7 11.35 -4.75 4.56
N MET A 8 10.29 -4.27 3.93
CA MET A 8 9.84 -4.84 2.68
C MET A 8 9.15 -3.77 1.81
N LYS A 9 8.57 -4.23 0.71
CA LYS A 9 7.89 -3.34 -0.20
C LYS A 9 6.38 -3.38 0.07
N VAL A 10 5.74 -2.25 -0.14
CA VAL A 10 4.31 -2.14 0.08
C VAL A 10 3.70 -1.21 -0.97
N VAL A 11 2.92 -1.81 -1.86
CA VAL A 11 2.28 -1.05 -2.93
C VAL A 11 0.79 -0.92 -2.62
N ILE A 12 0.20 0.15 -3.11
CA ILE A 12 -1.21 0.41 -2.90
C ILE A 12 -1.80 1.09 -4.14
N ALA A 13 -2.06 0.27 -5.15
CA ALA A 13 -2.63 0.76 -6.39
C ALA A 13 -4.13 0.55 -6.38
N GLY A 14 -4.86 1.61 -6.72
CA GLY A 14 -6.30 1.56 -6.76
C GLY A 14 -6.88 2.79 -7.46
N ARG A 15 -8.16 2.68 -7.81
CA ARG A 15 -8.84 3.77 -8.48
C ARG A 15 -8.42 5.12 -7.87
N PRO A 16 -8.19 6.10 -8.78
CA PRO A 16 -7.78 7.43 -8.35
C PRO A 16 -8.96 8.21 -7.75
N ASN A 17 -8.70 8.83 -6.62
CA ASN A 17 -9.72 9.61 -5.93
C ASN A 17 -10.60 8.66 -5.11
N ALA A 18 -9.97 7.98 -4.17
CA ALA A 18 -10.69 7.05 -3.32
C ALA A 18 -10.25 7.25 -1.88
N GLY A 19 -8.94 7.32 -1.69
CA GLY A 19 -8.38 7.52 -0.36
C GLY A 19 -7.04 6.79 -0.22
N LYS A 20 -6.19 6.99 -1.21
CA LYS A 20 -4.87 6.37 -1.20
C LYS A 20 -3.84 7.37 -0.69
N SER A 21 -4.10 8.64 -0.95
CA SER A 21 -3.21 9.70 -0.52
C SER A 21 -3.39 9.97 0.98
N SER A 22 -4.66 10.08 1.37
CA SER A 22 -4.98 10.33 2.76
C SER A 22 -4.45 9.20 3.64
N LEU A 23 -4.57 7.98 3.13
CA LEU A 23 -4.11 6.81 3.85
C LEU A 23 -2.60 6.94 4.10
N LEU A 24 -1.85 7.05 3.02
CA LEU A 24 -0.41 7.17 3.11
C LEU A 24 -0.06 8.15 4.24
N ASN A 25 -0.79 9.26 4.25
CA ASN A 25 -0.56 10.28 5.27
C ASN A 25 -1.34 9.90 6.54
N ALA A 26 -0.72 9.05 7.34
CA ALA A 26 -1.33 8.60 8.57
C ALA A 26 -0.56 7.40 9.12
N LEU A 27 -0.39 6.41 8.26
CA LEU A 27 0.33 5.20 8.64
C LEU A 27 1.79 5.55 8.91
N ALA A 28 2.34 6.39 8.06
CA ALA A 28 3.72 6.82 8.20
C ALA A 28 3.89 7.60 9.50
N GLY A 29 3.11 8.68 9.61
CA GLY A 29 3.16 9.52 10.79
C GLY A 29 3.91 10.82 10.51
N ARG A 30 3.34 11.62 9.62
CA ARG A 30 3.94 12.89 9.25
C ARG A 30 3.00 14.04 9.61
N GLU A 31 3.20 14.57 10.82
CA GLU A 31 2.39 15.67 11.29
C GLU A 31 2.11 16.66 10.15
N ALA A 32 3.19 17.13 9.54
CA ALA A 32 3.09 18.07 8.45
C ALA A 32 3.04 17.31 7.12
N ALA A 33 1.82 17.05 6.67
CA ALA A 33 1.64 16.33 5.42
C ALA A 33 1.24 17.32 4.31
N ILE A 34 1.21 16.80 3.09
CA ILE A 34 0.85 17.63 1.95
C ILE A 34 0.59 16.72 0.74
N VAL A 35 -0.41 17.12 -0.04
CA VAL A 35 -0.77 16.36 -1.23
C VAL A 35 0.04 16.88 -2.42
N THR A 36 0.28 15.98 -3.37
CA THR A 36 1.03 16.33 -4.56
C THR A 36 0.38 15.72 -5.80
N ASP A 37 0.40 16.49 -6.89
CA ASP A 37 -0.19 16.04 -8.14
C ASP A 37 0.80 15.14 -8.87
N ILE A 38 0.62 13.83 -8.70
CA ILE A 38 1.49 12.86 -9.33
C ILE A 38 1.78 13.30 -10.77
N ALA A 39 0.72 13.65 -11.48
CA ALA A 39 0.85 14.10 -12.85
C ALA A 39 1.45 12.97 -13.70
N GLY A 40 2.79 12.88 -13.63
CA GLY A 40 3.49 11.86 -14.38
C GLY A 40 4.00 10.75 -13.45
N THR A 41 3.50 9.56 -13.69
CA THR A 41 3.89 8.40 -12.89
C THR A 41 5.39 8.47 -12.55
N THR A 42 5.70 8.14 -11.30
CA THR A 42 7.07 8.16 -10.85
C THR A 42 7.73 6.78 -11.06
N ARG A 43 8.72 6.77 -11.94
CA ARG A 43 9.43 5.53 -12.24
C ARG A 43 9.95 4.89 -10.95
N ASP A 44 10.19 5.75 -9.96
CA ASP A 44 10.69 5.28 -8.67
C ASP A 44 9.58 4.49 -7.97
N VAL A 45 8.35 4.71 -8.42
CA VAL A 45 7.21 4.03 -7.84
C VAL A 45 6.95 4.57 -6.44
N LEU A 46 7.96 4.43 -5.60
CA LEU A 46 7.86 4.91 -4.23
C LEU A 46 7.23 6.31 -4.22
N ARG A 47 5.92 6.33 -4.03
CA ARG A 47 5.19 7.59 -4.01
C ARG A 47 4.50 7.77 -2.65
N GLU A 48 4.45 6.68 -1.90
CA GLU A 48 3.82 6.71 -0.59
C GLU A 48 4.88 6.82 0.51
N HIS A 49 5.79 7.77 0.31
CA HIS A 49 6.85 7.98 1.27
C HIS A 49 7.40 6.63 1.75
N ILE A 50 8.09 6.67 2.88
CA ILE A 50 8.67 5.46 3.44
C ILE A 50 7.95 5.12 4.75
N HIS A 51 8.19 3.91 5.23
CA HIS A 51 7.57 3.46 6.46
C HIS A 51 8.63 3.38 7.56
N ILE A 52 9.23 4.53 7.84
CA ILE A 52 10.26 4.61 8.86
C ILE A 52 9.80 3.83 10.09
N ASP A 53 8.89 4.43 10.84
CA ASP A 53 8.36 3.79 12.04
C ASP A 53 9.45 3.77 13.12
N GLY A 54 10.50 3.02 12.82
CA GLY A 54 11.61 2.89 13.75
C GLY A 54 12.55 4.10 13.64
N MET A 55 13.63 3.89 12.90
CA MET A 55 14.61 4.95 12.70
C MET A 55 14.51 5.54 11.29
N PRO A 56 14.53 6.90 11.24
CA PRO A 56 14.44 7.60 9.96
C PRO A 56 15.76 7.52 9.21
N LEU A 57 15.90 8.39 8.21
CA LEU A 57 17.09 8.43 7.41
C LEU A 57 17.09 7.25 6.43
N HIS A 58 17.00 6.06 6.98
CA HIS A 58 16.99 4.85 6.18
C HIS A 58 15.97 5.01 5.04
N ILE A 59 16.50 5.02 3.83
CA ILE A 59 15.67 5.17 2.65
C ILE A 59 15.32 3.79 2.10
N ILE A 60 14.15 3.70 1.47
CA ILE A 60 13.69 2.45 0.90
C ILE A 60 13.13 2.71 -0.50
N ASP A 61 13.55 1.86 -1.43
CA ASP A 61 13.09 1.98 -2.80
C ASP A 61 12.09 0.87 -3.11
N THR A 62 10.88 1.28 -3.44
CA THR A 62 9.83 0.34 -3.76
C THR A 62 9.45 0.44 -5.25
N ALA A 63 10.44 0.15 -6.08
CA ALA A 63 10.23 0.19 -7.52
C ALA A 63 9.13 -0.79 -7.90
N GLY A 64 9.53 -1.96 -8.35
CA GLY A 64 8.59 -2.98 -8.75
C GLY A 64 9.18 -3.88 -9.84
N LEU A 65 8.95 -3.46 -11.09
CA LEU A 65 9.45 -4.21 -12.23
C LEU A 65 10.95 -3.98 -12.38
N ARG A 66 11.51 -4.55 -13.42
CA ARG A 66 12.94 -4.41 -13.68
C ARG A 66 13.28 -2.95 -14.00
N GLU A 67 12.55 -2.41 -14.97
CA GLU A 67 12.77 -1.02 -15.37
C GLU A 67 12.75 -0.11 -14.14
N ALA A 68 11.56 0.05 -13.57
CA ALA A 68 11.40 0.90 -12.40
C ALA A 68 12.57 0.67 -11.45
N SER A 69 12.89 -0.61 -11.24
CA SER A 69 13.98 -0.97 -10.36
C SER A 69 15.32 -0.59 -10.99
N ASP A 70 15.51 0.69 -11.18
CA ASP A 70 16.73 1.20 -11.78
C ASP A 70 16.97 2.63 -11.30
N GLU A 71 15.97 3.48 -11.52
CA GLU A 71 16.07 4.87 -11.12
C GLU A 71 16.15 4.98 -9.59
N VAL A 72 15.36 4.14 -8.93
CA VAL A 72 15.33 4.14 -7.48
C VAL A 72 16.77 4.08 -6.95
N GLU A 73 17.55 3.21 -7.55
CA GLU A 73 18.94 3.04 -7.15
C GLU A 73 19.71 4.35 -7.35
N ARG A 74 19.24 5.13 -8.31
CA ARG A 74 19.87 6.41 -8.62
C ARG A 74 19.44 7.47 -7.61
N ILE A 75 18.15 7.42 -7.27
CA ILE A 75 17.61 8.37 -6.31
C ILE A 75 18.24 8.15 -4.94
N GLY A 76 18.54 6.89 -4.66
CA GLY A 76 19.16 6.53 -3.40
C GLY A 76 20.68 6.43 -3.54
N ILE A 77 21.19 7.09 -4.58
CA ILE A 77 22.62 7.08 -4.82
C ILE A 77 23.15 5.65 -4.74
N GLU A 78 23.03 4.94 -5.85
CA GLU A 78 23.49 3.56 -5.92
C GLU A 78 23.73 3.15 -7.36
N ARG A 79 24.64 2.20 -7.53
CA ARG A 79 24.97 1.71 -8.86
C ARG A 79 23.88 0.76 -9.36
N ALA A 80 23.45 1.00 -10.59
CA ALA A 80 22.42 0.17 -11.20
C ALA A 80 22.81 -1.30 -11.07
N TRP A 81 21.78 -2.14 -11.01
CA TRP A 81 22.01 -3.57 -10.89
C TRP A 81 22.63 -3.84 -9.52
N GLN A 82 21.82 -3.67 -8.49
CA GLN A 82 22.28 -3.88 -7.13
C GLN A 82 21.36 -4.88 -6.41
N GLU A 83 20.15 -4.41 -6.12
CA GLU A 83 19.17 -5.23 -5.44
C GLU A 83 17.84 -4.49 -5.31
N ILE A 84 16.81 -5.26 -4.98
CA ILE A 84 15.48 -4.68 -4.83
C ILE A 84 14.51 -5.78 -4.39
N GLU A 85 13.73 -5.45 -3.36
CA GLU A 85 12.76 -6.39 -2.82
C GLU A 85 11.51 -6.42 -3.70
N GLN A 86 10.70 -7.43 -3.48
CA GLN A 86 9.46 -7.59 -4.24
C GLN A 86 8.26 -7.33 -3.35
N ALA A 87 7.20 -6.83 -3.97
CA ALA A 87 5.97 -6.54 -3.26
C ALA A 87 5.64 -7.71 -2.33
N ASP A 88 5.11 -7.37 -1.15
CA ASP A 88 4.74 -8.36 -0.18
C ASP A 88 3.26 -8.23 0.17
N ARG A 89 2.93 -7.09 0.76
CA ARG A 89 1.55 -6.82 1.14
C ARG A 89 0.97 -5.70 0.27
N VAL A 90 -0.31 -5.84 -0.04
CA VAL A 90 -0.98 -4.85 -0.86
C VAL A 90 -2.36 -4.57 -0.27
N LEU A 91 -2.66 -3.28 -0.12
CA LEU A 91 -3.93 -2.87 0.44
C LEU A 91 -4.44 -1.64 -0.34
N PHE A 92 -5.30 -1.93 -1.32
CA PHE A 92 -5.86 -0.87 -2.14
C PHE A 92 -7.25 -0.47 -1.63
N MET A 93 -7.36 0.80 -1.26
CA MET A 93 -8.62 1.32 -0.76
C MET A 93 -9.70 1.28 -1.84
N VAL A 94 -10.94 1.10 -1.40
CA VAL A 94 -12.06 1.05 -2.31
C VAL A 94 -13.03 2.20 -2.00
N ASP A 95 -13.54 2.81 -3.06
CA ASP A 95 -14.48 3.91 -2.91
C ASP A 95 -15.86 3.36 -2.54
N GLY A 96 -16.24 3.59 -1.30
CA GLY A 96 -17.53 3.14 -0.81
C GLY A 96 -17.86 1.75 -1.37
N THR A 97 -19.15 1.46 -1.43
CA THR A 97 -19.61 0.19 -1.94
C THR A 97 -19.55 0.17 -3.47
N THR A 98 -19.91 1.30 -4.06
CA THR A 98 -19.89 1.43 -5.51
C THR A 98 -18.57 0.90 -6.08
N THR A 99 -18.68 -0.11 -6.93
CA THR A 99 -17.52 -0.71 -7.54
C THR A 99 -17.50 -0.43 -9.05
N ASP A 100 -16.83 0.65 -9.41
CA ASP A 100 -16.72 1.04 -10.80
C ASP A 100 -16.19 -0.13 -11.62
N ALA A 101 -16.20 0.05 -12.93
CA ALA A 101 -15.72 -0.99 -13.83
C ALA A 101 -14.19 -0.97 -13.87
N VAL A 102 -13.64 0.08 -13.29
CA VAL A 102 -12.19 0.23 -13.24
C VAL A 102 -11.66 -0.34 -11.92
N ASP A 103 -12.57 -0.50 -10.98
CA ASP A 103 -12.21 -1.03 -9.68
C ASP A 103 -11.48 -2.36 -9.86
N PRO A 104 -12.12 -3.27 -10.64
CA PRO A 104 -11.54 -4.58 -10.90
C PRO A 104 -10.40 -4.48 -11.91
N ALA A 105 -10.49 -3.48 -12.76
CA ALA A 105 -9.46 -3.25 -13.77
C ALA A 105 -8.13 -2.91 -13.08
N GLU A 106 -8.26 -2.28 -11.93
CA GLU A 106 -7.08 -1.89 -11.16
C GLU A 106 -6.49 -3.11 -10.45
N ILE A 107 -7.36 -4.05 -10.14
CA ILE A 107 -6.93 -5.27 -9.46
C ILE A 107 -6.95 -6.43 -10.45
N TRP A 108 -6.77 -6.09 -11.72
CA TRP A 108 -6.77 -7.10 -12.77
C TRP A 108 -5.53 -7.97 -12.58
N PRO A 109 -4.36 -7.28 -12.47
CA PRO A 109 -3.10 -7.98 -12.29
C PRO A 109 -2.97 -8.50 -10.86
N GLU A 110 -3.36 -7.67 -9.92
CA GLU A 110 -3.29 -8.04 -8.51
C GLU A 110 -3.83 -9.45 -8.31
N PHE A 111 -5.04 -9.67 -8.80
CA PHE A 111 -5.70 -10.96 -8.69
C PHE A 111 -4.67 -12.10 -8.85
N ILE A 112 -3.97 -12.06 -9.97
CA ILE A 112 -2.96 -13.08 -10.25
C ILE A 112 -1.60 -12.59 -9.79
N ALA A 113 -1.13 -13.19 -8.71
CA ALA A 113 0.16 -12.82 -8.14
C ALA A 113 0.30 -13.44 -6.76
N ARG A 114 1.41 -14.16 -6.57
CA ARG A 114 1.67 -14.81 -5.30
C ARG A 114 1.96 -13.76 -4.22
N LEU A 115 0.90 -13.08 -3.80
CA LEU A 115 1.04 -12.05 -2.78
C LEU A 115 -0.35 -11.77 -2.17
N PRO A 116 -0.37 -11.74 -0.81
CA PRO A 116 -1.61 -11.48 -0.10
C PRO A 116 -2.00 -10.00 -0.19
N ALA A 117 -3.31 -9.77 -0.22
CA ALA A 117 -3.82 -8.42 -0.32
C ALA A 117 -4.85 -8.19 0.80
N LYS A 118 -5.50 -7.04 0.74
CA LYS A 118 -6.50 -6.69 1.73
C LYS A 118 -7.68 -6.00 1.02
N LEU A 119 -8.81 -5.99 1.71
CA LEU A 119 -10.01 -5.37 1.18
C LEU A 119 -10.77 -4.66 2.30
N PRO A 120 -10.85 -3.31 2.19
CA PRO A 120 -11.54 -2.51 3.18
C PRO A 120 -13.06 -2.66 3.06
N ILE A 121 -13.70 -2.87 4.20
CA ILE A 121 -15.14 -3.02 4.23
C ILE A 121 -15.80 -1.64 4.21
N THR A 122 -16.98 -1.59 3.61
CA THR A 122 -17.72 -0.35 3.51
C THR A 122 -18.84 -0.32 4.56
N VAL A 123 -18.72 0.62 5.49
CA VAL A 123 -19.71 0.76 6.54
C VAL A 123 -20.42 2.11 6.39
N VAL A 124 -20.82 2.39 5.15
CA VAL A 124 -21.51 3.64 4.86
C VAL A 124 -22.84 3.33 4.17
N ARG A 125 -23.71 4.33 4.16
CA ARG A 125 -25.01 4.18 3.54
C ARG A 125 -25.82 3.09 4.26
N ASN A 126 -26.85 2.62 3.57
CA ASN A 126 -27.71 1.59 4.13
C ASN A 126 -26.87 0.35 4.46
N LYS A 127 -27.10 -0.18 5.65
CA LYS A 127 -26.38 -1.36 6.10
C LYS A 127 -26.90 -2.59 5.36
N ALA A 128 -28.11 -2.45 4.83
CA ALA A 128 -28.73 -3.54 4.09
C ALA A 128 -28.24 -3.51 2.65
N ASP A 129 -27.02 -3.97 2.45
CA ASP A 129 -26.42 -4.00 1.13
C ASP A 129 -24.91 -4.24 1.25
N ILE A 130 -24.32 -3.59 2.23
CA ILE A 130 -22.90 -3.73 2.47
C ILE A 130 -22.54 -5.22 2.56
N THR A 131 -22.97 -5.83 3.65
CA THR A 131 -22.71 -7.25 3.86
C THR A 131 -22.84 -8.02 2.56
N GLY A 132 -23.72 -7.51 1.70
CA GLY A 132 -23.95 -8.14 0.41
C GLY A 132 -22.75 -7.99 -0.51
N GLU A 133 -22.28 -6.75 -0.63
CA GLU A 133 -21.13 -6.47 -1.47
C GLU A 133 -19.89 -7.15 -0.93
N THR A 134 -19.47 -6.71 0.25
CA THR A 134 -18.30 -7.28 0.89
C THR A 134 -18.27 -8.79 0.70
N LEU A 135 -19.39 -9.42 1.02
CA LEU A 135 -19.50 -10.87 0.89
C LEU A 135 -18.83 -11.31 -0.41
N GLY A 136 -19.26 -10.67 -1.50
CA GLY A 136 -18.71 -10.99 -2.82
C GLY A 136 -17.93 -9.80 -3.38
N MET A 137 -17.07 -9.24 -2.54
CA MET A 137 -16.26 -8.11 -2.95
C MET A 137 -15.83 -8.23 -4.41
N SER A 138 -15.51 -9.47 -4.80
CA SER A 138 -15.08 -9.73 -6.15
C SER A 138 -14.59 -11.18 -6.27
N GLU A 139 -13.29 -11.34 -6.15
CA GLU A 139 -12.68 -12.65 -6.23
C GLU A 139 -11.18 -12.57 -6.02
N VAL A 140 -10.77 -12.83 -4.78
CA VAL A 140 -9.36 -12.78 -4.42
C VAL A 140 -9.21 -13.03 -2.92
N ASN A 141 -8.52 -14.12 -2.61
CA ASN A 141 -8.29 -14.48 -1.22
C ASN A 141 -7.30 -13.51 -0.59
N GLY A 142 -7.83 -12.41 -0.09
CA GLY A 142 -7.01 -11.39 0.53
C GLY A 142 -6.69 -11.75 1.99
N HIS A 143 -5.49 -11.40 2.41
CA HIS A 143 -5.06 -11.68 3.77
C HIS A 143 -6.22 -11.43 4.73
N ALA A 144 -6.79 -10.23 4.64
CA ALA A 144 -7.90 -9.86 5.50
C ALA A 144 -8.74 -8.80 4.80
N LEU A 145 -9.69 -8.24 5.55
CA LEU A 145 -10.55 -7.21 5.01
C LEU A 145 -11.30 -6.53 6.16
N ILE A 146 -10.87 -5.32 6.48
CA ILE A 146 -11.48 -4.56 7.55
C ILE A 146 -11.75 -3.13 7.07
N ARG A 147 -12.85 -2.58 7.55
CA ARG A 147 -13.23 -1.23 7.17
C ARG A 147 -12.03 -0.28 7.31
N LEU A 148 -12.12 0.82 6.58
CA LEU A 148 -11.05 1.81 6.61
C LEU A 148 -11.63 3.19 6.27
N SER A 149 -10.97 4.21 6.80
CA SER A 149 -11.40 5.58 6.56
C SER A 149 -10.20 6.52 6.54
N ALA A 150 -10.31 7.57 5.74
CA ALA A 150 -9.25 8.55 5.62
C ALA A 150 -9.20 9.40 6.89
N ARG A 151 -10.15 10.31 7.00
CA ARG A 151 -10.23 11.18 8.15
C ARG A 151 -10.18 10.36 9.45
N THR A 152 -11.36 9.97 9.90
CA THR A 152 -11.46 9.18 11.12
C THR A 152 -10.95 7.76 10.89
N GLY A 153 -9.64 7.62 10.95
CA GLY A 153 -9.01 6.33 10.74
C GLY A 153 -9.64 5.26 11.64
N GLU A 154 -10.68 4.64 11.13
CA GLU A 154 -11.38 3.60 11.88
C GLU A 154 -10.41 2.50 12.30
N GLY A 155 -9.66 2.01 11.33
CA GLY A 155 -8.69 0.97 11.58
C GLY A 155 -7.37 1.24 10.84
N VAL A 156 -6.65 2.23 11.33
CA VAL A 156 -5.38 2.61 10.73
C VAL A 156 -4.24 1.97 11.53
N ASP A 157 -4.59 1.46 12.70
CA ASP A 157 -3.61 0.83 13.57
C ASP A 157 -3.69 -0.68 13.40
N VAL A 158 -4.81 -1.13 12.84
CA VAL A 158 -5.02 -2.56 12.62
C VAL A 158 -4.45 -2.95 11.26
N LEU A 159 -3.98 -1.93 10.53
CA LEU A 159 -3.40 -2.16 9.23
C LEU A 159 -1.88 -2.03 9.31
N ARG A 160 -1.45 -1.18 10.24
CA ARG A 160 -0.03 -0.95 10.43
C ARG A 160 0.67 -2.25 10.84
N ASN A 161 -0.05 -3.06 11.61
CA ASN A 161 0.49 -4.33 12.06
C ASN A 161 0.75 -5.23 10.85
N HIS A 162 -0.28 -5.43 10.06
CA HIS A 162 -0.18 -6.27 8.88
C HIS A 162 1.12 -5.95 8.14
N LEU A 163 1.43 -4.66 8.09
CA LEU A 163 2.64 -4.21 7.42
C LEU A 163 3.87 -4.62 8.25
N LYS A 164 3.76 -4.39 9.55
CA LYS A 164 4.86 -4.74 10.45
C LYS A 164 4.77 -6.22 10.79
N GLN A 165 4.73 -7.03 9.74
CA GLN A 165 4.66 -8.48 9.91
C GLN A 165 5.28 -9.19 8.71
N SER A 166 4.92 -8.71 7.53
CA SER A 166 5.44 -9.29 6.31
C SER A 166 6.89 -8.85 6.09
N MET A 167 7.29 -7.83 6.84
CA MET A 167 8.64 -7.30 6.74
C MET A 167 9.66 -8.44 6.69
N GLY A 168 10.34 -8.54 5.56
CA GLY A 168 11.35 -9.56 5.37
C GLY A 168 12.70 -9.13 5.95
N ILE A 169 13.50 -10.11 6.31
CA ILE A 169 14.82 -9.84 6.86
C ILE A 169 15.56 -8.86 5.96
N HIS A 170 16.74 -8.46 6.40
CA HIS A 170 17.56 -7.53 5.65
C HIS A 170 16.95 -6.13 5.73
N ARG A 171 17.80 -5.14 5.52
CA ARG A 171 17.37 -3.76 5.57
C ARG A 171 17.22 -3.20 4.15
N ASP A 172 17.96 -3.81 3.24
CA ASP A 172 17.92 -3.38 1.85
C ASP A 172 18.36 -1.92 1.75
N GLY A 1 16.26 -4.94 24.30
CA GLY A 1 15.73 -5.38 23.02
C GLY A 1 16.31 -4.55 21.86
N SER A 2 15.60 -4.57 20.75
CA SER A 2 16.03 -3.83 19.57
C SER A 2 17.33 -4.43 19.03
N LEU A 3 17.15 -5.50 18.25
CA LEU A 3 18.31 -6.17 17.65
C LEU A 3 18.14 -6.19 16.14
N LEU A 4 17.14 -6.93 15.68
CA LEU A 4 16.87 -7.03 14.26
C LEU A 4 16.38 -5.68 13.73
N ARG A 5 16.55 -5.50 12.43
CA ARG A 5 16.13 -4.26 11.80
C ARG A 5 14.98 -4.53 10.82
N GLU A 6 14.39 -3.44 10.34
CA GLU A 6 13.28 -3.55 9.41
C GLU A 6 13.69 -2.99 8.04
N GLY A 7 12.73 -2.99 7.12
CA GLY A 7 12.97 -2.49 5.78
C GLY A 7 12.28 -3.36 4.73
N MET A 8 11.29 -2.77 4.09
CA MET A 8 10.54 -3.47 3.06
C MET A 8 9.49 -2.56 2.42
N LYS A 9 9.47 -2.58 1.10
CA LYS A 9 8.53 -1.77 0.35
C LYS A 9 7.10 -2.26 0.63
N VAL A 10 6.15 -1.66 -0.07
CA VAL A 10 4.75 -2.02 0.10
C VAL A 10 3.93 -1.37 -1.02
N VAL A 11 3.10 -2.19 -1.64
CA VAL A 11 2.25 -1.72 -2.72
C VAL A 11 0.91 -1.23 -2.14
N ILE A 12 0.32 -0.28 -2.83
CA ILE A 12 -0.94 0.28 -2.41
C ILE A 12 -1.82 0.56 -3.63
N ALA A 13 -2.27 -0.51 -4.26
CA ALA A 13 -3.11 -0.39 -5.44
C ALA A 13 -4.41 0.33 -5.07
N GLY A 14 -5.36 0.28 -5.99
CA GLY A 14 -6.64 0.93 -5.77
C GLY A 14 -6.96 1.90 -6.91
N ARG A 15 -8.01 2.68 -6.70
CA ARG A 15 -8.43 3.65 -7.69
C ARG A 15 -8.20 5.07 -7.18
N PRO A 16 -8.10 6.03 -8.15
CA PRO A 16 -7.87 7.42 -7.80
C PRO A 16 -9.15 8.06 -7.25
N ASN A 17 -8.96 8.92 -6.26
CA ASN A 17 -10.08 9.61 -5.64
C ASN A 17 -10.87 8.61 -4.79
N ALA A 18 -10.27 8.23 -3.67
CA ALA A 18 -10.91 7.29 -2.76
C ALA A 18 -10.13 7.27 -1.44
N GLY A 19 -8.82 7.26 -1.56
CA GLY A 19 -7.96 7.24 -0.38
C GLY A 19 -6.49 7.26 -0.78
N LYS A 20 -5.76 6.26 -0.30
CA LYS A 20 -4.34 6.15 -0.60
C LYS A 20 -3.60 7.32 0.06
N SER A 21 -3.73 8.49 -0.56
CA SER A 21 -3.08 9.68 -0.05
C SER A 21 -3.37 9.84 1.44
N SER A 22 -4.55 9.38 1.84
CA SER A 22 -4.96 9.46 3.23
C SER A 22 -4.38 8.30 4.03
N LEU A 23 -4.55 7.10 3.47
CA LEU A 23 -4.05 5.90 4.11
C LEU A 23 -2.58 6.11 4.52
N LEU A 24 -1.74 6.24 3.50
CA LEU A 24 -0.31 6.45 3.73
C LEU A 24 -0.13 7.44 4.89
N ASN A 25 -0.67 8.64 4.69
CA ASN A 25 -0.57 9.67 5.70
C ASN A 25 -0.96 9.09 7.07
N ALA A 26 -2.11 8.44 7.08
CA ALA A 26 -2.61 7.84 8.30
C ALA A 26 -1.52 6.96 8.92
N LEU A 27 -0.92 6.13 8.07
CA LEU A 27 0.14 5.23 8.52
C LEU A 27 1.48 5.74 7.99
N ALA A 28 1.76 7.01 8.26
CA ALA A 28 3.00 7.63 7.81
C ALA A 28 3.94 7.76 9.01
N GLY A 29 3.54 8.59 9.97
CA GLY A 29 4.34 8.80 11.15
C GLY A 29 4.39 10.29 11.50
N ARG A 30 4.84 11.08 10.53
CA ARG A 30 4.94 12.52 10.73
C ARG A 30 3.57 13.12 11.01
N GLU A 31 3.57 14.12 11.89
CA GLU A 31 2.33 14.78 12.26
C GLU A 31 1.74 15.52 11.06
N ALA A 32 2.52 16.46 10.53
CA ALA A 32 2.08 17.24 9.39
C ALA A 32 1.79 16.30 8.22
N ALA A 33 0.83 16.71 7.40
CA ALA A 33 0.45 15.91 6.24
C ALA A 33 0.76 16.69 4.97
N ILE A 34 1.52 16.05 4.08
CA ILE A 34 1.89 16.68 2.83
C ILE A 34 1.47 15.76 1.68
N VAL A 35 0.48 16.23 0.93
CA VAL A 35 -0.02 15.47 -0.21
C VAL A 35 0.22 16.26 -1.49
N THR A 36 0.65 15.54 -2.53
CA THR A 36 0.91 16.16 -3.81
C THR A 36 -0.10 15.70 -4.85
N ASP A 37 -0.68 16.66 -5.54
CA ASP A 37 -1.67 16.36 -6.57
C ASP A 37 -1.00 16.42 -7.94
N ILE A 38 -0.29 15.34 -8.26
CA ILE A 38 0.39 15.24 -9.54
C ILE A 38 -0.08 14.00 -10.29
N ALA A 39 -0.25 14.16 -11.59
CA ALA A 39 -0.70 13.05 -12.43
C ALA A 39 0.50 12.48 -13.20
N GLY A 40 1.53 12.12 -12.44
CA GLY A 40 2.73 11.55 -13.03
C GLY A 40 3.30 10.43 -12.15
N THR A 41 3.50 9.29 -12.78
CA THR A 41 4.03 8.13 -12.08
C THR A 41 5.57 8.20 -12.04
N THR A 42 6.08 8.76 -10.94
CA THR A 42 7.50 8.89 -10.77
C THR A 42 8.21 7.58 -11.12
N ARG A 43 9.40 7.71 -11.69
CA ARG A 43 10.18 6.54 -12.06
C ARG A 43 10.34 5.59 -10.88
N ASP A 44 10.72 6.17 -9.75
CA ASP A 44 10.91 5.40 -8.53
C ASP A 44 9.56 4.85 -8.06
N VAL A 45 8.51 5.45 -8.58
CA VAL A 45 7.16 5.04 -8.23
C VAL A 45 7.06 4.90 -6.70
N LEU A 46 7.85 5.72 -6.02
CA LEU A 46 7.86 5.69 -4.56
C LEU A 46 7.53 7.10 -4.03
N ARG A 47 6.31 7.53 -4.29
CA ARG A 47 5.86 8.83 -3.85
C ARG A 47 4.89 8.70 -2.68
N GLU A 48 4.85 7.50 -2.12
CA GLU A 48 3.98 7.22 -0.99
C GLU A 48 4.78 7.17 0.30
N HIS A 49 5.71 8.11 0.44
CA HIS A 49 6.54 8.18 1.62
C HIS A 49 7.16 6.80 1.89
N ILE A 50 7.82 6.70 3.04
CA ILE A 50 8.46 5.46 3.42
C ILE A 50 8.35 5.28 4.94
N HIS A 51 7.21 4.77 5.37
CA HIS A 51 6.98 4.55 6.78
C HIS A 51 8.23 3.96 7.44
N ILE A 52 8.94 4.82 8.15
CA ILE A 52 10.16 4.38 8.82
C ILE A 52 10.07 4.74 10.31
N ASP A 53 9.78 3.73 11.10
CA ASP A 53 9.66 3.92 12.54
C ASP A 53 10.96 3.48 13.22
N GLY A 54 11.81 4.48 13.49
CA GLY A 54 13.08 4.20 14.13
C GLY A 54 14.10 5.30 13.80
N MET A 55 14.61 5.25 12.59
CA MET A 55 15.59 6.22 12.14
C MET A 55 15.15 6.89 10.83
N PRO A 56 15.54 8.18 10.68
CA PRO A 56 15.18 8.94 9.49
C PRO A 56 16.03 8.50 8.29
N LEU A 57 17.29 8.24 8.57
CA LEU A 57 18.22 7.81 7.53
C LEU A 57 17.87 6.40 7.09
N HIS A 58 17.01 6.31 6.08
CA HIS A 58 16.58 5.02 5.56
C HIS A 58 15.66 5.24 4.36
N ILE A 59 16.27 5.30 3.18
CA ILE A 59 15.53 5.49 1.95
C ILE A 59 15.09 4.14 1.41
N ILE A 60 13.80 4.05 1.09
CA ILE A 60 13.25 2.82 0.56
C ILE A 60 12.90 3.03 -0.92
N ASP A 61 12.66 1.90 -1.60
CA ASP A 61 12.32 1.94 -3.00
C ASP A 61 11.22 0.91 -3.29
N THR A 62 10.20 1.38 -4.01
CA THR A 62 9.08 0.52 -4.34
C THR A 62 9.02 0.29 -5.86
N ALA A 63 10.16 -0.10 -6.41
CA ALA A 63 10.26 -0.35 -7.84
C ALA A 63 9.01 -1.11 -8.30
N GLY A 64 9.06 -2.41 -8.14
CA GLY A 64 7.94 -3.26 -8.54
C GLY A 64 8.07 -3.68 -10.00
N LEU A 65 9.29 -3.60 -10.50
CA LEU A 65 9.56 -3.97 -11.87
C LEU A 65 11.07 -3.97 -12.12
N ARG A 66 11.45 -4.35 -13.33
CA ARG A 66 12.85 -4.40 -13.69
C ARG A 66 13.32 -3.02 -14.18
N GLU A 67 12.35 -2.21 -14.60
CA GLU A 67 12.65 -0.87 -15.09
C GLU A 67 12.73 0.11 -13.92
N ALA A 68 11.72 0.05 -13.07
CA ALA A 68 11.67 0.93 -11.91
C ALA A 68 12.68 0.45 -10.87
N SER A 69 13.31 -0.67 -11.17
CA SER A 69 14.30 -1.24 -10.27
C SER A 69 15.62 -0.47 -10.40
N ASP A 70 16.08 -0.35 -11.63
CA ASP A 70 17.33 0.35 -11.90
C ASP A 70 17.10 1.85 -11.77
N GLU A 71 15.98 2.30 -12.33
CA GLU A 71 15.64 3.71 -12.28
C GLU A 71 15.71 4.23 -10.85
N VAL A 72 15.11 3.47 -9.94
CA VAL A 72 15.10 3.83 -8.54
C VAL A 72 16.50 3.63 -7.96
N GLU A 73 17.28 2.79 -8.63
CA GLU A 73 18.63 2.51 -8.19
C GLU A 73 19.59 3.56 -8.72
N ARG A 74 19.22 4.82 -8.52
CA ARG A 74 20.04 5.93 -8.98
C ARG A 74 19.54 7.24 -8.36
N ILE A 75 18.24 7.42 -8.42
CA ILE A 75 17.63 8.62 -7.88
C ILE A 75 17.88 8.68 -6.37
N GLY A 76 18.01 7.51 -5.78
CA GLY A 76 18.26 7.41 -4.35
C GLY A 76 19.74 7.14 -4.06
N ILE A 77 20.58 7.58 -4.98
CA ILE A 77 22.02 7.39 -4.84
C ILE A 77 22.29 5.95 -4.39
N GLU A 78 22.39 5.07 -5.38
CA GLU A 78 22.65 3.67 -5.09
C GLU A 78 23.30 2.99 -6.31
N ARG A 79 23.94 1.87 -6.04
CA ARG A 79 24.60 1.12 -7.11
C ARG A 79 23.69 1.02 -8.33
N ALA A 80 24.28 0.59 -9.43
CA ALA A 80 23.54 0.43 -10.67
C ALA A 80 22.53 -0.72 -10.53
N TRP A 81 23.08 -1.91 -10.33
CA TRP A 81 22.25 -3.09 -10.16
C TRP A 81 22.18 -3.43 -8.67
N GLN A 82 21.53 -4.54 -8.39
CA GLN A 82 21.38 -4.99 -7.01
C GLN A 82 20.32 -4.16 -6.29
N GLU A 83 20.18 -4.41 -5.00
CA GLU A 83 19.20 -3.70 -4.20
C GLU A 83 17.79 -4.08 -4.61
N ILE A 84 16.85 -3.88 -3.69
CA ILE A 84 15.46 -4.20 -3.95
C ILE A 84 15.32 -5.71 -4.17
N GLU A 85 14.14 -6.22 -3.84
CA GLU A 85 13.86 -7.63 -3.98
C GLU A 85 12.48 -7.85 -4.61
N GLN A 86 11.47 -7.41 -3.87
CA GLN A 86 10.11 -7.54 -4.33
C GLN A 86 9.13 -7.27 -3.18
N ALA A 87 7.99 -6.68 -3.53
CA ALA A 87 6.98 -6.37 -2.55
C ALA A 87 6.21 -7.64 -2.18
N ASP A 88 5.53 -7.58 -1.05
CA ASP A 88 4.75 -8.72 -0.59
C ASP A 88 3.51 -8.22 0.15
N ARG A 89 2.89 -7.20 -0.42
CA ARG A 89 1.70 -6.62 0.17
C ARG A 89 1.13 -5.53 -0.74
N VAL A 90 -0.15 -5.67 -1.06
CA VAL A 90 -0.82 -4.71 -1.91
C VAL A 90 -2.12 -4.27 -1.25
N LEU A 91 -2.07 -3.11 -0.61
CA LEU A 91 -3.25 -2.57 0.05
C LEU A 91 -4.19 -1.96 -0.98
N PHE A 92 -5.08 -2.81 -1.49
CA PHE A 92 -6.04 -2.37 -2.49
C PHE A 92 -7.31 -1.84 -1.83
N MET A 93 -7.45 -0.52 -1.85
CA MET A 93 -8.60 0.13 -1.26
C MET A 93 -9.68 0.41 -2.31
N VAL A 94 -10.88 0.65 -1.84
CA VAL A 94 -11.99 0.94 -2.73
C VAL A 94 -12.81 2.11 -2.16
N ASP A 95 -13.81 2.51 -2.93
CA ASP A 95 -14.67 3.62 -2.51
C ASP A 95 -16.11 3.12 -2.40
N GLY A 96 -16.61 3.14 -1.17
CA GLY A 96 -17.97 2.69 -0.91
C GLY A 96 -18.33 1.50 -1.79
N THR A 97 -19.61 1.40 -2.10
CA THR A 97 -20.10 0.31 -2.93
C THR A 97 -19.91 0.65 -4.41
N THR A 98 -19.30 1.79 -4.65
CA THR A 98 -19.06 2.23 -6.02
C THR A 98 -17.83 1.52 -6.59
N THR A 99 -18.09 0.35 -7.18
CA THR A 99 -17.03 -0.44 -7.77
C THR A 99 -17.07 -0.33 -9.29
N ASP A 100 -16.73 0.85 -9.78
CA ASP A 100 -16.74 1.10 -11.21
C ASP A 100 -15.80 0.09 -11.89
N ALA A 101 -15.50 0.37 -13.15
CA ALA A 101 -14.63 -0.50 -13.93
C ALA A 101 -13.19 0.00 -13.80
N VAL A 102 -12.86 0.46 -12.61
CA VAL A 102 -11.52 0.97 -12.34
C VAL A 102 -10.85 0.09 -11.27
N ASP A 103 -11.66 -0.37 -10.34
CA ASP A 103 -11.17 -1.21 -9.26
C ASP A 103 -10.94 -2.63 -9.80
N PRO A 104 -11.97 -3.15 -10.51
CA PRO A 104 -11.88 -4.48 -11.08
C PRO A 104 -10.98 -4.50 -12.31
N ALA A 105 -10.49 -3.31 -12.67
CA ALA A 105 -9.62 -3.19 -13.82
C ALA A 105 -8.17 -3.03 -13.34
N GLU A 106 -8.03 -2.86 -12.04
CA GLU A 106 -6.72 -2.70 -11.44
C GLU A 106 -6.39 -3.89 -10.54
N ILE A 107 -7.35 -4.81 -10.46
CA ILE A 107 -7.18 -6.00 -9.64
C ILE A 107 -6.61 -7.14 -10.50
N TRP A 108 -6.53 -6.87 -11.79
CA TRP A 108 -6.00 -7.85 -12.72
C TRP A 108 -4.52 -8.07 -12.38
N PRO A 109 -3.75 -6.95 -12.38
CA PRO A 109 -2.33 -7.02 -12.08
C PRO A 109 -2.10 -7.22 -10.58
N GLU A 110 -2.71 -8.29 -10.06
CA GLU A 110 -2.57 -8.60 -8.65
C GLU A 110 -3.13 -9.99 -8.37
N PHE A 111 -4.31 -10.25 -8.93
CA PHE A 111 -4.96 -11.54 -8.74
C PHE A 111 -3.95 -12.68 -8.78
N ILE A 112 -3.01 -12.56 -9.72
CA ILE A 112 -1.98 -13.58 -9.87
C ILE A 112 -0.68 -13.08 -9.23
N ALA A 113 -0.29 -13.75 -8.17
CA ALA A 113 0.93 -13.39 -7.46
C ALA A 113 1.02 -14.20 -6.16
N ARG A 114 2.07 -13.93 -5.41
CA ARG A 114 2.29 -14.63 -4.15
C ARG A 114 1.97 -13.71 -2.96
N LEU A 115 1.94 -12.42 -3.26
CA LEU A 115 1.64 -11.43 -2.24
C LEU A 115 0.13 -11.33 -2.04
N PRO A 116 -0.27 -11.17 -0.76
CA PRO A 116 -1.68 -11.06 -0.41
C PRO A 116 -2.24 -9.70 -0.81
N ALA A 117 -3.53 -9.52 -0.53
CA ALA A 117 -4.20 -8.26 -0.85
C ALA A 117 -5.24 -7.96 0.22
N LYS A 118 -5.18 -6.73 0.72
CA LYS A 118 -6.11 -6.29 1.74
C LYS A 118 -7.19 -5.41 1.11
N LEU A 119 -8.43 -5.81 1.33
CA LEU A 119 -9.56 -5.07 0.78
C LEU A 119 -10.41 -4.52 1.94
N PRO A 120 -10.78 -3.22 1.82
CA PRO A 120 -11.59 -2.57 2.83
C PRO A 120 -13.05 -3.05 2.76
N ILE A 121 -13.92 -2.26 3.38
CA ILE A 121 -15.34 -2.58 3.40
C ILE A 121 -16.15 -1.29 3.27
N THR A 122 -15.79 -0.33 4.10
CA THR A 122 -16.47 0.96 4.09
C THR A 122 -17.89 0.80 4.63
N VAL A 123 -17.98 0.66 5.95
CA VAL A 123 -19.27 0.50 6.60
C VAL A 123 -20.16 1.70 6.26
N VAL A 124 -19.64 2.88 6.56
CA VAL A 124 -20.37 4.11 6.29
C VAL A 124 -21.87 3.86 6.47
N ARG A 125 -22.66 4.57 5.69
CA ARG A 125 -24.10 4.43 5.75
C ARG A 125 -24.52 3.00 5.40
N ASN A 126 -25.07 2.32 6.40
CA ASN A 126 -25.51 0.95 6.22
C ASN A 126 -26.74 0.93 5.30
N LYS A 127 -26.55 1.44 4.09
CA LYS A 127 -27.62 1.48 3.12
C LYS A 127 -27.80 0.10 2.49
N ALA A 128 -28.66 0.05 1.49
CA ALA A 128 -28.93 -1.21 0.80
C ALA A 128 -27.77 -1.52 -0.15
N ASP A 129 -26.58 -1.57 0.43
CA ASP A 129 -25.38 -1.86 -0.34
C ASP A 129 -24.36 -2.57 0.56
N ILE A 130 -24.18 -2.03 1.75
CA ILE A 130 -23.25 -2.59 2.70
C ILE A 130 -23.32 -4.12 2.63
N THR A 131 -24.52 -4.61 2.35
CA THR A 131 -24.74 -6.04 2.26
C THR A 131 -24.36 -6.55 0.86
N GLY A 132 -24.94 -5.90 -0.13
CA GLY A 132 -24.67 -6.27 -1.52
C GLY A 132 -23.20 -6.08 -1.87
N GLU A 133 -22.49 -5.42 -0.97
CA GLU A 133 -21.07 -5.15 -1.17
C GLU A 133 -20.24 -6.16 -0.37
N THR A 134 -20.54 -6.24 0.92
CA THR A 134 -19.82 -7.16 1.80
C THR A 134 -19.60 -8.50 1.10
N LEU A 135 -20.65 -8.97 0.42
CA LEU A 135 -20.57 -10.23 -0.29
C LEU A 135 -20.25 -9.96 -1.76
N GLY A 136 -20.72 -8.82 -2.24
CA GLY A 136 -20.49 -8.44 -3.62
C GLY A 136 -19.01 -8.52 -3.97
N MET A 137 -18.18 -8.04 -3.05
CA MET A 137 -16.74 -8.06 -3.25
C MET A 137 -16.17 -9.44 -2.95
N SER A 138 -16.61 -10.42 -3.73
CA SER A 138 -16.15 -11.78 -3.57
C SER A 138 -15.14 -12.13 -4.66
N GLU A 139 -14.25 -11.19 -4.92
CA GLU A 139 -13.22 -11.38 -5.93
C GLU A 139 -11.88 -11.72 -5.28
N VAL A 140 -11.55 -13.00 -5.33
CA VAL A 140 -10.30 -13.48 -4.76
C VAL A 140 -10.41 -13.45 -3.23
N ASN A 141 -9.47 -14.14 -2.59
CA ASN A 141 -9.45 -14.20 -1.14
C ASN A 141 -8.78 -12.93 -0.59
N GLY A 142 -9.59 -12.14 0.10
CA GLY A 142 -9.09 -10.90 0.69
C GLY A 142 -7.90 -11.17 1.63
N HIS A 143 -8.15 -10.98 2.91
CA HIS A 143 -7.13 -11.20 3.92
C HIS A 143 -7.67 -10.82 5.30
N ALA A 144 -7.90 -9.54 5.47
CA ALA A 144 -8.42 -9.04 6.74
C ALA A 144 -9.86 -8.58 6.54
N LEU A 145 -10.12 -8.03 5.36
CA LEU A 145 -11.45 -7.55 5.05
C LEU A 145 -11.99 -6.72 6.22
N ILE A 146 -11.41 -5.55 6.39
CA ILE A 146 -11.81 -4.66 7.47
C ILE A 146 -12.07 -3.26 6.90
N ARG A 147 -13.04 -2.57 7.51
CA ARG A 147 -13.39 -1.23 7.07
C ARG A 147 -12.46 -0.21 7.71
N LEU A 148 -12.55 1.02 7.22
CA LEU A 148 -11.73 2.10 7.73
C LEU A 148 -12.24 3.43 7.17
N SER A 149 -11.53 4.49 7.54
CA SER A 149 -11.89 5.82 7.08
C SER A 149 -10.63 6.65 6.80
N ALA A 150 -10.80 7.65 5.95
CA ALA A 150 -9.69 8.52 5.59
C ALA A 150 -9.27 9.33 6.82
N ARG A 151 -9.97 10.43 7.03
CA ARG A 151 -9.68 11.30 8.16
C ARG A 151 -9.88 10.54 9.48
N THR A 152 -11.13 10.29 9.79
CA THR A 152 -11.48 9.58 11.01
C THR A 152 -11.10 8.09 10.89
N GLY A 153 -9.82 7.86 10.69
CA GLY A 153 -9.32 6.50 10.54
C GLY A 153 -9.75 5.63 11.74
N GLU A 154 -10.82 4.89 11.54
CA GLU A 154 -11.33 4.03 12.59
C GLU A 154 -10.35 2.89 12.87
N GLY A 155 -9.94 2.21 11.81
CA GLY A 155 -9.00 1.11 11.92
C GLY A 155 -7.81 1.30 10.98
N VAL A 156 -6.94 2.23 11.36
CA VAL A 156 -5.76 2.52 10.56
C VAL A 156 -4.57 1.72 11.11
N ASP A 157 -4.67 1.37 12.37
CA ASP A 157 -3.62 0.62 13.03
C ASP A 157 -3.65 -0.84 12.53
N VAL A 158 -4.86 -1.37 12.46
CA VAL A 158 -5.04 -2.74 12.00
C VAL A 158 -4.10 -3.01 10.83
N LEU A 159 -4.02 -2.04 9.93
CA LEU A 159 -3.17 -2.16 8.77
C LEU A 159 -1.71 -2.14 9.20
N ARG A 160 -1.39 -1.17 10.07
CA ARG A 160 -0.04 -1.03 10.57
C ARG A 160 0.46 -2.36 11.12
N ASN A 161 -0.30 -2.91 12.06
CA ASN A 161 0.06 -4.17 12.67
C ASN A 161 0.36 -5.20 11.57
N HIS A 162 -0.50 -5.21 10.56
CA HIS A 162 -0.33 -6.13 9.45
C HIS A 162 0.44 -5.44 8.32
N LEU A 163 1.56 -4.85 8.70
CA LEU A 163 2.40 -4.15 7.74
C LEU A 163 3.86 -4.56 7.94
N LYS A 164 4.29 -4.48 9.19
CA LYS A 164 5.65 -4.85 9.53
C LYS A 164 5.79 -6.37 9.57
N GLN A 165 4.63 -7.03 9.59
CA GLN A 165 4.60 -8.49 9.62
C GLN A 165 4.95 -9.05 8.25
N SER A 166 4.56 -8.30 7.22
CA SER A 166 4.83 -8.72 5.85
C SER A 166 6.33 -8.98 5.66
N MET A 167 7.10 -7.90 5.78
CA MET A 167 8.54 -7.99 5.63
C MET A 167 9.25 -7.00 6.56
N GLY A 168 10.51 -7.31 6.84
CA GLY A 168 11.31 -6.45 7.70
C GLY A 168 12.78 -6.89 7.69
N ILE A 169 12.97 -8.20 7.83
CA ILE A 169 14.31 -8.76 7.84
C ILE A 169 15.16 -8.07 6.76
N HIS A 170 14.49 -7.75 5.66
CA HIS A 170 15.16 -7.10 4.55
C HIS A 170 15.79 -5.79 5.02
N ARG A 171 17.02 -5.56 4.57
CA ARG A 171 17.73 -4.35 4.94
C ARG A 171 18.97 -4.18 4.06
N ASP A 172 19.73 -5.26 3.94
CA ASP A 172 20.93 -5.25 3.14
C ASP A 172 20.58 -4.92 1.69
N GLY A 1 13.47 -2.89 15.86
CA GLY A 1 14.37 -4.02 15.70
C GLY A 1 15.53 -3.95 16.70
N SER A 2 15.72 -5.07 17.40
CA SER A 2 16.77 -5.15 18.39
C SER A 2 18.09 -5.59 17.73
N LEU A 3 18.06 -6.82 17.21
CA LEU A 3 19.23 -7.37 16.56
C LEU A 3 18.79 -8.36 15.47
N LEU A 4 18.21 -7.81 14.42
CA LEU A 4 17.73 -8.63 13.32
C LEU A 4 17.47 -7.74 12.10
N ARG A 5 16.66 -6.71 12.32
CA ARG A 5 16.32 -5.78 11.26
C ARG A 5 15.38 -6.45 10.26
N GLU A 6 14.50 -5.62 9.70
CA GLU A 6 13.54 -6.12 8.73
C GLU A 6 12.77 -4.95 8.09
N GLY A 7 12.91 -4.85 6.78
CA GLY A 7 12.23 -3.78 6.04
C GLY A 7 11.60 -4.32 4.76
N MET A 8 10.90 -3.43 4.07
CA MET A 8 10.23 -3.80 2.84
C MET A 8 9.39 -2.64 2.30
N LYS A 9 8.69 -2.93 1.20
CA LYS A 9 7.85 -1.91 0.58
C LYS A 9 6.40 -2.41 0.57
N VAL A 10 5.49 -1.47 0.41
CA VAL A 10 4.06 -1.80 0.38
C VAL A 10 3.39 -1.01 -0.75
N VAL A 11 3.04 -1.73 -1.80
CA VAL A 11 2.39 -1.12 -2.94
C VAL A 11 0.87 -1.11 -2.72
N ILE A 12 0.26 -0.01 -3.13
CA ILE A 12 -1.19 0.13 -2.97
C ILE A 12 -1.77 0.65 -4.29
N ALA A 13 -2.81 -0.03 -4.75
CA ALA A 13 -3.48 0.36 -5.98
C ALA A 13 -4.96 0.61 -5.70
N GLY A 14 -5.43 1.75 -6.18
CA GLY A 14 -6.82 2.14 -5.99
C GLY A 14 -7.19 3.34 -6.86
N ARG A 15 -8.42 3.32 -7.36
CA ARG A 15 -8.90 4.40 -8.20
C ARG A 15 -8.41 5.74 -7.68
N PRO A 16 -8.37 6.74 -8.61
CA PRO A 16 -7.92 8.07 -8.25
C PRO A 16 -8.98 8.81 -7.44
N ASN A 17 -9.34 8.22 -6.31
CA ASN A 17 -10.34 8.81 -5.44
C ASN A 17 -10.73 7.81 -4.35
N ALA A 18 -11.39 8.32 -3.33
CA ALA A 18 -11.82 7.48 -2.22
C ALA A 18 -10.64 7.23 -1.28
N GLY A 19 -10.09 8.33 -0.77
CA GLY A 19 -8.96 8.26 0.14
C GLY A 19 -7.65 8.14 -0.63
N LYS A 20 -7.07 6.95 -0.59
CA LYS A 20 -5.81 6.70 -1.28
C LYS A 20 -4.69 7.41 -0.54
N SER A 21 -4.61 8.72 -0.76
CA SER A 21 -3.58 9.53 -0.13
C SER A 21 -3.91 9.70 1.36
N SER A 22 -5.19 9.81 1.65
CA SER A 22 -5.64 9.99 3.03
C SER A 22 -4.95 8.96 3.94
N LEU A 23 -5.09 7.70 3.57
CA LEU A 23 -4.49 6.63 4.33
C LEU A 23 -2.98 6.84 4.41
N LEU A 24 -2.42 7.28 3.29
CA LEU A 24 -0.99 7.53 3.22
C LEU A 24 -0.56 8.38 4.43
N ASN A 25 -1.07 9.59 4.46
CA ASN A 25 -0.75 10.51 5.54
C ASN A 25 -0.82 9.75 6.88
N ALA A 26 -2.02 9.32 7.23
CA ALA A 26 -2.22 8.59 8.46
C ALA A 26 -1.13 7.54 8.61
N LEU A 27 -1.00 6.72 7.58
CA LEU A 27 0.00 5.66 7.59
C LEU A 27 1.35 6.25 8.00
N ALA A 28 1.81 7.21 7.22
CA ALA A 28 3.08 7.86 7.50
C ALA A 28 3.19 8.13 9.00
N GLY A 29 2.29 8.96 9.49
CA GLY A 29 2.29 9.30 10.90
C GLY A 29 2.66 10.77 11.12
N ARG A 30 3.77 11.16 10.51
CA ARG A 30 4.26 12.53 10.61
C ARG A 30 3.08 13.50 10.58
N GLU A 31 2.86 14.15 11.71
CA GLU A 31 1.78 15.12 11.83
C GLU A 31 1.66 15.94 10.53
N ALA A 32 2.75 16.60 10.17
CA ALA A 32 2.78 17.41 8.97
C ALA A 32 3.10 16.52 7.77
N ALA A 33 2.05 16.14 7.05
CA ALA A 33 2.21 15.29 5.88
C ALA A 33 2.18 16.17 4.62
N ILE A 34 2.56 15.55 3.51
CA ILE A 34 2.58 16.25 2.24
C ILE A 34 1.80 15.43 1.20
N VAL A 35 0.85 16.11 0.56
CA VAL A 35 0.03 15.46 -0.46
C VAL A 35 0.18 16.22 -1.78
N THR A 36 0.52 15.46 -2.82
CA THR A 36 0.69 16.05 -4.14
C THR A 36 -0.19 15.32 -5.16
N ASP A 37 -1.07 16.09 -5.79
CA ASP A 37 -1.97 15.53 -6.77
C ASP A 37 -1.46 15.88 -8.18
N ILE A 38 -0.91 14.88 -8.84
CA ILE A 38 -0.37 15.07 -10.17
C ILE A 38 -0.06 13.70 -10.79
N ALA A 39 -0.26 13.63 -12.10
CA ALA A 39 -0.01 12.39 -12.82
C ALA A 39 1.47 12.30 -13.17
N GLY A 40 2.30 12.30 -12.13
CA GLY A 40 3.73 12.22 -12.31
C GLY A 40 4.16 10.80 -12.69
N THR A 41 3.60 9.83 -11.98
CA THR A 41 3.91 8.44 -12.24
C THR A 41 5.42 8.22 -12.25
N THR A 42 6.06 8.74 -11.21
CA THR A 42 7.51 8.61 -11.08
C THR A 42 7.96 7.21 -11.52
N ARG A 43 9.11 7.17 -12.17
CA ARG A 43 9.66 5.91 -12.64
C ARG A 43 10.28 5.13 -11.47
N ASP A 44 10.42 5.83 -10.35
CA ASP A 44 10.99 5.20 -9.17
C ASP A 44 9.90 4.43 -8.42
N VAL A 45 8.69 4.52 -8.96
CA VAL A 45 7.55 3.83 -8.37
C VAL A 45 7.25 4.45 -6.99
N LEU A 46 8.17 4.24 -6.07
CA LEU A 46 8.00 4.77 -4.73
C LEU A 46 7.39 6.16 -4.80
N ARG A 47 6.09 6.21 -4.52
CA ARG A 47 5.37 7.47 -4.55
C ARG A 47 4.42 7.57 -3.35
N GLU A 48 4.69 6.74 -2.36
CA GLU A 48 3.87 6.72 -1.16
C GLU A 48 4.76 6.91 0.08
N HIS A 49 5.55 7.97 0.04
CA HIS A 49 6.45 8.28 1.15
C HIS A 49 7.16 7.01 1.60
N ILE A 50 7.83 7.11 2.74
CA ILE A 50 8.55 5.98 3.29
C ILE A 50 8.04 5.69 4.70
N HIS A 51 8.00 4.40 5.03
CA HIS A 51 7.55 3.98 6.35
C HIS A 51 8.74 3.56 7.19
N ILE A 52 9.15 4.45 8.08
CA ILE A 52 10.28 4.18 8.96
C ILE A 52 9.76 3.89 10.37
N ASP A 53 10.10 2.70 10.85
CA ASP A 53 9.68 2.28 12.17
C ASP A 53 10.92 2.05 13.04
N GLY A 54 11.78 1.18 12.55
CA GLY A 54 13.01 0.85 13.26
C GLY A 54 13.87 2.10 13.48
N MET A 55 14.19 2.74 12.36
CA MET A 55 15.01 3.94 12.41
C MET A 55 14.85 4.76 11.12
N PRO A 56 15.27 6.05 11.20
CA PRO A 56 15.19 6.94 10.06
C PRO A 56 16.27 6.62 9.03
N LEU A 57 16.48 7.56 8.12
CA LEU A 57 17.49 7.39 7.08
C LEU A 57 17.42 5.96 6.54
N HIS A 58 16.19 5.46 6.43
CA HIS A 58 15.97 4.13 5.92
C HIS A 58 15.16 4.19 4.62
N ILE A 59 15.87 4.03 3.52
CA ILE A 59 15.24 4.08 2.21
C ILE A 59 14.99 2.65 1.72
N ILE A 60 13.86 2.47 1.04
CA ILE A 60 13.50 1.17 0.51
C ILE A 60 13.27 1.27 -0.99
N ASP A 61 12.24 2.02 -1.36
CA ASP A 61 11.91 2.20 -2.77
C ASP A 61 11.13 0.98 -3.26
N THR A 62 9.81 1.14 -3.28
CA THR A 62 8.93 0.07 -3.74
C THR A 62 9.46 -0.54 -5.03
N ALA A 63 9.78 0.34 -5.97
CA ALA A 63 10.30 -0.10 -7.26
C ALA A 63 9.25 -0.96 -7.96
N GLY A 64 9.71 -1.71 -8.95
CA GLY A 64 8.82 -2.58 -9.70
C GLY A 64 9.60 -3.74 -10.32
N LEU A 65 10.16 -3.49 -11.50
CA LEU A 65 10.92 -4.50 -12.20
C LEU A 65 11.64 -3.86 -13.40
N ARG A 66 12.89 -4.24 -13.57
CA ARG A 66 13.68 -3.71 -14.67
C ARG A 66 13.84 -2.20 -14.53
N GLU A 67 12.89 -1.49 -15.13
CA GLU A 67 12.90 -0.04 -15.09
C GLU A 67 12.99 0.45 -13.64
N ALA A 68 11.86 0.37 -12.96
CA ALA A 68 11.79 0.79 -11.57
C ALA A 68 12.98 0.20 -10.81
N SER A 69 13.36 -1.00 -11.21
CA SER A 69 14.47 -1.68 -10.57
C SER A 69 15.79 -1.16 -11.13
N ASP A 70 15.94 0.15 -11.10
CA ASP A 70 17.15 0.79 -11.60
C ASP A 70 17.18 2.25 -11.15
N GLU A 71 16.04 2.91 -11.30
CA GLU A 71 15.93 4.30 -10.91
C GLU A 71 16.03 4.44 -9.40
N VAL A 72 15.52 3.43 -8.71
CA VAL A 72 15.54 3.42 -7.26
C VAL A 72 16.99 3.37 -6.77
N GLU A 73 17.88 2.99 -7.69
CA GLU A 73 19.30 2.90 -7.37
C GLU A 73 20.01 4.18 -7.79
N ARG A 74 19.54 4.76 -8.88
CA ARG A 74 20.12 5.98 -9.39
C ARG A 74 19.81 7.16 -8.46
N ILE A 75 18.55 7.21 -8.05
CA ILE A 75 18.11 8.27 -7.16
C ILE A 75 18.83 8.15 -5.81
N GLY A 76 18.97 6.89 -5.37
CA GLY A 76 19.62 6.62 -4.11
C GLY A 76 21.14 6.50 -4.30
N ILE A 77 21.58 6.79 -5.51
CA ILE A 77 22.99 6.72 -5.83
C ILE A 77 23.60 5.48 -5.17
N GLU A 78 23.48 4.36 -5.84
CA GLU A 78 24.01 3.11 -5.33
C GLU A 78 24.17 2.09 -6.46
N ARG A 79 25.32 2.15 -7.11
CA ARG A 79 25.61 1.24 -8.21
C ARG A 79 24.48 1.27 -9.24
N ALA A 80 24.61 0.41 -10.24
CA ALA A 80 23.61 0.33 -11.29
C ALA A 80 22.59 -0.76 -10.93
N TRP A 81 23.11 -1.95 -10.69
CA TRP A 81 22.27 -3.08 -10.34
C TRP A 81 22.71 -3.59 -8.97
N GLN A 82 21.92 -3.26 -7.96
CA GLN A 82 22.23 -3.68 -6.60
C GLN A 82 21.50 -4.98 -6.28
N GLU A 83 20.20 -4.86 -6.05
CA GLU A 83 19.39 -6.03 -5.73
C GLU A 83 17.91 -5.64 -5.65
N ILE A 84 17.56 -5.03 -4.51
CA ILE A 84 16.18 -4.61 -4.30
C ILE A 84 15.27 -5.83 -4.30
N GLU A 85 14.29 -5.79 -3.41
CA GLU A 85 13.33 -6.89 -3.30
C GLU A 85 12.01 -6.50 -3.98
N GLN A 86 11.14 -7.50 -4.11
CA GLN A 86 9.84 -7.27 -4.72
C GLN A 86 8.75 -7.19 -3.64
N ALA A 87 7.97 -6.13 -3.73
CA ALA A 87 6.89 -5.92 -2.77
C ALA A 87 6.21 -7.25 -2.48
N ASP A 88 5.61 -7.33 -1.31
CA ASP A 88 4.91 -8.53 -0.89
C ASP A 88 3.74 -8.16 0.01
N ARG A 89 2.90 -7.27 -0.49
CA ARG A 89 1.73 -6.83 0.26
C ARG A 89 0.99 -5.73 -0.51
N VAL A 90 -0.07 -6.14 -1.17
CA VAL A 90 -0.88 -5.21 -1.94
C VAL A 90 -2.15 -4.87 -1.17
N LEU A 91 -2.46 -3.58 -1.14
CA LEU A 91 -3.65 -3.11 -0.44
C LEU A 91 -4.35 -2.05 -1.29
N PHE A 92 -5.55 -2.40 -1.74
CA PHE A 92 -6.33 -1.49 -2.56
C PHE A 92 -7.56 -0.99 -1.80
N MET A 93 -7.65 0.33 -1.68
CA MET A 93 -8.78 0.93 -0.99
C MET A 93 -10.01 1.01 -1.89
N VAL A 94 -11.17 1.06 -1.25
CA VAL A 94 -12.42 1.12 -1.98
C VAL A 94 -13.45 1.88 -1.15
N ASP A 95 -14.27 2.67 -1.84
CA ASP A 95 -15.30 3.45 -1.18
C ASP A 95 -16.16 2.52 -0.31
N GLY A 96 -16.89 1.65 -0.99
CA GLY A 96 -17.77 0.71 -0.30
C GLY A 96 -18.85 0.18 -1.24
N THR A 97 -19.83 1.04 -1.49
CA THR A 97 -20.94 0.68 -2.36
C THR A 97 -20.77 1.34 -3.72
N THR A 98 -19.55 1.33 -4.22
CA THR A 98 -19.24 1.91 -5.51
C THR A 98 -18.60 0.88 -6.44
N THR A 99 -18.98 0.96 -7.70
CA THR A 99 -18.45 0.03 -8.69
C THR A 99 -18.22 0.75 -10.02
N ASP A 100 -17.18 0.32 -10.72
CA ASP A 100 -16.85 0.91 -12.00
C ASP A 100 -15.83 0.02 -12.72
N ALA A 101 -15.25 0.57 -13.78
CA ALA A 101 -14.25 -0.16 -14.55
C ALA A 101 -12.86 0.35 -14.20
N VAL A 102 -12.78 1.04 -13.08
CA VAL A 102 -11.51 1.58 -12.62
C VAL A 102 -11.04 0.82 -11.38
N ASP A 103 -12.02 0.32 -10.64
CA ASP A 103 -11.72 -0.43 -9.42
C ASP A 103 -11.23 -1.83 -9.81
N PRO A 104 -11.99 -2.47 -10.73
CA PRO A 104 -11.66 -3.81 -11.18
C PRO A 104 -10.47 -3.77 -12.15
N ALA A 105 -10.12 -2.57 -12.57
CA ALA A 105 -9.01 -2.38 -13.48
C ALA A 105 -7.73 -2.16 -12.68
N GLU A 106 -7.41 -3.15 -11.87
CA GLU A 106 -6.21 -3.07 -11.04
C GLU A 106 -6.17 -4.24 -10.05
N ILE A 107 -7.36 -4.66 -9.63
CA ILE A 107 -7.48 -5.75 -8.70
C ILE A 107 -7.27 -7.08 -9.43
N TRP A 108 -7.82 -7.14 -10.64
CA TRP A 108 -7.71 -8.34 -11.46
C TRP A 108 -6.22 -8.64 -11.64
N PRO A 109 -5.50 -7.65 -12.24
CA PRO A 109 -4.07 -7.81 -12.49
C PRO A 109 -3.28 -7.64 -11.19
N GLU A 110 -3.66 -8.43 -10.20
CA GLU A 110 -2.99 -8.38 -8.90
C GLU A 110 -2.96 -9.76 -8.27
N PHE A 111 -4.15 -10.29 -8.03
CA PHE A 111 -4.27 -11.61 -7.42
C PHE A 111 -3.18 -12.55 -7.93
N ILE A 112 -2.91 -12.46 -9.23
CA ILE A 112 -1.90 -13.29 -9.85
C ILE A 112 -0.52 -12.86 -9.35
N ALA A 113 -0.20 -13.30 -8.14
CA ALA A 113 1.08 -12.98 -7.53
C ALA A 113 1.23 -13.75 -6.23
N ARG A 114 2.48 -13.83 -5.78
CA ARG A 114 2.78 -14.53 -4.54
C ARG A 114 2.86 -13.55 -3.37
N LEU A 115 1.75 -12.89 -3.12
CA LEU A 115 1.67 -11.93 -2.04
C LEU A 115 0.22 -11.77 -1.60
N PRO A 116 0.03 -11.62 -0.27
CA PRO A 116 -1.30 -11.44 0.30
C PRO A 116 -1.83 -10.03 0.03
N ALA A 117 -3.13 -9.98 -0.24
CA ALA A 117 -3.78 -8.70 -0.51
C ALA A 117 -5.06 -8.60 0.29
N LYS A 118 -5.12 -7.58 1.14
CA LYS A 118 -6.28 -7.37 1.98
C LYS A 118 -7.34 -6.59 1.19
N LEU A 119 -8.53 -6.50 1.77
CA LEU A 119 -9.62 -5.79 1.13
C LEU A 119 -10.42 -5.02 2.20
N PRO A 120 -10.41 -3.67 2.05
CA PRO A 120 -11.12 -2.81 2.98
C PRO A 120 -12.63 -2.87 2.74
N ILE A 121 -13.36 -3.06 3.83
CA ILE A 121 -14.80 -3.13 3.75
C ILE A 121 -15.42 -1.87 4.38
N THR A 122 -16.43 -1.35 3.70
CA THR A 122 -17.10 -0.15 4.19
C THR A 122 -18.03 -0.49 5.36
N VAL A 123 -18.40 0.54 6.09
CA VAL A 123 -19.28 0.37 7.24
C VAL A 123 -20.14 1.62 7.42
N VAL A 124 -20.62 2.13 6.30
CA VAL A 124 -21.46 3.32 6.31
C VAL A 124 -22.90 2.92 6.57
N ARG A 125 -23.19 2.66 7.84
CA ARG A 125 -24.53 2.27 8.24
C ARG A 125 -25.18 1.40 7.15
N ASN A 126 -26.50 1.46 7.09
CA ASN A 126 -27.24 0.70 6.10
C ASN A 126 -26.64 0.94 4.73
N LYS A 127 -26.88 2.14 4.20
CA LYS A 127 -26.37 2.51 2.89
C LYS A 127 -26.51 1.31 1.95
N ALA A 128 -27.69 1.16 1.39
CA ALA A 128 -27.96 0.07 0.47
C ALA A 128 -27.38 -1.22 1.04
N ASP A 129 -27.29 -1.26 2.36
CA ASP A 129 -26.76 -2.43 3.04
C ASP A 129 -25.28 -2.61 2.66
N ILE A 130 -24.46 -2.74 3.69
CA ILE A 130 -23.02 -2.91 3.48
C ILE A 130 -22.64 -4.36 3.77
N THR A 131 -23.33 -5.26 3.10
CA THR A 131 -23.08 -6.69 3.27
C THR A 131 -23.15 -7.41 1.92
N GLY A 132 -24.34 -7.39 1.34
CA GLY A 132 -24.55 -8.04 0.06
C GLY A 132 -23.34 -7.83 -0.87
N GLU A 133 -22.92 -6.59 -0.98
CA GLU A 133 -21.79 -6.25 -1.82
C GLU A 133 -20.49 -6.75 -1.18
N THR A 134 -20.33 -6.42 0.09
CA THR A 134 -19.15 -6.82 0.82
C THR A 134 -18.74 -8.25 0.44
N LEU A 135 -19.48 -9.20 0.98
CA LEU A 135 -19.22 -10.60 0.70
C LEU A 135 -19.45 -10.88 -0.78
N GLY A 136 -20.13 -9.95 -1.43
CA GLY A 136 -20.43 -10.07 -2.84
C GLY A 136 -19.14 -10.01 -3.68
N MET A 137 -18.31 -9.03 -3.34
CA MET A 137 -17.05 -8.85 -4.04
C MET A 137 -15.95 -9.73 -3.45
N SER A 138 -16.18 -11.03 -3.49
CA SER A 138 -15.23 -11.98 -2.95
C SER A 138 -14.46 -12.65 -4.10
N GLU A 139 -14.19 -11.86 -5.12
CA GLU A 139 -13.46 -12.36 -6.29
C GLU A 139 -12.29 -13.24 -5.84
N VAL A 140 -11.45 -12.67 -4.99
CA VAL A 140 -10.29 -13.38 -4.48
C VAL A 140 -10.37 -13.44 -2.96
N ASN A 141 -9.86 -14.54 -2.41
CA ASN A 141 -9.86 -14.73 -0.97
C ASN A 141 -8.98 -13.67 -0.32
N GLY A 142 -9.55 -12.47 -0.19
CA GLY A 142 -8.82 -11.36 0.41
C GLY A 142 -8.16 -11.79 1.72
N HIS A 143 -6.90 -11.38 1.88
CA HIS A 143 -6.15 -11.71 3.07
C HIS A 143 -7.03 -11.51 4.31
N ALA A 144 -7.66 -10.34 4.37
CA ALA A 144 -8.52 -10.00 5.48
C ALA A 144 -9.47 -8.87 5.07
N LEU A 145 -10.47 -8.64 5.90
CA LEU A 145 -11.44 -7.60 5.64
C LEU A 145 -11.52 -6.67 6.86
N ILE A 146 -11.04 -5.45 6.67
CA ILE A 146 -11.05 -4.46 7.73
C ILE A 146 -11.50 -3.11 7.18
N ARG A 147 -12.33 -2.44 7.95
CA ARG A 147 -12.84 -1.14 7.54
C ARG A 147 -11.80 -0.05 7.81
N LEU A 148 -11.82 0.96 6.96
CA LEU A 148 -10.88 2.06 7.09
C LEU A 148 -11.64 3.39 6.99
N SER A 149 -11.30 4.31 7.87
CA SER A 149 -11.93 5.62 7.89
C SER A 149 -10.95 6.69 7.40
N ALA A 150 -9.68 6.47 7.74
CA ALA A 150 -8.65 7.41 7.35
C ALA A 150 -8.77 8.68 8.18
N ARG A 151 -9.91 9.33 8.05
CA ARG A 151 -10.18 10.56 8.78
C ARG A 151 -9.66 10.43 10.22
N THR A 152 -10.25 9.49 10.95
CA THR A 152 -9.86 9.26 12.33
C THR A 152 -9.08 7.95 12.45
N GLY A 153 -8.59 7.48 11.31
CA GLY A 153 -7.83 6.24 11.27
C GLY A 153 -8.44 5.20 12.20
N GLU A 154 -9.61 4.72 11.83
CA GLU A 154 -10.31 3.72 12.62
C GLU A 154 -9.39 2.53 12.90
N GLY A 155 -8.98 1.87 11.82
CA GLY A 155 -8.11 0.73 11.94
C GLY A 155 -6.80 0.95 11.17
N VAL A 156 -6.27 2.16 11.30
CA VAL A 156 -5.04 2.51 10.62
C VAL A 156 -3.87 1.76 11.28
N ASP A 157 -4.16 1.17 12.42
CA ASP A 157 -3.15 0.42 13.15
C ASP A 157 -3.17 -1.04 12.70
N VAL A 158 -4.36 -1.48 12.30
CA VAL A 158 -4.53 -2.85 11.83
C VAL A 158 -3.74 -3.05 10.54
N LEU A 159 -3.74 -2.01 9.71
CA LEU A 159 -3.03 -2.07 8.45
C LEU A 159 -1.62 -1.53 8.64
N ARG A 160 -1.17 -1.55 9.88
CA ARG A 160 0.16 -1.07 10.21
C ARG A 160 0.96 -2.16 10.92
N ASN A 161 0.29 -2.86 11.82
CA ASN A 161 0.92 -3.93 12.58
C ASN A 161 1.20 -5.11 11.63
N HIS A 162 0.12 -5.59 11.02
CA HIS A 162 0.23 -6.71 10.10
C HIS A 162 1.13 -6.33 8.93
N LEU A 163 1.17 -5.04 8.65
CA LEU A 163 1.98 -4.53 7.55
C LEU A 163 3.46 -4.71 7.90
N LYS A 164 3.80 -4.26 9.10
CA LYS A 164 5.18 -4.37 9.58
C LYS A 164 5.60 -5.83 9.60
N GLN A 165 4.59 -6.70 9.74
CA GLN A 165 4.84 -8.13 9.78
C GLN A 165 5.25 -8.64 8.39
N SER A 166 4.51 -8.19 7.40
CA SER A 166 4.78 -8.60 6.02
C SER A 166 6.26 -8.40 5.70
N MET A 167 6.78 -7.26 6.11
CA MET A 167 8.18 -6.93 5.88
C MET A 167 9.08 -8.05 6.38
N GLY A 168 9.61 -8.82 5.44
CA GLY A 168 10.49 -9.93 5.76
C GLY A 168 11.84 -9.42 6.28
N ILE A 169 12.73 -10.36 6.54
CA ILE A 169 14.07 -10.02 7.03
C ILE A 169 14.82 -9.24 5.95
N HIS A 170 15.62 -8.30 6.40
CA HIS A 170 16.40 -7.47 5.49
C HIS A 170 15.54 -6.33 4.96
N ARG A 171 16.19 -5.25 4.60
CA ARG A 171 15.50 -4.08 4.07
C ARG A 171 15.91 -3.84 2.61
N ASP A 172 16.92 -4.57 2.18
CA ASP A 172 17.41 -4.45 0.82
C ASP A 172 17.44 -2.97 0.43
N GLY A 1 16.46 -6.37 22.18
CA GLY A 1 17.74 -5.70 21.93
C GLY A 1 17.99 -5.53 20.43
N SER A 2 18.10 -4.28 20.03
CA SER A 2 18.34 -3.97 18.63
C SER A 2 19.52 -4.79 18.11
N LEU A 3 19.19 -5.92 17.50
CA LEU A 3 20.21 -6.81 16.95
C LEU A 3 19.91 -7.07 15.48
N LEU A 4 18.75 -7.67 15.23
CA LEU A 4 18.34 -7.97 13.88
C LEU A 4 17.99 -6.67 13.14
N ARG A 5 17.49 -6.83 11.93
CA ARG A 5 17.11 -5.68 11.12
C ARG A 5 16.05 -6.08 10.09
N GLU A 6 15.11 -5.19 9.88
CA GLU A 6 14.04 -5.43 8.92
C GLU A 6 14.08 -4.40 7.80
N GLY A 7 13.28 -4.64 6.78
CA GLY A 7 13.22 -3.74 5.64
C GLY A 7 12.44 -4.38 4.48
N MET A 8 11.37 -3.69 4.09
CA MET A 8 10.54 -4.18 3.00
C MET A 8 9.75 -3.03 2.36
N LYS A 9 9.24 -3.30 1.17
CA LYS A 9 8.47 -2.31 0.44
C LYS A 9 7.00 -2.72 0.41
N VAL A 10 6.14 -1.73 0.22
CA VAL A 10 4.71 -1.98 0.18
C VAL A 10 4.07 -1.07 -0.87
N VAL A 11 3.05 -1.58 -1.53
CA VAL A 11 2.34 -0.83 -2.53
C VAL A 11 0.89 -0.61 -2.10
N ILE A 12 0.34 0.53 -2.50
CA ILE A 12 -1.03 0.86 -2.17
C ILE A 12 -1.79 1.25 -3.43
N ALA A 13 -2.09 0.24 -4.25
CA ALA A 13 -2.81 0.47 -5.48
C ALA A 13 -4.29 0.67 -5.18
N GLY A 14 -4.99 1.28 -6.14
CA GLY A 14 -6.40 1.54 -5.98
C GLY A 14 -6.87 2.60 -6.98
N ARG A 15 -8.19 2.74 -7.07
CA ARG A 15 -8.78 3.71 -7.97
C ARG A 15 -8.55 5.13 -7.45
N PRO A 16 -8.58 6.11 -8.39
CA PRO A 16 -8.38 7.50 -8.03
C PRO A 16 -9.62 8.07 -7.34
N ASN A 17 -9.37 9.00 -6.43
CA ASN A 17 -10.46 9.64 -5.70
C ASN A 17 -11.22 8.57 -4.91
N ALA A 18 -10.61 8.14 -3.81
CA ALA A 18 -11.23 7.14 -2.96
C ALA A 18 -10.73 7.33 -1.52
N GLY A 19 -9.41 7.46 -1.39
CA GLY A 19 -8.81 7.65 -0.09
C GLY A 19 -7.47 6.91 0.01
N LYS A 20 -6.50 7.40 -0.75
CA LYS A 20 -5.18 6.79 -0.77
C LYS A 20 -4.16 7.81 -0.23
N SER A 21 -4.34 9.05 -0.62
CA SER A 21 -3.45 10.11 -0.19
C SER A 21 -3.61 10.35 1.31
N SER A 22 -4.85 10.62 1.70
CA SER A 22 -5.15 10.88 3.10
C SER A 22 -4.73 9.67 3.95
N LEU A 23 -5.06 8.49 3.46
CA LEU A 23 -4.73 7.26 4.16
C LEU A 23 -3.22 7.23 4.42
N LEU A 24 -2.46 7.52 3.38
CA LEU A 24 -1.01 7.53 3.49
C LEU A 24 -0.60 8.38 4.68
N ASN A 25 -1.15 9.59 4.74
CA ASN A 25 -0.85 10.50 5.83
C ASN A 25 -0.88 9.74 7.15
N ALA A 26 -1.99 9.06 7.38
CA ALA A 26 -2.15 8.28 8.61
C ALA A 26 -1.06 7.22 8.69
N LEU A 27 -1.05 6.35 7.68
CA LEU A 27 -0.06 5.28 7.63
C LEU A 27 1.29 5.86 7.18
N ALA A 28 1.88 6.65 8.06
CA ALA A 28 3.15 7.28 7.77
C ALA A 28 3.57 8.17 8.95
N GLY A 29 2.79 9.21 9.15
CA GLY A 29 3.06 10.14 10.23
C GLY A 29 3.11 11.58 9.72
N ARG A 30 4.28 12.19 9.87
CA ARG A 30 4.46 13.56 9.43
C ARG A 30 3.22 14.40 9.73
N GLU A 31 3.21 14.97 10.92
CA GLU A 31 2.09 15.80 11.35
C GLU A 31 1.58 16.65 10.19
N ALA A 32 2.54 17.17 9.42
CA ALA A 32 2.21 18.00 8.27
C ALA A 32 1.40 17.19 7.27
N ALA A 33 2.10 16.28 6.59
CA ALA A 33 1.46 15.42 5.60
C ALA A 33 1.10 16.26 4.37
N ILE A 34 1.98 16.24 3.39
CA ILE A 34 1.77 16.98 2.17
C ILE A 34 1.86 16.03 0.98
N VAL A 35 0.80 16.02 0.19
CA VAL A 35 0.74 15.17 -0.99
C VAL A 35 0.79 16.04 -2.25
N THR A 36 1.31 15.44 -3.31
CA THR A 36 1.43 16.14 -4.58
C THR A 36 0.38 15.62 -5.58
N ASP A 37 -0.23 16.57 -6.28
CA ASP A 37 -1.24 16.22 -7.26
C ASP A 37 -0.61 16.19 -8.66
N ILE A 38 0.19 15.17 -8.88
CA ILE A 38 0.87 15.01 -10.16
C ILE A 38 0.30 13.79 -10.89
N ALA A 39 0.38 13.83 -12.21
CA ALA A 39 -0.11 12.74 -13.03
C ALA A 39 1.06 11.85 -13.45
N GLY A 40 2.14 12.50 -13.84
CA GLY A 40 3.33 11.77 -14.28
C GLY A 40 3.59 10.57 -13.38
N THR A 41 3.74 9.42 -14.02
CA THR A 41 3.99 8.19 -13.29
C THR A 41 5.46 8.12 -12.83
N THR A 42 5.65 8.21 -11.52
CA THR A 42 6.97 8.17 -10.95
C THR A 42 7.63 6.82 -11.23
N ARG A 43 8.68 6.85 -12.03
CA ARG A 43 9.40 5.65 -12.39
C ARG A 43 9.90 4.93 -11.14
N ASP A 44 10.35 5.73 -10.18
CA ASP A 44 10.86 5.19 -8.93
C ASP A 44 9.72 4.50 -8.18
N VAL A 45 8.50 4.76 -8.64
CA VAL A 45 7.32 4.16 -8.03
C VAL A 45 7.14 4.74 -6.63
N LEU A 46 8.14 4.51 -5.79
CA LEU A 46 8.11 4.99 -4.43
C LEU A 46 7.47 6.38 -4.39
N ARG A 47 6.19 6.40 -4.07
CA ARG A 47 5.45 7.65 -3.99
C ARG A 47 4.54 7.65 -2.77
N GLU A 48 4.80 6.72 -1.87
CA GLU A 48 4.01 6.61 -0.65
C GLU A 48 4.89 6.82 0.58
N HIS A 49 5.61 7.94 0.57
CA HIS A 49 6.49 8.27 1.67
C HIS A 49 7.33 7.05 2.04
N ILE A 50 8.05 7.17 3.15
CA ILE A 50 8.88 6.08 3.63
C ILE A 50 8.70 5.92 5.13
N HIS A 51 7.70 5.11 5.49
CA HIS A 51 7.40 4.86 6.89
C HIS A 51 8.68 4.45 7.62
N ILE A 52 9.27 5.41 8.31
CA ILE A 52 10.50 5.16 9.06
C ILE A 52 10.22 4.14 10.16
N ASP A 53 9.71 4.65 11.28
CA ASP A 53 9.40 3.80 12.41
C ASP A 53 10.70 3.44 13.15
N GLY A 54 11.58 2.78 12.42
CA GLY A 54 12.86 2.37 12.99
C GLY A 54 13.81 3.56 13.12
N MET A 55 14.67 3.70 12.12
CA MET A 55 15.63 4.79 12.10
C MET A 55 15.37 5.73 10.93
N PRO A 56 15.91 6.97 11.06
CA PRO A 56 15.75 7.98 10.02
C PRO A 56 16.65 7.68 8.83
N LEU A 57 17.84 7.17 9.14
CA LEU A 57 18.80 6.84 8.10
C LEU A 57 18.41 5.52 7.45
N HIS A 58 17.35 5.58 6.64
CA HIS A 58 16.85 4.40 5.95
C HIS A 58 16.08 4.83 4.71
N ILE A 59 16.58 4.42 3.56
CA ILE A 59 15.94 4.75 2.30
C ILE A 59 15.32 3.48 1.70
N ILE A 60 14.02 3.55 1.46
CA ILE A 60 13.29 2.43 0.90
C ILE A 60 12.88 2.76 -0.53
N ASP A 61 12.75 1.70 -1.33
CA ASP A 61 12.37 1.87 -2.73
C ASP A 61 11.42 0.74 -3.13
N THR A 62 10.18 1.11 -3.39
CA THR A 62 9.18 0.15 -3.79
C THR A 62 9.26 -0.14 -5.29
N ALA A 63 10.36 -0.76 -5.69
CA ALA A 63 10.57 -1.09 -7.09
C ALA A 63 9.37 -1.88 -7.61
N GLY A 64 9.40 -2.14 -8.91
CA GLY A 64 8.33 -2.89 -9.55
C GLY A 64 8.76 -3.43 -10.91
N LEU A 65 9.16 -2.50 -11.77
CA LEU A 65 9.60 -2.86 -13.10
C LEU A 65 11.14 -2.85 -13.15
N ARG A 66 11.67 -3.45 -14.22
CA ARG A 66 13.11 -3.52 -14.39
C ARG A 66 13.73 -2.12 -14.29
N GLU A 67 13.16 -1.21 -15.07
CA GLU A 67 13.63 0.16 -15.08
C GLU A 67 13.67 0.73 -13.67
N ALA A 68 12.49 0.79 -13.07
CA ALA A 68 12.37 1.31 -11.71
C ALA A 68 13.45 0.69 -10.83
N SER A 69 13.44 -0.63 -10.77
CA SER A 69 14.41 -1.36 -9.97
C SER A 69 15.78 -0.71 -10.11
N ASP A 70 16.03 -0.17 -11.30
CA ASP A 70 17.29 0.48 -11.58
C ASP A 70 17.21 1.96 -11.20
N GLU A 71 16.16 2.60 -11.69
CA GLU A 71 15.93 4.00 -11.41
C GLU A 71 16.03 4.28 -9.92
N VAL A 72 15.31 3.47 -9.15
CA VAL A 72 15.30 3.62 -7.70
C VAL A 72 16.74 3.55 -7.19
N GLU A 73 17.45 2.53 -7.65
CA GLU A 73 18.83 2.33 -7.23
C GLU A 73 19.67 3.56 -7.59
N ARG A 74 19.19 4.29 -8.59
CA ARG A 74 19.87 5.49 -9.04
C ARG A 74 19.65 6.64 -8.05
N ILE A 75 18.46 6.65 -7.47
CA ILE A 75 18.11 7.67 -6.51
C ILE A 75 18.80 7.38 -5.17
N GLY A 76 18.99 6.10 -4.91
CA GLY A 76 19.64 5.66 -3.68
C GLY A 76 21.15 5.53 -3.87
N ILE A 77 21.61 5.99 -5.04
CA ILE A 77 23.02 5.93 -5.36
C ILE A 77 23.55 4.52 -5.09
N GLU A 78 23.01 3.57 -5.85
CA GLU A 78 23.41 2.18 -5.71
C GLU A 78 23.99 1.65 -7.02
N ARG A 79 24.27 0.36 -7.04
CA ARG A 79 24.83 -0.26 -8.22
C ARG A 79 23.73 -0.51 -9.25
N ALA A 80 24.15 -0.62 -10.50
CA ALA A 80 23.22 -0.85 -11.60
C ALA A 80 22.49 -2.18 -11.37
N TRP A 81 23.29 -3.24 -11.27
CA TRP A 81 22.75 -4.57 -11.05
C TRP A 81 22.71 -4.82 -9.55
N GLN A 82 21.49 -4.95 -9.03
CA GLN A 82 21.30 -5.19 -7.62
C GLN A 82 19.86 -5.63 -7.34
N GLU A 83 19.73 -6.67 -6.53
CA GLU A 83 18.43 -7.19 -6.18
C GLU A 83 17.68 -6.20 -5.27
N ILE A 84 16.37 -6.14 -5.47
CA ILE A 84 15.54 -5.25 -4.68
C ILE A 84 14.21 -5.94 -4.38
N GLU A 85 13.86 -5.94 -3.10
CA GLU A 85 12.62 -6.55 -2.66
C GLU A 85 11.49 -6.22 -3.64
N GLN A 86 10.49 -7.11 -3.66
CA GLN A 86 9.35 -6.92 -4.55
C GLN A 86 8.06 -6.78 -3.73
N ALA A 87 6.98 -6.52 -4.44
CA ALA A 87 5.68 -6.37 -3.79
C ALA A 87 5.41 -7.59 -2.92
N ASP A 88 4.93 -7.32 -1.72
CA ASP A 88 4.62 -8.38 -0.78
C ASP A 88 3.15 -8.28 -0.37
N ARG A 89 2.78 -7.10 0.11
CA ARG A 89 1.41 -6.87 0.54
C ARG A 89 0.84 -5.64 -0.18
N VAL A 90 -0.41 -5.77 -0.61
CA VAL A 90 -1.08 -4.68 -1.31
C VAL A 90 -2.20 -4.14 -0.42
N LEU A 91 -2.45 -2.84 -0.58
CA LEU A 91 -3.48 -2.18 0.19
C LEU A 91 -4.59 -1.71 -0.74
N PHE A 92 -5.31 -2.68 -1.29
CA PHE A 92 -6.41 -2.38 -2.20
C PHE A 92 -7.51 -1.58 -1.50
N MET A 93 -7.58 -0.31 -1.84
CA MET A 93 -8.57 0.58 -1.26
C MET A 93 -9.79 0.73 -2.19
N VAL A 94 -10.94 0.37 -1.66
CA VAL A 94 -12.17 0.46 -2.42
C VAL A 94 -13.24 1.15 -1.58
N ASP A 95 -13.94 2.08 -2.21
CA ASP A 95 -14.99 2.82 -1.53
C ASP A 95 -15.81 1.86 -0.65
N GLY A 96 -15.99 0.65 -1.18
CA GLY A 96 -16.74 -0.36 -0.46
C GLY A 96 -18.24 -0.17 -0.65
N THR A 97 -18.60 0.39 -1.79
CA THR A 97 -20.00 0.63 -2.10
C THR A 97 -20.20 0.70 -3.62
N THR A 98 -19.32 1.47 -4.26
CA THR A 98 -19.40 1.64 -5.70
C THR A 98 -18.41 0.69 -6.40
N THR A 99 -18.97 -0.21 -7.21
CA THR A 99 -18.16 -1.17 -7.92
C THR A 99 -18.19 -0.88 -9.42
N ASP A 100 -17.52 0.21 -9.80
CA ASP A 100 -17.47 0.62 -11.19
C ASP A 100 -16.70 -0.44 -11.99
N ALA A 101 -16.61 -0.20 -13.30
CA ALA A 101 -15.91 -1.12 -14.17
C ALA A 101 -14.43 -0.76 -14.20
N VAL A 102 -14.07 0.22 -13.38
CA VAL A 102 -12.69 0.67 -13.31
C VAL A 102 -12.03 0.03 -12.08
N ASP A 103 -12.84 -0.21 -11.06
CA ASP A 103 -12.34 -0.81 -9.83
C ASP A 103 -11.61 -2.11 -10.17
N PRO A 104 -12.31 -2.98 -10.95
CA PRO A 104 -11.72 -4.26 -11.34
C PRO A 104 -10.68 -4.07 -12.44
N ALA A 105 -10.66 -2.86 -12.99
CA ALA A 105 -9.71 -2.53 -14.05
C ALA A 105 -8.31 -2.34 -13.43
N GLU A 106 -8.29 -2.31 -12.11
CA GLU A 106 -7.03 -2.12 -11.39
C GLU A 106 -6.75 -3.34 -10.51
N ILE A 107 -7.57 -4.37 -10.68
CA ILE A 107 -7.42 -5.58 -9.91
C ILE A 107 -6.91 -6.71 -10.82
N TRP A 108 -7.36 -6.66 -12.07
CA TRP A 108 -6.96 -7.66 -13.04
C TRP A 108 -5.46 -7.85 -12.94
N PRO A 109 -4.72 -6.72 -13.10
CA PRO A 109 -3.27 -6.75 -13.03
C PRO A 109 -2.79 -6.89 -11.58
N GLU A 110 -3.29 -7.92 -10.93
CA GLU A 110 -2.93 -8.18 -9.54
C GLU A 110 -3.36 -9.59 -9.14
N PHE A 111 -4.63 -9.90 -9.42
CA PHE A 111 -5.17 -11.21 -9.08
C PHE A 111 -4.15 -12.30 -9.35
N ILE A 112 -3.54 -12.23 -10.52
CA ILE A 112 -2.54 -13.22 -10.92
C ILE A 112 -1.19 -12.82 -10.34
N ALA A 113 -0.86 -13.42 -9.21
CA ALA A 113 0.40 -13.14 -8.54
C ALA A 113 0.59 -14.13 -7.39
N ARG A 114 1.53 -13.80 -6.52
CA ARG A 114 1.83 -14.65 -5.37
C ARG A 114 2.03 -13.79 -4.12
N LEU A 115 1.06 -12.93 -3.86
CA LEU A 115 1.12 -12.07 -2.70
C LEU A 115 -0.30 -11.73 -2.24
N PRO A 116 -0.48 -11.65 -0.90
CA PRO A 116 -1.77 -11.35 -0.32
C PRO A 116 -2.11 -9.85 -0.48
N ALA A 117 -3.39 -9.56 -0.41
CA ALA A 117 -3.85 -8.19 -0.55
C ALA A 117 -4.88 -7.89 0.55
N LYS A 118 -5.14 -6.60 0.74
CA LYS A 118 -6.10 -6.17 1.74
C LYS A 118 -7.28 -5.49 1.06
N LEU A 119 -8.45 -5.69 1.64
CA LEU A 119 -9.67 -5.11 1.10
C LEU A 119 -10.59 -4.70 2.24
N PRO A 120 -10.87 -3.37 2.31
CA PRO A 120 -11.74 -2.83 3.35
C PRO A 120 -13.20 -3.17 3.07
N ILE A 121 -13.95 -3.37 4.14
CA ILE A 121 -15.37 -3.68 4.01
C ILE A 121 -16.15 -2.43 3.64
N THR A 122 -17.15 -2.12 4.45
CA THR A 122 -17.97 -0.95 4.22
C THR A 122 -19.01 -0.80 5.32
N VAL A 123 -19.19 0.45 5.75
CA VAL A 123 -20.15 0.74 6.81
C VAL A 123 -20.73 2.14 6.58
N VAL A 124 -20.92 2.47 5.32
CA VAL A 124 -21.47 3.77 4.95
C VAL A 124 -22.85 3.58 4.34
N ARG A 125 -23.50 4.70 4.04
CA ARG A 125 -24.83 4.67 3.46
C ARG A 125 -25.74 3.76 4.27
N ASN A 126 -26.83 3.34 3.62
CA ASN A 126 -27.79 2.47 4.27
C ASN A 126 -27.10 1.15 4.64
N LYS A 127 -27.89 0.24 5.20
CA LYS A 127 -27.38 -1.05 5.61
C LYS A 127 -27.64 -2.07 4.49
N ALA A 128 -28.88 -2.11 4.04
CA ALA A 128 -29.27 -3.03 2.99
C ALA A 128 -28.63 -2.59 1.67
N ASP A 129 -27.34 -2.86 1.57
CA ASP A 129 -26.59 -2.50 0.38
C ASP A 129 -25.10 -2.78 0.60
N ILE A 130 -24.65 -2.47 1.81
CA ILE A 130 -23.25 -2.69 2.17
C ILE A 130 -23.11 -4.05 2.83
N THR A 131 -24.07 -4.91 2.55
CA THR A 131 -24.06 -6.26 3.12
C THR A 131 -23.90 -7.30 2.00
N GLY A 132 -24.73 -7.16 0.98
CA GLY A 132 -24.69 -8.08 -0.14
C GLY A 132 -23.40 -7.91 -0.95
N GLU A 133 -23.28 -6.75 -1.58
CA GLU A 133 -22.11 -6.46 -2.37
C GLU A 133 -20.84 -6.93 -1.66
N THR A 134 -20.80 -6.67 -0.36
CA THR A 134 -19.66 -7.06 0.45
C THR A 134 -19.27 -8.52 0.15
N LEU A 135 -20.02 -9.43 0.77
CA LEU A 135 -19.76 -10.84 0.58
C LEU A 135 -19.50 -11.12 -0.90
N GLY A 136 -20.27 -10.47 -1.74
CA GLY A 136 -20.14 -10.63 -3.18
C GLY A 136 -18.67 -10.50 -3.60
N MET A 137 -18.01 -9.48 -3.06
CA MET A 137 -16.62 -9.24 -3.37
C MET A 137 -15.72 -10.28 -2.71
N SER A 138 -15.39 -11.30 -3.49
CA SER A 138 -14.54 -12.38 -2.99
C SER A 138 -13.72 -12.97 -4.14
N GLU A 139 -13.06 -12.09 -4.87
CA GLU A 139 -12.24 -12.51 -5.99
C GLU A 139 -10.91 -13.09 -5.49
N VAL A 140 -10.14 -12.23 -4.84
CA VAL A 140 -8.85 -12.64 -4.31
C VAL A 140 -9.02 -13.16 -2.89
N ASN A 141 -8.20 -14.13 -2.54
CA ASN A 141 -8.25 -14.72 -1.20
C ASN A 141 -8.20 -13.60 -0.16
N GLY A 142 -7.27 -12.68 -0.35
CA GLY A 142 -7.10 -11.56 0.56
C GLY A 142 -6.68 -12.05 1.95
N HIS A 143 -5.87 -11.23 2.60
CA HIS A 143 -5.38 -11.57 3.93
C HIS A 143 -6.26 -10.89 4.98
N ALA A 144 -6.38 -9.58 4.85
CA ALA A 144 -7.18 -8.80 5.78
C ALA A 144 -8.47 -8.34 5.07
N LEU A 145 -9.52 -8.18 5.86
CA LEU A 145 -10.80 -7.76 5.33
C LEU A 145 -11.49 -6.84 6.35
N ILE A 146 -10.82 -5.73 6.64
CA ILE A 146 -11.35 -4.77 7.59
C ILE A 146 -11.48 -3.41 6.90
N ARG A 147 -12.61 -2.76 7.15
CA ARG A 147 -12.87 -1.46 6.56
C ARG A 147 -11.97 -0.40 7.21
N LEU A 148 -12.13 0.83 6.74
CA LEU A 148 -11.34 1.93 7.26
C LEU A 148 -11.73 3.22 6.53
N SER A 149 -11.53 4.34 7.22
CA SER A 149 -11.86 5.64 6.66
C SER A 149 -10.71 6.62 6.89
N ALA A 150 -9.92 6.81 5.84
CA ALA A 150 -8.78 7.71 5.92
C ALA A 150 -9.23 9.04 6.54
N ARG A 151 -10.51 9.33 6.38
CA ARG A 151 -11.07 10.56 6.92
C ARG A 151 -10.56 10.79 8.34
N THR A 152 -10.87 9.83 9.21
CA THR A 152 -10.44 9.92 10.60
C THR A 152 -9.69 8.65 11.02
N GLY A 153 -9.29 7.89 10.01
CA GLY A 153 -8.56 6.66 10.26
C GLY A 153 -9.30 5.78 11.27
N GLU A 154 -10.41 5.22 10.82
CA GLU A 154 -11.21 4.37 11.67
C GLU A 154 -10.35 3.24 12.27
N GLY A 155 -9.79 2.44 11.38
CA GLY A 155 -8.94 1.34 11.79
C GLY A 155 -7.57 1.41 11.12
N VAL A 156 -6.80 2.41 11.52
CA VAL A 156 -5.47 2.60 10.97
C VAL A 156 -4.46 1.79 11.78
N ASP A 157 -4.76 1.66 13.08
CA ASP A 157 -3.89 0.92 13.97
C ASP A 157 -3.86 -0.55 13.55
N VAL A 158 -4.98 -0.99 12.99
CA VAL A 158 -5.09 -2.37 12.54
C VAL A 158 -4.64 -2.46 11.08
N LEU A 159 -3.49 -1.86 10.82
CA LEU A 159 -2.93 -1.88 9.48
C LEU A 159 -1.40 -1.77 9.56
N ARG A 160 -0.95 -0.80 10.35
CA ARG A 160 0.47 -0.58 10.51
C ARG A 160 1.14 -1.85 11.07
N ASN A 161 0.31 -2.70 11.66
CA ASN A 161 0.81 -3.94 12.23
C ASN A 161 1.21 -4.90 11.11
N HIS A 162 0.19 -5.40 10.42
CA HIS A 162 0.42 -6.32 9.32
C HIS A 162 1.64 -5.87 8.51
N LEU A 163 1.64 -4.59 8.18
CA LEU A 163 2.73 -4.01 7.41
C LEU A 163 4.06 -4.40 8.04
N LYS A 164 4.12 -4.22 9.36
CA LYS A 164 5.33 -4.55 10.10
C LYS A 164 5.29 -6.02 10.51
N GLN A 165 4.95 -6.86 9.55
CA GLN A 165 4.87 -8.28 9.79
C GLN A 165 5.32 -9.06 8.55
N SER A 166 4.80 -8.64 7.41
CA SER A 166 5.13 -9.28 6.15
C SER A 166 6.58 -8.99 5.78
N MET A 167 7.09 -7.90 6.34
CA MET A 167 8.46 -7.49 6.07
C MET A 167 9.44 -8.59 6.47
N GLY A 168 10.37 -8.86 5.56
CA GLY A 168 11.38 -9.88 5.80
C GLY A 168 12.70 -9.26 6.28
N ILE A 169 13.50 -10.08 6.93
CA ILE A 169 14.78 -9.63 7.44
C ILE A 169 15.78 -9.54 6.29
N HIS A 170 15.92 -8.33 5.76
CA HIS A 170 16.84 -8.10 4.65
C HIS A 170 16.80 -6.63 4.26
N ARG A 171 17.74 -6.25 3.40
CA ARG A 171 17.82 -4.88 2.93
C ARG A 171 17.77 -3.91 4.12
N ASP A 172 18.95 -3.63 4.66
CA ASP A 172 19.05 -2.73 5.80
C ASP A 172 20.53 -2.48 6.10
N GLY A 1 19.44 -0.77 21.76
CA GLY A 1 19.88 -2.15 21.74
C GLY A 1 19.05 -2.98 20.76
N SER A 2 19.29 -2.72 19.48
CA SER A 2 18.58 -3.44 18.43
C SER A 2 19.58 -4.11 17.49
N LEU A 3 19.37 -5.41 17.28
CA LEU A 3 20.24 -6.17 16.40
C LEU A 3 19.39 -7.01 15.46
N LEU A 4 18.61 -6.31 14.64
CA LEU A 4 17.74 -6.97 13.69
C LEU A 4 17.63 -6.11 12.42
N ARG A 5 17.00 -4.96 12.59
CA ARG A 5 16.83 -4.04 11.46
C ARG A 5 15.94 -4.67 10.39
N GLU A 6 14.97 -3.90 9.93
CA GLU A 6 14.05 -4.37 8.92
C GLU A 6 14.12 -3.46 7.68
N GLY A 7 13.54 -3.96 6.60
CA GLY A 7 13.53 -3.20 5.35
C GLY A 7 12.58 -3.85 4.33
N MET A 8 11.54 -3.11 4.00
CA MET A 8 10.56 -3.60 3.03
C MET A 8 9.40 -2.60 2.88
N LYS A 9 9.03 -2.38 1.62
CA LYS A 9 7.95 -1.45 1.33
C LYS A 9 6.71 -2.25 0.89
N VAL A 10 5.79 -1.54 0.25
CA VAL A 10 4.56 -2.17 -0.22
C VAL A 10 4.07 -1.42 -1.45
N VAL A 11 2.89 -1.83 -1.92
CA VAL A 11 2.30 -1.21 -3.09
C VAL A 11 0.81 -0.94 -2.82
N ILE A 12 0.41 0.29 -3.08
CA ILE A 12 -0.97 0.69 -2.86
C ILE A 12 -1.49 1.39 -4.12
N ALA A 13 -2.45 0.75 -4.76
CA ALA A 13 -3.04 1.31 -5.97
C ALA A 13 -4.52 0.90 -6.04
N GLY A 14 -5.27 1.66 -6.82
CA GLY A 14 -6.69 1.40 -6.99
C GLY A 14 -7.43 2.65 -7.47
N ARG A 15 -8.74 2.59 -7.37
CA ARG A 15 -9.58 3.72 -7.78
C ARG A 15 -8.93 5.04 -7.37
N PRO A 16 -8.94 6.01 -8.32
CA PRO A 16 -8.36 7.31 -8.06
C PRO A 16 -9.27 8.14 -7.16
N ASN A 17 -8.64 8.97 -6.33
CA ASN A 17 -9.37 9.83 -5.41
C ASN A 17 -10.52 9.02 -4.79
N ALA A 18 -10.14 8.00 -4.02
CA ALA A 18 -11.13 7.16 -3.36
C ALA A 18 -10.54 6.63 -2.07
N GLY A 19 -9.70 7.45 -1.45
CA GLY A 19 -9.06 7.06 -0.20
C GLY A 19 -7.68 6.46 -0.44
N LYS A 20 -6.82 7.27 -1.04
CA LYS A 20 -5.47 6.83 -1.34
C LYS A 20 -4.47 7.66 -0.52
N SER A 21 -4.45 8.95 -0.82
CA SER A 21 -3.55 9.86 -0.12
C SER A 21 -3.91 9.91 1.36
N SER A 22 -5.15 10.32 1.63
CA SER A 22 -5.62 10.41 3.00
C SER A 22 -5.16 9.18 3.80
N LEU A 23 -5.17 8.04 3.12
CA LEU A 23 -4.78 6.80 3.75
C LEU A 23 -3.32 6.92 4.21
N LEU A 24 -2.46 7.21 3.25
CA LEU A 24 -1.04 7.36 3.53
C LEU A 24 -0.86 8.25 4.76
N ASN A 25 -1.45 9.44 4.68
CA ASN A 25 -1.35 10.38 5.78
C ASN A 25 -1.55 9.65 7.10
N ALA A 26 -2.62 8.88 7.16
CA ALA A 26 -2.94 8.12 8.36
C ALA A 26 -1.79 7.17 8.67
N LEU A 27 -1.50 6.30 7.71
CA LEU A 27 -0.43 5.33 7.87
C LEU A 27 0.85 6.06 8.31
N ALA A 28 1.36 6.87 7.40
CA ALA A 28 2.57 7.62 7.68
C ALA A 28 2.47 8.27 9.07
N GLY A 29 1.44 9.09 9.22
CA GLY A 29 1.21 9.77 10.49
C GLY A 29 2.35 10.75 10.80
N ARG A 30 2.51 11.71 9.89
CA ARG A 30 3.55 12.70 10.05
C ARG A 30 2.93 14.10 10.22
N GLU A 31 3.14 14.67 11.40
CA GLU A 31 2.61 15.99 11.69
C GLU A 31 2.72 16.89 10.46
N ALA A 32 1.57 17.22 9.90
CA ALA A 32 1.53 18.07 8.72
C ALA A 32 2.29 17.41 7.58
N ALA A 33 1.56 16.61 6.80
CA ALA A 33 2.17 15.92 5.68
C ALA A 33 2.00 16.76 4.42
N ILE A 34 2.49 16.21 3.31
CA ILE A 34 2.40 16.90 2.03
C ILE A 34 2.04 15.90 0.93
N VAL A 35 0.82 16.04 0.43
CA VAL A 35 0.34 15.16 -0.61
C VAL A 35 0.53 15.83 -1.97
N THR A 36 1.07 15.06 -2.91
CA THR A 36 1.31 15.56 -4.25
C THR A 36 0.39 14.87 -5.25
N ASP A 37 0.43 15.36 -6.48
CA ASP A 37 -0.39 14.81 -7.54
C ASP A 37 0.48 14.54 -8.78
N ILE A 38 1.17 13.41 -8.75
CA ILE A 38 2.03 13.03 -9.85
C ILE A 38 1.20 12.89 -11.12
N ALA A 39 1.80 13.30 -12.23
CA ALA A 39 1.13 13.22 -13.51
C ALA A 39 1.66 12.02 -14.30
N GLY A 40 2.97 12.03 -14.52
CA GLY A 40 3.62 10.96 -15.24
C GLY A 40 4.14 9.88 -14.28
N THR A 41 3.34 9.61 -13.25
CA THR A 41 3.71 8.62 -12.27
C THR A 41 5.19 8.75 -11.90
N THR A 42 5.74 7.66 -11.40
CA THR A 42 7.14 7.63 -11.01
C THR A 42 7.77 6.28 -11.38
N ARG A 43 9.01 6.36 -11.82
CA ARG A 43 9.74 5.16 -12.21
C ARG A 43 9.87 4.21 -11.02
N ASP A 44 10.29 4.77 -9.90
CA ASP A 44 10.46 3.99 -8.69
C ASP A 44 9.08 3.71 -8.07
N VAL A 45 8.06 4.29 -8.69
CA VAL A 45 6.70 4.10 -8.21
C VAL A 45 6.67 4.20 -6.69
N LEU A 46 7.58 5.02 -6.16
CA LEU A 46 7.67 5.21 -4.73
C LEU A 46 7.14 6.60 -4.37
N ARG A 47 5.82 6.72 -4.39
CA ARG A 47 5.19 7.98 -4.07
C ARG A 47 4.40 7.87 -2.76
N GLU A 48 4.63 6.77 -2.07
CA GLU A 48 3.96 6.52 -0.80
C GLU A 48 4.94 6.72 0.37
N HIS A 49 5.97 7.51 0.10
CA HIS A 49 6.97 7.79 1.11
C HIS A 49 7.39 6.48 1.80
N ILE A 50 8.19 6.62 2.84
CA ILE A 50 8.67 5.46 3.59
C ILE A 50 8.65 5.79 5.08
N HIS A 51 8.43 4.75 5.87
CA HIS A 51 8.39 4.90 7.32
C HIS A 51 9.37 3.93 7.96
N ILE A 52 10.04 4.42 9.01
CA ILE A 52 11.01 3.61 9.73
C ILE A 52 10.92 3.92 11.22
N ASP A 53 10.20 3.06 11.93
CA ASP A 53 10.03 3.24 13.36
C ASP A 53 11.40 3.16 14.04
N GLY A 54 11.97 4.33 14.27
CA GLY A 54 13.27 4.42 14.91
C GLY A 54 14.23 5.29 14.10
N MET A 55 15.40 4.74 13.84
CA MET A 55 16.41 5.46 13.08
C MET A 55 15.80 6.11 11.83
N PRO A 56 15.92 7.46 11.77
CA PRO A 56 15.38 8.20 10.64
C PRO A 56 16.27 8.03 9.41
N LEU A 57 17.52 7.68 9.65
CA LEU A 57 18.48 7.48 8.58
C LEU A 57 18.14 6.18 7.84
N HIS A 58 17.04 6.21 7.11
CA HIS A 58 16.60 5.06 6.36
C HIS A 58 15.69 5.50 5.22
N ILE A 59 15.94 4.91 4.05
CA ILE A 59 15.15 5.24 2.87
C ILE A 59 14.88 3.96 2.08
N ILE A 60 13.60 3.60 2.02
CA ILE A 60 13.21 2.40 1.30
C ILE A 60 12.76 2.79 -0.11
N ASP A 61 12.53 1.77 -0.93
CA ASP A 61 12.11 1.99 -2.30
C ASP A 61 11.13 0.89 -2.70
N THR A 62 10.20 1.25 -3.59
CA THR A 62 9.21 0.31 -4.07
C THR A 62 9.45 -0.03 -5.53
N ALA A 63 10.54 -0.74 -5.77
CA ALA A 63 10.90 -1.13 -7.12
C ALA A 63 9.70 -1.81 -7.79
N GLY A 64 9.70 -3.13 -7.73
CA GLY A 64 8.62 -3.90 -8.33
C GLY A 64 8.62 -3.77 -9.85
N LEU A 65 9.77 -4.07 -10.44
CA LEU A 65 9.90 -3.99 -11.88
C LEU A 65 11.36 -4.26 -12.27
N ARG A 66 11.55 -4.54 -13.54
CA ARG A 66 12.89 -4.83 -14.05
C ARG A 66 13.60 -3.52 -14.44
N GLU A 67 12.79 -2.52 -14.75
CA GLU A 67 13.32 -1.22 -15.13
C GLU A 67 13.44 -0.31 -13.92
N ALA A 68 12.34 -0.24 -13.16
CA ALA A 68 12.31 0.59 -11.97
C ALA A 68 13.46 0.18 -11.04
N SER A 69 13.69 -1.11 -10.97
CA SER A 69 14.75 -1.65 -10.13
C SER A 69 16.04 -0.85 -10.34
N ASP A 70 16.22 -0.41 -11.59
CA ASP A 70 17.40 0.36 -11.94
C ASP A 70 17.20 1.82 -11.51
N GLU A 71 16.27 2.48 -12.17
CA GLU A 71 15.97 3.86 -11.88
C GLU A 71 15.83 4.06 -10.36
N VAL A 72 15.49 2.97 -9.69
CA VAL A 72 15.31 3.01 -8.25
C VAL A 72 16.66 3.26 -7.58
N GLU A 73 17.67 2.57 -8.07
CA GLU A 73 19.00 2.71 -7.53
C GLU A 73 19.57 4.10 -7.86
N ARG A 74 19.22 4.58 -9.04
CA ARG A 74 19.69 5.89 -9.48
C ARG A 74 19.24 6.96 -8.48
N ILE A 75 17.94 7.16 -8.41
CA ILE A 75 17.38 8.15 -7.50
C ILE A 75 17.78 7.81 -6.07
N GLY A 76 18.08 6.53 -5.86
CA GLY A 76 18.47 6.07 -4.54
C GLY A 76 19.99 6.17 -4.35
N ILE A 77 20.64 6.75 -5.36
CA ILE A 77 22.08 6.91 -5.32
C ILE A 77 22.74 5.57 -4.99
N GLU A 78 22.56 4.62 -5.89
CA GLU A 78 23.12 3.29 -5.70
C GLU A 78 23.61 2.73 -7.04
N ARG A 79 24.12 1.51 -6.98
CA ARG A 79 24.64 0.86 -8.17
C ARG A 79 23.58 -0.08 -8.75
N ALA A 80 23.42 -0.01 -10.06
CA ALA A 80 22.45 -0.84 -10.75
C ALA A 80 22.92 -2.30 -10.72
N TRP A 81 22.96 -2.85 -9.52
CA TRP A 81 23.38 -4.23 -9.33
C TRP A 81 22.76 -4.75 -8.04
N GLN A 82 22.98 -4.02 -6.97
CA GLN A 82 22.44 -4.40 -5.67
C GLN A 82 20.97 -4.79 -5.81
N GLU A 83 20.65 -5.96 -5.27
CA GLU A 83 19.29 -6.46 -5.31
C GLU A 83 18.33 -5.45 -4.69
N ILE A 84 17.06 -5.80 -4.71
CA ILE A 84 16.03 -4.94 -4.15
C ILE A 84 14.82 -5.78 -3.76
N GLU A 85 14.49 -5.73 -2.47
CA GLU A 85 13.37 -6.49 -1.95
C GLU A 85 12.10 -6.17 -2.75
N GLN A 86 11.41 -7.24 -3.13
CA GLN A 86 10.19 -7.09 -3.91
C GLN A 86 8.99 -6.95 -2.97
N ALA A 87 7.94 -6.32 -3.50
CA ALA A 87 6.72 -6.12 -2.73
C ALA A 87 6.35 -7.42 -2.01
N ASP A 88 5.36 -7.30 -1.14
CA ASP A 88 4.89 -8.45 -0.38
C ASP A 88 3.46 -8.21 0.09
N ARG A 89 3.28 -7.08 0.75
CA ARG A 89 1.97 -6.71 1.25
C ARG A 89 1.31 -5.68 0.33
N VAL A 90 -0.02 -5.75 0.27
CA VAL A 90 -0.77 -4.83 -0.56
C VAL A 90 -2.04 -4.39 0.18
N LEU A 91 -2.62 -3.30 -0.29
CA LEU A 91 -3.83 -2.77 0.31
C LEU A 91 -4.45 -1.75 -0.63
N PHE A 92 -5.51 -2.17 -1.29
CA PHE A 92 -6.23 -1.31 -2.22
C PHE A 92 -7.57 -0.86 -1.65
N MET A 93 -7.62 0.41 -1.28
CA MET A 93 -8.84 0.97 -0.71
C MET A 93 -9.92 1.14 -1.79
N VAL A 94 -11.16 1.05 -1.35
CA VAL A 94 -12.29 1.19 -2.25
C VAL A 94 -13.41 1.97 -1.56
N ASP A 95 -13.89 2.98 -2.26
CA ASP A 95 -14.96 3.82 -1.73
C ASP A 95 -16.16 2.94 -1.38
N GLY A 96 -16.33 2.69 -0.09
CA GLY A 96 -17.43 1.87 0.38
C GLY A 96 -17.69 0.70 -0.58
N THR A 97 -18.95 0.58 -0.97
CA THR A 97 -19.35 -0.48 -1.88
C THR A 97 -19.74 0.11 -3.25
N THR A 98 -18.72 0.44 -4.02
CA THR A 98 -18.93 1.01 -5.35
C THR A 98 -18.25 0.15 -6.42
N THR A 99 -19.05 -0.34 -7.35
CA THR A 99 -18.54 -1.17 -8.42
C THR A 99 -18.54 -0.39 -9.74
N ASP A 100 -17.33 -0.02 -10.17
CA ASP A 100 -17.18 0.73 -11.41
C ASP A 100 -16.28 -0.06 -12.36
N ALA A 101 -16.11 0.50 -13.55
CA ALA A 101 -15.28 -0.14 -14.56
C ALA A 101 -13.81 0.17 -14.27
N VAL A 102 -13.61 1.20 -13.46
CA VAL A 102 -12.26 1.61 -13.10
C VAL A 102 -11.87 0.96 -11.78
N ASP A 103 -12.78 0.13 -11.27
CA ASP A 103 -12.53 -0.57 -10.02
C ASP A 103 -11.55 -1.72 -10.26
N PRO A 104 -11.88 -2.55 -11.29
CA PRO A 104 -11.04 -3.68 -11.63
C PRO A 104 -9.77 -3.22 -12.35
N ALA A 105 -9.66 -1.91 -12.52
CA ALA A 105 -8.51 -1.33 -13.20
C ALA A 105 -7.22 -1.95 -12.62
N GLU A 106 -7.30 -2.30 -11.34
CA GLU A 106 -6.16 -2.90 -10.67
C GLU A 106 -6.63 -3.86 -9.58
N ILE A 107 -7.41 -4.85 -10.00
CA ILE A 107 -7.93 -5.83 -9.08
C ILE A 107 -7.68 -7.24 -9.64
N TRP A 108 -8.26 -7.48 -10.81
CA TRP A 108 -8.12 -8.77 -11.46
C TRP A 108 -6.66 -9.22 -11.30
N PRO A 109 -5.73 -8.31 -11.72
CA PRO A 109 -4.32 -8.60 -11.63
C PRO A 109 -3.82 -8.48 -10.18
N GLU A 110 -2.51 -8.34 -10.05
CA GLU A 110 -1.91 -8.21 -8.74
C GLU A 110 -2.01 -9.53 -7.98
N PHE A 111 -3.24 -9.87 -7.61
CA PHE A 111 -3.50 -11.09 -6.88
C PHE A 111 -2.76 -12.27 -7.51
N ILE A 112 -2.52 -12.14 -8.81
CA ILE A 112 -1.83 -13.19 -9.55
C ILE A 112 -0.37 -13.26 -9.07
N ALA A 113 0.20 -12.09 -8.84
CA ALA A 113 1.58 -12.01 -8.38
C ALA A 113 1.69 -12.68 -7.02
N ARG A 114 2.88 -12.53 -6.42
CA ARG A 114 3.14 -13.12 -5.12
C ARG A 114 3.05 -12.06 -4.03
N LEU A 115 1.83 -11.56 -3.84
CA LEU A 115 1.59 -10.53 -2.83
C LEU A 115 0.08 -10.34 -2.66
N PRO A 116 -0.42 -10.73 -1.46
CA PRO A 116 -1.83 -10.60 -1.16
C PRO A 116 -2.21 -9.15 -0.87
N ALA A 117 -3.48 -8.84 -1.10
CA ALA A 117 -3.96 -7.49 -0.87
C ALA A 117 -5.12 -7.53 0.13
N LYS A 118 -5.22 -6.47 0.91
CA LYS A 118 -6.27 -6.38 1.91
C LYS A 118 -7.56 -5.86 1.25
N LEU A 119 -8.67 -6.17 1.89
CA LEU A 119 -9.96 -5.75 1.38
C LEU A 119 -10.62 -4.81 2.38
N PRO A 120 -11.11 -3.65 1.85
CA PRO A 120 -11.76 -2.66 2.70
C PRO A 120 -13.17 -3.12 3.09
N ILE A 121 -13.70 -2.47 4.12
CA ILE A 121 -15.02 -2.79 4.61
C ILE A 121 -15.82 -1.50 4.83
N THR A 122 -16.95 -1.42 4.17
CA THR A 122 -17.81 -0.25 4.29
C THR A 122 -18.60 -0.29 5.59
N VAL A 123 -18.74 0.87 6.21
CA VAL A 123 -19.47 0.97 7.46
C VAL A 123 -20.14 2.34 7.53
N VAL A 124 -20.88 2.67 6.48
CA VAL A 124 -21.57 3.94 6.41
C VAL A 124 -22.89 3.76 5.66
N ARG A 125 -23.52 4.88 5.35
CA ARG A 125 -24.79 4.86 4.63
C ARG A 125 -25.69 3.73 5.17
N ASN A 126 -26.66 3.37 4.37
CA ASN A 126 -27.59 2.32 4.75
C ASN A 126 -26.81 1.10 5.26
N LYS A 127 -27.55 0.13 5.74
CA LYS A 127 -26.94 -1.09 6.25
C LYS A 127 -27.06 -2.20 5.21
N ALA A 128 -28.18 -2.19 4.51
CA ALA A 128 -28.44 -3.18 3.47
C ALA A 128 -27.27 -3.21 2.49
N ASP A 129 -26.66 -2.04 2.32
CA ASP A 129 -25.54 -1.90 1.41
C ASP A 129 -24.26 -2.36 2.12
N ILE A 130 -24.10 -1.89 3.34
CA ILE A 130 -22.94 -2.25 4.14
C ILE A 130 -22.68 -3.75 4.02
N THR A 131 -23.77 -4.49 3.89
CA THR A 131 -23.67 -5.94 3.76
C THR A 131 -23.88 -6.36 2.31
N GLY A 132 -24.56 -5.51 1.56
CA GLY A 132 -24.83 -5.79 0.16
C GLY A 132 -23.65 -6.50 -0.49
N GLU A 133 -22.76 -5.69 -1.06
CA GLU A 133 -21.58 -6.23 -1.72
C GLU A 133 -20.37 -6.19 -0.78
N THR A 134 -20.59 -6.69 0.43
CA THR A 134 -19.54 -6.72 1.43
C THR A 134 -19.18 -8.16 1.78
N LEU A 135 -20.20 -8.94 2.08
CA LEU A 135 -20.01 -10.34 2.44
C LEU A 135 -19.89 -11.17 1.16
N GLY A 136 -20.71 -10.82 0.19
CA GLY A 136 -20.71 -11.53 -1.09
C GLY A 136 -19.69 -10.91 -2.05
N MET A 137 -18.53 -10.61 -1.51
CA MET A 137 -17.45 -10.03 -2.31
C MET A 137 -16.35 -11.04 -2.59
N SER A 138 -16.60 -11.87 -3.59
CA SER A 138 -15.64 -12.90 -3.97
C SER A 138 -14.23 -12.31 -3.97
N GLU A 139 -13.89 -11.66 -5.07
CA GLU A 139 -12.57 -11.05 -5.21
C GLU A 139 -11.51 -11.95 -4.59
N VAL A 140 -11.06 -12.92 -5.37
CA VAL A 140 -10.05 -13.85 -4.91
C VAL A 140 -10.31 -14.19 -3.44
N ASN A 141 -9.24 -14.62 -2.76
CA ASN A 141 -9.35 -14.98 -1.37
C ASN A 141 -8.73 -13.87 -0.51
N GLY A 142 -9.60 -13.05 0.05
CA GLY A 142 -9.16 -11.95 0.89
C GLY A 142 -8.26 -12.44 2.03
N HIS A 143 -7.27 -11.63 2.36
CA HIS A 143 -6.34 -11.97 3.43
C HIS A 143 -6.70 -11.21 4.70
N ALA A 144 -7.14 -9.97 4.50
CA ALA A 144 -7.51 -9.12 5.62
C ALA A 144 -8.71 -8.26 5.22
N LEU A 145 -9.79 -8.39 5.98
CA LEU A 145 -10.99 -7.63 5.72
C LEU A 145 -11.20 -6.60 6.83
N ILE A 146 -10.47 -5.50 6.72
CA ILE A 146 -10.56 -4.44 7.72
C ILE A 146 -11.11 -3.17 7.05
N ARG A 147 -11.58 -2.26 7.89
CA ARG A 147 -12.14 -1.02 7.40
C ARG A 147 -11.35 0.16 7.96
N LEU A 148 -11.65 1.35 7.42
CA LEU A 148 -10.97 2.56 7.85
C LEU A 148 -11.61 3.76 7.17
N SER A 149 -11.51 4.90 7.83
CA SER A 149 -12.07 6.14 7.29
C SER A 149 -10.95 7.13 6.99
N ALA A 150 -9.73 6.70 7.26
CA ALA A 150 -8.57 7.55 7.03
C ALA A 150 -8.64 8.77 7.95
N ARG A 151 -9.47 9.73 7.55
CA ARG A 151 -9.64 10.94 8.32
C ARG A 151 -9.65 10.62 9.81
N THR A 152 -10.48 9.66 10.18
CA THR A 152 -10.60 9.25 11.57
C THR A 152 -9.49 8.26 11.93
N GLY A 153 -9.50 7.13 11.22
CA GLY A 153 -8.52 6.10 11.46
C GLY A 153 -9.13 4.89 12.17
N GLU A 154 -10.35 4.57 11.76
CA GLU A 154 -11.06 3.44 12.34
C GLU A 154 -10.60 2.13 11.70
N GLY A 155 -9.34 1.78 11.98
CA GLY A 155 -8.77 0.56 11.43
C GLY A 155 -7.50 0.85 10.63
N VAL A 156 -6.53 1.44 11.31
CA VAL A 156 -5.28 1.79 10.67
C VAL A 156 -4.14 0.98 11.32
N ASP A 157 -4.00 1.17 12.62
CA ASP A 157 -2.97 0.48 13.37
C ASP A 157 -3.05 -1.02 13.06
N VAL A 158 -4.27 -1.52 13.02
CA VAL A 158 -4.50 -2.93 12.75
C VAL A 158 -3.90 -3.28 11.38
N LEU A 159 -3.78 -2.26 10.55
CA LEU A 159 -3.22 -2.44 9.22
C LEU A 159 -1.71 -2.20 9.26
N ARG A 160 -1.32 -1.28 10.12
CA ARG A 160 0.09 -0.94 10.27
C ARG A 160 0.87 -2.16 10.77
N ASN A 161 0.16 -3.03 11.48
CA ASN A 161 0.78 -4.23 12.02
C ASN A 161 1.00 -5.23 10.88
N HIS A 162 0.01 -5.34 10.02
CA HIS A 162 0.09 -6.25 8.89
C HIS A 162 1.12 -5.73 7.88
N LEU A 163 1.53 -4.49 8.09
CA LEU A 163 2.51 -3.88 7.22
C LEU A 163 3.91 -4.13 7.76
N LYS A 164 3.98 -4.97 8.77
CA LYS A 164 5.25 -5.32 9.39
C LYS A 164 5.48 -6.82 9.29
N GLN A 165 4.44 -7.57 9.63
CA GLN A 165 4.50 -9.03 9.57
C GLN A 165 4.96 -9.49 8.19
N SER A 166 4.56 -8.73 7.19
CA SER A 166 4.93 -9.04 5.81
C SER A 166 6.42 -9.37 5.73
N MET A 167 7.21 -8.31 5.62
CA MET A 167 8.65 -8.46 5.54
C MET A 167 9.37 -7.47 6.46
N GLY A 168 10.06 -8.02 7.45
CA GLY A 168 10.78 -7.20 8.40
C GLY A 168 12.29 -7.41 8.26
N ILE A 169 12.77 -8.44 8.93
CA ILE A 169 14.20 -8.77 8.90
C ILE A 169 14.71 -8.59 7.47
N HIS A 170 15.70 -7.72 7.33
CA HIS A 170 16.29 -7.46 6.03
C HIS A 170 17.41 -6.43 6.18
N ARG A 171 18.59 -6.83 5.71
CA ARG A 171 19.75 -5.95 5.79
C ARG A 171 19.43 -4.58 5.19
N ASP A 172 19.91 -3.55 5.88
CA ASP A 172 19.68 -2.19 5.42
C ASP A 172 18.19 -2.00 5.13
N GLY A 1 20.60 -1.66 21.08
CA GLY A 1 19.26 -2.13 20.80
C GLY A 1 19.08 -2.43 19.31
N SER A 2 18.03 -3.18 19.01
CA SER A 2 17.74 -3.54 17.63
C SER A 2 18.94 -4.27 17.02
N LEU A 3 18.77 -5.57 16.83
CA LEU A 3 19.83 -6.38 16.27
C LEU A 3 19.47 -6.74 14.82
N LEU A 4 18.28 -7.28 14.65
CA LEU A 4 17.81 -7.67 13.34
C LEU A 4 17.07 -6.49 12.70
N ARG A 5 17.38 -6.25 11.43
CA ARG A 5 16.76 -5.16 10.70
C ARG A 5 16.21 -5.66 9.36
N GLU A 6 14.89 -5.76 9.29
CA GLU A 6 14.25 -6.23 8.07
C GLU A 6 14.05 -5.06 7.10
N GLY A 7 13.40 -5.37 5.98
CA GLY A 7 13.14 -4.36 4.97
C GLY A 7 12.18 -4.88 3.91
N MET A 8 11.21 -4.05 3.57
CA MET A 8 10.22 -4.43 2.56
C MET A 8 9.31 -3.24 2.23
N LYS A 9 8.96 -3.16 0.95
CA LYS A 9 8.09 -2.08 0.50
C LYS A 9 6.67 -2.62 0.33
N VAL A 10 5.72 -1.69 0.25
CA VAL A 10 4.33 -2.06 0.10
C VAL A 10 3.75 -1.29 -1.10
N VAL A 11 2.65 -1.83 -1.63
CA VAL A 11 1.99 -1.21 -2.76
C VAL A 11 0.55 -0.87 -2.38
N ILE A 12 0.12 0.32 -2.81
CA ILE A 12 -1.22 0.78 -2.51
C ILE A 12 -1.87 1.30 -3.80
N ALA A 13 -2.29 0.36 -4.64
CA ALA A 13 -2.93 0.73 -5.90
C ALA A 13 -4.44 0.55 -5.77
N GLY A 14 -5.16 1.26 -6.62
CA GLY A 14 -6.61 1.20 -6.63
C GLY A 14 -7.23 2.48 -7.19
N ARG A 15 -8.48 2.37 -7.59
CA ARG A 15 -9.19 3.51 -8.15
C ARG A 15 -8.89 4.77 -7.34
N PRO A 16 -8.62 5.88 -8.07
CA PRO A 16 -8.31 7.15 -7.43
C PRO A 16 -9.58 7.80 -6.87
N ASN A 17 -9.39 8.95 -6.26
CA ASN A 17 -10.51 9.68 -5.67
C ASN A 17 -11.30 8.74 -4.76
N ALA A 18 -10.57 7.87 -4.08
CA ALA A 18 -11.19 6.91 -3.18
C ALA A 18 -10.79 7.26 -1.73
N GLY A 19 -9.50 7.48 -1.54
CA GLY A 19 -8.99 7.82 -0.22
C GLY A 19 -7.66 7.11 0.04
N LYS A 20 -6.73 7.29 -0.88
CA LYS A 20 -5.42 6.67 -0.77
C LYS A 20 -4.44 7.70 -0.19
N SER A 21 -4.65 8.95 -0.57
CA SER A 21 -3.79 10.03 -0.11
C SER A 21 -3.96 10.23 1.40
N SER A 22 -5.22 10.22 1.82
CA SER A 22 -5.54 10.40 3.23
C SER A 22 -4.82 9.33 4.07
N LEU A 23 -5.17 8.07 3.79
CA LEU A 23 -4.57 6.96 4.51
C LEU A 23 -3.04 7.07 4.42
N LEU A 24 -2.58 7.44 3.25
CA LEU A 24 -1.14 7.58 3.01
C LEU A 24 -0.51 8.26 4.23
N ASN A 25 -0.70 9.58 4.31
CA ASN A 25 -0.15 10.35 5.40
C ASN A 25 -0.51 9.68 6.73
N ALA A 26 -1.79 9.35 6.85
CA ALA A 26 -2.28 8.71 8.06
C ALA A 26 -1.29 7.62 8.49
N LEU A 27 -0.93 6.78 7.53
CA LEU A 27 0.00 5.70 7.79
C LEU A 27 1.43 6.19 7.55
N ALA A 28 1.86 7.08 8.43
CA ALA A 28 3.21 7.63 8.33
C ALA A 28 3.63 8.18 9.70
N GLY A 29 2.85 9.14 10.19
CA GLY A 29 3.14 9.74 11.48
C GLY A 29 3.15 11.27 11.38
N ARG A 30 3.79 11.75 10.33
CA ARG A 30 3.88 13.19 10.10
C ARG A 30 2.50 13.84 10.30
N GLU A 31 2.41 14.67 11.32
CA GLU A 31 1.17 15.36 11.62
C GLU A 31 0.47 15.78 10.33
N ALA A 32 0.86 16.96 9.84
CA ALA A 32 0.28 17.49 8.61
C ALA A 32 0.94 16.80 7.42
N ALA A 33 2.14 17.26 7.10
CA ALA A 33 2.88 16.71 5.98
C ALA A 33 2.27 17.21 4.67
N ILE A 34 2.79 16.69 3.57
CA ILE A 34 2.31 17.07 2.26
C ILE A 34 2.27 15.83 1.35
N VAL A 35 1.26 15.79 0.50
CA VAL A 35 1.11 14.67 -0.41
C VAL A 35 0.21 15.10 -1.58
N THR A 36 0.25 14.29 -2.63
CA THR A 36 -0.55 14.58 -3.81
C THR A 36 0.18 15.58 -4.72
N ASP A 37 -0.57 16.10 -5.69
CA ASP A 37 -0.02 17.06 -6.62
C ASP A 37 1.16 16.43 -7.36
N ILE A 38 0.97 15.18 -7.75
CA ILE A 38 2.02 14.45 -8.46
C ILE A 38 1.43 13.90 -9.77
N ALA A 39 1.44 14.76 -10.78
CA ALA A 39 0.92 14.38 -12.09
C ALA A 39 2.04 13.73 -12.90
N GLY A 40 1.87 12.43 -13.13
CA GLY A 40 2.86 11.68 -13.89
C GLY A 40 3.67 10.76 -12.97
N THR A 41 3.26 10.72 -11.72
CA THR A 41 3.94 9.89 -10.74
C THR A 41 5.45 10.01 -10.89
N THR A 42 6.17 9.10 -10.25
CA THR A 42 7.62 9.09 -10.30
C THR A 42 8.12 7.84 -11.04
N ARG A 43 9.44 7.75 -11.15
CA ARG A 43 10.04 6.62 -11.82
C ARG A 43 10.39 5.53 -10.80
N ASP A 44 9.93 5.73 -9.58
CA ASP A 44 10.18 4.79 -8.51
C ASP A 44 8.86 4.40 -7.85
N VAL A 45 7.79 4.88 -8.43
CA VAL A 45 6.46 4.60 -7.92
C VAL A 45 6.50 4.63 -6.38
N LEU A 46 7.36 5.49 -5.86
CA LEU A 46 7.50 5.63 -4.43
C LEU A 46 7.17 7.08 -4.02
N ARG A 47 5.87 7.38 -4.05
CA ARG A 47 5.41 8.71 -3.69
C ARG A 47 4.59 8.66 -2.40
N GLU A 48 4.41 7.44 -1.91
CA GLU A 48 3.65 7.24 -0.69
C GLU A 48 4.58 7.22 0.53
N HIS A 49 5.68 7.94 0.39
CA HIS A 49 6.66 8.02 1.47
C HIS A 49 7.12 6.60 1.84
N ILE A 50 7.58 6.47 3.07
CA ILE A 50 8.05 5.18 3.56
C ILE A 50 8.23 5.25 5.07
N HIS A 51 7.33 4.56 5.77
CA HIS A 51 7.38 4.53 7.22
C HIS A 51 8.73 4.00 7.69
N ILE A 52 9.24 4.60 8.76
CA ILE A 52 10.52 4.20 9.31
C ILE A 52 10.29 3.23 10.46
N ASP A 53 9.30 3.55 11.28
CA ASP A 53 8.97 2.71 12.42
C ASP A 53 10.10 2.81 13.47
N GLY A 54 11.28 2.39 13.05
CA GLY A 54 12.44 2.42 13.94
C GLY A 54 13.19 3.75 13.80
N MET A 55 14.27 3.69 13.04
CA MET A 55 15.09 4.87 12.80
C MET A 55 14.63 5.64 11.56
N PRO A 56 14.40 6.97 11.75
CA PRO A 56 13.96 7.81 10.65
C PRO A 56 15.11 8.10 9.69
N LEU A 57 15.61 7.03 9.07
CA LEU A 57 16.70 7.16 8.13
C LEU A 57 16.93 5.82 7.43
N HIS A 58 16.21 5.63 6.33
CA HIS A 58 16.33 4.39 5.56
C HIS A 58 15.63 4.57 4.21
N ILE A 59 16.29 4.05 3.18
CA ILE A 59 15.75 4.14 1.84
C ILE A 59 15.16 2.79 1.43
N ILE A 60 14.10 2.84 0.64
CA ILE A 60 13.45 1.63 0.17
C ILE A 60 13.26 1.70 -1.34
N ASP A 61 12.37 2.59 -1.76
CA ASP A 61 12.09 2.76 -3.18
C ASP A 61 11.47 1.47 -3.73
N THR A 62 10.16 1.52 -3.93
CA THR A 62 9.44 0.38 -4.45
C THR A 62 9.47 0.39 -5.98
N ALA A 63 10.10 -0.64 -6.53
CA ALA A 63 10.21 -0.76 -7.97
C ALA A 63 8.86 -1.22 -8.54
N GLY A 64 8.77 -2.53 -8.75
CA GLY A 64 7.54 -3.11 -9.29
C GLY A 64 7.48 -2.93 -10.81
N LEU A 65 8.65 -2.82 -11.41
CA LEU A 65 8.73 -2.65 -12.85
C LEU A 65 10.16 -2.97 -13.32
N ARG A 66 10.31 -3.06 -14.63
CA ARG A 66 11.60 -3.37 -15.21
C ARG A 66 12.46 -2.10 -15.28
N GLU A 67 11.79 -0.97 -15.50
CA GLU A 67 12.47 0.30 -15.60
C GLU A 67 12.42 1.03 -14.25
N ALA A 68 11.81 0.36 -13.28
CA ALA A 68 11.68 0.94 -11.95
C ALA A 68 12.84 0.45 -11.07
N SER A 69 13.26 -0.78 -11.34
CA SER A 69 14.35 -1.38 -10.58
C SER A 69 15.63 -0.57 -10.78
N ASP A 70 15.94 -0.32 -12.05
CA ASP A 70 17.13 0.44 -12.39
C ASP A 70 16.95 1.89 -11.92
N GLU A 71 15.70 2.30 -11.80
CA GLU A 71 15.38 3.64 -11.36
C GLU A 71 15.45 3.74 -9.84
N VAL A 72 15.12 2.64 -9.20
CA VAL A 72 15.13 2.58 -7.74
C VAL A 72 16.58 2.59 -7.26
N GLU A 73 17.46 2.02 -8.07
CA GLU A 73 18.87 1.95 -7.74
C GLU A 73 19.61 3.12 -8.39
N ARG A 74 18.98 4.27 -8.37
CA ARG A 74 19.57 5.47 -8.96
C ARG A 74 19.21 6.70 -8.13
N ILE A 75 17.93 6.80 -7.79
CA ILE A 75 17.45 7.92 -7.01
C ILE A 75 18.21 7.98 -5.68
N GLY A 76 18.64 6.80 -5.24
CA GLY A 76 19.38 6.71 -3.99
C GLY A 76 20.88 6.59 -4.25
N ILE A 77 21.25 6.84 -5.50
CA ILE A 77 22.65 6.77 -5.89
C ILE A 77 23.29 5.53 -5.27
N GLU A 78 23.04 4.39 -5.90
CA GLU A 78 23.58 3.14 -5.42
C GLU A 78 23.87 2.20 -6.60
N ARG A 79 25.07 2.35 -7.16
CA ARG A 79 25.48 1.54 -8.28
C ARG A 79 24.34 1.41 -9.29
N ALA A 80 24.51 0.48 -10.21
CA ALA A 80 23.51 0.24 -11.24
C ALA A 80 23.44 -1.25 -11.57
N TRP A 81 23.24 -2.04 -10.52
CA TRP A 81 23.16 -3.48 -10.68
C TRP A 81 22.83 -4.09 -9.31
N GLN A 82 21.61 -3.84 -8.87
CA GLN A 82 21.17 -4.35 -7.59
C GLN A 82 19.65 -4.63 -7.63
N GLU A 83 19.25 -5.59 -6.81
CA GLU A 83 17.84 -5.96 -6.74
C GLU A 83 17.21 -5.43 -5.46
N ILE A 84 15.90 -5.57 -5.38
CA ILE A 84 15.16 -5.09 -4.21
C ILE A 84 13.87 -5.89 -4.09
N GLU A 85 13.96 -7.18 -4.37
CA GLU A 85 12.80 -8.05 -4.28
C GLU A 85 11.59 -7.40 -4.95
N GLN A 86 10.42 -7.83 -4.54
CA GLN A 86 9.18 -7.29 -5.08
C GLN A 86 8.13 -7.14 -3.98
N ALA A 87 6.99 -6.58 -4.37
CA ALA A 87 5.91 -6.36 -3.41
C ALA A 87 5.66 -7.65 -2.64
N ASP A 88 5.52 -7.50 -1.33
CA ASP A 88 5.27 -8.65 -0.47
C ASP A 88 3.92 -8.47 0.23
N ARG A 89 3.15 -7.50 -0.26
CA ARG A 89 1.85 -7.22 0.31
C ARG A 89 1.22 -6.00 -0.38
N VAL A 90 -0.05 -6.13 -0.70
CA VAL A 90 -0.77 -5.04 -1.35
C VAL A 90 -2.03 -4.71 -0.55
N LEU A 91 -2.40 -3.44 -0.57
CA LEU A 91 -3.57 -2.98 0.15
C LEU A 91 -4.43 -2.12 -0.78
N PHE A 92 -5.50 -2.73 -1.28
CA PHE A 92 -6.40 -2.03 -2.18
C PHE A 92 -7.13 -0.89 -1.45
N MET A 93 -8.19 -0.41 -2.08
CA MET A 93 -8.97 0.67 -1.51
C MET A 93 -10.47 0.40 -1.66
N VAL A 94 -10.95 0.60 -2.88
CA VAL A 94 -12.36 0.38 -3.17
C VAL A 94 -13.21 1.26 -2.24
N ASP A 95 -14.52 1.08 -2.36
CA ASP A 95 -15.44 1.84 -1.54
C ASP A 95 -16.25 0.89 -0.66
N GLY A 96 -16.63 -0.23 -1.24
CA GLY A 96 -17.40 -1.23 -0.52
C GLY A 96 -18.57 -1.75 -1.36
N THR A 97 -19.37 -0.80 -1.83
CA THR A 97 -20.53 -1.14 -2.64
C THR A 97 -20.52 -0.32 -3.95
N THR A 98 -19.31 -0.03 -4.42
CA THR A 98 -19.16 0.74 -5.63
C THR A 98 -18.21 0.02 -6.60
N THR A 99 -18.54 0.11 -7.89
CA THR A 99 -17.73 -0.52 -8.91
C THR A 99 -17.47 0.45 -10.07
N ASP A 100 -16.24 0.43 -10.55
CA ASP A 100 -15.86 1.31 -11.66
C ASP A 100 -15.18 0.47 -12.74
N ALA A 101 -14.57 1.17 -13.68
CA ALA A 101 -13.88 0.52 -14.78
C ALA A 101 -12.40 0.44 -14.46
N VAL A 102 -11.95 1.35 -13.60
CA VAL A 102 -10.56 1.40 -13.20
C VAL A 102 -10.37 0.61 -11.90
N ASP A 103 -11.50 0.23 -11.31
CA ASP A 103 -11.47 -0.52 -10.07
C ASP A 103 -11.05 -1.96 -10.36
N PRO A 104 -11.75 -2.59 -11.33
CA PRO A 104 -11.45 -3.96 -11.72
C PRO A 104 -10.17 -4.03 -12.54
N ALA A 105 -9.80 -2.90 -13.12
CA ALA A 105 -8.61 -2.81 -13.94
C ALA A 105 -7.40 -2.56 -13.04
N GLU A 106 -7.67 -2.52 -11.74
CA GLU A 106 -6.61 -2.30 -10.77
C GLU A 106 -6.37 -3.56 -9.94
N ILE A 107 -7.24 -4.53 -10.13
CA ILE A 107 -7.14 -5.78 -9.41
C ILE A 107 -6.73 -6.90 -10.38
N TRP A 108 -6.81 -6.58 -11.67
CA TRP A 108 -6.46 -7.54 -12.70
C TRP A 108 -4.98 -7.86 -12.56
N PRO A 109 -4.16 -6.78 -12.48
CA PRO A 109 -2.72 -6.94 -12.34
C PRO A 109 -2.35 -7.37 -10.91
N GLU A 110 -3.38 -7.54 -10.10
CA GLU A 110 -3.17 -7.95 -8.72
C GLU A 110 -3.46 -9.44 -8.55
N PHE A 111 -4.63 -9.85 -9.03
CA PHE A 111 -5.03 -11.24 -8.94
C PHE A 111 -3.84 -12.17 -9.17
N ILE A 112 -3.13 -11.92 -10.27
CA ILE A 112 -1.97 -12.71 -10.61
C ILE A 112 -0.80 -12.33 -9.71
N ALA A 113 -0.78 -12.93 -8.53
CA ALA A 113 0.27 -12.66 -7.57
C ALA A 113 0.24 -13.73 -6.48
N ARG A 114 1.36 -13.83 -5.77
CA ARG A 114 1.48 -14.81 -4.69
C ARG A 114 1.54 -14.10 -3.34
N LEU A 115 1.70 -12.78 -3.40
CA LEU A 115 1.77 -11.98 -2.19
C LEU A 115 0.38 -11.84 -1.59
N PRO A 116 0.35 -11.63 -0.25
CA PRO A 116 -0.91 -11.47 0.46
C PRO A 116 -1.52 -10.09 0.20
N ALA A 117 -2.82 -10.08 -0.04
CA ALA A 117 -3.53 -8.84 -0.31
C ALA A 117 -4.59 -8.63 0.78
N LYS A 118 -5.00 -7.36 0.91
CA LYS A 118 -6.00 -7.01 1.91
C LYS A 118 -7.01 -6.05 1.29
N LEU A 119 -8.28 -6.39 1.44
CA LEU A 119 -9.35 -5.56 0.90
C LEU A 119 -10.18 -4.99 2.05
N PRO A 120 -10.21 -3.64 2.12
CA PRO A 120 -10.95 -2.95 3.16
C PRO A 120 -12.46 -3.00 2.88
N ILE A 121 -13.22 -3.00 3.96
CA ILE A 121 -14.67 -3.04 3.84
C ILE A 121 -15.29 -1.99 4.76
N THR A 122 -15.65 -0.86 4.16
CA THR A 122 -16.25 0.24 4.90
C THR A 122 -17.68 -0.12 5.33
N VAL A 123 -18.11 0.52 6.39
CA VAL A 123 -19.45 0.27 6.91
C VAL A 123 -20.20 1.60 7.01
N VAL A 124 -21.02 1.86 6.00
CA VAL A 124 -21.79 3.09 5.97
C VAL A 124 -23.09 2.85 5.18
N ARG A 125 -23.98 3.82 5.26
CA ARG A 125 -25.26 3.73 4.56
C ARG A 125 -25.97 2.44 4.95
N ASN A 126 -27.10 2.21 4.30
CA ASN A 126 -27.90 1.03 4.56
C ASN A 126 -26.96 -0.17 4.77
N LYS A 127 -27.37 -1.05 5.67
CA LYS A 127 -26.58 -2.23 5.97
C LYS A 127 -26.77 -3.26 4.85
N ALA A 128 -27.80 -3.05 4.06
CA ALA A 128 -28.09 -3.94 2.96
C ALA A 128 -26.99 -3.83 1.90
N ASP A 129 -26.97 -2.69 1.23
CA ASP A 129 -25.98 -2.44 0.20
C ASP A 129 -24.62 -2.95 0.68
N ILE A 130 -24.21 -2.46 1.83
CA ILE A 130 -22.93 -2.86 2.41
C ILE A 130 -23.12 -4.18 3.18
N THR A 131 -23.01 -5.28 2.46
CA THR A 131 -23.16 -6.58 3.05
C THR A 131 -23.12 -7.67 1.98
N GLY A 132 -24.23 -7.80 1.27
CA GLY A 132 -24.34 -8.79 0.21
C GLY A 132 -23.19 -8.65 -0.79
N GLU A 133 -22.78 -7.42 -1.00
CA GLU A 133 -21.69 -7.13 -1.92
C GLU A 133 -20.35 -7.24 -1.21
N THR A 134 -20.24 -6.56 -0.08
CA THR A 134 -19.03 -6.57 0.71
C THR A 134 -18.50 -8.00 0.86
N LEU A 135 -19.37 -8.87 1.34
CA LEU A 135 -19.01 -10.27 1.52
C LEU A 135 -18.87 -10.94 0.16
N GLY A 136 -19.89 -10.79 -0.66
CA GLY A 136 -19.89 -11.37 -1.99
C GLY A 136 -18.54 -11.14 -2.68
N MET A 137 -18.09 -9.89 -2.62
CA MET A 137 -16.83 -9.54 -3.24
C MET A 137 -15.68 -10.36 -2.67
N SER A 138 -15.44 -11.50 -3.30
CA SER A 138 -14.38 -12.40 -2.86
C SER A 138 -13.64 -12.96 -4.07
N GLU A 139 -12.99 -12.06 -4.80
CA GLU A 139 -12.24 -12.45 -5.99
C GLU A 139 -10.95 -13.16 -5.58
N VAL A 140 -10.03 -12.38 -5.03
CA VAL A 140 -8.75 -12.93 -4.59
C VAL A 140 -8.80 -13.22 -3.09
N ASN A 141 -8.07 -14.25 -2.69
CA ASN A 141 -8.03 -14.63 -1.30
C ASN A 141 -7.50 -13.47 -0.46
N GLY A 142 -8.42 -12.60 -0.05
CA GLY A 142 -8.06 -11.44 0.75
C GLY A 142 -7.57 -11.87 2.13
N HIS A 143 -6.30 -11.56 2.40
CA HIS A 143 -5.71 -11.90 3.68
C HIS A 143 -6.65 -11.50 4.80
N ALA A 144 -7.03 -10.24 4.79
CA ALA A 144 -7.93 -9.71 5.81
C ALA A 144 -8.82 -8.63 5.19
N LEU A 145 -9.90 -8.32 5.90
CA LEU A 145 -10.83 -7.32 5.44
C LEU A 145 -11.37 -6.54 6.64
N ILE A 146 -11.11 -5.24 6.63
CA ILE A 146 -11.57 -4.37 7.71
C ILE A 146 -12.01 -3.03 7.13
N ARG A 147 -12.73 -2.28 7.96
CA ARG A 147 -13.22 -0.98 7.54
C ARG A 147 -12.09 0.05 7.58
N LEU A 148 -12.38 1.21 7.02
CA LEU A 148 -11.40 2.30 6.98
C LEU A 148 -12.14 3.63 6.98
N SER A 149 -11.45 4.64 7.51
CA SER A 149 -12.02 5.98 7.58
C SER A 149 -11.04 7.00 6.99
N ALA A 150 -9.78 6.84 7.36
CA ALA A 150 -8.74 7.73 6.87
C ALA A 150 -8.87 9.09 7.58
N ARG A 151 -9.96 9.78 7.28
CA ARG A 151 -10.20 11.07 7.87
C ARG A 151 -10.13 10.99 9.40
N THR A 152 -10.84 10.00 9.94
CA THR A 152 -10.86 9.80 11.37
C THR A 152 -9.81 8.75 11.78
N GLY A 153 -9.76 7.69 11.00
CA GLY A 153 -8.81 6.61 11.26
C GLY A 153 -9.53 5.27 11.40
N GLU A 154 -9.98 5.00 12.63
CA GLU A 154 -10.68 3.76 12.91
C GLU A 154 -9.69 2.61 13.04
N GLY A 155 -9.21 2.14 11.90
CA GLY A 155 -8.27 1.04 11.87
C GLY A 155 -7.01 1.43 11.08
N VAL A 156 -6.46 2.58 11.43
CA VAL A 156 -5.26 3.06 10.77
C VAL A 156 -4.02 2.51 11.48
N ASP A 157 -4.27 1.88 12.62
CA ASP A 157 -3.19 1.31 13.41
C ASP A 157 -3.22 -0.21 13.28
N VAL A 158 -4.39 -0.72 12.94
CA VAL A 158 -4.57 -2.16 12.78
C VAL A 158 -3.76 -2.64 11.57
N LEU A 159 -4.17 -2.16 10.41
CA LEU A 159 -3.50 -2.54 9.17
C LEU A 159 -2.01 -2.19 9.28
N ARG A 160 -1.73 -1.18 10.11
CA ARG A 160 -0.37 -0.74 10.31
C ARG A 160 0.44 -1.81 11.06
N ASN A 161 -0.27 -2.57 11.87
CA ASN A 161 0.36 -3.63 12.64
C ASN A 161 0.46 -4.90 11.78
N HIS A 162 -0.03 -4.78 10.55
CA HIS A 162 -0.01 -5.90 9.63
C HIS A 162 1.02 -5.63 8.52
N LEU A 163 1.87 -4.65 8.77
CA LEU A 163 2.90 -4.28 7.82
C LEU A 163 4.25 -4.82 8.30
N LYS A 164 4.49 -4.66 9.58
CA LYS A 164 5.73 -5.13 10.18
C LYS A 164 5.81 -6.66 10.04
N GLN A 165 4.64 -7.28 10.05
CA GLN A 165 4.57 -8.72 9.93
C GLN A 165 4.90 -9.16 8.51
N SER A 166 4.35 -8.43 7.56
CA SER A 166 4.58 -8.73 6.15
C SER A 166 6.06 -8.57 5.82
N MET A 167 6.61 -7.44 6.25
CA MET A 167 8.01 -7.15 6.00
C MET A 167 8.88 -8.41 6.20
N GLY A 168 9.59 -8.77 5.14
CA GLY A 168 10.44 -9.94 5.18
C GLY A 168 11.85 -9.57 5.65
N ILE A 169 12.46 -10.51 6.36
CA ILE A 169 13.80 -10.30 6.88
C ILE A 169 14.81 -10.42 5.74
N HIS A 170 15.30 -9.27 5.29
CA HIS A 170 16.26 -9.23 4.21
C HIS A 170 16.87 -7.83 4.11
N ARG A 171 18.13 -7.79 3.71
CA ARG A 171 18.84 -6.53 3.57
C ARG A 171 20.28 -6.78 3.10
N ASP A 172 21.01 -7.54 3.89
CA ASP A 172 22.39 -7.87 3.55
C ASP A 172 22.42 -8.99 2.52
N GLY A 1 25.92 -2.96 17.73
CA GLY A 1 24.94 -2.18 16.99
C GLY A 1 23.53 -2.71 17.24
N SER A 2 23.06 -3.51 16.29
CA SER A 2 21.72 -4.10 16.39
C SER A 2 21.59 -5.27 15.41
N LEU A 3 21.12 -6.39 15.93
CA LEU A 3 20.94 -7.57 15.12
C LEU A 3 19.55 -7.55 14.50
N LEU A 4 19.43 -8.24 13.36
CA LEU A 4 18.15 -8.31 12.66
C LEU A 4 17.78 -6.91 12.16
N ARG A 5 17.46 -6.86 10.87
CA ARG A 5 17.09 -5.60 10.24
C ARG A 5 15.98 -5.83 9.22
N GLU A 6 15.01 -4.94 9.25
CA GLU A 6 13.88 -5.02 8.34
C GLU A 6 13.87 -3.83 7.38
N GLY A 7 13.26 -4.03 6.23
CA GLY A 7 13.18 -2.98 5.22
C GLY A 7 12.45 -3.47 3.97
N MET A 8 11.13 -3.48 4.06
CA MET A 8 10.30 -3.93 2.94
C MET A 8 9.53 -2.76 2.33
N LYS A 9 9.04 -2.98 1.13
CA LYS A 9 8.27 -1.96 0.43
C LYS A 9 6.93 -2.55 -0.02
N VAL A 10 5.86 -1.98 0.52
CA VAL A 10 4.53 -2.44 0.19
C VAL A 10 3.91 -1.48 -0.83
N VAL A 11 3.20 -2.06 -1.79
CA VAL A 11 2.56 -1.27 -2.83
C VAL A 11 1.09 -1.06 -2.46
N ILE A 12 0.70 0.20 -2.39
CA ILE A 12 -0.67 0.57 -2.06
C ILE A 12 -1.43 0.93 -3.32
N ALA A 13 -2.05 -0.07 -3.92
CA ALA A 13 -2.81 0.14 -5.14
C ALA A 13 -4.28 0.38 -4.79
N GLY A 14 -5.00 0.92 -5.75
CA GLY A 14 -6.42 1.20 -5.55
C GLY A 14 -6.98 2.03 -6.72
N ARG A 15 -7.09 3.33 -6.48
CA ARG A 15 -7.61 4.22 -7.50
C ARG A 15 -7.57 5.67 -7.00
N PRO A 16 -7.54 6.61 -7.98
CA PRO A 16 -7.51 8.03 -7.65
C PRO A 16 -8.87 8.52 -7.16
N ASN A 17 -8.83 9.34 -6.13
CA ASN A 17 -10.05 9.89 -5.55
C ASN A 17 -10.86 8.75 -4.93
N ALA A 18 -10.45 8.35 -3.74
CA ALA A 18 -11.13 7.28 -3.03
C ALA A 18 -10.54 7.17 -1.62
N GLY A 19 -9.23 7.26 -1.54
CA GLY A 19 -8.55 7.18 -0.26
C GLY A 19 -7.16 6.55 -0.43
N LYS A 20 -6.39 7.14 -1.33
CA LYS A 20 -5.04 6.65 -1.59
C LYS A 20 -4.02 7.61 -0.97
N SER A 21 -4.15 8.87 -1.33
CA SER A 21 -3.25 9.90 -0.81
C SER A 21 -3.63 10.24 0.62
N SER A 22 -4.83 9.81 1.02
CA SER A 22 -5.31 10.07 2.36
C SER A 22 -4.64 9.11 3.35
N LEU A 23 -4.70 7.83 3.01
CA LEU A 23 -4.10 6.81 3.86
C LEU A 23 -2.65 7.17 4.15
N LEU A 24 -1.99 7.70 3.12
CA LEU A 24 -0.60 8.09 3.24
C LEU A 24 -0.37 8.73 4.62
N ASN A 25 -0.93 9.92 4.78
CA ASN A 25 -0.80 10.65 6.03
C ASN A 25 -1.62 9.94 7.11
N ALA A 26 -1.25 8.70 7.39
CA ALA A 26 -1.94 7.91 8.38
C ALA A 26 -1.10 6.68 8.73
N LEU A 27 -0.61 6.02 7.69
CA LEU A 27 0.21 4.83 7.87
C LEU A 27 1.68 5.23 7.83
N ALA A 28 1.97 6.36 8.46
CA ALA A 28 3.34 6.85 8.52
C ALA A 28 3.56 7.57 9.85
N GLY A 29 2.78 8.63 10.05
CA GLY A 29 2.89 9.41 11.28
C GLY A 29 3.81 10.61 11.09
N ARG A 30 3.74 11.18 9.89
CA ARG A 30 4.55 12.35 9.57
C ARG A 30 3.88 13.62 10.06
N GLU A 31 2.56 13.53 10.23
CA GLU A 31 1.79 14.67 10.69
C GLU A 31 1.74 15.75 9.61
N ALA A 32 2.90 16.27 9.27
CA ALA A 32 3.00 17.30 8.26
C ALA A 32 3.50 16.69 6.95
N ALA A 33 2.59 16.03 6.24
CA ALA A 33 2.94 15.40 4.98
C ALA A 33 2.58 16.33 3.84
N ILE A 34 2.77 15.83 2.62
CA ILE A 34 2.47 16.61 1.43
C ILE A 34 1.74 15.74 0.42
N VAL A 35 0.66 16.27 -0.11
CA VAL A 35 -0.14 15.55 -1.10
C VAL A 35 0.29 15.98 -2.50
N THR A 36 1.00 15.08 -3.16
CA THR A 36 1.48 15.35 -4.52
C THR A 36 0.40 14.98 -5.54
N ASP A 37 -0.16 16.00 -6.15
CA ASP A 37 -1.20 15.80 -7.16
C ASP A 37 -0.57 15.83 -8.55
N ILE A 38 -0.11 14.67 -8.99
CA ILE A 38 0.52 14.56 -10.29
C ILE A 38 -0.02 13.32 -11.00
N ALA A 39 0.08 13.35 -12.33
CA ALA A 39 -0.40 12.24 -13.14
C ALA A 39 0.79 11.37 -13.56
N GLY A 40 1.81 12.04 -14.07
CA GLY A 40 3.01 11.35 -14.51
C GLY A 40 3.44 10.29 -13.50
N THR A 41 2.99 9.07 -13.73
CA THR A 41 3.31 7.96 -12.85
C THR A 41 4.80 7.98 -12.51
N THR A 42 5.08 8.00 -11.21
CA THR A 42 6.46 8.02 -10.75
C THR A 42 7.21 6.78 -11.24
N ARG A 43 8.39 7.02 -11.77
CA ARG A 43 9.21 5.93 -12.28
C ARG A 43 9.85 5.15 -11.13
N ASP A 44 10.07 5.87 -10.03
CA ASP A 44 10.67 5.26 -8.85
C ASP A 44 9.58 4.55 -8.04
N VAL A 45 8.33 4.81 -8.43
CA VAL A 45 7.20 4.20 -7.75
C VAL A 45 7.07 4.81 -6.35
N LEU A 46 8.13 4.65 -5.58
CA LEU A 46 8.15 5.17 -4.22
C LEU A 46 7.42 6.52 -4.18
N ARG A 47 6.16 6.46 -3.78
CA ARG A 47 5.35 7.67 -3.70
C ARG A 47 4.67 7.76 -2.33
N GLU A 48 4.19 6.62 -1.86
CA GLU A 48 3.52 6.56 -0.57
C GLU A 48 4.55 6.65 0.56
N HIS A 49 5.33 7.72 0.54
CA HIS A 49 6.35 7.93 1.55
C HIS A 49 7.06 6.61 1.84
N ILE A 50 7.75 6.59 2.98
CA ILE A 50 8.48 5.40 3.38
C ILE A 50 9.08 5.62 4.76
N HIS A 51 8.21 5.72 5.75
CA HIS A 51 8.65 5.94 7.13
C HIS A 51 9.33 4.67 7.65
N ILE A 52 10.34 4.89 8.47
CA ILE A 52 11.09 3.78 9.05
C ILE A 52 11.14 3.95 10.57
N ASP A 53 10.11 3.45 11.23
CA ASP A 53 10.02 3.54 12.68
C ASP A 53 11.38 3.15 13.28
N GLY A 54 11.89 2.02 12.83
CA GLY A 54 13.16 1.52 13.32
C GLY A 54 14.15 2.68 13.54
N MET A 55 14.32 3.48 12.50
CA MET A 55 15.22 4.61 12.58
C MET A 55 15.29 5.37 11.25
N PRO A 56 14.85 6.66 11.30
CA PRO A 56 14.85 7.49 10.10
C PRO A 56 16.27 7.93 9.74
N LEU A 57 16.73 7.50 8.58
CA LEU A 57 18.05 7.85 8.12
C LEU A 57 18.22 7.39 6.66
N HIS A 58 17.84 6.13 6.43
CA HIS A 58 17.93 5.57 5.09
C HIS A 58 16.56 5.58 4.43
N ILE A 59 16.56 5.32 3.12
CA ILE A 59 15.32 5.31 2.36
C ILE A 59 15.21 3.97 1.61
N ILE A 60 13.99 3.50 1.48
CA ILE A 60 13.73 2.25 0.78
C ILE A 60 13.20 2.55 -0.62
N ASP A 61 13.31 1.55 -1.48
CA ASP A 61 12.85 1.69 -2.85
C ASP A 61 11.63 0.78 -3.06
N THR A 62 10.49 1.43 -3.30
CA THR A 62 9.26 0.70 -3.51
C THR A 62 8.99 0.55 -5.01
N ALA A 63 9.96 -0.05 -5.70
CA ALA A 63 9.84 -0.26 -7.13
C ALA A 63 9.13 -1.60 -7.38
N GLY A 64 9.17 -2.02 -8.64
CA GLY A 64 8.54 -3.27 -9.02
C GLY A 64 8.50 -3.41 -10.54
N LEU A 65 9.67 -3.31 -11.15
CA LEU A 65 9.78 -3.42 -12.60
C LEU A 65 11.24 -3.22 -13.01
N ARG A 66 11.61 -3.89 -14.09
CA ARG A 66 12.97 -3.79 -14.60
C ARG A 66 13.40 -2.33 -14.68
N GLU A 67 12.53 -1.52 -15.24
CA GLU A 67 12.81 -0.09 -15.38
C GLU A 67 12.76 0.59 -14.00
N ALA A 68 11.61 0.48 -13.37
CA ALA A 68 11.42 1.08 -12.05
C ALA A 68 12.64 0.80 -11.19
N SER A 69 12.94 -0.49 -11.04
CA SER A 69 14.09 -0.90 -10.24
C SER A 69 15.27 0.03 -10.50
N ASP A 70 15.59 0.20 -11.78
CA ASP A 70 16.70 1.06 -12.16
C ASP A 70 16.34 2.51 -11.85
N GLU A 71 15.17 2.91 -12.32
CA GLU A 71 14.70 4.27 -12.10
C GLU A 71 14.88 4.67 -10.63
N VAL A 72 14.46 3.76 -9.76
CA VAL A 72 14.58 4.00 -8.33
C VAL A 72 16.04 3.89 -7.91
N GLU A 73 16.75 3.02 -8.61
CA GLU A 73 18.17 2.81 -8.31
C GLU A 73 19.00 3.97 -8.88
N ARG A 74 18.66 5.17 -8.42
CA ARG A 74 19.37 6.36 -8.85
C ARG A 74 18.93 7.57 -8.03
N ILE A 75 17.63 7.65 -7.80
CA ILE A 75 17.08 8.75 -7.03
C ILE A 75 17.47 8.59 -5.56
N GLY A 76 18.04 7.43 -5.25
CA GLY A 76 18.46 7.14 -3.90
C GLY A 76 19.98 6.94 -3.83
N ILE A 77 20.66 7.52 -4.80
CA ILE A 77 22.11 7.41 -4.87
C ILE A 77 22.50 5.93 -4.93
N GLU A 78 22.35 5.36 -6.11
CA GLU A 78 22.69 3.97 -6.32
C GLU A 78 23.53 3.79 -7.58
N ARG A 79 24.40 2.80 -7.56
CA ARG A 79 25.26 2.53 -8.69
C ARG A 79 24.44 2.43 -9.97
N ALA A 80 23.60 1.42 -10.03
CA ALA A 80 22.76 1.21 -11.20
C ALA A 80 21.82 0.02 -10.94
N TRP A 81 22.41 -1.08 -10.49
CA TRP A 81 21.64 -2.27 -10.19
C TRP A 81 22.31 -2.98 -9.01
N GLN A 82 21.47 -3.36 -8.04
CA GLN A 82 21.96 -4.05 -6.86
C GLN A 82 21.01 -5.18 -6.47
N GLU A 83 19.83 -4.78 -6.01
CA GLU A 83 18.83 -5.76 -5.60
C GLU A 83 17.53 -5.05 -5.21
N ILE A 84 16.47 -5.35 -5.94
CA ILE A 84 15.18 -4.76 -5.67
C ILE A 84 14.10 -5.84 -5.74
N GLU A 85 13.78 -6.40 -4.59
CA GLU A 85 12.77 -7.44 -4.51
C GLU A 85 11.41 -6.89 -4.93
N GLN A 86 10.40 -7.75 -4.83
CA GLN A 86 9.05 -7.36 -5.20
C GLN A 86 8.16 -7.31 -3.96
N ALA A 87 7.28 -6.32 -3.93
CA ALA A 87 6.37 -6.16 -2.81
C ALA A 87 5.78 -7.52 -2.43
N ASP A 88 5.75 -7.78 -1.13
CA ASP A 88 5.23 -9.03 -0.62
C ASP A 88 3.91 -8.76 0.12
N ARG A 89 3.36 -7.58 -0.12
CA ARG A 89 2.11 -7.20 0.50
C ARG A 89 1.43 -6.09 -0.30
N VAL A 90 0.11 -6.17 -0.35
CA VAL A 90 -0.67 -5.18 -1.09
C VAL A 90 -1.82 -4.70 -0.20
N LEU A 91 -2.01 -3.39 -0.20
CA LEU A 91 -3.08 -2.78 0.59
C LEU A 91 -4.05 -2.06 -0.34
N PHE A 92 -4.94 -2.85 -0.94
CA PHE A 92 -5.93 -2.30 -1.85
C PHE A 92 -6.83 -1.28 -1.14
N MET A 93 -7.64 -0.61 -1.92
CA MET A 93 -8.55 0.40 -1.39
C MET A 93 -9.76 0.58 -2.30
N VAL A 94 -10.94 0.56 -1.69
CA VAL A 94 -12.17 0.73 -2.44
C VAL A 94 -13.11 1.67 -1.67
N ASP A 95 -13.36 2.82 -2.28
CA ASP A 95 -14.23 3.80 -1.66
C ASP A 95 -15.45 3.10 -1.04
N GLY A 96 -15.77 3.50 0.18
CA GLY A 96 -16.90 2.93 0.88
C GLY A 96 -18.14 2.87 -0.02
N THR A 97 -18.15 3.74 -1.01
CA THR A 97 -19.26 3.80 -1.94
C THR A 97 -19.22 2.61 -2.90
N THR A 98 -19.42 2.90 -4.18
CA THR A 98 -19.41 1.87 -5.19
C THR A 98 -17.99 1.61 -5.68
N THR A 99 -17.89 1.12 -6.91
CA THR A 99 -16.59 0.84 -7.50
C THR A 99 -16.37 1.70 -8.74
N ASP A 100 -16.17 1.04 -9.86
CA ASP A 100 -15.94 1.73 -11.12
C ASP A 100 -15.49 0.73 -12.18
N ALA A 101 -15.24 1.25 -13.37
CA ALA A 101 -14.81 0.41 -14.48
C ALA A 101 -13.30 0.16 -14.37
N VAL A 102 -12.62 1.09 -13.72
CA VAL A 102 -11.19 0.99 -13.53
C VAL A 102 -10.90 0.28 -12.20
N ASP A 103 -11.97 -0.10 -11.52
CA ASP A 103 -11.85 -0.77 -10.24
C ASP A 103 -11.33 -2.19 -10.47
N PRO A 104 -12.03 -2.92 -11.37
CA PRO A 104 -11.66 -4.29 -11.69
C PRO A 104 -10.42 -4.32 -12.58
N ALA A 105 -10.03 -3.14 -13.04
CA ALA A 105 -8.86 -3.02 -13.90
C ALA A 105 -7.59 -3.28 -13.09
N GLU A 106 -7.67 -2.93 -11.81
CA GLU A 106 -6.55 -3.13 -10.91
C GLU A 106 -6.87 -4.21 -9.88
N ILE A 107 -7.86 -5.03 -10.21
CA ILE A 107 -8.27 -6.10 -9.34
C ILE A 107 -7.78 -7.44 -9.90
N TRP A 108 -7.64 -7.46 -11.22
CA TRP A 108 -7.18 -8.67 -11.89
C TRP A 108 -5.74 -8.93 -11.47
N PRO A 109 -4.88 -7.89 -11.68
CA PRO A 109 -3.48 -8.00 -11.32
C PRO A 109 -3.29 -7.89 -9.80
N GLU A 110 -3.85 -8.87 -9.10
CA GLU A 110 -3.75 -8.90 -7.65
C GLU A 110 -3.44 -10.32 -7.17
N PHE A 111 -4.34 -11.23 -7.48
CA PHE A 111 -4.17 -12.62 -7.08
C PHE A 111 -3.36 -13.39 -8.13
N ILE A 112 -2.38 -12.71 -8.68
CA ILE A 112 -1.52 -13.31 -9.69
C ILE A 112 -0.05 -13.11 -9.31
N ALA A 113 0.21 -13.26 -8.02
CA ALA A 113 1.56 -13.09 -7.52
C ALA A 113 1.62 -13.59 -6.07
N ARG A 114 2.79 -14.11 -5.71
CA ARG A 114 2.99 -14.62 -4.37
C ARG A 114 2.98 -13.49 -3.34
N LEU A 115 1.77 -13.06 -3.00
CA LEU A 115 1.61 -11.98 -2.04
C LEU A 115 0.12 -11.80 -1.73
N PRO A 116 -0.18 -11.58 -0.43
CA PRO A 116 -1.54 -11.39 0.01
C PRO A 116 -2.06 -10.00 -0.37
N ALA A 117 -3.37 -9.94 -0.61
CA ALA A 117 -3.99 -8.68 -0.98
C ALA A 117 -5.21 -8.45 -0.09
N LYS A 118 -5.17 -7.34 0.64
CA LYS A 118 -6.26 -6.98 1.54
C LYS A 118 -7.02 -5.79 0.95
N LEU A 119 -8.33 -5.82 1.15
CA LEU A 119 -9.18 -4.75 0.65
C LEU A 119 -10.12 -4.29 1.76
N PRO A 120 -10.24 -2.94 1.89
CA PRO A 120 -11.09 -2.36 2.91
C PRO A 120 -12.57 -2.49 2.52
N ILE A 121 -13.41 -2.41 3.54
CA ILE A 121 -14.85 -2.52 3.33
C ILE A 121 -15.54 -1.25 3.83
N THR A 122 -16.80 -1.11 3.45
CA THR A 122 -17.58 0.05 3.85
C THR A 122 -17.87 0.00 5.34
N VAL A 123 -17.83 1.18 5.96
CA VAL A 123 -18.10 1.27 7.38
C VAL A 123 -19.46 0.66 7.69
N VAL A 124 -20.25 0.49 6.64
CA VAL A 124 -21.57 -0.09 6.79
C VAL A 124 -22.47 0.89 7.54
N ARG A 125 -23.68 1.06 7.02
CA ARG A 125 -24.64 1.97 7.63
C ARG A 125 -25.80 2.24 6.68
N ASN A 126 -25.48 2.18 5.39
CA ASN A 126 -26.49 2.42 4.37
C ASN A 126 -26.40 1.32 3.30
N LYS A 127 -27.54 1.05 2.67
CA LYS A 127 -27.60 0.04 1.64
C LYS A 127 -27.60 -1.34 2.29
N ALA A 128 -28.57 -1.54 3.17
CA ALA A 128 -28.70 -2.81 3.87
C ALA A 128 -27.30 -3.34 4.22
N ASP A 129 -26.40 -2.41 4.48
CA ASP A 129 -25.03 -2.77 4.83
C ASP A 129 -24.33 -3.33 3.59
N ILE A 130 -23.15 -2.79 3.32
CA ILE A 130 -22.38 -3.23 2.17
C ILE A 130 -22.19 -4.76 2.24
N THR A 131 -22.41 -5.29 3.42
CA THR A 131 -22.27 -6.73 3.63
C THR A 131 -22.74 -7.49 2.40
N GLY A 132 -23.73 -6.93 1.74
CA GLY A 132 -24.29 -7.55 0.54
C GLY A 132 -23.28 -7.53 -0.60
N GLU A 133 -22.84 -6.33 -0.95
CA GLU A 133 -21.87 -6.17 -2.02
C GLU A 133 -20.58 -6.90 -1.68
N THR A 134 -19.95 -6.46 -0.61
CA THR A 134 -18.70 -7.06 -0.16
C THR A 134 -18.74 -8.58 -0.35
N LEU A 135 -19.81 -9.18 0.15
CA LEU A 135 -19.99 -10.62 0.04
C LEU A 135 -19.75 -11.05 -1.41
N GLY A 136 -20.40 -10.34 -2.32
CA GLY A 136 -20.27 -10.64 -3.73
C GLY A 136 -19.02 -9.97 -4.32
N MET A 137 -17.90 -10.21 -3.65
CA MET A 137 -16.63 -9.64 -4.08
C MET A 137 -15.46 -10.45 -3.54
N SER A 138 -15.56 -11.76 -3.69
CA SER A 138 -14.51 -12.66 -3.21
C SER A 138 -13.69 -13.16 -4.39
N GLU A 139 -13.05 -12.21 -5.08
CA GLU A 139 -12.23 -12.55 -6.22
C GLU A 139 -10.82 -12.94 -5.78
N VAL A 140 -10.22 -12.06 -4.98
CA VAL A 140 -8.88 -12.31 -4.48
C VAL A 140 -8.95 -12.61 -2.97
N ASN A 141 -8.11 -13.54 -2.55
CA ASN A 141 -8.06 -13.92 -1.15
C ASN A 141 -8.11 -12.66 -0.27
N GLY A 142 -9.30 -12.38 0.24
CA GLY A 142 -9.50 -11.22 1.09
C GLY A 142 -8.29 -11.00 2.00
N HIS A 143 -7.98 -12.03 2.79
CA HIS A 143 -6.86 -11.97 3.70
C HIS A 143 -7.22 -11.09 4.91
N ALA A 144 -7.58 -9.85 4.60
CA ALA A 144 -7.95 -8.91 5.65
C ALA A 144 -9.20 -8.13 5.21
N LEU A 145 -10.15 -8.03 6.12
CA LEU A 145 -11.38 -7.32 5.83
C LEU A 145 -11.70 -6.37 7.00
N ILE A 146 -11.20 -5.15 6.88
CA ILE A 146 -11.43 -4.15 7.91
C ILE A 146 -11.76 -2.81 7.24
N ARG A 147 -12.91 -2.27 7.64
CA ARG A 147 -13.35 -0.99 7.09
C ARG A 147 -12.26 0.06 7.26
N LEU A 148 -12.55 1.25 6.74
CA LEU A 148 -11.61 2.35 6.82
C LEU A 148 -12.37 3.68 6.85
N SER A 149 -11.67 4.73 7.26
CA SER A 149 -12.27 6.04 7.34
C SER A 149 -11.32 7.09 6.77
N ALA A 150 -10.07 6.98 7.19
CA ALA A 150 -9.04 7.91 6.73
C ALA A 150 -9.08 9.17 7.59
N ARG A 151 -10.24 9.81 7.59
CA ARG A 151 -10.42 11.02 8.37
C ARG A 151 -9.79 10.87 9.75
N THR A 152 -10.21 9.82 10.45
CA THR A 152 -9.69 9.55 11.77
C THR A 152 -9.17 8.11 11.87
N GLY A 153 -8.76 7.59 10.72
CA GLY A 153 -8.25 6.23 10.65
C GLY A 153 -9.05 5.29 11.55
N GLU A 154 -10.15 4.79 11.00
CA GLU A 154 -11.01 3.90 11.75
C GLU A 154 -10.18 2.79 12.40
N GLY A 155 -9.37 2.14 11.59
CA GLY A 155 -8.53 1.05 12.08
C GLY A 155 -7.22 0.98 11.29
N VAL A 156 -6.60 2.13 11.12
CA VAL A 156 -5.35 2.22 10.38
C VAL A 156 -4.34 1.25 10.99
N ASP A 157 -4.29 1.25 12.32
CA ASP A 157 -3.37 0.38 13.04
C ASP A 157 -3.45 -1.03 12.44
N VAL A 158 -4.66 -1.56 12.40
CA VAL A 158 -4.88 -2.89 11.86
C VAL A 158 -4.04 -3.07 10.60
N LEU A 159 -4.02 -2.02 9.80
CA LEU A 159 -3.26 -2.04 8.55
C LEU A 159 -1.76 -2.10 8.87
N ARG A 160 -1.35 -1.18 9.74
CA ARG A 160 0.06 -1.11 10.13
C ARG A 160 0.54 -2.48 10.59
N ASN A 161 -0.28 -3.12 11.41
CA ASN A 161 0.06 -4.44 11.92
C ASN A 161 0.39 -5.37 10.75
N HIS A 162 -0.56 -5.48 9.84
CA HIS A 162 -0.39 -6.33 8.67
C HIS A 162 0.84 -5.89 7.89
N LEU A 163 1.17 -4.62 8.05
CA LEU A 163 2.33 -4.04 7.37
C LEU A 163 3.54 -4.10 8.29
N LYS A 164 3.69 -5.24 8.95
CA LYS A 164 4.81 -5.43 9.87
C LYS A 164 5.19 -6.90 9.89
N GLN A 165 4.18 -7.75 10.05
CA GLN A 165 4.40 -9.18 10.09
C GLN A 165 5.14 -9.64 8.83
N SER A 166 4.68 -9.16 7.69
CA SER A 166 5.29 -9.50 6.43
C SER A 166 6.76 -9.08 6.42
N MET A 167 6.98 -7.82 6.07
CA MET A 167 8.34 -7.29 6.03
C MET A 167 9.26 -8.22 5.24
N GLY A 168 10.54 -7.86 5.24
CA GLY A 168 11.54 -8.66 4.54
C GLY A 168 12.94 -8.36 5.06
N ILE A 169 13.49 -9.32 5.78
CA ILE A 169 14.82 -9.17 6.35
C ILE A 169 15.79 -8.75 5.25
N HIS A 170 16.41 -7.59 5.46
CA HIS A 170 17.35 -7.06 4.49
C HIS A 170 17.84 -5.69 4.94
N ARG A 171 19.01 -5.31 4.45
CA ARG A 171 19.59 -4.03 4.80
C ARG A 171 19.21 -2.96 3.76
N ASP A 172 19.52 -3.28 2.51
CA ASP A 172 19.21 -2.37 1.42
C ASP A 172 19.55 -0.94 1.84
N GLY A 1 17.08 -4.24 21.23
CA GLY A 1 17.23 -4.25 19.78
C GLY A 1 18.47 -3.47 19.36
N SER A 2 19.32 -4.14 18.60
CA SER A 2 20.55 -3.53 18.12
C SER A 2 20.76 -3.87 16.64
N LEU A 3 20.87 -5.17 16.38
CA LEU A 3 21.07 -5.64 15.02
C LEU A 3 19.85 -6.45 14.56
N LEU A 4 18.93 -5.76 13.92
CA LEU A 4 17.72 -6.40 13.43
C LEU A 4 17.45 -5.97 12.00
N ARG A 5 16.98 -4.74 11.85
CA ARG A 5 16.69 -4.19 10.54
C ARG A 5 15.31 -4.65 10.07
N GLU A 6 14.63 -3.77 9.36
CA GLU A 6 13.30 -4.08 8.85
C GLU A 6 13.11 -3.45 7.46
N GLY A 7 11.90 -3.59 6.95
CA GLY A 7 11.57 -3.04 5.65
C GLY A 7 10.90 -4.10 4.76
N MET A 8 10.39 -3.64 3.63
CA MET A 8 9.71 -4.53 2.69
C MET A 8 9.19 -3.76 1.48
N LYS A 9 8.79 -2.52 1.73
CA LYS A 9 8.28 -1.66 0.68
C LYS A 9 6.85 -2.11 0.33
N VAL A 10 5.90 -1.29 0.75
CA VAL A 10 4.50 -1.58 0.49
C VAL A 10 4.00 -0.69 -0.65
N VAL A 11 3.13 -1.26 -1.46
CA VAL A 11 2.56 -0.54 -2.59
C VAL A 11 1.05 -0.40 -2.41
N ILE A 12 0.59 0.84 -2.48
CA ILE A 12 -0.83 1.12 -2.33
C ILE A 12 -1.47 1.29 -3.71
N ALA A 13 -2.02 0.21 -4.22
CA ALA A 13 -2.66 0.24 -5.53
C ALA A 13 -4.17 0.39 -5.34
N GLY A 14 -4.71 1.42 -5.98
CA GLY A 14 -6.13 1.70 -5.91
C GLY A 14 -6.52 2.86 -6.83
N ARG A 15 -7.78 2.87 -7.20
CA ARG A 15 -8.30 3.91 -8.08
C ARG A 15 -8.21 5.27 -7.38
N PRO A 16 -8.14 6.35 -8.22
CA PRO A 16 -8.07 7.69 -7.71
C PRO A 16 -9.43 8.16 -7.18
N ASN A 17 -9.37 8.96 -6.12
CA ASN A 17 -10.59 9.48 -5.52
C ASN A 17 -11.18 8.42 -4.57
N ALA A 18 -10.29 7.62 -4.01
CA ALA A 18 -10.70 6.56 -3.10
C ALA A 18 -10.10 6.83 -1.72
N GLY A 19 -8.84 7.26 -1.73
CA GLY A 19 -8.14 7.55 -0.49
C GLY A 19 -6.63 7.66 -0.73
N LYS A 20 -5.95 6.54 -0.53
CA LYS A 20 -4.51 6.50 -0.71
C LYS A 20 -3.86 7.63 0.09
N SER A 21 -3.64 8.74 -0.60
CA SER A 21 -3.03 9.91 0.04
C SER A 21 -3.57 10.08 1.46
N SER A 22 -4.88 10.22 1.54
CA SER A 22 -5.55 10.39 2.82
C SER A 22 -5.14 9.26 3.77
N LEU A 23 -5.15 8.05 3.23
CA LEU A 23 -4.79 6.88 4.01
C LEU A 23 -3.35 7.01 4.48
N LEU A 24 -2.43 7.01 3.53
CA LEU A 24 -1.02 7.12 3.84
C LEU A 24 -0.83 8.21 4.91
N ASN A 25 -1.39 9.37 4.65
CA ASN A 25 -1.30 10.48 5.57
C ASN A 25 -1.52 9.97 7.00
N ALA A 26 -2.60 9.21 7.16
CA ALA A 26 -2.94 8.67 8.46
C ALA A 26 -1.89 7.60 8.85
N LEU A 27 -1.70 6.65 7.95
CA LEU A 27 -0.74 5.58 8.18
C LEU A 27 0.59 6.19 8.64
N ALA A 28 1.21 6.93 7.74
CA ALA A 28 2.49 7.56 8.03
C ALA A 28 2.44 8.14 9.45
N GLY A 29 1.46 9.01 9.67
CA GLY A 29 1.30 9.65 10.97
C GLY A 29 2.27 10.81 11.13
N ARG A 30 2.32 11.65 10.11
CA ARG A 30 3.20 12.81 10.13
C ARG A 30 2.45 14.03 10.67
N GLU A 31 3.18 14.86 11.40
CA GLU A 31 2.60 16.06 11.98
C GLU A 31 1.67 16.73 10.97
N ALA A 32 2.21 17.00 9.79
CA ALA A 32 1.44 17.64 8.74
C ALA A 32 1.29 16.68 7.56
N ALA A 33 2.42 16.42 6.90
CA ALA A 33 2.42 15.52 5.77
C ALA A 33 1.86 16.25 4.54
N ILE A 34 2.75 16.51 3.60
CA ILE A 34 2.36 17.19 2.37
C ILE A 34 1.67 16.20 1.43
N VAL A 35 0.72 16.71 0.67
CA VAL A 35 -0.01 15.89 -0.27
C VAL A 35 0.28 16.37 -1.70
N THR A 36 0.68 15.42 -2.54
CA THR A 36 0.98 15.73 -3.92
C THR A 36 0.16 14.85 -4.86
N ASP A 37 -0.36 15.49 -5.90
CA ASP A 37 -1.17 14.78 -6.88
C ASP A 37 -0.65 15.08 -8.29
N ILE A 38 0.40 14.36 -8.66
CA ILE A 38 1.00 14.54 -9.97
C ILE A 38 0.75 13.30 -10.82
N ALA A 39 0.37 13.53 -12.07
CA ALA A 39 0.09 12.44 -12.99
C ALA A 39 1.33 11.55 -13.11
N GLY A 40 2.49 12.17 -12.90
CA GLY A 40 3.75 11.46 -12.98
C GLY A 40 3.62 10.05 -12.39
N THR A 41 3.97 9.06 -13.20
CA THR A 41 3.90 7.67 -12.78
C THR A 41 5.04 7.35 -11.82
N THR A 42 5.95 8.31 -11.69
CA THR A 42 7.10 8.14 -10.82
C THR A 42 7.94 6.94 -11.27
N ARG A 43 9.17 7.23 -11.67
CA ARG A 43 10.07 6.19 -12.12
C ARG A 43 10.41 5.24 -10.97
N ASP A 44 10.63 5.84 -9.81
CA ASP A 44 10.96 5.06 -8.62
C ASP A 44 9.69 4.42 -8.06
N VAL A 45 8.58 4.72 -8.72
CA VAL A 45 7.29 4.18 -8.30
C VAL A 45 6.93 4.74 -6.93
N LEU A 46 7.64 4.26 -5.92
CA LEU A 46 7.41 4.70 -4.56
C LEU A 46 7.12 6.21 -4.56
N ARG A 47 5.93 6.56 -4.10
CA ARG A 47 5.52 7.95 -4.05
C ARG A 47 4.53 8.16 -2.90
N GLU A 48 4.68 7.36 -1.86
CA GLU A 48 3.81 7.45 -0.71
C GLU A 48 4.63 7.34 0.59
N HIS A 49 5.60 8.23 0.72
CA HIS A 49 6.46 8.23 1.89
C HIS A 49 7.08 6.86 2.08
N ILE A 50 8.01 6.79 3.01
CA ILE A 50 8.69 5.54 3.31
C ILE A 50 8.46 5.17 4.78
N HIS A 51 7.47 4.31 4.99
CA HIS A 51 7.14 3.88 6.33
C HIS A 51 8.38 3.31 7.02
N ILE A 52 8.89 4.08 7.97
CA ILE A 52 10.08 3.66 8.70
C ILE A 52 10.13 4.42 10.03
N ASP A 53 10.22 3.65 11.11
CA ASP A 53 10.28 4.24 12.43
C ASP A 53 11.72 4.16 12.96
N GLY A 54 12.42 3.12 12.52
CA GLY A 54 13.80 2.91 12.93
C GLY A 54 14.58 4.22 12.90
N MET A 55 14.81 4.70 11.68
CA MET A 55 15.54 5.94 11.49
C MET A 55 14.74 6.94 10.65
N PRO A 56 15.18 8.23 10.71
CA PRO A 56 14.51 9.27 9.95
C PRO A 56 14.85 9.18 8.46
N LEU A 57 16.11 8.86 8.20
CA LEU A 57 16.57 8.75 6.83
C LEU A 57 16.79 7.26 6.50
N HIS A 58 15.83 6.71 5.77
CA HIS A 58 15.90 5.31 5.38
C HIS A 58 15.03 5.08 4.14
N ILE A 59 15.66 5.20 2.98
CA ILE A 59 14.96 5.00 1.73
C ILE A 59 14.98 3.51 1.36
N ILE A 60 13.90 3.07 0.74
CA ILE A 60 13.78 1.68 0.32
C ILE A 60 13.27 1.62 -1.12
N ASP A 61 12.18 2.35 -1.35
CA ASP A 61 11.58 2.38 -2.67
C ASP A 61 11.14 0.98 -3.06
N THR A 62 9.85 0.86 -3.36
CA THR A 62 9.29 -0.42 -3.76
C THR A 62 9.51 -0.67 -5.25
N ALA A 63 10.37 -1.63 -5.54
CA ALA A 63 10.68 -1.98 -6.91
C ALA A 63 9.41 -2.48 -7.61
N GLY A 64 9.59 -2.99 -8.81
CA GLY A 64 8.48 -3.50 -9.59
C GLY A 64 8.97 -4.36 -10.75
N LEU A 65 8.38 -4.12 -11.91
CA LEU A 65 8.74 -4.86 -13.11
C LEU A 65 10.20 -4.56 -13.47
N ARG A 66 10.60 -5.03 -14.65
CA ARG A 66 11.95 -4.81 -15.11
C ARG A 66 12.40 -3.38 -14.82
N GLU A 67 11.47 -2.45 -15.05
CA GLU A 67 11.75 -1.04 -14.82
C GLU A 67 11.44 -0.67 -13.37
N ALA A 68 11.74 0.58 -13.04
CA ALA A 68 11.50 1.07 -11.69
C ALA A 68 12.65 0.62 -10.78
N SER A 69 12.87 -0.69 -10.75
CA SER A 69 13.93 -1.25 -9.94
C SER A 69 15.26 -0.57 -10.26
N ASP A 70 15.55 -0.49 -11.54
CA ASP A 70 16.78 0.12 -12.00
C ASP A 70 16.80 1.59 -11.57
N GLU A 71 15.71 2.28 -11.90
CA GLU A 71 15.59 3.69 -11.57
C GLU A 71 15.69 3.88 -10.05
N VAL A 72 15.13 2.92 -9.33
CA VAL A 72 15.15 2.98 -7.88
C VAL A 72 16.60 3.10 -7.39
N GLU A 73 17.49 2.41 -8.09
CA GLU A 73 18.90 2.43 -7.76
C GLU A 73 19.51 3.78 -8.14
N ARG A 74 19.03 4.31 -9.25
CA ARG A 74 19.53 5.58 -9.74
C ARG A 74 19.28 6.69 -8.71
N ILE A 75 18.01 7.02 -8.54
CA ILE A 75 17.63 8.05 -7.58
C ILE A 75 18.40 7.84 -6.27
N GLY A 76 18.55 6.57 -5.92
CA GLY A 76 19.25 6.23 -4.69
C GLY A 76 20.77 6.32 -4.88
N ILE A 77 21.49 5.88 -3.87
CA ILE A 77 22.94 5.92 -3.92
C ILE A 77 23.49 4.49 -3.99
N GLU A 78 22.93 3.72 -4.91
CA GLU A 78 23.34 2.34 -5.08
C GLU A 78 23.50 2.01 -6.57
N ARG A 79 24.53 1.23 -6.87
CA ARG A 79 24.79 0.84 -8.24
C ARG A 79 23.50 0.44 -8.95
N ALA A 80 23.53 0.52 -10.26
CA ALA A 80 22.36 0.17 -11.07
C ALA A 80 22.45 -1.30 -11.47
N TRP A 81 22.45 -2.16 -10.45
CA TRP A 81 22.52 -3.59 -10.68
C TRP A 81 22.63 -4.28 -9.32
N GLN A 82 21.57 -4.17 -8.55
CA GLN A 82 21.52 -4.78 -7.23
C GLN A 82 20.09 -5.06 -6.82
N GLU A 83 19.90 -6.23 -6.22
CA GLU A 83 18.57 -6.63 -5.77
C GLU A 83 17.90 -5.50 -5.00
N ILE A 84 16.64 -5.74 -4.63
CA ILE A 84 15.88 -4.75 -3.89
C ILE A 84 14.79 -5.45 -3.10
N GLU A 85 14.04 -6.29 -3.80
CA GLU A 85 12.95 -7.03 -3.18
C GLU A 85 11.87 -6.07 -2.68
N GLN A 86 10.63 -6.45 -2.93
CA GLN A 86 9.50 -5.63 -2.51
C GLN A 86 8.19 -6.39 -2.74
N ALA A 87 7.11 -5.61 -2.83
CA ALA A 87 5.80 -6.19 -3.05
C ALA A 87 5.56 -7.30 -2.03
N ASP A 88 5.28 -6.88 -0.80
CA ASP A 88 5.04 -7.83 0.27
C ASP A 88 3.56 -7.78 0.66
N ARG A 89 3.00 -6.57 0.59
CA ARG A 89 1.60 -6.39 0.92
C ARG A 89 0.96 -5.36 -0.03
N VAL A 90 -0.34 -5.53 -0.23
CA VAL A 90 -1.07 -4.64 -1.11
C VAL A 90 -2.45 -4.35 -0.50
N LEU A 91 -2.64 -3.10 -0.11
CA LEU A 91 -3.89 -2.69 0.49
C LEU A 91 -4.73 -1.93 -0.55
N PHE A 92 -5.58 -2.68 -1.24
CA PHE A 92 -6.43 -2.10 -2.26
C PHE A 92 -7.48 -1.19 -1.64
N MET A 93 -7.63 -0.01 -2.23
CA MET A 93 -8.60 0.95 -1.75
C MET A 93 -9.90 0.86 -2.53
N VAL A 94 -10.83 0.08 -2.00
CA VAL A 94 -12.11 -0.10 -2.64
C VAL A 94 -12.91 1.21 -2.58
N ASP A 95 -12.81 1.87 -1.43
CA ASP A 95 -13.50 3.12 -1.24
C ASP A 95 -15.01 2.91 -1.38
N GLY A 96 -15.73 3.25 -0.32
CA GLY A 96 -17.18 3.09 -0.32
C GLY A 96 -17.59 1.76 -0.95
N THR A 97 -18.85 1.68 -1.31
CA THR A 97 -19.38 0.47 -1.92
C THR A 97 -19.73 0.72 -3.38
N THR A 98 -19.07 1.72 -3.95
CA THR A 98 -19.30 2.07 -5.35
C THR A 98 -18.53 1.12 -6.27
N THR A 99 -19.08 0.93 -7.46
CA THR A 99 -18.46 0.05 -8.44
C THR A 99 -18.30 0.77 -9.78
N ASP A 100 -17.20 0.47 -10.45
CA ASP A 100 -16.91 1.08 -11.74
C ASP A 100 -15.88 0.24 -12.48
N ALA A 101 -15.43 0.77 -13.60
CA ALA A 101 -14.44 0.07 -14.42
C ALA A 101 -13.05 0.56 -14.03
N VAL A 102 -12.93 1.00 -12.79
CA VAL A 102 -11.65 1.50 -12.29
C VAL A 102 -11.17 0.57 -11.17
N ASP A 103 -12.13 -0.02 -10.47
CA ASP A 103 -11.81 -0.91 -9.37
C ASP A 103 -11.31 -2.24 -9.94
N PRO A 104 -12.05 -2.75 -10.96
CA PRO A 104 -11.70 -4.00 -11.59
C PRO A 104 -10.48 -3.83 -12.51
N ALA A 105 -10.46 -2.70 -13.22
CA ALA A 105 -9.37 -2.41 -14.12
C ALA A 105 -8.11 -2.09 -13.32
N GLU A 106 -7.65 -3.09 -12.58
CA GLU A 106 -6.45 -2.92 -11.78
C GLU A 106 -6.32 -4.08 -10.78
N ILE A 107 -7.46 -4.65 -10.43
CA ILE A 107 -7.50 -5.77 -9.51
C ILE A 107 -7.07 -7.04 -10.23
N TRP A 108 -7.04 -6.95 -11.55
CA TRP A 108 -6.65 -8.08 -12.38
C TRP A 108 -5.16 -8.36 -12.13
N PRO A 109 -4.32 -7.36 -12.48
CA PRO A 109 -2.89 -7.49 -12.31
C PRO A 109 -2.50 -7.34 -10.83
N GLU A 110 -3.14 -8.16 -10.00
CA GLU A 110 -2.87 -8.13 -8.58
C GLU A 110 -2.66 -9.56 -8.05
N PHE A 111 -3.65 -10.39 -8.30
CA PHE A 111 -3.59 -11.78 -7.86
C PHE A 111 -2.88 -12.66 -8.90
N ILE A 112 -1.82 -12.10 -9.47
CA ILE A 112 -1.05 -12.81 -10.47
C ILE A 112 0.38 -13.01 -9.97
N ALA A 113 0.57 -12.69 -8.69
CA ALA A 113 1.88 -12.83 -8.08
C ALA A 113 1.74 -13.56 -6.75
N ARG A 114 2.88 -13.78 -6.10
CA ARG A 114 2.90 -14.47 -4.82
C ARG A 114 2.89 -13.46 -3.67
N LEU A 115 1.84 -12.66 -3.62
CA LEU A 115 1.70 -11.65 -2.58
C LEU A 115 0.24 -11.58 -2.14
N PRO A 116 0.05 -11.39 -0.81
CA PRO A 116 -1.29 -11.28 -0.26
C PRO A 116 -1.93 -9.93 -0.58
N ALA A 117 -3.24 -9.87 -0.41
CA ALA A 117 -3.96 -8.64 -0.67
C ALA A 117 -5.11 -8.50 0.33
N LYS A 118 -5.29 -7.28 0.80
CA LYS A 118 -6.34 -7.00 1.77
C LYS A 118 -7.24 -5.89 1.23
N LEU A 119 -8.54 -6.07 1.41
CA LEU A 119 -9.52 -5.10 0.96
C LEU A 119 -10.37 -4.64 2.15
N PRO A 120 -10.55 -3.30 2.24
CA PRO A 120 -11.34 -2.73 3.32
C PRO A 120 -12.83 -2.94 3.07
N ILE A 121 -13.59 -2.89 4.16
CA ILE A 121 -15.02 -3.07 4.07
C ILE A 121 -15.72 -1.71 4.21
N THR A 122 -16.78 -1.54 3.45
CA THR A 122 -17.54 -0.30 3.49
C THR A 122 -18.72 -0.42 4.46
N VAL A 123 -18.62 0.29 5.57
CA VAL A 123 -19.66 0.27 6.57
C VAL A 123 -20.10 1.71 6.86
N VAL A 124 -20.73 2.32 5.86
CA VAL A 124 -21.20 3.69 6.00
C VAL A 124 -22.55 3.82 5.29
N ARG A 125 -23.57 4.17 6.07
CA ARG A 125 -24.91 4.34 5.53
C ARG A 125 -25.40 3.03 4.91
N ASN A 126 -26.70 2.81 5.02
CA ASN A 126 -27.30 1.60 4.48
C ASN A 126 -26.74 0.38 5.21
N LYS A 127 -27.40 -0.75 4.99
CA LYS A 127 -26.98 -1.99 5.63
C LYS A 127 -27.10 -3.14 4.62
N ALA A 128 -28.26 -3.19 3.98
CA ALA A 128 -28.52 -4.23 3.00
C ALA A 128 -27.41 -4.21 1.93
N ASP A 129 -27.35 -3.10 1.21
CA ASP A 129 -26.35 -2.95 0.17
C ASP A 129 -24.96 -3.23 0.76
N ILE A 130 -24.68 -2.56 1.85
CA ILE A 130 -23.40 -2.73 2.51
C ILE A 130 -23.05 -4.22 2.57
N THR A 131 -23.66 -4.89 3.54
CA THR A 131 -23.43 -6.31 3.72
C THR A 131 -23.34 -7.02 2.37
N GLY A 132 -24.25 -6.65 1.48
CA GLY A 132 -24.29 -7.24 0.16
C GLY A 132 -22.91 -7.17 -0.50
N GLU A 133 -22.46 -5.94 -0.73
CA GLU A 133 -21.16 -5.72 -1.35
C GLU A 133 -20.07 -6.48 -0.58
N THR A 134 -20.06 -6.26 0.73
CA THR A 134 -19.07 -6.90 1.59
C THR A 134 -18.84 -8.34 1.14
N LEU A 135 -19.89 -9.14 1.24
CA LEU A 135 -19.81 -10.53 0.85
C LEU A 135 -20.33 -10.70 -0.58
N GLY A 136 -20.21 -9.62 -1.34
CA GLY A 136 -20.68 -9.63 -2.72
C GLY A 136 -19.52 -9.37 -3.69
N MET A 137 -18.31 -9.47 -3.15
CA MET A 137 -17.13 -9.24 -3.96
C MET A 137 -15.96 -10.08 -3.45
N SER A 138 -16.27 -11.31 -3.08
CA SER A 138 -15.25 -12.23 -2.58
C SER A 138 -14.34 -12.67 -3.71
N GLU A 139 -13.69 -11.69 -4.32
CA GLU A 139 -12.78 -11.96 -5.42
C GLU A 139 -11.36 -12.18 -4.90
N VAL A 140 -10.83 -13.37 -5.18
CA VAL A 140 -9.49 -13.73 -4.74
C VAL A 140 -9.45 -13.75 -3.22
N ASN A 141 -9.07 -14.89 -2.68
CA ASN A 141 -8.98 -15.05 -1.23
C ASN A 141 -8.11 -13.93 -0.65
N GLY A 142 -8.79 -12.90 -0.17
CA GLY A 142 -8.11 -11.76 0.41
C GLY A 142 -7.52 -12.11 1.79
N HIS A 143 -6.25 -11.81 1.94
CA HIS A 143 -5.56 -12.08 3.19
C HIS A 143 -6.47 -11.73 4.37
N ALA A 144 -7.27 -10.69 4.17
CA ALA A 144 -8.19 -10.23 5.19
C ALA A 144 -8.88 -8.96 4.72
N LEU A 145 -9.79 -8.47 5.55
CA LEU A 145 -10.53 -7.27 5.23
C LEU A 145 -10.74 -6.44 6.51
N ILE A 146 -10.32 -5.19 6.44
CA ILE A 146 -10.46 -4.31 7.58
C ILE A 146 -10.92 -2.93 7.09
N ARG A 147 -12.05 -2.50 7.61
CA ARG A 147 -12.62 -1.21 7.24
C ARG A 147 -12.01 -0.10 8.10
N LEU A 148 -12.04 1.11 7.56
CA LEU A 148 -11.50 2.27 8.26
C LEU A 148 -11.92 3.54 7.53
N SER A 149 -11.31 4.65 7.94
CA SER A 149 -11.60 5.93 7.33
C SER A 149 -10.43 6.89 7.55
N ALA A 150 -9.61 7.02 6.52
CA ALA A 150 -8.45 7.91 6.59
C ALA A 150 -8.86 9.22 7.25
N ARG A 151 -10.10 9.62 7.00
CA ARG A 151 -10.62 10.85 7.56
C ARG A 151 -10.27 10.93 9.05
N THR A 152 -10.77 9.97 9.81
CA THR A 152 -10.52 9.92 11.23
C THR A 152 -9.55 8.79 11.57
N GLY A 153 -8.90 8.28 10.53
CA GLY A 153 -7.94 7.21 10.71
C GLY A 153 -8.49 6.14 11.67
N GLU A 154 -9.66 5.64 11.33
CA GLU A 154 -10.31 4.63 12.16
C GLU A 154 -9.33 3.48 12.45
N GLY A 155 -9.42 2.44 11.63
CA GLY A 155 -8.57 1.28 11.78
C GLY A 155 -7.29 1.44 10.94
N VAL A 156 -6.31 2.10 11.54
CA VAL A 156 -5.04 2.32 10.86
C VAL A 156 -3.97 1.42 11.49
N ASP A 157 -3.81 1.59 12.80
CA ASP A 157 -2.83 0.80 13.52
C ASP A 157 -2.87 -0.65 13.04
N VAL A 158 -4.08 -1.20 13.03
CA VAL A 158 -4.28 -2.57 12.60
C VAL A 158 -3.57 -2.78 11.26
N LEU A 159 -3.91 -1.93 10.31
CA LEU A 159 -3.32 -2.01 8.99
C LEU A 159 -1.80 -1.98 9.11
N ARG A 160 -1.32 -1.01 9.88
CA ARG A 160 0.11 -0.86 10.08
C ARG A 160 0.74 -2.20 10.45
N ASN A 161 0.10 -2.89 11.37
CA ASN A 161 0.58 -4.19 11.81
C ASN A 161 0.67 -5.14 10.61
N HIS A 162 -0.34 -5.05 9.75
CA HIS A 162 -0.39 -5.88 8.57
C HIS A 162 0.75 -5.49 7.61
N LEU A 163 1.28 -4.30 7.84
CA LEU A 163 2.36 -3.79 7.01
C LEU A 163 3.70 -4.21 7.63
N LYS A 164 3.73 -4.21 8.95
CA LYS A 164 4.93 -4.58 9.68
C LYS A 164 4.81 -6.02 10.15
N GLN A 165 4.35 -6.87 9.24
CA GLN A 165 4.19 -8.29 9.57
C GLN A 165 4.65 -9.15 8.39
N SER A 166 4.18 -8.79 7.21
CA SER A 166 4.54 -9.52 6.00
C SER A 166 5.83 -8.95 5.41
N MET A 167 6.48 -8.09 6.19
CA MET A 167 7.71 -7.47 5.75
C MET A 167 8.85 -8.50 5.73
N GLY A 168 10.01 -8.04 5.26
CA GLY A 168 11.18 -8.90 5.18
C GLY A 168 12.36 -8.27 5.92
N ILE A 169 13.11 -9.13 6.61
CA ILE A 169 14.27 -8.68 7.35
C ILE A 169 15.29 -8.08 6.38
N HIS A 170 16.29 -7.43 6.95
CA HIS A 170 17.32 -6.80 6.16
C HIS A 170 16.75 -5.60 5.41
N ARG A 171 17.63 -4.90 4.70
CA ARG A 171 17.22 -3.74 3.93
C ARG A 171 18.11 -3.57 2.70
N ASP A 172 17.90 -2.48 2.00
CA ASP A 172 18.67 -2.19 0.80
C ASP A 172 19.33 -0.80 0.94
N GLY A 1 24.98 -2.84 18.41
CA GLY A 1 25.00 -2.10 17.15
C GLY A 1 23.75 -2.37 16.33
N SER A 2 23.96 -2.82 15.11
CA SER A 2 22.86 -3.12 14.20
C SER A 2 22.59 -4.62 14.19
N LEU A 3 21.63 -5.03 15.01
CA LEU A 3 21.27 -6.43 15.10
C LEU A 3 20.24 -6.76 14.01
N LEU A 4 20.75 -6.90 12.79
CA LEU A 4 19.89 -7.22 11.66
C LEU A 4 18.88 -6.08 11.46
N ARG A 5 18.29 -6.06 10.27
CA ARG A 5 17.30 -5.04 9.95
C ARG A 5 16.15 -5.64 9.15
N GLU A 6 15.19 -4.79 8.81
CA GLU A 6 14.03 -5.24 8.06
C GLU A 6 13.49 -4.09 7.20
N GLY A 7 12.54 -4.43 6.34
CA GLY A 7 11.93 -3.45 5.45
C GLY A 7 11.49 -4.09 4.14
N MET A 8 10.40 -3.56 3.60
CA MET A 8 9.88 -4.07 2.35
C MET A 8 9.22 -2.95 1.54
N LYS A 9 8.64 -3.34 0.41
CA LYS A 9 7.99 -2.38 -0.46
C LYS A 9 6.54 -2.81 -0.69
N VAL A 10 5.63 -1.92 -0.30
CA VAL A 10 4.20 -2.19 -0.46
C VAL A 10 3.57 -1.11 -1.33
N VAL A 11 2.86 -1.56 -2.35
CA VAL A 11 2.21 -0.64 -3.27
C VAL A 11 0.73 -0.51 -2.87
N ILE A 12 0.20 0.68 -3.10
CA ILE A 12 -1.19 0.96 -2.77
C ILE A 12 -1.86 1.66 -3.95
N ALA A 13 -2.36 0.84 -4.87
CA ALA A 13 -3.02 1.37 -6.05
C ALA A 13 -4.33 0.62 -6.27
N GLY A 14 -5.41 1.38 -6.36
CA GLY A 14 -6.73 0.81 -6.57
C GLY A 14 -7.78 1.90 -6.73
N ARG A 15 -8.04 2.24 -8.00
CA ARG A 15 -9.03 3.26 -8.30
C ARG A 15 -8.56 4.62 -7.77
N PRO A 16 -8.37 5.57 -8.72
CA PRO A 16 -7.93 6.90 -8.36
C PRO A 16 -9.08 7.71 -7.74
N ASN A 17 -8.80 8.27 -6.57
CA ASN A 17 -9.79 9.06 -5.88
C ASN A 17 -10.75 8.14 -5.12
N ALA A 18 -10.35 7.78 -3.91
CA ALA A 18 -11.16 6.90 -3.08
C ALA A 18 -10.61 6.89 -1.66
N GLY A 19 -10.05 8.03 -1.27
CA GLY A 19 -9.49 8.17 0.06
C GLY A 19 -8.31 7.20 0.26
N LYS A 20 -7.35 7.29 -0.65
CA LYS A 20 -6.18 6.42 -0.58
C LYS A 20 -5.02 7.20 0.02
N SER A 21 -5.03 8.51 -0.20
CA SER A 21 -3.99 9.36 0.31
C SER A 21 -4.08 9.45 1.84
N SER A 22 -5.28 9.78 2.30
CA SER A 22 -5.51 9.91 3.74
C SER A 22 -4.91 8.70 4.47
N LEU A 23 -4.81 7.60 3.75
CA LEU A 23 -4.25 6.38 4.31
C LEU A 23 -2.73 6.54 4.47
N LEU A 24 -2.12 7.09 3.42
CA LEU A 24 -0.69 7.31 3.43
C LEU A 24 -0.28 8.02 4.73
N ASN A 25 -0.62 9.30 4.78
CA ASN A 25 -0.31 10.11 5.94
C ASN A 25 -0.63 9.32 7.21
N ALA A 26 -1.90 8.94 7.32
CA ALA A 26 -2.34 8.18 8.48
C ALA A 26 -1.32 7.09 8.81
N LEU A 27 -0.91 6.38 7.77
CA LEU A 27 0.07 5.32 7.92
C LEU A 27 1.48 5.91 7.88
N ALA A 28 1.70 6.89 8.76
CA ALA A 28 2.99 7.55 8.84
C ALA A 28 3.01 8.50 10.04
N GLY A 29 3.85 8.15 11.00
CA GLY A 29 3.98 8.94 12.22
C GLY A 29 4.74 10.24 11.93
N ARG A 30 4.21 11.02 11.01
CA ARG A 30 4.83 12.28 10.65
C ARG A 30 3.86 13.44 10.90
N GLU A 31 4.33 14.40 11.70
CA GLU A 31 3.53 15.55 12.03
C GLU A 31 3.20 16.36 10.76
N ALA A 32 1.97 16.19 10.30
CA ALA A 32 1.52 16.88 9.10
C ALA A 32 2.38 16.45 7.91
N ALA A 33 2.01 15.31 7.33
CA ALA A 33 2.74 14.79 6.20
C ALA A 33 2.46 15.65 4.97
N ILE A 34 3.45 15.72 4.09
CA ILE A 34 3.33 16.51 2.88
C ILE A 34 2.63 15.68 1.80
N VAL A 35 1.60 16.28 1.22
CA VAL A 35 0.83 15.61 0.18
C VAL A 35 1.25 16.17 -1.19
N THR A 36 1.33 15.26 -2.16
CA THR A 36 1.72 15.64 -3.50
C THR A 36 0.59 15.32 -4.49
N ASP A 37 0.63 16.00 -5.63
CA ASP A 37 -0.37 15.79 -6.66
C ASP A 37 0.27 15.95 -8.04
N ILE A 38 0.83 14.86 -8.53
CA ILE A 38 1.49 14.87 -9.83
C ILE A 38 0.75 13.92 -10.77
N ALA A 39 0.79 14.26 -12.05
CA ALA A 39 0.13 13.45 -13.06
C ALA A 39 1.15 12.48 -13.67
N GLY A 40 2.34 13.01 -13.93
CA GLY A 40 3.40 12.20 -14.52
C GLY A 40 3.92 11.18 -13.52
N THR A 41 3.47 9.94 -13.70
CA THR A 41 3.88 8.86 -12.83
C THR A 41 5.37 8.99 -12.48
N THR A 42 5.74 8.35 -11.37
CA THR A 42 7.12 8.40 -10.92
C THR A 42 7.84 7.10 -11.30
N ARG A 43 8.99 7.27 -11.94
CA ARG A 43 9.79 6.14 -12.36
C ARG A 43 10.18 5.29 -11.16
N ASP A 44 10.46 5.97 -10.05
CA ASP A 44 10.84 5.30 -8.83
C ASP A 44 9.61 4.65 -8.19
N VAL A 45 8.46 5.03 -8.71
CA VAL A 45 7.20 4.50 -8.20
C VAL A 45 6.95 5.04 -6.80
N LEU A 46 7.90 4.76 -5.91
CA LEU A 46 7.79 5.23 -4.53
C LEU A 46 7.12 6.60 -4.51
N ARG A 47 5.84 6.59 -4.19
CA ARG A 47 5.07 7.82 -4.13
C ARG A 47 4.26 7.88 -2.83
N GLU A 48 4.58 6.96 -1.93
CA GLU A 48 3.90 6.90 -0.65
C GLU A 48 4.92 6.78 0.49
N HIS A 49 6.01 7.52 0.33
CA HIS A 49 7.06 7.51 1.35
C HIS A 49 7.27 6.09 1.86
N ILE A 50 7.87 6.00 3.03
CA ILE A 50 8.13 4.71 3.64
C ILE A 50 8.02 4.83 5.17
N HIS A 51 7.57 3.76 5.79
CA HIS A 51 7.41 3.74 7.24
C HIS A 51 8.51 2.87 7.86
N ILE A 52 9.25 3.48 8.77
CA ILE A 52 10.33 2.78 9.44
C ILE A 52 10.43 3.27 10.88
N ASP A 53 10.32 2.32 11.80
CA ASP A 53 10.39 2.64 13.23
C ASP A 53 11.74 2.20 13.77
N GLY A 54 12.69 3.12 13.75
CA GLY A 54 14.04 2.83 14.24
C GLY A 54 15.01 3.93 13.84
N MET A 55 15.13 4.12 12.54
CA MET A 55 16.03 5.14 12.01
C MET A 55 15.29 6.08 11.05
N PRO A 56 15.76 7.37 11.05
CA PRO A 56 15.15 8.37 10.20
C PRO A 56 15.57 8.18 8.74
N LEU A 57 16.86 8.34 8.50
CA LEU A 57 17.41 8.20 7.17
C LEU A 57 16.76 6.99 6.49
N HIS A 58 15.84 7.29 5.58
CA HIS A 58 15.14 6.24 4.84
C HIS A 58 15.69 6.16 3.42
N ILE A 59 15.81 4.94 2.94
CA ILE A 59 16.31 4.71 1.60
C ILE A 59 15.64 3.47 1.01
N ILE A 60 14.34 3.59 0.78
CA ILE A 60 13.57 2.49 0.22
C ILE A 60 12.64 3.02 -0.88
N ASP A 61 12.54 2.25 -1.95
CA ASP A 61 11.71 2.63 -3.07
C ASP A 61 10.95 1.40 -3.58
N THR A 62 9.63 1.51 -3.53
CA THR A 62 8.77 0.42 -3.97
C THR A 62 8.68 0.40 -5.50
N ALA A 63 9.67 -0.25 -6.11
CA ALA A 63 9.72 -0.35 -7.56
C ALA A 63 8.58 -1.25 -8.04
N GLY A 64 8.76 -1.80 -9.23
CA GLY A 64 7.76 -2.68 -9.81
C GLY A 64 8.24 -3.24 -11.15
N LEU A 65 8.47 -2.34 -12.10
CA LEU A 65 8.93 -2.74 -13.42
C LEU A 65 10.46 -2.56 -13.50
N ARG A 66 11.08 -3.41 -14.29
CA ARG A 66 12.53 -3.35 -14.47
C ARG A 66 12.99 -1.90 -14.56
N GLU A 67 12.26 -1.12 -15.36
CA GLU A 67 12.59 0.28 -15.54
C GLU A 67 12.57 1.01 -14.19
N ALA A 68 11.53 0.73 -13.42
CA ALA A 68 11.38 1.35 -12.11
C ALA A 68 12.56 0.96 -11.23
N SER A 69 12.77 -0.34 -11.11
CA SER A 69 13.86 -0.86 -10.31
C SER A 69 15.15 -0.11 -10.64
N ASP A 70 15.37 0.11 -11.92
CA ASP A 70 16.56 0.80 -12.39
C ASP A 70 16.62 2.18 -11.72
N GLU A 71 15.64 3.00 -12.06
CA GLU A 71 15.57 4.34 -11.51
C GLU A 71 15.65 4.30 -9.98
N VAL A 72 14.90 3.38 -9.41
CA VAL A 72 14.88 3.21 -7.97
C VAL A 72 16.31 3.22 -7.43
N GLU A 73 16.98 2.09 -7.61
CA GLU A 73 18.36 1.96 -7.15
C GLU A 73 19.20 3.13 -7.66
N ARG A 74 18.94 3.51 -8.91
CA ARG A 74 19.66 4.61 -9.52
C ARG A 74 19.60 5.85 -8.63
N ILE A 75 18.38 6.24 -8.30
CA ILE A 75 18.17 7.41 -7.46
C ILE A 75 18.70 7.11 -6.06
N GLY A 76 18.83 5.83 -5.76
CA GLY A 76 19.33 5.42 -4.46
C GLY A 76 20.85 5.55 -4.39
N ILE A 77 21.44 5.94 -5.51
CA ILE A 77 22.87 6.11 -5.59
C ILE A 77 23.55 4.73 -5.48
N GLU A 78 23.39 3.94 -6.53
CA GLU A 78 23.97 2.61 -6.57
C GLU A 78 23.84 2.01 -7.97
N ARG A 79 24.86 1.27 -8.35
CA ARG A 79 24.87 0.63 -9.67
C ARG A 79 23.48 0.07 -10.00
N ALA A 80 23.26 -0.14 -11.28
CA ALA A 80 21.99 -0.67 -11.74
C ALA A 80 21.99 -2.20 -11.57
N TRP A 81 23.18 -2.75 -11.43
CA TRP A 81 23.33 -4.18 -11.26
C TRP A 81 22.51 -4.59 -10.03
N GLN A 82 22.60 -3.78 -9.00
CA GLN A 82 21.88 -4.04 -7.76
C GLN A 82 20.44 -4.46 -8.07
N GLU A 83 19.86 -5.20 -7.14
CA GLU A 83 18.49 -5.67 -7.31
C GLU A 83 17.58 -5.00 -6.28
N ILE A 84 16.28 -5.19 -6.48
CA ILE A 84 15.30 -4.60 -5.58
C ILE A 84 14.28 -5.67 -5.18
N GLU A 85 14.15 -5.86 -3.87
CA GLU A 85 13.23 -6.85 -3.36
C GLU A 85 11.87 -6.73 -4.06
N GLN A 86 11.08 -7.79 -3.95
CA GLN A 86 9.77 -7.81 -4.57
C GLN A 86 8.70 -7.43 -3.55
N ALA A 87 7.61 -6.86 -4.06
CA ALA A 87 6.51 -6.45 -3.21
C ALA A 87 6.27 -7.53 -2.15
N ASP A 88 5.90 -7.07 -0.95
CA ASP A 88 5.63 -7.98 0.14
C ASP A 88 4.12 -8.30 0.18
N ARG A 89 3.34 -7.25 0.01
CA ARG A 89 1.89 -7.40 0.02
C ARG A 89 1.23 -6.11 -0.47
N VAL A 90 -0.01 -6.26 -0.93
CA VAL A 90 -0.77 -5.13 -1.43
C VAL A 90 -1.99 -4.89 -0.53
N LEU A 91 -2.49 -3.67 -0.59
CA LEU A 91 -3.65 -3.31 0.21
C LEU A 91 -4.46 -2.23 -0.52
N PHE A 92 -4.78 -2.53 -1.77
CA PHE A 92 -5.55 -1.61 -2.59
C PHE A 92 -6.92 -1.34 -1.98
N MET A 93 -7.07 -0.13 -1.45
CA MET A 93 -8.33 0.27 -0.84
C MET A 93 -9.37 0.62 -1.90
N VAL A 94 -10.61 0.73 -1.45
CA VAL A 94 -11.71 1.05 -2.34
C VAL A 94 -12.58 2.15 -1.70
N ASP A 95 -13.65 2.47 -2.39
CA ASP A 95 -14.57 3.51 -1.90
C ASP A 95 -15.96 2.89 -1.70
N GLY A 96 -16.13 2.28 -0.55
CA GLY A 96 -17.41 1.66 -0.22
C GLY A 96 -17.95 0.86 -1.40
N THR A 97 -19.28 0.78 -1.46
CA THR A 97 -19.93 0.05 -2.54
C THR A 97 -19.88 0.86 -3.83
N THR A 98 -18.66 1.15 -4.27
CA THR A 98 -18.46 1.92 -5.49
C THR A 98 -17.86 1.04 -6.58
N THR A 99 -18.69 0.65 -7.52
CA THR A 99 -18.25 -0.19 -8.62
C THR A 99 -17.93 0.66 -9.86
N ASP A 100 -16.88 0.28 -10.55
CA ASP A 100 -16.46 0.99 -11.75
C ASP A 100 -15.54 0.10 -12.58
N ALA A 101 -15.22 0.58 -13.77
CA ALA A 101 -14.35 -0.16 -14.67
C ALA A 101 -12.89 0.07 -14.28
N VAL A 102 -12.70 1.08 -13.44
CA VAL A 102 -11.35 1.42 -12.99
C VAL A 102 -11.07 0.69 -11.67
N ASP A 103 -12.06 -0.07 -11.22
CA ASP A 103 -11.93 -0.82 -9.99
C ASP A 103 -11.03 -2.03 -10.23
N PRO A 104 -11.39 -2.82 -11.27
CA PRO A 104 -10.62 -4.01 -11.62
C PRO A 104 -9.32 -3.64 -12.32
N ALA A 105 -9.38 -2.55 -13.09
CA ALA A 105 -8.22 -2.08 -13.81
C ALA A 105 -6.99 -2.22 -12.93
N GLU A 106 -7.20 -2.05 -11.62
CA GLU A 106 -6.11 -2.15 -10.67
C GLU A 106 -6.36 -3.33 -9.70
N ILE A 107 -6.60 -4.49 -10.30
CA ILE A 107 -6.85 -5.69 -9.51
C ILE A 107 -6.42 -6.91 -10.30
N TRP A 108 -6.83 -6.94 -11.57
CA TRP A 108 -6.48 -8.05 -12.44
C TRP A 108 -5.02 -8.40 -12.20
N PRO A 109 -4.14 -7.38 -12.39
CA PRO A 109 -2.71 -7.57 -12.20
C PRO A 109 -2.36 -7.66 -10.71
N GLU A 110 -3.00 -8.60 -10.04
CA GLU A 110 -2.77 -8.79 -8.62
C GLU A 110 -3.22 -10.18 -8.19
N PHE A 111 -4.41 -10.56 -8.64
CA PHE A 111 -4.97 -11.85 -8.31
C PHE A 111 -3.95 -12.97 -8.55
N ILE A 112 -3.20 -12.81 -9.64
CA ILE A 112 -2.19 -13.79 -10.00
C ILE A 112 -0.82 -13.31 -9.50
N ALA A 113 -0.43 -13.86 -8.37
CA ALA A 113 0.86 -13.50 -7.78
C ALA A 113 0.88 -13.94 -6.31
N ARG A 114 2.08 -14.15 -5.81
CA ARG A 114 2.26 -14.57 -4.43
C ARG A 114 2.28 -13.35 -3.51
N LEU A 115 1.27 -12.50 -3.66
CA LEU A 115 1.17 -11.30 -2.86
C LEU A 115 -0.21 -11.26 -2.19
N PRO A 116 -0.19 -11.28 -0.83
CA PRO A 116 -1.43 -11.24 -0.06
C PRO A 116 -2.04 -9.84 -0.08
N ALA A 117 -3.21 -9.74 -0.71
CA ALA A 117 -3.90 -8.47 -0.80
C ALA A 117 -4.76 -8.27 0.45
N LYS A 118 -5.00 -7.01 0.78
CA LYS A 118 -5.79 -6.68 1.94
C LYS A 118 -7.25 -6.49 1.51
N LEU A 119 -7.52 -5.33 0.92
CA LEU A 119 -8.87 -5.02 0.46
C LEU A 119 -9.79 -4.88 1.68
N PRO A 120 -9.95 -3.59 2.11
CA PRO A 120 -10.81 -3.30 3.26
C PRO A 120 -12.29 -3.40 2.88
N ILE A 121 -13.13 -3.44 3.91
CA ILE A 121 -14.56 -3.54 3.69
C ILE A 121 -15.24 -2.33 4.33
N THR A 122 -16.35 -1.92 3.73
CA THR A 122 -17.10 -0.79 4.23
C THR A 122 -18.34 -1.26 5.00
N VAL A 123 -18.88 -0.36 5.81
CA VAL A 123 -20.05 -0.67 6.60
C VAL A 123 -20.61 0.62 7.20
N VAL A 124 -21.23 1.41 6.35
CA VAL A 124 -21.81 2.67 6.78
C VAL A 124 -22.57 3.31 5.61
N ARG A 125 -23.37 4.31 5.94
CA ARG A 125 -24.15 5.00 4.94
C ARG A 125 -25.44 4.22 4.63
N ASN A 126 -25.26 2.94 4.33
CA ASN A 126 -26.38 2.08 4.02
C ASN A 126 -26.41 0.91 5.00
N LYS A 127 -25.25 0.31 5.19
CA LYS A 127 -25.12 -0.83 6.09
C LYS A 127 -25.88 -2.02 5.51
N ALA A 128 -27.20 -1.88 5.46
CA ALA A 128 -28.05 -2.93 4.93
C ALA A 128 -27.52 -3.37 3.56
N ASP A 129 -27.45 -2.42 2.66
CA ASP A 129 -26.96 -2.68 1.31
C ASP A 129 -25.50 -3.14 1.39
N ILE A 130 -24.74 -2.45 2.24
CA ILE A 130 -23.33 -2.76 2.40
C ILE A 130 -23.17 -4.28 2.55
N THR A 131 -23.88 -4.82 3.53
CA THR A 131 -23.82 -6.26 3.79
C THR A 131 -23.84 -7.03 2.47
N GLY A 132 -24.78 -6.64 1.62
CA GLY A 132 -24.92 -7.29 0.32
C GLY A 132 -23.59 -7.32 -0.43
N GLU A 133 -23.06 -6.12 -0.66
CA GLU A 133 -21.79 -5.99 -1.36
C GLU A 133 -20.66 -6.67 -0.57
N THR A 134 -20.65 -6.37 0.72
CA THR A 134 -19.63 -6.94 1.59
C THR A 134 -19.40 -8.41 1.27
N LEU A 135 -20.46 -9.19 1.41
CA LEU A 135 -20.39 -10.62 1.13
C LEU A 135 -19.80 -10.83 -0.27
N GLY A 136 -18.69 -11.55 -0.30
CA GLY A 136 -18.01 -11.84 -1.55
C GLY A 136 -17.75 -10.54 -2.34
N MET A 137 -16.94 -9.68 -1.74
CA MET A 137 -16.61 -8.41 -2.37
C MET A 137 -16.38 -8.58 -3.87
N SER A 138 -15.67 -9.65 -4.21
CA SER A 138 -15.38 -9.95 -5.61
C SER A 138 -14.65 -11.29 -5.72
N GLU A 139 -13.37 -11.27 -5.40
CA GLU A 139 -12.55 -12.46 -5.45
C GLU A 139 -11.26 -12.26 -4.67
N VAL A 140 -10.34 -13.19 -4.87
CA VAL A 140 -9.05 -13.13 -4.19
C VAL A 140 -9.26 -13.43 -2.70
N ASN A 141 -8.20 -13.92 -2.08
CA ASN A 141 -8.23 -14.26 -0.67
C ASN A 141 -7.65 -13.10 0.14
N GLY A 142 -8.48 -12.09 0.36
CA GLY A 142 -8.06 -10.92 1.11
C GLY A 142 -7.45 -11.32 2.45
N HIS A 143 -6.36 -10.66 2.80
CA HIS A 143 -5.67 -10.93 4.04
C HIS A 143 -6.62 -10.72 5.21
N ALA A 144 -7.16 -9.51 5.29
CA ALA A 144 -8.09 -9.17 6.35
C ALA A 144 -9.17 -8.24 5.81
N LEU A 145 -10.34 -8.32 6.42
CA LEU A 145 -11.47 -7.50 6.00
C LEU A 145 -11.75 -6.45 7.07
N ILE A 146 -11.11 -5.31 6.94
CA ILE A 146 -11.29 -4.22 7.90
C ILE A 146 -11.79 -2.98 7.17
N ARG A 147 -12.32 -2.04 7.95
CA ARG A 147 -12.84 -0.81 7.39
C ARG A 147 -11.92 0.36 7.74
N LEU A 148 -12.13 1.46 7.04
CA LEU A 148 -11.33 2.66 7.26
C LEU A 148 -12.24 3.88 7.30
N SER A 149 -11.66 5.01 7.67
CA SER A 149 -12.41 6.25 7.76
C SER A 149 -11.48 7.44 7.47
N ALA A 150 -10.66 7.28 6.45
CA ALA A 150 -9.72 8.32 6.07
C ALA A 150 -8.75 8.57 7.22
N ARG A 151 -9.05 9.62 7.98
CA ARG A 151 -8.20 9.98 9.12
C ARG A 151 -8.98 9.81 10.42
N THR A 152 -8.73 8.68 11.07
CA THR A 152 -9.39 8.38 12.33
C THR A 152 -8.60 7.33 13.12
N GLY A 153 -8.19 6.29 12.40
CA GLY A 153 -7.42 5.22 13.00
C GLY A 153 -8.30 3.97 13.20
N GLU A 154 -9.37 3.92 12.43
CA GLU A 154 -10.28 2.79 12.50
C GLU A 154 -9.55 1.49 12.16
N GLY A 155 -9.16 1.37 10.91
CA GLY A 155 -8.45 0.19 10.45
C GLY A 155 -6.94 0.42 10.44
N VAL A 156 -6.57 1.69 10.24
CA VAL A 156 -5.16 2.05 10.22
C VAL A 156 -4.46 1.47 11.44
N ASP A 157 -5.25 1.26 12.48
CA ASP A 157 -4.71 0.71 13.72
C ASP A 157 -4.17 -0.69 13.46
N VAL A 158 -5.03 -1.54 12.91
CA VAL A 158 -4.65 -2.90 12.60
C VAL A 158 -3.81 -2.92 11.32
N LEU A 159 -4.24 -2.10 10.37
CA LEU A 159 -3.54 -2.01 9.10
C LEU A 159 -2.03 -1.99 9.34
N ARG A 160 -1.63 -1.13 10.25
CA ARG A 160 -0.22 -1.01 10.60
C ARG A 160 0.34 -2.36 11.05
N ASN A 161 -0.40 -2.99 11.95
CA ASN A 161 0.02 -4.28 12.47
C ASN A 161 0.44 -5.19 11.31
N HIS A 162 -0.50 -5.43 10.42
CA HIS A 162 -0.24 -6.28 9.26
C HIS A 162 0.91 -5.68 8.45
N LEU A 163 0.80 -4.39 8.18
CA LEU A 163 1.82 -3.69 7.41
C LEU A 163 3.20 -4.07 7.95
N LYS A 164 3.29 -4.08 9.28
CA LYS A 164 4.54 -4.42 9.93
C LYS A 164 4.81 -5.92 9.78
N GLN A 165 3.78 -6.71 10.06
CA GLN A 165 3.88 -8.15 9.95
C GLN A 165 4.00 -8.57 8.49
N SER A 166 5.05 -8.08 7.85
CA SER A 166 5.28 -8.40 6.45
C SER A 166 6.75 -8.14 6.09
N MET A 167 7.27 -7.03 6.61
CA MET A 167 8.64 -6.66 6.36
C MET A 167 9.52 -7.90 6.16
N GLY A 168 10.28 -7.88 5.08
CA GLY A 168 11.17 -9.00 4.77
C GLY A 168 12.56 -8.78 5.38
N ILE A 169 13.19 -9.88 5.74
CA ILE A 169 14.51 -9.83 6.33
C ILE A 169 15.39 -8.88 5.52
N HIS A 170 16.35 -8.27 6.20
CA HIS A 170 17.26 -7.34 5.56
C HIS A 170 16.51 -6.06 5.20
N ARG A 171 17.28 -5.02 4.93
CA ARG A 171 16.71 -3.73 4.58
C ARG A 171 15.91 -3.85 3.27
N ASP A 172 16.60 -4.30 2.24
CA ASP A 172 15.96 -4.46 0.94
C ASP A 172 16.43 -5.77 0.31
N GLY A 1 15.60 -9.16 18.52
CA GLY A 1 15.31 -7.74 18.42
C GLY A 1 16.60 -6.92 18.26
N SER A 2 16.44 -5.76 17.64
CA SER A 2 17.57 -4.88 17.41
C SER A 2 18.66 -5.61 16.63
N LEU A 3 19.60 -4.84 16.12
CA LEU A 3 20.70 -5.41 15.35
C LEU A 3 20.21 -5.75 13.94
N LEU A 4 19.18 -6.60 13.89
CA LEU A 4 18.61 -7.01 12.62
C LEU A 4 17.89 -5.83 11.99
N ARG A 5 17.93 -5.79 10.67
CA ARG A 5 17.28 -4.72 9.92
C ARG A 5 16.23 -5.29 8.98
N GLU A 6 15.16 -4.53 8.80
CA GLU A 6 14.07 -4.95 7.94
C GLU A 6 13.91 -3.96 6.78
N GLY A 7 13.10 -4.37 5.80
CA GLY A 7 12.87 -3.54 4.64
C GLY A 7 11.77 -4.15 3.75
N MET A 8 10.62 -3.51 3.77
CA MET A 8 9.49 -3.97 2.98
C MET A 8 8.85 -2.81 2.23
N LYS A 9 8.33 -3.13 1.04
CA LYS A 9 7.70 -2.14 0.21
C LYS A 9 6.21 -2.48 0.06
N VAL A 10 5.37 -1.52 0.46
CA VAL A 10 3.94 -1.72 0.37
C VAL A 10 3.42 -1.10 -0.93
N VAL A 11 2.24 -1.56 -1.34
CA VAL A 11 1.63 -1.07 -2.56
C VAL A 11 0.21 -0.61 -2.26
N ILE A 12 -0.13 0.56 -2.80
CA ILE A 12 -1.45 1.13 -2.60
C ILE A 12 -1.96 1.69 -3.92
N ALA A 13 -2.78 0.89 -4.59
CA ALA A 13 -3.35 1.31 -5.87
C ALA A 13 -4.84 0.99 -5.89
N GLY A 14 -5.54 1.61 -6.81
CA GLY A 14 -6.97 1.40 -6.95
C GLY A 14 -7.72 2.74 -6.97
N ARG A 15 -8.06 3.17 -8.17
CA ARG A 15 -8.78 4.42 -8.34
C ARG A 15 -7.95 5.59 -7.81
N PRO A 16 -8.26 6.81 -8.33
CA PRO A 16 -7.55 8.00 -7.92
C PRO A 16 -7.99 8.44 -6.52
N ASN A 17 -9.21 8.96 -6.45
CA ASN A 17 -9.76 9.42 -5.18
C ASN A 17 -10.67 8.34 -4.60
N ALA A 18 -10.16 7.65 -3.59
CA ALA A 18 -10.92 6.59 -2.94
C ALA A 18 -10.56 6.54 -1.46
N GLY A 19 -9.26 6.57 -1.20
CA GLY A 19 -8.77 6.53 0.17
C GLY A 19 -7.36 5.95 0.22
N LYS A 20 -6.52 6.41 -0.71
CA LYS A 20 -5.15 5.94 -0.77
C LYS A 20 -4.21 7.09 -0.36
N SER A 21 -4.70 8.30 -0.56
CA SER A 21 -3.91 9.48 -0.21
C SER A 21 -3.96 9.72 1.29
N SER A 22 -5.18 9.83 1.80
CA SER A 22 -5.38 10.05 3.23
C SER A 22 -4.81 8.88 4.03
N LEU A 23 -5.13 7.68 3.57
CA LEU A 23 -4.65 6.48 4.23
C LEU A 23 -3.15 6.58 4.45
N LEU A 24 -2.42 6.69 3.36
CA LEU A 24 -0.97 6.80 3.42
C LEU A 24 -0.59 7.69 4.60
N ASN A 25 -1.32 8.79 4.74
CA ASN A 25 -1.06 9.73 5.82
C ASN A 25 -1.41 9.07 7.15
N ALA A 26 -2.60 8.50 7.20
CA ALA A 26 -3.06 7.83 8.40
C ALA A 26 -1.91 7.07 9.04
N LEU A 27 -1.32 6.18 8.25
CA LEU A 27 -0.20 5.38 8.73
C LEU A 27 1.11 6.00 8.23
N ALA A 28 1.43 7.15 8.79
CA ALA A 28 2.65 7.85 8.41
C ALA A 28 3.18 8.64 9.62
N GLY A 29 4.48 8.55 9.82
CA GLY A 29 5.12 9.24 10.92
C GLY A 29 5.45 10.69 10.55
N ARG A 30 4.42 11.38 10.07
CA ARG A 30 4.58 12.77 9.68
C ARG A 30 3.46 13.62 10.26
N GLU A 31 3.85 14.73 10.88
CA GLU A 31 2.89 15.63 11.48
C GLU A 31 2.14 16.40 10.40
N ALA A 32 2.90 17.14 9.59
CA ALA A 32 2.33 17.93 8.52
C ALA A 32 2.41 17.13 7.21
N ALA A 33 1.29 16.52 6.86
CA ALA A 33 1.23 15.74 5.64
C ALA A 33 0.90 16.66 4.46
N ILE A 34 1.15 16.15 3.26
CA ILE A 34 0.90 16.91 2.05
C ILE A 34 0.58 15.95 0.91
N VAL A 35 -0.32 16.39 0.04
CA VAL A 35 -0.72 15.57 -1.11
C VAL A 35 -0.13 16.19 -2.38
N THR A 36 -0.12 15.38 -3.43
CA THR A 36 0.40 15.82 -4.71
C THR A 36 -0.31 15.09 -5.86
N ASP A 37 -0.47 15.81 -6.96
CA ASP A 37 -1.13 15.25 -8.13
C ASP A 37 -0.16 14.32 -8.86
N ILE A 38 1.03 14.85 -9.14
CA ILE A 38 2.04 14.09 -9.82
C ILE A 38 1.38 13.25 -10.93
N ALA A 39 1.14 13.90 -12.06
CA ALA A 39 0.52 13.23 -13.18
C ALA A 39 1.56 12.34 -13.88
N GLY A 40 2.75 12.89 -14.03
CA GLY A 40 3.83 12.15 -14.67
C GLY A 40 4.27 10.96 -13.81
N THR A 41 3.70 9.80 -14.13
CA THR A 41 4.02 8.58 -13.39
C THR A 41 5.53 8.51 -13.12
N THR A 42 5.86 8.41 -11.84
CA THR A 42 7.25 8.33 -11.43
C THR A 42 7.82 6.94 -11.72
N ARG A 43 9.06 6.92 -12.14
CA ARG A 43 9.73 5.67 -12.45
C ARG A 43 9.97 4.85 -11.18
N ASP A 44 10.42 5.55 -10.15
CA ASP A 44 10.69 4.91 -8.87
C ASP A 44 9.37 4.48 -8.23
N VAL A 45 8.28 4.95 -8.82
CA VAL A 45 6.96 4.63 -8.32
C VAL A 45 7.02 4.49 -6.80
N LEU A 46 7.69 5.44 -6.17
CA LEU A 46 7.82 5.43 -4.72
C LEU A 46 7.31 6.76 -4.16
N ARG A 47 6.26 7.27 -4.77
CA ARG A 47 5.68 8.54 -4.35
C ARG A 47 4.60 8.28 -3.29
N GLU A 48 4.87 7.31 -2.44
CA GLU A 48 3.94 6.96 -1.37
C GLU A 48 4.58 7.19 0.00
N HIS A 49 5.37 8.24 0.08
CA HIS A 49 6.05 8.58 1.32
C HIS A 49 6.72 7.33 1.89
N ILE A 50 7.24 7.48 3.10
CA ILE A 50 7.92 6.37 3.76
C ILE A 50 8.16 6.74 5.23
N HIS A 51 8.18 5.71 6.06
CA HIS A 51 8.40 5.91 7.48
C HIS A 51 9.01 4.64 8.09
N ILE A 52 9.77 4.84 9.15
CA ILE A 52 10.42 3.73 9.83
C ILE A 52 10.75 4.13 11.26
N ASP A 53 10.00 3.55 12.20
CA ASP A 53 10.20 3.84 13.61
C ASP A 53 11.69 3.68 13.95
N GLY A 54 12.28 2.64 13.39
CA GLY A 54 13.69 2.36 13.62
C GLY A 54 14.51 3.66 13.61
N MET A 55 14.99 4.01 12.43
CA MET A 55 15.79 5.21 12.28
C MET A 55 15.08 6.22 11.37
N PRO A 56 14.99 7.48 11.88
CA PRO A 56 14.35 8.55 11.13
C PRO A 56 15.25 9.03 9.99
N LEU A 57 15.61 8.09 9.13
CA LEU A 57 16.47 8.42 8.00
C LEU A 57 16.73 7.15 7.18
N HIS A 58 15.65 6.61 6.62
CA HIS A 58 15.74 5.40 5.82
C HIS A 58 15.30 5.70 4.39
N ILE A 59 15.90 4.99 3.45
CA ILE A 59 15.57 5.16 2.05
C ILE A 59 14.98 3.86 1.50
N ILE A 60 13.69 3.90 1.24
CA ILE A 60 13.00 2.73 0.71
C ILE A 60 12.88 2.85 -0.82
N ASP A 61 12.48 1.76 -1.44
CA ASP A 61 12.33 1.73 -2.89
C ASP A 61 11.19 0.77 -3.25
N THR A 62 10.01 1.34 -3.43
CA THR A 62 8.84 0.56 -3.78
C THR A 62 8.79 0.33 -5.29
N ALA A 63 9.80 -0.37 -5.79
CA ALA A 63 9.87 -0.67 -7.21
C ALA A 63 8.72 -1.59 -7.60
N GLY A 64 8.78 -2.07 -8.83
CA GLY A 64 7.76 -2.97 -9.34
C GLY A 64 8.15 -3.55 -10.70
N LEU A 65 8.47 -2.65 -11.62
CA LEU A 65 8.86 -3.05 -12.96
C LEU A 65 10.40 -3.03 -13.07
N ARG A 66 10.90 -3.77 -14.03
CA ARG A 66 12.34 -3.84 -14.24
C ARG A 66 12.96 -2.45 -14.14
N GLU A 67 12.40 -1.52 -14.90
CA GLU A 67 12.89 -0.16 -14.91
C GLU A 67 12.94 0.39 -13.47
N ALA A 68 11.81 0.26 -12.78
CA ALA A 68 11.72 0.74 -11.41
C ALA A 68 12.84 0.10 -10.58
N SER A 69 12.97 -1.22 -10.73
CA SER A 69 13.99 -1.96 -10.01
C SER A 69 15.35 -1.30 -10.21
N ASP A 70 15.59 -0.86 -11.43
CA ASP A 70 16.85 -0.23 -11.77
C ASP A 70 16.66 1.29 -11.78
N GLU A 71 15.67 1.73 -11.01
CA GLU A 71 15.36 3.16 -10.93
C GLU A 71 15.84 3.71 -9.59
N VAL A 72 15.37 3.08 -8.52
CA VAL A 72 15.73 3.49 -7.18
C VAL A 72 17.26 3.49 -7.04
N GLU A 73 17.86 2.43 -7.55
CA GLU A 73 19.31 2.29 -7.49
C GLU A 73 19.98 3.56 -7.98
N ARG A 74 19.37 4.18 -8.99
CA ARG A 74 19.89 5.41 -9.55
C ARG A 74 19.65 6.58 -8.61
N ILE A 75 18.37 6.79 -8.31
CA ILE A 75 17.99 7.87 -7.41
C ILE A 75 18.85 7.82 -6.15
N GLY A 76 19.02 6.62 -5.64
CA GLY A 76 19.81 6.42 -4.44
C GLY A 76 21.30 6.67 -4.72
N ILE A 77 22.14 5.94 -3.99
CA ILE A 77 23.57 6.06 -4.16
C ILE A 77 24.21 4.68 -4.18
N GLU A 78 23.59 3.79 -4.94
CA GLU A 78 24.08 2.42 -5.05
C GLU A 78 24.33 2.07 -6.52
N ARG A 79 24.81 0.86 -6.73
CA ARG A 79 25.11 0.39 -8.07
C ARG A 79 23.84 -0.11 -8.75
N ALA A 80 23.67 0.29 -10.00
CA ALA A 80 22.50 -0.10 -10.76
C ALA A 80 22.70 -1.53 -11.29
N TRP A 81 22.83 -2.46 -10.35
CA TRP A 81 23.03 -3.85 -10.70
C TRP A 81 21.79 -4.63 -10.25
N GLN A 82 21.67 -4.79 -8.94
CA GLN A 82 20.55 -5.51 -8.37
C GLN A 82 20.62 -5.49 -6.84
N GLU A 83 19.54 -5.06 -6.23
CA GLU A 83 19.47 -4.99 -4.78
C GLU A 83 18.04 -4.64 -4.34
N ILE A 84 17.13 -5.55 -4.60
CA ILE A 84 15.74 -5.36 -4.24
C ILE A 84 14.96 -6.65 -4.48
N GLU A 85 14.27 -7.10 -3.45
CA GLU A 85 13.48 -8.31 -3.54
C GLU A 85 12.21 -8.06 -4.35
N GLN A 86 11.12 -7.81 -3.64
CA GLN A 86 9.85 -7.55 -4.28
C GLN A 86 8.79 -7.22 -3.23
N ALA A 87 7.65 -6.74 -3.72
CA ALA A 87 6.55 -6.38 -2.84
C ALA A 87 6.21 -7.57 -1.93
N ASP A 88 5.68 -7.25 -0.76
CA ASP A 88 5.31 -8.28 0.20
C ASP A 88 3.80 -8.23 0.44
N ARG A 89 3.32 -7.04 0.77
CA ARG A 89 1.90 -6.85 1.02
C ARG A 89 1.33 -5.79 0.08
N VAL A 90 0.18 -6.10 -0.49
CA VAL A 90 -0.48 -5.19 -1.41
C VAL A 90 -1.74 -4.61 -0.74
N LEU A 91 -1.63 -3.37 -0.32
CA LEU A 91 -2.74 -2.70 0.33
C LEU A 91 -3.73 -2.22 -0.72
N PHE A 92 -4.87 -2.91 -0.77
CA PHE A 92 -5.91 -2.57 -1.73
C PHE A 92 -6.75 -1.40 -1.22
N MET A 93 -7.47 -0.78 -2.16
CA MET A 93 -8.31 0.35 -1.83
C MET A 93 -9.60 0.34 -2.66
N VAL A 94 -10.72 0.21 -1.97
CA VAL A 94 -12.00 0.18 -2.63
C VAL A 94 -12.99 1.10 -1.89
N ASP A 95 -13.61 1.99 -2.64
CA ASP A 95 -14.57 2.92 -2.07
C ASP A 95 -15.66 2.14 -1.34
N GLY A 96 -16.48 2.88 -0.61
CA GLY A 96 -17.56 2.27 0.14
C GLY A 96 -18.26 1.18 -0.67
N THR A 97 -19.33 1.59 -1.35
CA THR A 97 -20.09 0.66 -2.18
C THR A 97 -20.14 1.16 -3.62
N THR A 98 -18.96 1.47 -4.15
CA THR A 98 -18.85 1.96 -5.51
C THR A 98 -18.11 0.95 -6.38
N THR A 99 -18.83 0.41 -7.35
CA THR A 99 -18.26 -0.57 -8.26
C THR A 99 -18.32 -0.07 -9.71
N ASP A 100 -17.46 0.89 -10.00
CA ASP A 100 -17.40 1.46 -11.33
C ASP A 100 -16.09 1.06 -12.00
N ALA A 101 -15.84 1.65 -13.16
CA ALA A 101 -14.63 1.37 -13.91
C ALA A 101 -13.42 1.58 -13.01
N VAL A 102 -12.25 1.32 -13.58
CA VAL A 102 -11.01 1.48 -12.83
C VAL A 102 -10.89 0.36 -11.81
N ASP A 103 -11.88 0.31 -10.92
CA ASP A 103 -11.90 -0.70 -9.88
C ASP A 103 -11.41 -2.03 -10.45
N PRO A 104 -12.04 -2.44 -11.59
CA PRO A 104 -11.68 -3.68 -12.25
C PRO A 104 -10.36 -3.54 -13.00
N ALA A 105 -10.18 -2.38 -13.61
CA ALA A 105 -8.97 -2.10 -14.37
C ALA A 105 -7.85 -1.69 -13.40
N GLU A 106 -7.55 -2.60 -12.48
CA GLU A 106 -6.51 -2.34 -11.49
C GLU A 106 -6.31 -3.58 -10.61
N ILE A 107 -7.41 -4.24 -10.30
CA ILE A 107 -7.37 -5.43 -9.48
C ILE A 107 -7.06 -6.64 -10.35
N TRP A 108 -7.35 -6.50 -11.63
CA TRP A 108 -7.11 -7.57 -12.58
C TRP A 108 -5.67 -8.05 -12.40
N PRO A 109 -4.72 -7.09 -12.61
CA PRO A 109 -3.31 -7.40 -12.48
C PRO A 109 -2.91 -7.52 -11.01
N GLU A 110 -3.62 -8.39 -10.31
CA GLU A 110 -3.35 -8.61 -8.90
C GLU A 110 -3.71 -10.05 -8.50
N PHE A 111 -4.90 -10.45 -8.90
CA PHE A 111 -5.37 -11.80 -8.61
C PHE A 111 -4.27 -12.84 -8.83
N ILE A 112 -3.50 -12.61 -9.89
CA ILE A 112 -2.41 -13.51 -10.22
C ILE A 112 -1.12 -13.00 -9.59
N ALA A 113 -0.87 -13.45 -8.38
CA ALA A 113 0.33 -13.04 -7.66
C ALA A 113 0.53 -13.94 -6.44
N ARG A 114 1.74 -13.93 -5.92
CA ARG A 114 2.07 -14.74 -4.76
C ARG A 114 2.24 -13.86 -3.52
N LEU A 115 1.22 -13.04 -3.28
CA LEU A 115 1.25 -12.14 -2.14
C LEU A 115 -0.19 -11.78 -1.75
N PRO A 116 -0.39 -11.58 -0.41
CA PRO A 116 -1.70 -11.23 0.09
C PRO A 116 -2.04 -9.77 -0.21
N ALA A 117 -3.33 -9.52 -0.39
CA ALA A 117 -3.80 -8.17 -0.69
C ALA A 117 -4.96 -7.82 0.25
N LYS A 118 -4.62 -7.09 1.30
CA LYS A 118 -5.62 -6.68 2.27
C LYS A 118 -6.71 -5.88 1.57
N LEU A 119 -7.88 -6.49 1.47
CA LEU A 119 -9.01 -5.85 0.82
C LEU A 119 -9.87 -5.15 1.88
N PRO A 120 -9.89 -3.79 1.81
CA PRO A 120 -10.67 -3.01 2.75
C PRO A 120 -12.16 -3.07 2.43
N ILE A 121 -12.97 -2.83 3.45
CA ILE A 121 -14.41 -2.85 3.29
C ILE A 121 -15.02 -1.62 3.95
N THR A 122 -16.32 -1.46 3.76
CA THR A 122 -17.04 -0.33 4.32
C THR A 122 -18.40 -0.77 4.84
N VAL A 123 -18.54 -0.72 6.16
CA VAL A 123 -19.79 -1.11 6.79
C VAL A 123 -20.52 0.15 7.30
N VAL A 124 -20.45 1.18 6.48
CA VAL A 124 -21.09 2.45 6.83
C VAL A 124 -22.57 2.18 7.13
N ARG A 125 -23.23 3.24 7.62
CA ARG A 125 -24.64 3.13 7.96
C ARG A 125 -25.49 3.02 6.69
N ASN A 126 -25.72 1.78 6.28
CA ASN A 126 -26.52 1.53 5.09
C ASN A 126 -27.01 0.07 5.11
N LYS A 127 -26.06 -0.85 5.13
CA LYS A 127 -26.38 -2.26 5.15
C LYS A 127 -26.81 -2.70 3.75
N ALA A 128 -27.83 -2.03 3.24
CA ALA A 128 -28.34 -2.35 1.92
C ALA A 128 -27.26 -2.06 0.87
N ASP A 129 -26.80 -0.82 0.87
CA ASP A 129 -25.77 -0.40 -0.07
C ASP A 129 -24.61 -1.41 -0.03
N ILE A 130 -23.97 -1.48 1.13
CA ILE A 130 -22.86 -2.40 1.32
C ILE A 130 -23.20 -3.74 0.67
N THR A 131 -24.48 -4.06 0.67
CA THR A 131 -24.94 -5.31 0.09
C THR A 131 -24.07 -6.47 0.56
N GLY A 132 -24.56 -7.15 1.60
CA GLY A 132 -23.84 -8.28 2.16
C GLY A 132 -22.36 -7.94 2.36
N GLU A 133 -22.08 -6.64 2.47
CA GLU A 133 -20.72 -6.18 2.66
C GLU A 133 -19.79 -6.81 1.62
N THR A 134 -19.74 -6.18 0.46
CA THR A 134 -18.90 -6.67 -0.62
C THR A 134 -19.09 -8.17 -0.80
N LEU A 135 -20.34 -8.60 -0.74
CA LEU A 135 -20.66 -10.00 -0.89
C LEU A 135 -20.29 -10.45 -2.31
N GLY A 136 -20.63 -9.62 -3.28
CA GLY A 136 -20.34 -9.92 -4.66
C GLY A 136 -18.83 -9.99 -4.90
N MET A 137 -18.16 -8.89 -4.61
CA MET A 137 -16.73 -8.81 -4.79
C MET A 137 -16.01 -9.74 -3.81
N SER A 138 -15.79 -10.97 -4.26
CA SER A 138 -15.12 -11.96 -3.44
C SER A 138 -14.40 -12.97 -4.33
N GLU A 139 -13.93 -12.48 -5.46
CA GLU A 139 -13.22 -13.33 -6.41
C GLU A 139 -11.94 -13.87 -5.79
N VAL A 140 -10.92 -13.00 -5.78
CA VAL A 140 -9.63 -13.37 -5.23
C VAL A 140 -9.77 -13.56 -3.71
N ASN A 141 -9.10 -14.58 -3.20
CA ASN A 141 -9.14 -14.86 -1.78
C ASN A 141 -8.44 -13.74 -1.01
N GLY A 142 -9.12 -12.61 -0.94
CA GLY A 142 -8.57 -11.45 -0.24
C GLY A 142 -7.87 -11.87 1.05
N HIS A 143 -6.94 -11.04 1.50
CA HIS A 143 -6.20 -11.31 2.71
C HIS A 143 -6.89 -10.64 3.90
N ALA A 144 -8.13 -11.06 4.14
CA ALA A 144 -8.90 -10.52 5.24
C ALA A 144 -9.59 -9.23 4.78
N LEU A 145 -10.54 -8.78 5.59
CA LEU A 145 -11.28 -7.58 5.27
C LEU A 145 -11.40 -6.71 6.53
N ILE A 146 -10.86 -5.50 6.43
CA ILE A 146 -10.89 -4.58 7.56
C ILE A 146 -11.39 -3.21 7.07
N ARG A 147 -12.28 -2.63 7.85
CA ARG A 147 -12.85 -1.34 7.52
C ARG A 147 -11.79 -0.24 7.69
N LEU A 148 -12.06 0.90 7.07
CA LEU A 148 -11.15 2.03 7.15
C LEU A 148 -11.89 3.31 6.76
N SER A 149 -11.38 4.43 7.25
CA SER A 149 -11.98 5.72 6.97
C SER A 149 -10.92 6.81 7.03
N ALA A 150 -10.79 7.53 5.94
CA ALA A 150 -9.82 8.62 5.85
C ALA A 150 -9.80 9.38 7.18
N ARG A 151 -10.92 10.03 7.46
CA ARG A 151 -11.05 10.80 8.69
C ARG A 151 -11.09 9.87 9.90
N THR A 152 -10.33 10.24 10.92
CA THR A 152 -10.27 9.45 12.13
C THR A 152 -10.17 7.95 11.79
N GLY A 153 -9.09 7.61 11.11
CA GLY A 153 -8.86 6.23 10.73
C GLY A 153 -9.17 5.28 11.88
N GLU A 154 -10.21 4.48 11.70
CA GLU A 154 -10.63 3.53 12.72
C GLU A 154 -9.60 2.39 12.81
N GLY A 155 -9.34 1.76 11.67
CA GLY A 155 -8.39 0.67 11.62
C GLY A 155 -7.12 1.08 10.89
N VAL A 156 -6.52 2.17 11.36
CA VAL A 156 -5.31 2.68 10.76
C VAL A 156 -4.10 2.09 11.50
N ASP A 157 -4.19 2.10 12.82
CA ASP A 157 -3.12 1.57 13.65
C ASP A 157 -3.02 0.06 13.45
N VAL A 158 -4.15 -0.60 13.61
CA VAL A 158 -4.21 -2.04 13.45
C VAL A 158 -3.52 -2.43 12.14
N LEU A 159 -3.59 -1.52 11.18
CA LEU A 159 -2.98 -1.75 9.87
C LEU A 159 -1.46 -1.74 10.02
N ARG A 160 -0.96 -0.64 10.57
CA ARG A 160 0.48 -0.49 10.78
C ARG A 160 1.10 -1.82 11.21
N ASN A 161 0.44 -2.46 12.15
CA ASN A 161 0.91 -3.75 12.66
C ASN A 161 0.43 -4.86 11.73
N HIS A 162 1.11 -4.97 10.60
CA HIS A 162 0.77 -5.99 9.62
C HIS A 162 1.71 -5.89 8.41
N LEU A 163 1.95 -4.64 8.00
CA LEU A 163 2.83 -4.39 6.87
C LEU A 163 4.28 -4.56 7.30
N LYS A 164 4.48 -4.56 8.62
CA LYS A 164 5.81 -4.71 9.18
C LYS A 164 6.12 -6.20 9.35
N GLN A 165 5.23 -6.87 10.07
CA GLN A 165 5.39 -8.29 10.33
C GLN A 165 5.76 -9.02 9.03
N SER A 166 5.12 -8.60 7.96
CA SER A 166 5.38 -9.20 6.65
C SER A 166 6.41 -8.38 5.89
N MET A 167 7.59 -8.26 6.49
CA MET A 167 8.68 -7.51 5.89
C MET A 167 9.84 -8.42 5.53
N GLY A 168 10.81 -7.86 4.82
CA GLY A 168 11.99 -8.61 4.40
C GLY A 168 13.16 -8.32 5.33
N ILE A 169 13.66 -9.38 5.96
CA ILE A 169 14.78 -9.25 6.86
C ILE A 169 16.05 -8.89 6.07
N HIS A 170 16.41 -7.62 6.15
CA HIS A 170 17.58 -7.13 5.45
C HIS A 170 17.74 -5.62 5.70
N ARG A 171 18.80 -5.07 5.11
CA ARG A 171 19.08 -3.66 5.27
C ARG A 171 18.28 -2.85 4.24
N ASP A 172 18.57 -3.14 2.97
CA ASP A 172 17.89 -2.44 1.89
C ASP A 172 18.38 -3.01 0.56
N GLY A 1 26.12 -3.87 15.23
CA GLY A 1 24.96 -4.47 15.85
C GLY A 1 23.68 -4.06 15.13
N SER A 2 22.96 -5.05 14.64
CA SER A 2 21.72 -4.81 13.93
C SER A 2 20.69 -5.88 14.29
N LEU A 3 21.07 -7.12 14.03
CA LEU A 3 20.20 -8.25 14.31
C LEU A 3 19.02 -8.23 13.34
N LEU A 4 18.20 -7.21 13.49
CA LEU A 4 17.02 -7.05 12.64
C LEU A 4 16.91 -5.60 12.19
N ARG A 5 16.84 -5.42 10.87
CA ARG A 5 16.73 -4.09 10.30
C ARG A 5 15.35 -3.90 9.67
N GLU A 6 15.03 -4.79 8.75
CA GLU A 6 13.74 -4.73 8.07
C GLU A 6 13.71 -3.54 7.10
N GLY A 7 13.43 -3.85 5.85
CA GLY A 7 13.36 -2.81 4.83
C GLY A 7 12.41 -3.22 3.69
N MET A 8 11.14 -2.89 3.88
CA MET A 8 10.12 -3.22 2.90
C MET A 8 9.03 -2.16 2.88
N LYS A 9 7.99 -2.43 2.09
CA LYS A 9 6.87 -1.51 1.97
C LYS A 9 5.73 -2.21 1.24
N VAL A 10 4.74 -1.41 0.88
CA VAL A 10 3.57 -1.93 0.16
C VAL A 10 3.40 -1.18 -1.14
N VAL A 11 2.23 -1.37 -1.75
CA VAL A 11 1.93 -0.70 -3.02
C VAL A 11 0.42 -0.47 -3.11
N ILE A 12 -0.01 0.61 -2.47
CA ILE A 12 -1.42 0.97 -2.46
C ILE A 12 -1.86 1.27 -3.90
N ALA A 13 -3.00 0.71 -4.26
CA ALA A 13 -3.55 0.91 -5.59
C ALA A 13 -5.07 0.82 -5.54
N GLY A 14 -5.71 1.72 -6.28
CA GLY A 14 -7.16 1.75 -6.31
C GLY A 14 -7.67 3.05 -6.95
N ARG A 15 -8.98 3.14 -7.07
CA ARG A 15 -9.60 4.32 -7.65
C ARG A 15 -8.85 5.59 -7.22
N PRO A 16 -8.50 6.43 -8.22
CA PRO A 16 -7.79 7.66 -7.96
C PRO A 16 -8.72 8.72 -7.35
N ASN A 17 -8.93 8.60 -6.05
CA ASN A 17 -9.79 9.53 -5.34
C ASN A 17 -10.21 8.90 -4.01
N ALA A 18 -10.31 7.58 -4.01
CA ALA A 18 -10.71 6.86 -2.82
C ALA A 18 -9.54 6.81 -1.84
N GLY A 19 -9.42 7.88 -1.05
CA GLY A 19 -8.35 7.98 -0.08
C GLY A 19 -6.98 7.97 -0.76
N LYS A 20 -6.35 6.79 -0.73
CA LYS A 20 -5.04 6.65 -1.34
C LYS A 20 -4.03 7.51 -0.59
N SER A 21 -4.06 8.80 -0.90
CA SER A 21 -3.16 9.74 -0.26
C SER A 21 -3.51 9.89 1.21
N SER A 22 -4.78 10.22 1.45
CA SER A 22 -5.26 10.40 2.82
C SER A 22 -4.92 9.17 3.65
N LEU A 23 -5.13 8.00 3.05
CA LEU A 23 -4.85 6.74 3.74
C LEU A 23 -3.38 6.70 4.13
N LEU A 24 -2.53 6.61 3.11
CA LEU A 24 -1.09 6.56 3.33
C LEU A 24 -0.71 7.54 4.45
N ASN A 25 -1.10 8.79 4.24
CA ASN A 25 -0.82 9.83 5.22
C ASN A 25 -1.02 9.27 6.63
N ALA A 26 -2.26 8.92 6.91
CA ALA A 26 -2.62 8.38 8.22
C ALA A 26 -1.58 7.33 8.62
N LEU A 27 -1.40 6.35 7.74
CA LEU A 27 -0.44 5.28 7.99
C LEU A 27 0.90 5.89 8.42
N ALA A 28 1.54 6.55 7.46
CA ALA A 28 2.82 7.18 7.73
C ALA A 28 2.76 7.91 9.07
N GLY A 29 1.74 8.74 9.21
CA GLY A 29 1.56 9.50 10.43
C GLY A 29 2.00 10.96 10.24
N ARG A 30 3.04 11.31 10.99
CA ARG A 30 3.58 12.66 10.92
C ARG A 30 2.51 13.69 11.30
N GLU A 31 2.96 14.84 11.75
CA GLU A 31 2.06 15.90 12.14
C GLU A 31 1.62 16.71 10.92
N ALA A 32 2.61 17.22 10.20
CA ALA A 32 2.35 18.00 9.01
C ALA A 32 2.10 17.06 7.83
N ALA A 33 0.89 17.13 7.30
CA ALA A 33 0.51 16.29 6.18
C ALA A 33 0.77 17.05 4.87
N ILE A 34 1.28 16.32 3.89
CA ILE A 34 1.58 16.92 2.60
C ILE A 34 0.84 16.14 1.50
N VAL A 35 0.64 16.81 0.37
CA VAL A 35 -0.04 16.19 -0.74
C VAL A 35 0.71 16.52 -2.03
N THR A 36 0.81 15.52 -2.90
CA THR A 36 1.50 15.68 -4.17
C THR A 36 0.64 15.12 -5.31
N ASP A 37 0.99 15.55 -6.51
CA ASP A 37 0.27 15.10 -7.70
C ASP A 37 1.22 14.34 -8.61
N ILE A 38 2.30 15.01 -9.00
CA ILE A 38 3.29 14.41 -9.87
C ILE A 38 2.58 13.53 -10.91
N ALA A 39 2.18 14.17 -11.99
CA ALA A 39 1.50 13.45 -13.06
C ALA A 39 2.51 13.08 -14.15
N GLY A 40 3.32 12.09 -13.83
CA GLY A 40 4.34 11.64 -14.77
C GLY A 40 4.79 10.22 -14.43
N THR A 41 3.91 9.48 -13.77
CA THR A 41 4.21 8.12 -13.38
C THR A 41 5.67 7.99 -12.95
N THR A 42 5.92 8.43 -11.72
CA THR A 42 7.27 8.37 -11.17
C THR A 42 7.89 7.00 -11.43
N ARG A 43 9.07 7.04 -12.04
CA ARG A 43 9.78 5.81 -12.37
C ARG A 43 9.99 4.97 -11.11
N ASP A 44 10.34 5.67 -10.03
CA ASP A 44 10.57 4.99 -8.76
C ASP A 44 9.25 4.43 -8.24
N VAL A 45 8.17 4.81 -8.90
CA VAL A 45 6.85 4.35 -8.52
C VAL A 45 6.72 4.41 -7.00
N LEU A 46 7.43 5.35 -6.41
CA LEU A 46 7.41 5.51 -4.96
C LEU A 46 6.69 6.83 -4.62
N ARG A 47 5.38 6.80 -4.74
CA ARG A 47 4.57 7.97 -4.44
C ARG A 47 3.85 7.80 -3.10
N GLU A 48 3.96 6.60 -2.56
CA GLU A 48 3.33 6.29 -1.28
C GLU A 48 4.29 6.57 -0.13
N HIS A 49 5.23 7.48 -0.39
CA HIS A 49 6.22 7.84 0.62
C HIS A 49 6.79 6.57 1.25
N ILE A 50 7.59 6.78 2.30
CA ILE A 50 8.21 5.66 2.99
C ILE A 50 8.77 6.16 4.33
N HIS A 51 8.07 5.80 5.40
CA HIS A 51 8.48 6.21 6.73
C HIS A 51 9.34 5.10 7.35
N ILE A 52 10.24 5.52 8.23
CA ILE A 52 11.13 4.58 8.89
C ILE A 52 11.10 4.84 10.40
N ASP A 53 10.70 3.82 11.14
CA ASP A 53 10.63 3.93 12.59
C ASP A 53 11.99 3.63 13.19
N GLY A 54 12.54 2.48 12.81
CA GLY A 54 13.84 2.06 13.30
C GLY A 54 14.79 3.26 13.41
N MET A 55 15.45 3.55 12.30
CA MET A 55 16.38 4.66 12.26
C MET A 55 16.02 5.64 11.15
N PRO A 56 16.02 6.95 11.52
CA PRO A 56 15.70 8.00 10.57
C PRO A 56 16.86 8.24 9.59
N LEU A 57 17.22 7.18 8.89
CA LEU A 57 18.30 7.25 7.93
C LEU A 57 18.16 6.12 6.91
N HIS A 58 16.93 5.95 6.44
CA HIS A 58 16.64 4.92 5.45
C HIS A 58 15.80 5.52 4.32
N ILE A 59 15.78 4.78 3.21
CA ILE A 59 15.02 5.22 2.05
C ILE A 59 14.03 4.12 1.64
N ILE A 60 14.51 3.23 0.78
CA ILE A 60 13.68 2.13 0.31
C ILE A 60 12.61 2.68 -0.63
N ASP A 61 12.59 2.11 -1.84
CA ASP A 61 11.62 2.53 -2.84
C ASP A 61 10.79 1.32 -3.28
N THR A 62 9.60 1.60 -3.78
CA THR A 62 8.71 0.56 -4.24
C THR A 62 9.31 -0.17 -5.44
N ALA A 63 9.87 0.61 -6.35
CA ALA A 63 10.47 0.06 -7.55
C ALA A 63 9.39 -0.53 -8.45
N GLY A 64 8.83 -1.64 -7.99
CA GLY A 64 7.78 -2.31 -8.74
C GLY A 64 8.35 -3.01 -9.98
N LEU A 65 8.20 -2.33 -11.11
CA LEU A 65 8.70 -2.87 -12.37
C LEU A 65 10.19 -3.13 -12.26
N ARG A 66 10.74 -3.71 -13.31
CA ARG A 66 12.16 -4.01 -13.35
C ARG A 66 12.97 -2.76 -13.70
N GLU A 67 12.53 -2.10 -14.75
CA GLU A 67 13.21 -0.88 -15.21
C GLU A 67 13.31 0.12 -14.06
N ALA A 68 12.20 0.26 -13.34
CA ALA A 68 12.16 1.19 -12.22
C ALA A 68 13.33 0.91 -11.29
N SER A 69 13.59 -0.37 -11.07
CA SER A 69 14.68 -0.79 -10.21
C SER A 69 15.95 -0.01 -10.55
N ASP A 70 16.37 -0.15 -11.80
CA ASP A 70 17.57 0.53 -12.27
C ASP A 70 17.54 1.98 -11.78
N GLU A 71 16.35 2.56 -11.79
CA GLU A 71 16.19 3.94 -11.36
C GLU A 71 16.19 4.02 -9.83
N VAL A 72 15.51 3.05 -9.23
CA VAL A 72 15.42 2.99 -7.77
C VAL A 72 16.82 3.14 -7.18
N GLU A 73 17.73 2.33 -7.70
CA GLU A 73 19.11 2.36 -7.22
C GLU A 73 19.69 3.77 -7.36
N ARG A 74 19.44 4.37 -8.52
CA ARG A 74 19.94 5.70 -8.79
C ARG A 74 19.53 6.66 -7.66
N ILE A 75 18.23 6.71 -7.41
CA ILE A 75 17.70 7.57 -6.37
C ILE A 75 18.30 7.16 -5.02
N GLY A 76 18.55 5.86 -4.89
CA GLY A 76 19.12 5.33 -3.67
C GLY A 76 20.63 5.59 -3.61
N ILE A 77 21.16 6.10 -4.71
CA ILE A 77 22.58 6.40 -4.79
C ILE A 77 23.38 5.20 -4.30
N GLU A 78 23.43 4.18 -5.14
CA GLU A 78 24.16 2.97 -4.81
C GLU A 78 24.44 2.14 -6.07
N ARG A 79 25.32 1.17 -5.92
CA ARG A 79 25.68 0.31 -7.04
C ARG A 79 24.44 -0.06 -7.85
N ALA A 80 24.39 0.49 -9.07
CA ALA A 80 23.26 0.22 -9.94
C ALA A 80 23.47 -1.11 -10.66
N TRP A 81 23.65 -2.14 -9.85
CA TRP A 81 23.86 -3.48 -10.39
C TRP A 81 22.56 -4.26 -10.25
N GLN A 82 22.23 -4.58 -9.00
CA GLN A 82 21.01 -5.32 -8.72
C GLN A 82 20.96 -5.71 -7.24
N GLU A 83 19.88 -5.28 -6.59
CA GLU A 83 19.69 -5.57 -5.18
C GLU A 83 18.52 -4.75 -4.63
N ILE A 84 17.31 -5.26 -4.86
CA ILE A 84 16.11 -4.59 -4.39
C ILE A 84 14.95 -5.58 -4.39
N GLU A 85 14.19 -5.54 -3.30
CA GLU A 85 13.05 -6.43 -3.15
C GLU A 85 11.82 -5.65 -2.70
N GLN A 86 10.67 -6.03 -3.26
CA GLN A 86 9.42 -5.37 -2.91
C GLN A 86 8.25 -6.29 -3.23
N ALA A 87 7.05 -5.73 -3.07
CA ALA A 87 5.84 -6.49 -3.34
C ALA A 87 5.72 -7.62 -2.31
N ASP A 88 4.94 -7.36 -1.27
CA ASP A 88 4.73 -8.34 -0.22
C ASP A 88 3.27 -8.32 0.21
N ARG A 89 2.77 -7.12 0.44
CA ARG A 89 1.39 -6.94 0.86
C ARG A 89 0.72 -5.83 0.04
N VAL A 90 -0.13 -6.25 -0.89
CA VAL A 90 -0.83 -5.31 -1.75
C VAL A 90 -2.18 -4.98 -1.11
N LEU A 91 -2.27 -3.78 -0.57
CA LEU A 91 -3.49 -3.32 0.07
C LEU A 91 -4.18 -2.29 -0.84
N PHE A 92 -5.27 -2.73 -1.44
CA PHE A 92 -6.02 -1.85 -2.33
C PHE A 92 -6.89 -0.87 -1.54
N MET A 93 -7.73 -0.15 -2.26
CA MET A 93 -8.61 0.82 -1.63
C MET A 93 -9.91 0.97 -2.42
N VAL A 94 -11.01 1.04 -1.70
CA VAL A 94 -12.32 1.19 -2.31
C VAL A 94 -13.21 2.05 -1.42
N ASP A 95 -13.46 3.27 -1.89
CA ASP A 95 -14.28 4.20 -1.14
C ASP A 95 -15.75 3.78 -1.28
N GLY A 96 -16.30 3.30 -0.17
CA GLY A 96 -17.68 2.86 -0.14
C GLY A 96 -17.97 1.87 -1.27
N THR A 97 -19.23 1.49 -1.38
CA THR A 97 -19.65 0.56 -2.41
C THR A 97 -19.62 1.24 -3.78
N THR A 98 -18.44 1.72 -4.14
CA THR A 98 -18.26 2.39 -5.42
C THR A 98 -17.81 1.39 -6.48
N THR A 99 -18.69 1.15 -7.45
CA THR A 99 -18.38 0.22 -8.53
C THR A 99 -18.11 0.99 -9.82
N ASP A 100 -17.00 0.63 -10.45
CA ASP A 100 -16.62 1.28 -11.71
C ASP A 100 -15.79 0.31 -12.54
N ALA A 101 -15.18 0.84 -13.58
CA ALA A 101 -14.35 0.03 -14.46
C ALA A 101 -12.88 0.34 -14.20
N VAL A 102 -12.64 1.05 -13.11
CA VAL A 102 -11.28 1.42 -12.74
C VAL A 102 -10.87 0.64 -11.49
N ASP A 103 -11.88 0.21 -10.75
CA ASP A 103 -11.64 -0.54 -9.53
C ASP A 103 -11.26 -1.99 -9.90
N PRO A 104 -12.08 -2.59 -10.79
CA PRO A 104 -11.85 -3.95 -11.23
C PRO A 104 -10.67 -4.01 -12.21
N ALA A 105 -10.21 -2.84 -12.62
CA ALA A 105 -9.09 -2.75 -13.54
C ALA A 105 -7.82 -2.40 -12.77
N GLU A 106 -7.54 -3.19 -11.75
CA GLU A 106 -6.37 -2.98 -10.93
C GLU A 106 -6.18 -4.15 -9.96
N ILE A 107 -7.29 -4.63 -9.43
CA ILE A 107 -7.26 -5.74 -8.49
C ILE A 107 -7.18 -7.05 -9.27
N TRP A 108 -7.82 -7.05 -10.43
CA TRP A 108 -7.83 -8.24 -11.27
C TRP A 108 -6.38 -8.61 -11.57
N PRO A 109 -5.66 -7.65 -12.21
CA PRO A 109 -4.26 -7.87 -12.55
C PRO A 109 -3.37 -7.79 -11.32
N GLU A 110 -3.69 -8.62 -10.33
CA GLU A 110 -2.92 -8.64 -9.10
C GLU A 110 -3.01 -10.02 -8.44
N PHE A 111 -4.23 -10.50 -8.33
CA PHE A 111 -4.47 -11.80 -7.73
C PHE A 111 -3.37 -12.80 -8.13
N ILE A 112 -2.95 -12.70 -9.38
CA ILE A 112 -1.92 -13.57 -9.90
C ILE A 112 -0.54 -13.05 -9.47
N ALA A 113 -0.21 -13.32 -8.22
CA ALA A 113 1.07 -12.88 -7.68
C ALA A 113 1.31 -13.60 -6.35
N ARG A 114 2.59 -13.93 -6.12
CA ARG A 114 2.97 -14.62 -4.91
C ARG A 114 3.04 -13.63 -3.74
N LEU A 115 1.87 -13.19 -3.31
CA LEU A 115 1.78 -12.25 -2.21
C LEU A 115 0.31 -12.02 -1.86
N PRO A 116 0.03 -12.00 -0.53
CA PRO A 116 -1.33 -11.79 -0.04
C PRO A 116 -1.75 -10.32 -0.19
N ALA A 117 -3.05 -10.12 -0.34
CA ALA A 117 -3.58 -8.78 -0.48
C ALA A 117 -4.80 -8.62 0.43
N LYS A 118 -4.88 -7.46 1.05
CA LYS A 118 -5.98 -7.17 1.95
C LYS A 118 -6.98 -6.24 1.25
N LEU A 119 -8.19 -6.24 1.76
CA LEU A 119 -9.25 -5.41 1.19
C LEU A 119 -9.92 -4.61 2.31
N PRO A 120 -10.05 -3.28 2.08
CA PRO A 120 -10.68 -2.40 3.05
C PRO A 120 -12.20 -2.58 3.06
N ILE A 121 -12.82 -2.09 4.12
CA ILE A 121 -14.26 -2.19 4.26
C ILE A 121 -14.85 -0.79 4.42
N THR A 122 -16.14 -0.69 4.13
CA THR A 122 -16.83 0.59 4.24
C THR A 122 -18.03 0.46 5.17
N VAL A 123 -18.23 1.50 5.97
CA VAL A 123 -19.34 1.52 6.91
C VAL A 123 -19.85 2.96 7.07
N VAL A 124 -20.19 3.55 5.93
CA VAL A 124 -20.68 4.92 5.93
C VAL A 124 -22.17 4.91 6.33
N ARG A 125 -22.39 4.95 7.64
CA ARG A 125 -23.74 4.95 8.16
C ARG A 125 -24.44 3.62 7.85
N ASN A 126 -24.89 3.50 6.61
CA ASN A 126 -25.58 2.30 6.16
C ASN A 126 -24.87 1.08 6.75
N LYS A 127 -25.63 0.00 6.87
CA LYS A 127 -25.08 -1.24 7.41
C LYS A 127 -25.49 -2.40 6.51
N ALA A 128 -26.80 -2.57 6.36
CA ALA A 128 -27.33 -3.64 5.53
C ALA A 128 -26.96 -3.37 4.07
N ASP A 129 -26.74 -2.11 3.76
CA ASP A 129 -26.39 -1.71 2.42
C ASP A 129 -24.99 -2.25 2.08
N ILE A 130 -24.00 -1.72 2.79
CA ILE A 130 -22.63 -2.14 2.58
C ILE A 130 -22.54 -3.66 2.72
N THR A 131 -23.13 -4.15 3.80
CA THR A 131 -23.12 -5.58 4.06
C THR A 131 -23.31 -6.37 2.75
N GLY A 132 -24.21 -5.87 1.93
CA GLY A 132 -24.49 -6.52 0.65
C GLY A 132 -23.21 -6.97 -0.02
N GLU A 133 -22.59 -6.04 -0.74
CA GLU A 133 -21.35 -6.33 -1.45
C GLU A 133 -20.27 -6.76 -0.45
N THR A 134 -20.12 -5.96 0.59
CA THR A 134 -19.12 -6.23 1.61
C THR A 134 -19.08 -7.74 1.92
N LEU A 135 -20.24 -8.36 1.78
CA LEU A 135 -20.36 -9.78 2.04
C LEU A 135 -19.24 -10.53 1.31
N GLY A 136 -18.15 -10.75 2.02
CA GLY A 136 -17.01 -11.45 1.46
C GLY A 136 -16.85 -11.11 -0.04
N MET A 137 -16.41 -9.88 -0.29
CA MET A 137 -16.21 -9.43 -1.65
C MET A 137 -15.79 -10.58 -2.56
N SER A 138 -16.78 -11.18 -3.21
CA SER A 138 -16.52 -12.29 -4.11
C SER A 138 -15.70 -11.82 -5.30
N GLU A 139 -14.50 -12.36 -5.40
CA GLU A 139 -13.60 -12.01 -6.50
C GLU A 139 -12.31 -12.82 -6.40
N VAL A 140 -11.64 -12.67 -5.27
CA VAL A 140 -10.38 -13.38 -5.05
C VAL A 140 -10.13 -13.50 -3.55
N ASN A 141 -9.48 -14.59 -3.17
CA ASN A 141 -9.17 -14.83 -1.77
C ASN A 141 -8.52 -13.59 -1.17
N GLY A 142 -9.22 -12.97 -0.24
CA GLY A 142 -8.72 -11.77 0.41
C GLY A 142 -7.97 -12.13 1.70
N HIS A 143 -6.91 -11.38 1.95
CA HIS A 143 -6.10 -11.60 3.13
C HIS A 143 -6.95 -11.38 4.39
N ALA A 144 -7.77 -10.34 4.34
CA ALA A 144 -8.63 -10.01 5.46
C ALA A 144 -9.36 -8.70 5.18
N LEU A 145 -10.64 -8.68 5.49
CA LEU A 145 -11.45 -7.50 5.27
C LEU A 145 -11.44 -6.63 6.54
N ILE A 146 -10.88 -5.44 6.40
CA ILE A 146 -10.78 -4.52 7.52
C ILE A 146 -11.40 -3.17 7.11
N ARG A 147 -12.05 -2.55 8.08
CA ARG A 147 -12.69 -1.26 7.84
C ARG A 147 -11.83 -0.13 8.41
N LEU A 148 -12.02 1.06 7.85
CA LEU A 148 -11.26 2.22 8.29
C LEU A 148 -11.77 3.46 7.55
N SER A 149 -11.04 4.55 7.71
CA SER A 149 -11.40 5.80 7.06
C SER A 149 -10.34 6.86 7.34
N ALA A 150 -9.33 6.89 6.48
CA ALA A 150 -8.25 7.84 6.63
C ALA A 150 -8.82 9.20 7.06
N ARG A 151 -8.75 9.45 8.35
CA ARG A 151 -9.27 10.70 8.90
C ARG A 151 -8.83 10.86 10.35
N THR A 152 -9.07 9.82 11.14
CA THR A 152 -8.70 9.84 12.53
C THR A 152 -8.81 8.44 13.14
N GLY A 153 -7.65 7.86 13.42
CA GLY A 153 -7.59 6.53 14.00
C GLY A 153 -7.99 5.47 12.97
N GLU A 154 -9.21 4.97 13.12
CA GLU A 154 -9.72 3.96 12.21
C GLU A 154 -8.83 2.71 12.25
N GLY A 155 -9.15 1.77 11.37
CA GLY A 155 -8.39 0.53 11.30
C GLY A 155 -7.07 0.74 10.58
N VAL A 156 -6.30 1.70 11.08
CA VAL A 156 -5.01 2.01 10.49
C VAL A 156 -3.91 1.33 11.32
N ASP A 157 -4.07 1.40 12.63
CA ASP A 157 -3.10 0.81 13.54
C ASP A 157 -3.09 -0.71 13.32
N VAL A 158 -4.27 -1.29 13.26
CA VAL A 158 -4.40 -2.72 13.06
C VAL A 158 -3.71 -3.11 11.75
N LEU A 159 -3.73 -2.19 10.80
CA LEU A 159 -3.10 -2.42 9.51
C LEU A 159 -1.59 -2.43 9.68
N ARG A 160 -1.10 -1.42 10.38
CA ARG A 160 0.33 -1.30 10.62
C ARG A 160 0.93 -2.66 10.97
N ASN A 161 0.29 -3.33 11.92
CA ASN A 161 0.74 -4.64 12.35
C ASN A 161 0.99 -5.53 11.13
N HIS A 162 0.01 -5.54 10.24
CA HIS A 162 0.11 -6.34 9.03
C HIS A 162 1.28 -5.84 8.18
N LEU A 163 1.51 -4.54 8.24
CA LEU A 163 2.59 -3.92 7.50
C LEU A 163 3.93 -4.42 8.05
N LYS A 164 3.91 -4.76 9.33
CA LYS A 164 5.12 -5.26 9.98
C LYS A 164 5.37 -6.71 9.56
N GLN A 165 4.53 -7.60 10.06
CA GLN A 165 4.65 -9.00 9.73
C GLN A 165 5.06 -9.18 8.27
N SER A 166 4.53 -8.31 7.43
CA SER A 166 4.83 -8.35 6.01
C SER A 166 6.30 -7.98 5.77
N MET A 167 6.65 -6.78 6.23
CA MET A 167 8.01 -6.30 6.08
C MET A 167 9.02 -7.40 6.36
N GLY A 168 9.70 -7.83 5.30
CA GLY A 168 10.69 -8.88 5.43
C GLY A 168 12.08 -8.29 5.70
N ILE A 169 12.86 -9.02 6.48
CA ILE A 169 14.20 -8.58 6.82
C ILE A 169 14.98 -8.30 5.54
N HIS A 170 15.71 -7.19 5.56
CA HIS A 170 16.50 -6.79 4.40
C HIS A 170 17.13 -5.42 4.66
N ARG A 171 18.35 -5.26 4.17
CA ARG A 171 19.07 -4.01 4.34
C ARG A 171 19.45 -3.43 2.99
N ASP A 172 18.98 -2.22 2.74
CA ASP A 172 19.26 -1.53 1.49
C ASP A 172 19.32 -0.02 1.74
N GLY A 1 14.70 -7.31 23.64
CA GLY A 1 15.44 -6.34 22.86
C GLY A 1 15.13 -6.45 21.37
N SER A 2 15.77 -5.61 20.59
CA SER A 2 15.56 -5.61 19.15
C SER A 2 16.91 -5.61 18.43
N LEU A 3 17.17 -6.71 17.73
CA LEU A 3 18.42 -6.85 16.99
C LEU A 3 18.10 -7.18 15.53
N LEU A 4 16.91 -6.79 15.10
CA LEU A 4 16.48 -7.05 13.75
C LEU A 4 16.21 -5.71 13.04
N ARG A 5 16.19 -5.77 11.72
CA ARG A 5 15.95 -4.58 10.93
C ARG A 5 14.82 -4.83 9.92
N GLU A 6 14.15 -3.75 9.56
CA GLU A 6 13.04 -3.84 8.61
C GLU A 6 13.48 -3.31 7.23
N GLY A 7 12.80 -3.81 6.21
CA GLY A 7 13.11 -3.40 4.85
C GLY A 7 12.17 -4.08 3.85
N MET A 8 11.10 -3.36 3.51
CA MET A 8 10.13 -3.87 2.56
C MET A 8 9.01 -2.85 2.32
N LYS A 9 8.71 -2.64 1.04
CA LYS A 9 7.68 -1.69 0.66
C LYS A 9 6.32 -2.40 0.65
N VAL A 10 5.37 -1.78 -0.01
CA VAL A 10 4.02 -2.34 -0.11
C VAL A 10 3.22 -1.53 -1.11
N VAL A 11 3.03 -2.12 -2.29
CA VAL A 11 2.27 -1.46 -3.34
C VAL A 11 0.85 -1.19 -2.84
N ILE A 12 0.29 -0.08 -3.31
CA ILE A 12 -1.05 0.31 -2.92
C ILE A 12 -1.67 1.16 -4.03
N ALA A 13 -2.33 0.49 -4.95
CA ALA A 13 -2.97 1.17 -6.06
C ALA A 13 -4.48 0.92 -6.01
N GLY A 14 -5.20 1.67 -6.83
CA GLY A 14 -6.64 1.55 -6.88
C GLY A 14 -7.29 2.86 -7.31
N ARG A 15 -8.61 2.82 -7.48
CA ARG A 15 -9.36 4.00 -7.89
C ARG A 15 -8.85 5.23 -7.14
N PRO A 16 -8.35 6.22 -7.91
CA PRO A 16 -7.84 7.45 -7.33
C PRO A 16 -8.98 8.35 -6.87
N ASN A 17 -9.75 7.84 -5.92
CA ASN A 17 -10.87 8.59 -5.38
C ASN A 17 -11.53 7.79 -4.27
N ALA A 18 -10.74 7.47 -3.26
CA ALA A 18 -11.23 6.70 -2.12
C ALA A 18 -10.26 6.88 -0.94
N GLY A 19 -9.71 8.08 -0.85
CA GLY A 19 -8.77 8.39 0.22
C GLY A 19 -7.50 7.54 0.10
N LYS A 20 -6.90 7.60 -1.08
CA LYS A 20 -5.67 6.85 -1.34
C LYS A 20 -4.53 7.46 -0.54
N SER A 21 -4.33 8.75 -0.72
CA SER A 21 -3.28 9.46 -0.03
C SER A 21 -3.71 9.75 1.42
N SER A 22 -4.98 10.07 1.57
CA SER A 22 -5.52 10.37 2.89
C SER A 22 -5.06 9.30 3.90
N LEU A 23 -5.21 8.05 3.50
CA LEU A 23 -4.82 6.94 4.35
C LEU A 23 -3.31 7.04 4.64
N LEU A 24 -2.54 7.12 3.56
CA LEU A 24 -1.09 7.22 3.67
C LEU A 24 -0.74 8.16 4.83
N ASN A 25 -1.35 9.33 4.80
CA ASN A 25 -1.11 10.33 5.82
C ASN A 25 -1.30 9.69 7.20
N ALA A 26 -2.41 8.99 7.35
CA ALA A 26 -2.73 8.33 8.61
C ALA A 26 -2.04 6.95 8.63
N LEU A 27 -0.72 6.99 8.52
CA LEU A 27 0.06 5.76 8.53
C LEU A 27 1.56 6.11 8.53
N ALA A 28 1.92 7.00 7.62
CA ALA A 28 3.30 7.42 7.50
C ALA A 28 3.86 7.72 8.88
N GLY A 29 3.36 8.80 9.47
CA GLY A 29 3.80 9.21 10.80
C GLY A 29 4.13 10.71 10.82
N ARG A 30 5.04 11.09 9.95
CA ARG A 30 5.46 12.49 9.87
C ARG A 30 4.24 13.40 10.02
N GLU A 31 4.14 14.02 11.19
CA GLU A 31 3.05 14.93 11.46
C GLU A 31 3.02 16.07 10.45
N ALA A 32 1.82 16.45 10.04
CA ALA A 32 1.66 17.52 9.08
C ALA A 32 2.38 17.15 7.78
N ALA A 33 1.95 16.04 7.20
CA ALA A 33 2.55 15.57 5.96
C ALA A 33 2.09 16.47 4.80
N ILE A 34 2.53 16.12 3.61
CA ILE A 34 2.17 16.87 2.42
C ILE A 34 1.53 15.94 1.40
N VAL A 35 0.36 16.35 0.92
CA VAL A 35 -0.36 15.56 -0.06
C VAL A 35 0.05 15.99 -1.47
N THR A 36 0.68 15.06 -2.17
CA THR A 36 1.14 15.33 -3.52
C THR A 36 0.03 15.01 -4.53
N ASP A 37 -0.01 15.80 -5.60
CA ASP A 37 -1.01 15.62 -6.63
C ASP A 37 -0.40 15.97 -7.99
N ILE A 38 0.28 14.99 -8.57
CA ILE A 38 0.90 15.19 -9.87
C ILE A 38 0.42 14.11 -10.83
N ALA A 39 0.86 14.24 -12.08
CA ALA A 39 0.49 13.27 -13.11
C ALA A 39 1.71 12.45 -13.50
N GLY A 40 2.75 13.16 -13.91
CA GLY A 40 3.98 12.51 -14.32
C GLY A 40 4.34 11.37 -13.37
N THR A 41 3.95 10.16 -13.76
CA THR A 41 4.22 8.99 -12.95
C THR A 41 5.69 8.94 -12.55
N THR A 42 5.96 8.23 -11.48
CA THR A 42 7.32 8.10 -10.97
C THR A 42 7.87 6.70 -11.29
N ARG A 43 9.07 6.69 -11.85
CA ARG A 43 9.72 5.45 -12.21
C ARG A 43 9.88 4.56 -10.97
N ASP A 44 10.09 5.21 -9.84
CA ASP A 44 10.27 4.50 -8.58
C ASP A 44 8.90 4.10 -8.04
N VAL A 45 7.87 4.73 -8.60
CA VAL A 45 6.51 4.45 -8.17
C VAL A 45 6.46 4.38 -6.64
N LEU A 46 7.35 5.12 -6.02
CA LEU A 46 7.41 5.16 -4.57
C LEU A 46 6.88 6.50 -4.07
N ARG A 47 5.65 6.79 -4.45
CA ARG A 47 5.02 8.03 -4.05
C ARG A 47 4.14 7.81 -2.81
N GLU A 48 4.49 6.77 -2.06
CA GLU A 48 3.74 6.44 -0.86
C GLU A 48 4.61 6.66 0.39
N HIS A 49 5.73 7.34 0.17
CA HIS A 49 6.65 7.63 1.25
C HIS A 49 7.09 6.32 1.91
N ILE A 50 7.91 6.47 2.95
CA ILE A 50 8.41 5.31 3.67
C ILE A 50 7.97 5.40 5.13
N HIS A 51 7.72 4.24 5.72
CA HIS A 51 7.29 4.17 7.10
C HIS A 51 8.31 3.39 7.92
N ILE A 52 9.20 4.13 8.57
CA ILE A 52 10.24 3.52 9.38
C ILE A 52 10.13 4.06 10.81
N ASP A 53 9.87 3.14 11.74
CA ASP A 53 9.75 3.50 13.13
C ASP A 53 11.13 3.47 13.80
N GLY A 54 11.89 2.44 13.45
CA GLY A 54 13.22 2.28 14.00
C GLY A 54 13.93 3.62 14.13
N MET A 55 14.57 4.03 13.04
CA MET A 55 15.30 5.29 13.03
C MET A 55 14.86 6.15 11.84
N PRO A 56 14.84 7.49 12.07
CA PRO A 56 14.45 8.43 11.04
C PRO A 56 15.57 8.59 10.00
N LEU A 57 15.84 7.51 9.29
CA LEU A 57 16.88 7.52 8.28
C LEU A 57 16.80 6.22 7.47
N HIS A 58 16.06 6.28 6.38
CA HIS A 58 15.89 5.13 5.51
C HIS A 58 15.17 5.54 4.23
N ILE A 59 15.78 5.21 3.11
CA ILE A 59 15.20 5.53 1.81
C ILE A 59 15.03 4.26 0.99
N ILE A 60 13.78 3.86 0.83
CA ILE A 60 13.46 2.65 0.08
C ILE A 60 12.98 3.06 -1.32
N ASP A 61 12.64 2.04 -2.10
CA ASP A 61 12.16 2.27 -3.45
C ASP A 61 11.39 1.03 -3.93
N THR A 62 10.08 1.19 -4.05
CA THR A 62 9.23 0.10 -4.50
C THR A 62 9.24 0.02 -6.02
N ALA A 63 10.36 -0.45 -6.55
CA ALA A 63 10.50 -0.61 -7.99
C ALA A 63 9.32 -1.40 -8.55
N GLY A 64 9.49 -2.72 -8.54
CA GLY A 64 8.45 -3.61 -9.02
C GLY A 64 8.77 -4.10 -10.44
N LEU A 65 9.13 -3.16 -11.29
CA LEU A 65 9.47 -3.48 -12.67
C LEU A 65 10.98 -3.40 -12.85
N ARG A 66 11.50 -4.34 -13.62
CA ARG A 66 12.93 -4.39 -13.88
C ARG A 66 13.48 -2.98 -14.12
N GLU A 67 12.90 -2.32 -15.11
CA GLU A 67 13.31 -0.97 -15.45
C GLU A 67 13.33 -0.09 -14.20
N ALA A 68 12.23 -0.13 -13.48
CA ALA A 68 12.11 0.66 -12.26
C ALA A 68 13.29 0.36 -11.34
N SER A 69 13.57 -0.93 -11.18
CA SER A 69 14.67 -1.36 -10.34
C SER A 69 15.91 -0.51 -10.61
N ASP A 70 16.12 -0.25 -11.89
CA ASP A 70 17.27 0.56 -12.31
C ASP A 70 17.13 1.97 -11.73
N GLU A 71 16.20 2.71 -12.31
CA GLU A 71 15.96 4.08 -11.87
C GLU A 71 15.84 4.13 -10.33
N VAL A 72 15.37 3.04 -9.77
CA VAL A 72 15.21 2.94 -8.33
C VAL A 72 16.55 3.18 -7.65
N GLU A 73 17.56 2.44 -8.12
CA GLU A 73 18.90 2.56 -7.58
C GLU A 73 19.50 3.91 -7.96
N ARG A 74 18.91 4.53 -8.96
CA ARG A 74 19.39 5.82 -9.43
C ARG A 74 18.97 6.92 -8.45
N ILE A 75 17.75 6.81 -7.96
CA ILE A 75 17.23 7.79 -7.02
C ILE A 75 17.85 7.53 -5.64
N GLY A 76 18.45 6.36 -5.50
CA GLY A 76 19.09 5.99 -4.24
C GLY A 76 20.61 6.07 -4.36
N ILE A 77 21.06 6.71 -5.42
CA ILE A 77 22.49 6.87 -5.66
C ILE A 77 23.18 5.53 -5.41
N GLU A 78 22.62 4.49 -6.01
CA GLU A 78 23.18 3.16 -5.87
C GLU A 78 23.54 2.58 -7.24
N ARG A 79 24.09 1.38 -7.22
CA ARG A 79 24.48 0.71 -8.45
C ARG A 79 23.41 -0.31 -8.86
N ALA A 80 23.34 -0.54 -10.16
CA ALA A 80 22.37 -1.47 -10.71
C ALA A 80 22.33 -2.73 -9.82
N TRP A 81 23.50 -3.33 -9.67
CA TRP A 81 23.60 -4.54 -8.85
C TRP A 81 23.48 -4.13 -7.39
N GLN A 82 22.30 -4.38 -6.84
CA GLN A 82 22.04 -4.03 -5.44
C GLN A 82 21.03 -5.02 -4.84
N GLU A 83 19.98 -5.28 -5.60
CA GLU A 83 18.94 -6.19 -5.15
C GLU A 83 17.97 -5.47 -4.20
N ILE A 84 16.89 -4.97 -4.78
CA ILE A 84 15.88 -4.27 -3.99
C ILE A 84 14.88 -5.28 -3.44
N GLU A 85 14.54 -6.24 -4.28
CA GLU A 85 13.59 -7.28 -3.88
C GLU A 85 12.16 -6.79 -4.13
N GLN A 86 11.29 -7.74 -4.44
CA GLN A 86 9.89 -7.44 -4.69
C GLN A 86 9.15 -7.22 -3.37
N ALA A 87 7.87 -6.89 -3.50
CA ALA A 87 7.04 -6.66 -2.34
C ALA A 87 6.45 -7.99 -1.85
N ASP A 88 5.73 -7.92 -0.74
CA ASP A 88 5.12 -9.11 -0.18
C ASP A 88 3.86 -8.70 0.59
N ARG A 89 3.21 -7.66 0.09
CA ARG A 89 1.99 -7.16 0.71
C ARG A 89 1.31 -6.13 -0.19
N VAL A 90 -0.02 -6.17 -0.18
CA VAL A 90 -0.79 -5.26 -0.99
C VAL A 90 -1.94 -4.69 -0.16
N LEU A 91 -2.03 -3.37 -0.16
CA LEU A 91 -3.07 -2.70 0.60
C LEU A 91 -4.01 -1.97 -0.37
N PHE A 92 -5.01 -2.72 -0.83
CA PHE A 92 -5.98 -2.17 -1.77
C PHE A 92 -6.94 -1.21 -1.06
N MET A 93 -7.37 -0.20 -1.80
CA MET A 93 -8.29 0.79 -1.26
C MET A 93 -9.55 0.91 -2.13
N VAL A 94 -10.69 0.89 -1.46
CA VAL A 94 -11.96 0.99 -2.15
C VAL A 94 -12.97 1.70 -1.25
N ASP A 95 -13.65 2.68 -1.82
CA ASP A 95 -14.65 3.44 -1.09
C ASP A 95 -15.58 2.48 -0.36
N GLY A 96 -16.12 1.54 -1.11
CA GLY A 96 -17.04 0.55 -0.55
C GLY A 96 -18.05 0.08 -1.59
N THR A 97 -19.10 0.88 -1.75
CA THR A 97 -20.15 0.56 -2.70
C THR A 97 -19.90 1.27 -4.04
N THR A 98 -18.61 1.45 -4.34
CA THR A 98 -18.22 2.11 -5.57
C THR A 98 -17.48 1.13 -6.49
N THR A 99 -18.23 0.48 -7.35
CA THR A 99 -17.65 -0.48 -8.28
C THR A 99 -17.52 0.15 -9.66
N ASP A 100 -16.48 0.95 -9.82
CA ASP A 100 -16.22 1.61 -11.09
C ASP A 100 -15.60 0.61 -12.07
N ALA A 101 -15.44 1.06 -13.30
CA ALA A 101 -14.86 0.22 -14.34
C ALA A 101 -13.34 0.33 -14.30
N VAL A 102 -12.87 1.15 -13.37
CA VAL A 102 -11.43 1.36 -13.22
C VAL A 102 -10.93 0.58 -11.99
N ASP A 103 -11.88 0.21 -11.15
CA ASP A 103 -11.56 -0.54 -9.94
C ASP A 103 -10.95 -1.88 -10.33
N PRO A 104 -11.65 -2.59 -11.27
CA PRO A 104 -11.18 -3.89 -11.73
C PRO A 104 -9.99 -3.74 -12.68
N ALA A 105 -9.85 -2.54 -13.21
CA ALA A 105 -8.76 -2.25 -14.13
C ALA A 105 -7.43 -2.37 -13.39
N GLU A 106 -7.52 -2.35 -12.07
CA GLU A 106 -6.33 -2.46 -11.23
C GLU A 106 -6.46 -3.65 -10.28
N ILE A 107 -7.10 -4.69 -10.78
CA ILE A 107 -7.30 -5.89 -9.98
C ILE A 107 -6.65 -7.09 -10.69
N TRP A 108 -6.84 -7.12 -12.00
CA TRP A 108 -6.28 -8.19 -12.81
C TRP A 108 -4.79 -8.33 -12.46
N PRO A 109 -4.06 -7.19 -12.60
CA PRO A 109 -2.64 -7.17 -12.30
C PRO A 109 -2.40 -7.17 -10.80
N GLU A 110 -2.95 -8.18 -10.14
CA GLU A 110 -2.80 -8.31 -8.70
C GLU A 110 -2.83 -9.78 -8.30
N PHE A 111 -3.95 -10.42 -8.56
CA PHE A 111 -4.11 -11.83 -8.22
C PHE A 111 -2.97 -12.66 -8.81
N ILE A 112 -2.31 -12.09 -9.80
CA ILE A 112 -1.20 -12.76 -10.44
C ILE A 112 0.10 -12.46 -9.68
N ALA A 113 0.22 -13.09 -8.53
CA ALA A 113 1.40 -12.89 -7.70
C ALA A 113 1.31 -13.81 -6.48
N ARG A 114 2.33 -13.72 -5.63
CA ARG A 114 2.38 -14.53 -4.42
C ARG A 114 1.92 -13.72 -3.22
N LEU A 115 2.29 -12.44 -3.23
CA LEU A 115 1.92 -11.54 -2.13
C LEU A 115 0.40 -11.51 -2.01
N PRO A 116 -0.07 -11.39 -0.74
CA PRO A 116 -1.50 -11.35 -0.48
C PRO A 116 -2.09 -9.98 -0.84
N ALA A 117 -3.39 -9.86 -0.68
CA ALA A 117 -4.08 -8.62 -0.99
C ALA A 117 -5.19 -8.39 0.03
N LYS A 118 -5.25 -7.16 0.54
CA LYS A 118 -6.25 -6.80 1.51
C LYS A 118 -7.38 -6.04 0.82
N LEU A 119 -8.33 -5.58 1.62
CA LEU A 119 -9.47 -4.84 1.10
C LEU A 119 -10.27 -4.26 2.26
N PRO A 120 -10.68 -2.97 2.08
CA PRO A 120 -11.46 -2.29 3.12
C PRO A 120 -12.90 -2.79 3.14
N ILE A 121 -13.69 -2.17 4.00
CA ILE A 121 -15.10 -2.54 4.12
C ILE A 121 -15.97 -1.34 3.79
N THR A 122 -17.24 -1.61 3.54
CA THR A 122 -18.19 -0.57 3.21
C THR A 122 -19.28 -0.47 4.27
N VAL A 123 -18.84 -0.21 5.50
CA VAL A 123 -19.77 -0.09 6.62
C VAL A 123 -20.60 1.18 6.45
N VAL A 124 -21.41 1.19 5.41
CA VAL A 124 -22.27 2.33 5.13
C VAL A 124 -23.71 1.98 5.47
N ARG A 125 -24.59 2.95 5.26
CA ARG A 125 -26.00 2.77 5.53
C ARG A 125 -26.49 1.45 4.90
N ASN A 126 -27.57 0.93 5.47
CA ASN A 126 -28.16 -0.30 4.98
C ASN A 126 -27.13 -1.42 5.10
N LYS A 127 -27.44 -2.39 5.96
CA LYS A 127 -26.57 -3.52 6.19
C LYS A 127 -26.82 -4.58 5.11
N ALA A 128 -27.93 -4.41 4.41
CA ALA A 128 -28.29 -5.34 3.36
C ALA A 128 -27.24 -5.28 2.25
N ASP A 129 -26.90 -4.06 1.86
CA ASP A 129 -25.92 -3.86 0.82
C ASP A 129 -24.55 -4.34 1.30
N ILE A 130 -24.22 -3.96 2.52
CA ILE A 130 -22.96 -4.34 3.12
C ILE A 130 -22.65 -5.80 2.77
N THR A 131 -23.23 -6.70 3.56
CA THR A 131 -23.04 -8.12 3.34
C THR A 131 -23.15 -8.46 1.84
N GLY A 132 -24.18 -7.91 1.22
CA GLY A 132 -24.41 -8.14 -0.19
C GLY A 132 -23.41 -7.35 -1.04
N GLU A 133 -22.13 -7.63 -0.81
CA GLU A 133 -21.08 -6.96 -1.55
C GLU A 133 -19.72 -7.30 -0.94
N THR A 134 -19.61 -7.09 0.36
CA THR A 134 -18.37 -7.38 1.07
C THR A 134 -18.00 -8.85 0.91
N LEU A 135 -19.02 -9.69 0.84
CA LEU A 135 -18.81 -11.12 0.70
C LEU A 135 -18.78 -11.47 -0.79
N GLY A 136 -19.62 -10.78 -1.55
CA GLY A 136 -19.71 -11.02 -2.98
C GLY A 136 -18.31 -11.03 -3.62
N MET A 137 -17.71 -9.86 -3.67
CA MET A 137 -16.38 -9.73 -4.25
C MET A 137 -15.36 -10.57 -3.47
N SER A 138 -15.19 -11.80 -3.92
CA SER A 138 -14.26 -12.70 -3.27
C SER A 138 -13.38 -13.38 -4.32
N GLU A 139 -12.96 -12.60 -5.30
CA GLU A 139 -12.11 -13.11 -6.36
C GLU A 139 -10.70 -13.38 -5.84
N VAL A 140 -10.02 -12.31 -5.46
CA VAL A 140 -8.67 -12.42 -4.93
C VAL A 140 -8.73 -12.84 -3.47
N ASN A 141 -7.83 -13.75 -3.11
CA ASN A 141 -7.76 -14.23 -1.74
C ASN A 141 -7.60 -13.05 -0.79
N GLY A 142 -8.72 -12.59 -0.26
CA GLY A 142 -8.71 -11.46 0.67
C GLY A 142 -8.06 -11.86 1.99
N HIS A 143 -6.77 -11.58 2.10
CA HIS A 143 -6.02 -11.90 3.30
C HIS A 143 -6.85 -11.50 4.53
N ALA A 144 -7.60 -10.42 4.38
CA ALA A 144 -8.43 -9.94 5.47
C ALA A 144 -9.40 -8.88 4.92
N LEU A 145 -10.11 -8.25 5.83
CA LEU A 145 -11.07 -7.22 5.46
C LEU A 145 -11.39 -6.36 6.69
N ILE A 146 -10.70 -5.24 6.78
CA ILE A 146 -10.89 -4.32 7.89
C ILE A 146 -11.61 -3.07 7.38
N ARG A 147 -12.35 -2.44 8.29
CA ARG A 147 -13.08 -1.24 7.95
C ARG A 147 -12.34 0.00 8.46
N LEU A 148 -12.36 1.04 7.64
CA LEU A 148 -11.69 2.28 8.00
C LEU A 148 -12.29 3.43 7.18
N SER A 149 -11.75 4.62 7.40
CA SER A 149 -12.21 5.79 6.69
C SER A 149 -11.08 6.81 6.55
N ALA A 150 -9.87 6.28 6.48
CA ALA A 150 -8.70 7.14 6.34
C ALA A 150 -8.82 8.32 7.31
N ARG A 151 -8.26 9.45 6.89
CA ARG A 151 -8.30 10.65 7.70
C ARG A 151 -7.47 10.47 8.97
N THR A 152 -7.98 9.63 9.86
CA THR A 152 -7.30 9.35 11.10
C THR A 152 -8.04 8.27 11.89
N GLY A 153 -7.25 7.38 12.48
CA GLY A 153 -7.82 6.29 13.26
C GLY A 153 -8.71 5.39 12.39
N GLU A 154 -9.76 4.87 13.01
CA GLU A 154 -10.68 4.01 12.31
C GLU A 154 -10.07 2.62 12.12
N GLY A 155 -9.07 2.57 11.26
CA GLY A 155 -8.38 1.31 10.98
C GLY A 155 -6.98 1.56 10.44
N VAL A 156 -6.28 2.47 11.09
CA VAL A 156 -4.93 2.81 10.69
C VAL A 156 -3.93 2.22 11.68
N ASP A 157 -4.45 1.39 12.57
CA ASP A 157 -3.63 0.74 13.58
C ASP A 157 -3.45 -0.73 13.24
N VAL A 158 -4.57 -1.44 13.21
CA VAL A 158 -4.55 -2.86 12.90
C VAL A 158 -3.86 -3.06 11.55
N LEU A 159 -4.12 -2.14 10.63
CA LEU A 159 -3.53 -2.22 9.31
C LEU A 159 -2.01 -2.21 9.43
N ARG A 160 -1.52 -1.28 10.24
CA ARG A 160 -0.09 -1.15 10.45
C ARG A 160 0.46 -2.39 11.16
N ASN A 161 -0.42 -3.02 11.93
CA ASN A 161 -0.03 -4.22 12.67
C ASN A 161 0.13 -5.38 11.69
N HIS A 162 -0.36 -5.16 10.47
CA HIS A 162 -0.27 -6.18 9.44
C HIS A 162 0.62 -5.68 8.30
N LEU A 163 1.34 -4.59 8.58
CA LEU A 163 2.22 -4.01 7.60
C LEU A 163 3.66 -4.43 7.90
N LYS A 164 4.01 -4.32 9.17
CA LYS A 164 5.36 -4.69 9.61
C LYS A 164 5.52 -6.21 9.50
N GLN A 165 4.64 -6.92 10.16
CA GLN A 165 4.67 -8.37 10.15
C GLN A 165 4.99 -8.88 8.74
N SER A 166 4.52 -8.13 7.76
CA SER A 166 4.76 -8.49 6.37
C SER A 166 6.20 -8.97 6.19
N MET A 167 7.12 -8.04 6.35
CA MET A 167 8.53 -8.34 6.21
C MET A 167 9.37 -7.55 7.20
N GLY A 168 10.59 -8.03 7.42
CA GLY A 168 11.50 -7.37 8.35
C GLY A 168 12.93 -7.45 7.85
N ILE A 169 13.58 -8.57 8.18
CA ILE A 169 14.95 -8.78 7.77
C ILE A 169 15.16 -8.21 6.36
N HIS A 170 16.40 -7.79 6.12
CA HIS A 170 16.74 -7.23 4.82
C HIS A 170 16.43 -5.73 4.82
N ARG A 171 17.35 -4.96 4.25
CA ARG A 171 17.19 -3.52 4.19
C ARG A 171 16.16 -3.16 3.11
N ASP A 172 16.25 -3.88 2.00
CA ASP A 172 15.33 -3.65 0.88
C ASP A 172 14.42 -4.86 0.70
N GLY A 1 15.50 -11.73 21.59
CA GLY A 1 16.92 -11.39 21.52
C GLY A 1 17.49 -11.65 20.13
N SER A 2 17.10 -10.79 19.20
CA SER A 2 17.57 -10.92 17.83
C SER A 2 18.31 -9.65 17.41
N LEU A 3 17.61 -8.53 17.50
CA LEU A 3 18.20 -7.26 17.13
C LEU A 3 18.67 -7.31 15.68
N LEU A 4 17.78 -6.92 14.78
CA LEU A 4 18.10 -6.91 13.37
C LEU A 4 17.20 -5.92 12.64
N ARG A 5 17.63 -5.53 11.45
CA ARG A 5 16.87 -4.59 10.65
C ARG A 5 16.33 -5.26 9.38
N GLU A 6 15.16 -4.84 8.98
CA GLU A 6 14.53 -5.40 7.79
C GLU A 6 13.64 -4.34 7.12
N GLY A 7 13.11 -4.72 5.97
CA GLY A 7 12.23 -3.82 5.21
C GLY A 7 11.30 -4.61 4.30
N MET A 8 10.50 -3.85 3.55
CA MET A 8 9.56 -4.47 2.62
C MET A 8 9.25 -3.54 1.45
N LYS A 9 8.20 -3.89 0.72
CA LYS A 9 7.80 -3.09 -0.43
C LYS A 9 6.27 -3.04 -0.50
N VAL A 10 5.72 -2.06 0.20
CA VAL A 10 4.27 -1.89 0.22
C VAL A 10 3.85 -0.99 -0.94
N VAL A 11 2.59 -1.13 -1.33
CA VAL A 11 2.05 -0.34 -2.42
C VAL A 11 0.53 -0.24 -2.27
N ILE A 12 0.04 0.98 -2.36
CA ILE A 12 -1.39 1.23 -2.23
C ILE A 12 -2.03 1.18 -3.62
N ALA A 13 -3.10 0.40 -3.71
CA ALA A 13 -3.82 0.25 -4.96
C ALA A 13 -5.23 0.85 -4.82
N GLY A 14 -5.92 0.93 -5.95
CA GLY A 14 -7.27 1.46 -5.95
C GLY A 14 -7.37 2.66 -6.89
N ARG A 15 -8.61 3.10 -7.10
CA ARG A 15 -8.86 4.23 -7.98
C ARG A 15 -8.37 5.52 -7.33
N PRO A 16 -7.96 6.49 -8.19
CA PRO A 16 -7.47 7.77 -7.70
C PRO A 16 -8.63 8.65 -7.22
N ASN A 17 -9.17 8.27 -6.07
CA ASN A 17 -10.28 9.01 -5.49
C ASN A 17 -10.80 8.26 -4.25
N ALA A 18 -10.75 6.94 -4.35
CA ALA A 18 -11.20 6.10 -3.25
C ALA A 18 -10.81 6.73 -1.92
N GLY A 19 -9.50 6.79 -1.69
CA GLY A 19 -8.98 7.36 -0.47
C GLY A 19 -7.49 7.09 -0.32
N LYS A 20 -6.78 7.22 -1.44
CA LYS A 20 -5.35 7.00 -1.46
C LYS A 20 -4.62 8.28 -1.05
N SER A 21 -3.38 8.11 -0.62
CA SER A 21 -2.58 9.24 -0.20
C SER A 21 -2.97 9.67 1.22
N SER A 22 -4.26 9.95 1.38
CA SER A 22 -4.77 10.37 2.67
C SER A 22 -4.65 9.22 3.68
N LEU A 23 -4.45 8.03 3.15
CA LEU A 23 -4.31 6.85 3.98
C LEU A 23 -2.91 6.82 4.60
N LEU A 24 -1.91 6.85 3.72
CA LEU A 24 -0.53 6.83 4.18
C LEU A 24 -0.32 7.94 5.20
N ASN A 25 -1.12 8.98 5.07
CA ASN A 25 -1.03 10.12 5.98
C ASN A 25 -1.11 9.61 7.42
N ALA A 26 -2.11 8.79 7.68
CA ALA A 26 -2.31 8.23 9.01
C ALA A 26 -1.20 7.20 9.29
N LEU A 27 -0.99 6.33 8.32
CA LEU A 27 0.03 5.30 8.45
C LEU A 27 1.40 5.92 8.26
N ALA A 28 1.76 6.80 9.19
CA ALA A 28 3.06 7.47 9.13
C ALA A 28 3.24 8.31 10.39
N GLY A 29 4.49 8.64 10.66
CA GLY A 29 4.82 9.44 11.83
C GLY A 29 4.57 10.92 11.57
N ARG A 30 5.09 11.39 10.44
CA ARG A 30 4.92 12.78 10.06
C ARG A 30 3.49 13.24 10.33
N GLU A 31 3.38 14.28 11.14
CA GLU A 31 2.08 14.83 11.49
C GLU A 31 1.55 15.69 10.34
N ALA A 32 2.33 16.69 9.97
CA ALA A 32 1.96 17.59 8.90
C ALA A 32 1.73 16.78 7.62
N ALA A 33 2.82 16.32 7.04
CA ALA A 33 2.75 15.53 5.82
C ALA A 33 2.32 16.44 4.66
N ILE A 34 2.80 16.11 3.48
CA ILE A 34 2.48 16.88 2.29
C ILE A 34 1.75 15.98 1.29
N VAL A 35 0.82 16.59 0.58
CA VAL A 35 0.04 15.85 -0.42
C VAL A 35 0.51 16.25 -1.82
N THR A 36 0.98 15.25 -2.56
CA THR A 36 1.46 15.48 -3.91
C THR A 36 0.70 14.60 -4.91
N ASP A 37 -0.35 15.18 -5.46
CA ASP A 37 -1.17 14.46 -6.43
C ASP A 37 -0.65 14.73 -7.84
N ILE A 38 0.20 13.84 -8.31
CA ILE A 38 0.78 13.97 -9.64
C ILE A 38 0.29 12.83 -10.53
N ALA A 39 -0.20 13.19 -11.70
CA ALA A 39 -0.70 12.21 -12.64
C ALA A 39 0.48 11.57 -13.38
N GLY A 40 1.55 12.33 -13.50
CA GLY A 40 2.74 11.86 -14.17
C GLY A 40 3.38 10.70 -13.41
N THR A 41 2.98 9.50 -13.78
CA THR A 41 3.51 8.31 -13.13
C THR A 41 5.00 8.47 -12.84
N THR A 42 5.38 8.11 -11.63
CA THR A 42 6.77 8.21 -11.21
C THR A 42 7.53 6.92 -11.55
N ARG A 43 8.81 7.08 -11.82
CA ARG A 43 9.65 5.94 -12.16
C ARG A 43 10.13 5.24 -10.90
N ASP A 44 10.49 6.04 -9.91
CA ASP A 44 10.97 5.51 -8.64
C ASP A 44 9.83 4.77 -7.94
N VAL A 45 8.63 4.96 -8.47
CA VAL A 45 7.45 4.31 -7.92
C VAL A 45 7.17 4.90 -6.53
N LEU A 46 8.12 4.69 -5.63
CA LEU A 46 7.98 5.18 -4.27
C LEU A 46 7.33 6.57 -4.30
N ARG A 47 6.03 6.58 -4.07
CA ARG A 47 5.28 7.83 -4.06
C ARG A 47 4.44 7.94 -2.79
N GLU A 48 4.66 7.00 -1.89
CA GLU A 48 3.94 6.98 -0.63
C GLU A 48 4.91 6.96 0.54
N HIS A 49 6.02 7.67 0.36
CA HIS A 49 7.03 7.75 1.40
C HIS A 49 7.21 6.38 2.04
N ILE A 50 7.78 6.40 3.25
CA ILE A 50 8.00 5.17 3.98
C ILE A 50 8.11 5.49 5.47
N HIS A 51 7.30 4.78 6.25
CA HIS A 51 7.28 4.98 7.69
C HIS A 51 8.42 4.17 8.33
N ILE A 52 9.50 4.87 8.66
CA ILE A 52 10.65 4.22 9.27
C ILE A 52 10.51 4.28 10.80
N ASP A 53 10.20 3.12 11.37
CA ASP A 53 10.04 3.03 12.81
C ASP A 53 11.30 2.40 13.42
N GLY A 54 11.98 3.21 14.23
CA GLY A 54 13.19 2.74 14.88
C GLY A 54 14.32 3.76 14.73
N MET A 55 14.45 4.29 13.51
CA MET A 55 15.48 5.27 13.22
C MET A 55 15.07 6.16 12.04
N PRO A 56 14.84 7.46 12.36
CA PRO A 56 14.44 8.42 11.34
C PRO A 56 15.63 8.81 10.47
N LEU A 57 16.21 7.80 9.84
CA LEU A 57 17.36 8.02 8.97
C LEU A 57 17.55 6.80 8.07
N HIS A 58 16.50 6.46 7.34
CA HIS A 58 16.55 5.32 6.45
C HIS A 58 15.72 5.62 5.19
N ILE A 59 16.13 5.01 4.10
CA ILE A 59 15.44 5.20 2.83
C ILE A 59 15.39 3.86 2.08
N ILE A 60 14.19 3.54 1.61
CA ILE A 60 13.98 2.29 0.89
C ILE A 60 13.26 2.60 -0.42
N ASP A 61 13.61 1.83 -1.45
CA ASP A 61 12.99 2.00 -2.76
C ASP A 61 11.72 1.17 -2.84
N THR A 62 10.78 1.64 -3.65
CA THR A 62 9.52 0.94 -3.82
C THR A 62 9.51 0.18 -5.14
N ALA A 63 9.85 0.90 -6.21
CA ALA A 63 9.87 0.32 -7.53
C ALA A 63 8.61 -0.52 -7.75
N GLY A 64 8.62 -1.30 -8.82
CA GLY A 64 7.49 -2.14 -9.14
C GLY A 64 7.81 -3.08 -10.31
N LEU A 65 8.49 -2.51 -11.30
CA LEU A 65 8.88 -3.28 -12.47
C LEU A 65 10.40 -3.41 -12.53
N ARG A 66 10.87 -4.03 -13.60
CA ARG A 66 12.31 -4.21 -13.78
C ARG A 66 13.00 -2.85 -13.96
N GLU A 67 12.52 -2.10 -14.95
CA GLU A 67 13.08 -0.79 -15.22
C GLU A 67 13.18 0.03 -13.94
N ALA A 68 12.04 0.19 -13.28
CA ALA A 68 11.99 0.94 -12.04
C ALA A 68 13.15 0.52 -11.14
N SER A 69 13.24 -0.79 -10.91
CA SER A 69 14.29 -1.33 -10.07
C SER A 69 15.61 -0.62 -10.36
N ASP A 70 15.83 -0.33 -11.63
CA ASP A 70 17.04 0.36 -12.05
C ASP A 70 16.90 1.85 -11.75
N GLU A 71 15.75 2.40 -12.12
CA GLU A 71 15.48 3.81 -11.89
C GLU A 71 15.68 4.16 -10.41
N VAL A 72 15.02 3.39 -9.57
CA VAL A 72 15.11 3.61 -8.14
C VAL A 72 16.57 3.48 -7.69
N GLU A 73 17.27 2.59 -8.37
CA GLU A 73 18.68 2.37 -8.06
C GLU A 73 19.50 3.62 -8.34
N ARG A 74 18.87 4.57 -9.03
CA ARG A 74 19.52 5.81 -9.36
C ARG A 74 19.10 6.92 -8.38
N ILE A 75 17.79 7.03 -8.19
CA ILE A 75 17.25 8.02 -7.29
C ILE A 75 17.82 7.81 -5.88
N GLY A 76 18.05 6.55 -5.56
CA GLY A 76 18.59 6.19 -4.27
C GLY A 76 20.11 5.98 -4.35
N ILE A 77 20.83 6.95 -3.81
CA ILE A 77 22.28 6.89 -3.81
C ILE A 77 22.73 5.48 -3.39
N GLU A 78 23.06 4.69 -4.40
CA GLU A 78 23.50 3.32 -4.16
C GLU A 78 24.06 2.71 -5.45
N ARG A 79 24.49 1.46 -5.33
CA ARG A 79 25.04 0.75 -6.47
C ARG A 79 23.95 0.54 -7.54
N ALA A 80 24.41 0.40 -8.78
CA ALA A 80 23.49 0.19 -9.88
C ALA A 80 22.95 -1.24 -9.82
N TRP A 81 23.84 -2.19 -10.03
CA TRP A 81 23.47 -3.60 -10.01
C TRP A 81 23.27 -4.00 -8.55
N GLN A 82 22.23 -3.45 -7.95
CA GLN A 82 21.91 -3.74 -6.56
C GLN A 82 20.61 -4.54 -6.47
N GLU A 83 20.45 -5.23 -5.35
CA GLU A 83 19.26 -6.04 -5.12
C GLU A 83 18.15 -5.17 -4.54
N ILE A 84 16.92 -5.46 -4.96
CA ILE A 84 15.77 -4.72 -4.50
C ILE A 84 14.55 -5.64 -4.49
N GLU A 85 14.02 -5.86 -3.31
CA GLU A 85 12.85 -6.73 -3.15
C GLU A 85 11.71 -6.22 -4.04
N GLN A 86 10.60 -6.95 -3.98
CA GLN A 86 9.43 -6.59 -4.77
C GLN A 86 8.22 -6.37 -3.85
N ALA A 87 7.10 -6.05 -4.48
CA ALA A 87 5.87 -5.80 -3.73
C ALA A 87 5.58 -7.01 -2.84
N ASP A 88 5.20 -6.71 -1.60
CA ASP A 88 4.89 -7.75 -0.65
C ASP A 88 3.41 -7.65 -0.24
N ARG A 89 3.09 -6.54 0.41
CA ARG A 89 1.72 -6.31 0.85
C ARG A 89 1.05 -5.26 -0.04
N VAL A 90 0.18 -5.76 -0.91
CA VAL A 90 -0.53 -4.88 -1.82
C VAL A 90 -1.91 -4.56 -1.24
N LEU A 91 -2.00 -3.37 -0.65
CA LEU A 91 -3.24 -2.93 -0.05
C LEU A 91 -4.14 -2.32 -1.13
N PHE A 92 -5.40 -2.70 -1.08
CA PHE A 92 -6.36 -2.20 -2.05
C PHE A 92 -7.31 -1.19 -1.40
N MET A 93 -7.92 -0.37 -2.25
CA MET A 93 -8.85 0.64 -1.77
C MET A 93 -10.09 0.72 -2.68
N VAL A 94 -11.24 0.77 -2.03
CA VAL A 94 -12.49 0.84 -2.76
C VAL A 94 -13.43 1.85 -2.06
N ASP A 95 -13.92 2.79 -2.85
CA ASP A 95 -14.81 3.81 -2.32
C ASP A 95 -16.16 3.18 -1.99
N GLY A 96 -16.50 3.21 -0.71
CA GLY A 96 -17.75 2.64 -0.25
C GLY A 96 -18.09 1.35 -1.01
N THR A 97 -19.37 1.04 -1.03
CA THR A 97 -19.84 -0.15 -1.72
C THR A 97 -20.35 0.20 -3.11
N THR A 98 -19.44 0.68 -3.95
CA THR A 98 -19.78 1.05 -5.31
C THR A 98 -18.77 0.47 -6.30
N THR A 99 -19.29 -0.30 -7.24
CA THR A 99 -18.46 -0.92 -8.26
C THR A 99 -18.59 -0.18 -9.59
N ASP A 100 -17.46 -0.06 -10.28
CA ASP A 100 -17.45 0.61 -11.56
C ASP A 100 -16.10 0.35 -12.24
N ALA A 101 -16.02 0.78 -13.50
CA ALA A 101 -14.80 0.58 -14.27
C ALA A 101 -13.61 1.06 -13.45
N VAL A 102 -12.42 0.69 -13.92
CA VAL A 102 -11.19 1.07 -13.25
C VAL A 102 -10.94 0.09 -12.09
N ASP A 103 -11.94 -0.02 -11.23
CA ASP A 103 -11.83 -0.91 -10.09
C ASP A 103 -11.27 -2.26 -10.54
N PRO A 104 -11.90 -2.81 -11.61
CA PRO A 104 -11.47 -4.10 -12.15
C PRO A 104 -10.18 -3.95 -12.95
N ALA A 105 -10.03 -2.79 -13.56
CA ALA A 105 -8.84 -2.51 -14.36
C ALA A 105 -7.60 -2.69 -13.48
N GLU A 106 -7.78 -2.48 -12.19
CA GLU A 106 -6.69 -2.62 -11.25
C GLU A 106 -6.95 -3.78 -10.29
N ILE A 107 -7.11 -4.96 -10.88
CA ILE A 107 -7.36 -6.16 -10.09
C ILE A 107 -6.63 -7.34 -10.73
N TRP A 108 -6.83 -7.48 -12.04
CA TRP A 108 -6.20 -8.56 -12.77
C TRP A 108 -4.74 -8.64 -12.33
N PRO A 109 -4.02 -7.50 -12.49
CA PRO A 109 -2.62 -7.43 -12.12
C PRO A 109 -2.46 -7.36 -10.59
N GLU A 110 -3.05 -8.34 -9.93
CA GLU A 110 -2.98 -8.41 -8.48
C GLU A 110 -3.27 -9.83 -8.00
N PHE A 111 -4.46 -10.31 -8.35
CA PHE A 111 -4.87 -11.65 -7.96
C PHE A 111 -3.71 -12.64 -8.08
N ILE A 112 -3.07 -12.60 -9.25
CA ILE A 112 -1.94 -13.49 -9.50
C ILE A 112 -0.84 -13.20 -8.49
N ALA A 113 0.27 -13.93 -8.65
CA ALA A 113 1.40 -13.78 -7.75
C ALA A 113 1.05 -14.34 -6.39
N ARG A 114 2.08 -14.57 -5.59
CA ARG A 114 1.89 -15.12 -4.26
C ARG A 114 1.74 -13.99 -3.24
N LEU A 115 1.75 -12.77 -3.75
CA LEU A 115 1.61 -11.60 -2.90
C LEU A 115 0.14 -11.41 -2.53
N PRO A 116 -0.12 -11.31 -1.21
CA PRO A 116 -1.48 -11.12 -0.72
C PRO A 116 -1.95 -9.69 -0.95
N ALA A 117 -3.26 -9.50 -0.81
CA ALA A 117 -3.85 -8.19 -1.01
C ALA A 117 -5.17 -8.11 -0.23
N LYS A 118 -5.12 -7.41 0.89
CA LYS A 118 -6.30 -7.24 1.73
C LYS A 118 -7.31 -6.37 1.00
N LEU A 119 -8.53 -6.36 1.54
CA LEU A 119 -9.60 -5.57 0.95
C LEU A 119 -10.40 -4.90 2.07
N PRO A 120 -10.38 -3.53 2.06
CA PRO A 120 -11.08 -2.77 3.06
C PRO A 120 -12.59 -2.78 2.79
N ILE A 121 -13.36 -2.83 3.88
CA ILE A 121 -14.81 -2.84 3.76
C ILE A 121 -15.38 -1.55 4.37
N THR A 122 -16.49 -1.11 3.79
CA THR A 122 -17.13 0.11 4.27
C THR A 122 -18.42 -0.24 5.02
N VAL A 123 -18.58 0.43 6.16
CA VAL A 123 -19.76 0.20 6.98
C VAL A 123 -20.41 1.54 7.30
N VAL A 124 -21.05 2.11 6.29
CA VAL A 124 -21.71 3.39 6.44
C VAL A 124 -22.98 3.40 5.57
N ARG A 125 -24.06 3.86 6.16
CA ARG A 125 -25.33 3.93 5.46
C ARG A 125 -25.75 2.55 4.96
N ASN A 126 -26.85 2.06 5.51
CA ASN A 126 -27.37 0.75 5.14
C ASN A 126 -26.33 -0.32 5.49
N LYS A 127 -26.82 -1.45 5.97
CA LYS A 127 -25.95 -2.54 6.35
C LYS A 127 -26.25 -3.74 5.45
N ALA A 128 -27.27 -3.60 4.62
CA ALA A 128 -27.66 -4.66 3.71
C ALA A 128 -26.91 -4.48 2.39
N ASP A 129 -27.27 -3.42 1.68
CA ASP A 129 -26.64 -3.13 0.40
C ASP A 129 -25.13 -3.34 0.51
N ILE A 130 -24.62 -3.10 1.71
CA ILE A 130 -23.21 -3.26 1.97
C ILE A 130 -22.88 -4.74 2.15
N THR A 131 -23.70 -5.39 2.97
CA THR A 131 -23.53 -6.81 3.24
C THR A 131 -23.53 -7.60 1.93
N GLY A 132 -24.62 -7.49 1.20
CA GLY A 132 -24.76 -8.19 -0.06
C GLY A 132 -23.85 -7.57 -1.13
N GLU A 133 -22.56 -7.57 -0.83
CA GLU A 133 -21.58 -7.03 -1.76
C GLU A 133 -20.17 -7.14 -1.17
N THR A 134 -20.08 -6.88 0.13
CA THR A 134 -18.81 -6.94 0.83
C THR A 134 -18.31 -8.39 0.87
N LEU A 135 -19.19 -9.28 1.32
CA LEU A 135 -18.85 -10.68 1.42
C LEU A 135 -18.19 -11.14 0.12
N GLY A 136 -18.90 -10.94 -0.98
CA GLY A 136 -18.39 -11.32 -2.28
C GLY A 136 -17.72 -10.14 -2.97
N MET A 137 -16.82 -9.50 -2.24
CA MET A 137 -16.09 -8.37 -2.76
C MET A 137 -15.71 -8.58 -4.23
N SER A 138 -15.08 -9.72 -4.47
CA SER A 138 -14.66 -10.06 -5.83
C SER A 138 -14.41 -11.57 -5.93
N GLU A 139 -13.37 -12.02 -5.25
CA GLU A 139 -13.02 -13.43 -5.26
C GLU A 139 -11.79 -13.68 -4.37
N VAL A 140 -10.69 -13.05 -4.76
CA VAL A 140 -9.45 -13.20 -4.02
C VAL A 140 -9.75 -13.15 -2.52
N ASN A 141 -9.34 -14.21 -1.83
CA ASN A 141 -9.55 -14.30 -0.40
C ASN A 141 -8.52 -13.45 0.33
N GLY A 142 -8.61 -12.15 0.11
CA GLY A 142 -7.69 -11.22 0.74
C GLY A 142 -7.36 -11.66 2.17
N HIS A 143 -6.09 -11.47 2.52
CA HIS A 143 -5.62 -11.84 3.84
C HIS A 143 -6.66 -11.43 4.89
N ALA A 144 -6.95 -10.14 4.91
CA ALA A 144 -7.93 -9.61 5.86
C ALA A 144 -8.73 -8.49 5.18
N LEU A 145 -9.65 -7.93 5.95
CA LEU A 145 -10.49 -6.86 5.43
C LEU A 145 -10.80 -5.87 6.56
N ILE A 146 -10.07 -4.76 6.55
CA ILE A 146 -10.25 -3.74 7.56
C ILE A 146 -10.91 -2.52 6.91
N ARG A 147 -11.90 -1.98 7.62
CA ARG A 147 -12.62 -0.82 7.13
C ARG A 147 -11.83 0.46 7.44
N LEU A 148 -11.73 1.31 6.44
CA LEU A 148 -11.01 2.56 6.58
C LEU A 148 -12.01 3.71 6.72
N SER A 149 -11.47 4.91 6.94
CA SER A 149 -12.31 6.08 7.09
C SER A 149 -11.48 7.34 6.80
N ALA A 150 -10.55 7.19 5.88
CA ALA A 150 -9.68 8.30 5.50
C ALA A 150 -8.93 8.80 6.72
N ARG A 151 -8.78 10.12 6.80
CA ARG A 151 -8.08 10.74 7.91
C ARG A 151 -8.40 10.00 9.21
N THR A 152 -9.68 10.00 9.56
CA THR A 152 -10.14 9.35 10.76
C THR A 152 -10.09 7.82 10.60
N GLY A 153 -8.90 7.33 10.29
CA GLY A 153 -8.70 5.91 10.11
C GLY A 153 -9.33 5.11 11.25
N GLU A 154 -10.39 4.38 10.92
CA GLU A 154 -11.08 3.58 11.91
C GLU A 154 -10.49 2.16 11.96
N GLY A 155 -9.23 2.07 11.55
CA GLY A 155 -8.54 0.79 11.54
C GLY A 155 -7.20 0.90 10.80
N VAL A 156 -6.45 1.93 11.15
CA VAL A 156 -5.15 2.14 10.54
C VAL A 156 -4.07 1.40 11.33
N ASP A 157 -4.32 1.29 12.63
CA ASP A 157 -3.38 0.61 13.51
C ASP A 157 -3.39 -0.89 13.19
N VAL A 158 -4.59 -1.45 13.14
CA VAL A 158 -4.75 -2.86 12.86
C VAL A 158 -4.14 -3.16 11.48
N LEU A 159 -4.19 -2.17 10.62
CA LEU A 159 -3.66 -2.31 9.28
C LEU A 159 -2.13 -2.21 9.32
N ARG A 160 -1.66 -1.23 10.07
CA ARG A 160 -0.22 -1.02 10.20
C ARG A 160 0.41 -2.21 10.93
N ASN A 161 -0.43 -2.97 11.61
CA ASN A 161 0.04 -4.13 12.35
C ASN A 161 0.34 -5.27 11.37
N HIS A 162 -0.20 -5.13 10.17
CA HIS A 162 0.00 -6.13 9.14
C HIS A 162 1.00 -5.60 8.10
N LEU A 163 1.69 -4.54 8.47
CA LEU A 163 2.67 -3.93 7.60
C LEU A 163 4.07 -4.15 8.17
N LYS A 164 4.15 -4.07 9.48
CA LYS A 164 5.43 -4.26 10.17
C LYS A 164 5.56 -5.73 10.58
N GLN A 165 5.13 -6.61 9.68
CA GLN A 165 5.21 -8.04 9.93
C GLN A 165 5.47 -8.79 8.63
N SER A 166 4.52 -8.67 7.71
CA SER A 166 4.65 -9.33 6.43
C SER A 166 5.94 -8.91 5.74
N MET A 167 6.47 -7.77 6.18
CA MET A 167 7.70 -7.25 5.62
C MET A 167 8.78 -8.33 5.54
N GLY A 168 9.49 -8.34 4.43
CA GLY A 168 10.54 -9.32 4.23
C GLY A 168 11.74 -9.03 5.14
N ILE A 169 12.46 -10.09 5.46
CA ILE A 169 13.63 -9.97 6.32
C ILE A 169 14.87 -9.78 5.45
N HIS A 170 15.28 -8.52 5.30
CA HIS A 170 16.44 -8.19 4.50
C HIS A 170 16.72 -6.69 4.59
N ARG A 171 17.93 -6.33 4.22
CA ARG A 171 18.34 -4.94 4.25
C ARG A 171 18.32 -4.34 2.84
N ASP A 172 17.82 -3.12 2.75
CA ASP A 172 17.74 -2.43 1.47
C ASP A 172 17.08 -1.07 1.67
N GLY A 1 23.14 -0.31 19.49
CA GLY A 1 21.76 0.02 19.18
C GLY A 1 21.04 -1.14 18.52
N SER A 2 20.25 -0.82 17.51
CA SER A 2 19.51 -1.83 16.79
C SER A 2 20.45 -2.90 16.24
N LEU A 3 20.38 -4.08 16.84
CA LEU A 3 21.23 -5.18 16.42
C LEU A 3 20.69 -5.77 15.13
N LEU A 4 19.43 -6.19 15.18
CA LEU A 4 18.78 -6.77 14.01
C LEU A 4 17.95 -5.70 13.31
N ARG A 5 17.62 -5.98 12.06
CA ARG A 5 16.83 -5.06 11.26
C ARG A 5 16.03 -5.81 10.19
N GLU A 6 15.13 -5.09 9.55
CA GLU A 6 14.31 -5.68 8.51
C GLU A 6 13.41 -4.62 7.88
N GLY A 7 13.37 -4.62 6.56
CA GLY A 7 12.56 -3.66 5.83
C GLY A 7 11.67 -4.37 4.80
N MET A 8 10.87 -3.58 4.11
CA MET A 8 9.97 -4.11 3.10
C MET A 8 9.35 -2.99 2.26
N LYS A 9 8.82 -3.37 1.12
CA LYS A 9 8.19 -2.42 0.22
C LYS A 9 6.68 -2.68 0.15
N VAL A 10 5.92 -1.59 0.19
CA VAL A 10 4.48 -1.70 0.14
C VAL A 10 3.96 -0.92 -1.08
N VAL A 11 2.86 -1.41 -1.63
CA VAL A 11 2.26 -0.78 -2.78
C VAL A 11 0.76 -0.55 -2.52
N ILE A 12 0.33 0.67 -2.77
CA ILE A 12 -1.07 1.03 -2.57
C ILE A 12 -1.70 1.38 -3.91
N ALA A 13 -2.53 0.47 -4.40
CA ALA A 13 -3.21 0.68 -5.67
C ALA A 13 -4.67 1.08 -5.41
N GLY A 14 -5.43 1.15 -6.49
CA GLY A 14 -6.83 1.52 -6.39
C GLY A 14 -7.12 2.77 -7.22
N ARG A 15 -8.35 2.83 -7.73
CA ARG A 15 -8.76 3.96 -8.53
C ARG A 15 -8.41 5.28 -7.83
N PRO A 16 -8.17 6.32 -8.66
CA PRO A 16 -7.81 7.63 -8.14
C PRO A 16 -9.03 8.34 -7.55
N ASN A 17 -9.64 7.69 -6.57
CA ASN A 17 -10.82 8.24 -5.92
C ASN A 17 -11.34 7.24 -4.90
N ALA A 18 -11.01 7.49 -3.64
CA ALA A 18 -11.44 6.62 -2.56
C ALA A 18 -10.81 7.09 -1.25
N GLY A 19 -9.56 7.50 -1.35
CA GLY A 19 -8.83 7.98 -0.18
C GLY A 19 -7.47 7.29 -0.06
N LYS A 20 -6.81 7.16 -1.20
CA LYS A 20 -5.50 6.52 -1.24
C LYS A 20 -4.46 7.46 -0.63
N SER A 21 -4.73 8.75 -0.75
CA SER A 21 -3.83 9.75 -0.22
C SER A 21 -4.09 9.96 1.28
N SER A 22 -5.38 10.02 1.61
CA SER A 22 -5.77 10.21 2.99
C SER A 22 -5.28 9.03 3.85
N LEU A 23 -5.19 7.87 3.22
CA LEU A 23 -4.73 6.68 3.90
C LEU A 23 -3.25 6.83 4.24
N LEU A 24 -2.44 6.93 3.20
CA LEU A 24 -1.01 7.08 3.37
C LEU A 24 -0.74 8.04 4.53
N ASN A 25 -1.14 9.28 4.34
CA ASN A 25 -0.94 10.30 5.37
C ASN A 25 -1.76 9.92 6.61
N ALA A 26 -1.19 9.00 7.39
CA ALA A 26 -1.85 8.55 8.61
C ALA A 26 -0.96 7.53 9.31
N LEU A 27 -0.52 6.54 8.55
CA LEU A 27 0.34 5.51 9.09
C LEU A 27 1.64 6.13 9.60
N ALA A 28 2.34 6.78 8.67
CA ALA A 28 3.60 7.43 9.01
C ALA A 28 3.31 8.71 9.81
N GLY A 29 2.45 9.53 9.25
CA GLY A 29 2.08 10.77 9.89
C GLY A 29 3.29 11.42 10.57
N ARG A 30 3.97 12.26 9.81
CA ARG A 30 5.15 12.95 10.32
C ARG A 30 4.75 14.29 10.95
N GLU A 31 3.76 14.22 11.83
CA GLU A 31 3.27 15.41 12.51
C GLU A 31 3.23 16.59 11.53
N ALA A 32 2.77 16.31 10.33
CA ALA A 32 2.68 17.33 9.30
C ALA A 32 1.73 16.87 8.20
N ALA A 33 2.06 15.70 7.63
CA ALA A 33 1.24 15.13 6.58
C ALA A 33 1.27 16.06 5.36
N ILE A 34 1.52 15.47 4.21
CA ILE A 34 1.58 16.22 2.96
C ILE A 34 1.32 15.29 1.79
N VAL A 35 0.27 15.59 1.05
CA VAL A 35 -0.09 14.79 -0.11
C VAL A 35 0.17 15.58 -1.39
N THR A 36 0.77 14.91 -2.36
CA THR A 36 1.09 15.54 -3.63
C THR A 36 0.03 15.19 -4.68
N ASP A 37 -0.18 16.12 -5.59
CA ASP A 37 -1.16 15.91 -6.65
C ASP A 37 -0.46 16.01 -8.01
N ILE A 38 0.22 14.94 -8.37
CA ILE A 38 0.94 14.89 -9.63
C ILE A 38 0.54 13.62 -10.39
N ALA A 39 0.32 13.78 -11.68
CA ALA A 39 -0.07 12.67 -12.53
C ALA A 39 1.19 11.91 -12.97
N GLY A 40 2.18 12.69 -13.39
CA GLY A 40 3.44 12.11 -13.85
C GLY A 40 3.84 10.91 -13.00
N THR A 41 3.48 9.73 -13.50
CA THR A 41 3.79 8.50 -12.80
C THR A 41 5.30 8.38 -12.56
N THR A 42 5.67 8.39 -11.29
CA THR A 42 7.07 8.28 -10.92
C THR A 42 7.61 6.89 -11.26
N ARG A 43 8.78 6.88 -11.89
CA ARG A 43 9.41 5.64 -12.29
C ARG A 43 9.77 4.82 -11.05
N ASP A 44 10.20 5.52 -10.01
CA ASP A 44 10.58 4.87 -8.77
C ASP A 44 9.33 4.34 -8.07
N VAL A 45 8.17 4.71 -8.62
CA VAL A 45 6.91 4.29 -8.07
C VAL A 45 6.98 4.33 -6.54
N LEU A 46 7.70 5.34 -6.04
CA LEU A 46 7.85 5.51 -4.62
C LEU A 46 7.45 6.93 -4.22
N ARG A 47 6.14 7.13 -4.13
CA ARG A 47 5.61 8.45 -3.77
C ARG A 47 4.72 8.33 -2.53
N GLU A 48 4.76 7.16 -1.92
CA GLU A 48 3.97 6.91 -0.72
C GLU A 48 4.84 7.00 0.53
N HIS A 49 5.68 8.03 0.56
CA HIS A 49 6.57 8.24 1.68
C HIS A 49 7.27 6.92 2.03
N ILE A 50 7.98 6.95 3.16
CA ILE A 50 8.69 5.76 3.62
C ILE A 50 8.62 5.70 5.15
N HIS A 51 7.67 4.92 5.63
CA HIS A 51 7.49 4.76 7.07
C HIS A 51 8.85 4.50 7.72
N ILE A 52 8.97 4.99 8.95
CA ILE A 52 10.21 4.82 9.70
C ILE A 52 9.87 4.52 11.17
N ASP A 53 9.24 3.37 11.37
CA ASP A 53 8.86 2.97 12.71
C ASP A 53 10.05 2.25 13.37
N GLY A 54 11.12 3.00 13.54
CA GLY A 54 12.32 2.45 14.15
C GLY A 54 13.50 3.42 14.02
N MET A 55 13.96 3.57 12.80
CA MET A 55 15.08 4.46 12.52
C MET A 55 14.76 5.40 11.36
N PRO A 56 14.82 6.72 11.66
CA PRO A 56 14.53 7.74 10.66
C PRO A 56 15.70 7.88 9.68
N LEU A 57 15.57 8.85 8.78
CA LEU A 57 16.60 9.09 7.78
C LEU A 57 16.93 7.77 7.08
N HIS A 58 15.91 7.14 6.52
CA HIS A 58 16.09 5.89 5.83
C HIS A 58 15.13 5.83 4.63
N ILE A 59 15.59 5.17 3.58
CA ILE A 59 14.79 5.02 2.38
C ILE A 59 14.46 3.55 2.16
N ILE A 60 13.35 3.32 1.47
CA ILE A 60 12.91 1.96 1.18
C ILE A 60 13.01 1.71 -0.32
N ASP A 61 12.46 2.63 -1.09
CA ASP A 61 12.49 2.51 -2.54
C ASP A 61 11.71 1.27 -2.95
N THR A 62 10.50 1.49 -3.45
CA THR A 62 9.65 0.40 -3.88
C THR A 62 9.60 0.35 -5.42
N ALA A 63 9.72 -0.87 -5.94
CA ALA A 63 9.68 -1.07 -7.38
C ALA A 63 8.60 -2.09 -7.71
N GLY A 64 8.20 -2.09 -8.97
CA GLY A 64 7.18 -3.00 -9.44
C GLY A 64 7.37 -3.32 -10.93
N LEU A 65 8.59 -3.14 -11.39
CA LEU A 65 8.92 -3.41 -12.78
C LEU A 65 10.43 -3.34 -12.97
N ARG A 66 10.89 -4.02 -14.01
CA ARG A 66 12.31 -4.05 -14.31
C ARG A 66 12.88 -2.63 -14.34
N GLU A 67 12.11 -1.74 -14.96
CA GLU A 67 12.53 -0.35 -15.05
C GLU A 67 12.53 0.31 -13.67
N ALA A 68 11.42 0.16 -12.98
CA ALA A 68 11.28 0.72 -11.66
C ALA A 68 12.55 0.46 -10.85
N SER A 69 12.85 -0.82 -10.66
CA SER A 69 14.03 -1.21 -9.92
C SER A 69 15.26 -0.49 -10.48
N ASP A 70 15.29 -0.36 -11.80
CA ASP A 70 16.40 0.31 -12.46
C ASP A 70 16.51 1.74 -11.94
N GLU A 71 15.40 2.46 -12.03
CA GLU A 71 15.35 3.84 -11.57
C GLU A 71 15.58 3.91 -10.06
N VAL A 72 15.03 2.92 -9.36
CA VAL A 72 15.17 2.86 -7.92
C VAL A 72 16.65 2.84 -7.55
N GLU A 73 17.38 1.94 -8.19
CA GLU A 73 18.80 1.82 -7.94
C GLU A 73 19.52 3.12 -8.29
N ARG A 74 19.06 3.74 -9.37
CA ARG A 74 19.65 4.99 -9.82
C ARG A 74 19.39 6.10 -8.79
N ILE A 75 18.12 6.43 -8.63
CA ILE A 75 17.73 7.46 -7.68
C ILE A 75 18.34 7.16 -6.31
N GLY A 76 19.46 7.80 -6.04
CA GLY A 76 20.15 7.61 -4.78
C GLY A 76 21.67 7.52 -4.99
N ILE A 77 22.29 6.67 -4.19
CA ILE A 77 23.73 6.48 -4.28
C ILE A 77 24.02 5.17 -5.02
N GLU A 78 23.03 4.29 -5.01
CA GLU A 78 23.17 3.00 -5.67
C GLU A 78 23.41 3.20 -7.17
N ARG A 79 23.87 2.13 -7.81
CA ARG A 79 24.15 2.17 -9.23
C ARG A 79 23.11 1.35 -10.00
N ALA A 80 23.18 0.04 -9.82
CA ALA A 80 22.26 -0.86 -10.49
C ALA A 80 22.61 -2.30 -10.12
N TRP A 81 21.64 -3.18 -10.35
CA TRP A 81 21.83 -4.59 -10.05
C TRP A 81 22.39 -4.70 -8.62
N GLN A 82 21.50 -4.55 -7.66
CA GLN A 82 21.89 -4.63 -6.26
C GLN A 82 20.68 -4.46 -5.36
N GLU A 83 20.65 -5.25 -4.30
CA GLU A 83 19.54 -5.20 -3.34
C GLU A 83 18.21 -5.05 -4.09
N ILE A 84 17.22 -4.53 -3.38
CA ILE A 84 15.91 -4.34 -3.95
C ILE A 84 15.28 -5.70 -4.27
N GLU A 85 14.10 -5.92 -3.71
CA GLU A 85 13.39 -7.18 -3.92
C GLU A 85 12.01 -6.91 -4.50
N GLN A 86 11.24 -7.98 -4.63
CA GLN A 86 9.89 -7.87 -5.16
C GLN A 86 8.91 -7.47 -4.07
N ALA A 87 7.80 -6.89 -4.49
CA ALA A 87 6.78 -6.45 -3.56
C ALA A 87 6.44 -7.60 -2.60
N ASP A 88 5.59 -7.29 -1.64
CA ASP A 88 5.17 -8.28 -0.67
C ASP A 88 3.75 -7.97 -0.18
N ARG A 89 3.55 -6.71 0.17
CA ARG A 89 2.26 -6.25 0.65
C ARG A 89 1.58 -5.39 -0.41
N VAL A 90 0.25 -5.39 -0.36
CA VAL A 90 -0.54 -4.61 -1.31
C VAL A 90 -1.92 -4.36 -0.72
N LEU A 91 -2.27 -3.08 -0.63
CA LEU A 91 -3.57 -2.69 -0.09
C LEU A 91 -4.21 -1.66 -1.02
N PHE A 92 -5.27 -2.10 -1.69
CA PHE A 92 -5.99 -1.24 -2.61
C PHE A 92 -7.36 -0.86 -2.05
N MET A 93 -7.36 0.06 -1.10
CA MET A 93 -8.60 0.51 -0.49
C MET A 93 -9.69 0.70 -1.55
N VAL A 94 -10.94 0.63 -1.07
CA VAL A 94 -12.07 0.79 -1.96
C VAL A 94 -13.02 1.84 -1.37
N ASP A 95 -14.21 1.90 -1.95
CA ASP A 95 -15.22 2.84 -1.49
C ASP A 95 -16.42 2.08 -0.92
N GLY A 96 -17.47 2.81 -0.64
CA GLY A 96 -18.68 2.22 -0.08
C GLY A 96 -19.33 1.26 -1.09
N THR A 97 -19.96 1.86 -2.09
CA THR A 97 -20.63 1.09 -3.12
C THR A 97 -20.00 1.36 -4.48
N THR A 98 -19.69 2.63 -4.72
CA THR A 98 -19.09 3.04 -5.97
C THR A 98 -18.07 2.00 -6.44
N THR A 99 -18.18 1.63 -7.70
CA THR A 99 -17.28 0.65 -8.28
C THR A 99 -17.20 0.82 -9.80
N ASP A 100 -16.36 1.75 -10.22
CA ASP A 100 -16.18 2.03 -11.64
C ASP A 100 -15.51 0.83 -12.31
N ALA A 101 -15.19 1.00 -13.58
CA ALA A 101 -14.55 -0.06 -14.34
C ALA A 101 -13.04 0.01 -14.11
N VAL A 102 -12.63 0.98 -13.30
CA VAL A 102 -11.22 1.14 -12.99
C VAL A 102 -10.91 0.50 -11.65
N ASP A 103 -11.98 0.13 -10.94
CA ASP A 103 -11.83 -0.51 -9.64
C ASP A 103 -11.30 -1.92 -9.83
N PRO A 104 -11.97 -2.68 -10.74
CA PRO A 104 -11.57 -4.05 -11.02
C PRO A 104 -10.29 -4.09 -11.87
N ALA A 105 -9.88 -2.92 -12.32
CA ALA A 105 -8.69 -2.81 -13.13
C ALA A 105 -7.49 -2.52 -12.23
N GLU A 106 -7.76 -2.44 -10.94
CA GLU A 106 -6.72 -2.17 -9.96
C GLU A 106 -6.55 -3.36 -9.02
N ILE A 107 -7.38 -4.38 -9.24
CA ILE A 107 -7.34 -5.57 -8.43
C ILE A 107 -6.97 -6.77 -9.31
N TRP A 108 -7.53 -6.77 -10.51
CA TRP A 108 -7.27 -7.84 -11.46
C TRP A 108 -5.79 -8.20 -11.38
N PRO A 109 -4.94 -7.16 -11.59
CA PRO A 109 -3.50 -7.36 -11.54
C PRO A 109 -3.01 -7.51 -10.10
N GLU A 110 -3.64 -8.46 -9.40
CA GLU A 110 -3.28 -8.71 -8.00
C GLU A 110 -3.15 -10.21 -7.76
N PHE A 111 -4.13 -10.94 -8.28
CA PHE A 111 -4.15 -12.39 -8.13
C PHE A 111 -3.33 -13.07 -9.23
N ILE A 112 -2.19 -12.47 -9.53
CA ILE A 112 -1.31 -13.00 -10.56
C ILE A 112 0.04 -13.36 -9.94
N ALA A 113 0.55 -12.44 -9.15
CA ALA A 113 1.84 -12.64 -8.49
C ALA A 113 1.65 -13.59 -7.31
N ARG A 114 2.69 -13.67 -6.49
CA ARG A 114 2.66 -14.54 -5.32
C ARG A 114 2.83 -13.73 -4.04
N LEU A 115 1.73 -13.14 -3.59
CA LEU A 115 1.75 -12.33 -2.38
C LEU A 115 0.32 -12.04 -1.95
N PRO A 116 0.17 -11.74 -0.63
CA PRO A 116 -1.13 -11.44 -0.07
C PRO A 116 -1.60 -10.05 -0.48
N ALA A 117 -2.92 -9.93 -0.62
CA ALA A 117 -3.52 -8.65 -1.00
C ALA A 117 -4.57 -8.24 0.03
N LYS A 118 -4.48 -6.99 0.45
CA LYS A 118 -5.41 -6.47 1.44
C LYS A 118 -6.53 -5.71 0.71
N LEU A 119 -7.76 -5.96 1.16
CA LEU A 119 -8.91 -5.31 0.57
C LEU A 119 -9.95 -5.02 1.67
N PRO A 120 -9.99 -3.72 2.09
CA PRO A 120 -10.92 -3.30 3.12
C PRO A 120 -12.34 -3.21 2.57
N ILE A 121 -13.28 -3.02 3.48
CA ILE A 121 -14.68 -2.92 3.11
C ILE A 121 -15.29 -1.68 3.78
N THR A 122 -16.60 -1.55 3.62
CA THR A 122 -17.31 -0.43 4.20
C THR A 122 -17.98 -0.84 5.51
N VAL A 123 -17.99 0.10 6.45
CA VAL A 123 -18.60 -0.15 7.75
C VAL A 123 -20.12 -0.08 7.62
N VAL A 124 -20.66 -1.05 6.88
CA VAL A 124 -22.10 -1.11 6.68
C VAL A 124 -22.69 0.30 6.74
N ARG A 125 -23.20 0.64 7.90
CA ARG A 125 -23.79 1.96 8.11
C ARG A 125 -25.16 2.03 7.42
N ASN A 126 -25.15 1.85 6.12
CA ASN A 126 -26.37 1.90 5.33
C ASN A 126 -26.21 1.04 4.08
N LYS A 127 -27.13 1.23 3.15
CA LYS A 127 -27.10 0.47 1.91
C LYS A 127 -27.41 -1.00 2.19
N ALA A 128 -28.48 -1.20 2.94
CA ALA A 128 -28.90 -2.55 3.29
C ALA A 128 -27.68 -3.38 3.68
N ASP A 129 -26.70 -2.68 4.26
CA ASP A 129 -25.47 -3.33 4.68
C ASP A 129 -24.74 -3.90 3.46
N ILE A 130 -23.56 -3.37 3.21
CA ILE A 130 -22.76 -3.81 2.07
C ILE A 130 -22.35 -5.27 2.29
N THR A 131 -22.57 -5.74 3.51
CA THR A 131 -22.22 -7.11 3.85
C THR A 131 -22.53 -8.04 2.67
N GLY A 132 -23.63 -7.75 2.00
CA GLY A 132 -24.04 -8.55 0.86
C GLY A 132 -23.05 -8.41 -0.30
N GLU A 133 -22.86 -7.17 -0.72
CA GLU A 133 -21.94 -6.89 -1.82
C GLU A 133 -20.51 -7.26 -1.41
N THR A 134 -20.14 -6.84 -0.21
CA THR A 134 -18.81 -7.10 0.30
C THR A 134 -18.47 -8.59 0.14
N LEU A 135 -19.44 -9.43 0.49
CA LEU A 135 -19.24 -10.86 0.38
C LEU A 135 -19.08 -11.25 -1.09
N GLY A 136 -19.88 -10.62 -1.93
CA GLY A 136 -19.84 -10.88 -3.36
C GLY A 136 -18.49 -10.46 -3.95
N MET A 137 -18.07 -9.26 -3.57
CA MET A 137 -16.81 -8.72 -4.05
C MET A 137 -15.63 -9.49 -3.47
N SER A 138 -15.45 -10.71 -3.97
CA SER A 138 -14.35 -11.56 -3.51
C SER A 138 -13.59 -12.11 -4.71
N GLU A 139 -13.00 -11.20 -5.46
CA GLU A 139 -12.23 -11.59 -6.63
C GLU A 139 -10.96 -12.35 -6.20
N VAL A 140 -10.35 -11.86 -5.15
CA VAL A 140 -9.13 -12.47 -4.63
C VAL A 140 -9.35 -12.88 -3.17
N ASN A 141 -8.86 -14.07 -2.84
CA ASN A 141 -9.00 -14.59 -1.49
C ASN A 141 -8.53 -13.53 -0.49
N GLY A 142 -9.51 -12.85 0.10
CA GLY A 142 -9.22 -11.81 1.06
C GLY A 142 -8.20 -12.30 2.10
N HIS A 143 -7.32 -11.39 2.50
CA HIS A 143 -6.30 -11.71 3.47
C HIS A 143 -6.56 -10.94 4.76
N ALA A 144 -7.41 -9.94 4.65
CA ALA A 144 -7.76 -9.11 5.80
C ALA A 144 -9.27 -8.87 5.81
N LEU A 145 -9.71 -8.03 4.90
CA LEU A 145 -11.12 -7.71 4.80
C LEU A 145 -11.58 -7.02 6.09
N ILE A 146 -11.15 -5.77 6.25
CA ILE A 146 -11.51 -5.01 7.43
C ILE A 146 -11.91 -3.59 7.01
N ARG A 147 -13.09 -3.19 7.47
CA ARG A 147 -13.59 -1.86 7.14
C ARG A 147 -12.81 -0.79 7.90
N LEU A 148 -12.67 0.36 7.26
CA LEU A 148 -11.94 1.46 7.87
C LEU A 148 -12.02 2.68 6.95
N SER A 149 -11.71 3.84 7.52
CA SER A 149 -11.75 5.08 6.77
C SER A 149 -10.58 5.98 7.18
N ALA A 150 -9.86 6.46 6.18
CA ALA A 150 -8.73 7.34 6.43
C ALA A 150 -9.11 8.39 7.48
N ARG A 151 -9.52 9.54 6.98
CA ARG A 151 -9.93 10.64 7.85
C ARG A 151 -8.88 10.85 8.94
N THR A 152 -9.06 10.15 10.05
CA THR A 152 -8.14 10.26 11.17
C THR A 152 -8.51 9.27 12.27
N GLY A 153 -8.27 7.99 11.97
CA GLY A 153 -8.57 6.94 12.93
C GLY A 153 -8.97 5.65 12.20
N GLU A 154 -9.72 4.81 12.91
CA GLU A 154 -10.17 3.55 12.35
C GLU A 154 -8.98 2.60 12.18
N GLY A 155 -9.09 1.75 11.16
CA GLY A 155 -8.05 0.79 10.87
C GLY A 155 -6.66 1.42 11.03
N VAL A 156 -6.23 2.07 9.96
CA VAL A 156 -4.93 2.72 9.95
C VAL A 156 -3.92 1.83 10.67
N ASP A 157 -3.69 2.16 11.94
CA ASP A 157 -2.75 1.40 12.74
C ASP A 157 -2.99 -0.09 12.53
N VAL A 158 -4.25 -0.49 12.67
CA VAL A 158 -4.62 -1.88 12.50
C VAL A 158 -3.88 -2.46 11.29
N LEU A 159 -3.90 -1.70 10.20
CA LEU A 159 -3.24 -2.13 8.98
C LEU A 159 -1.72 -1.99 9.16
N ARG A 160 -1.32 -0.86 9.73
CA ARG A 160 0.08 -0.60 9.96
C ARG A 160 0.77 -1.84 10.53
N ASN A 161 0.02 -2.57 11.34
CA ASN A 161 0.54 -3.78 11.97
C ASN A 161 0.68 -4.87 10.90
N HIS A 162 -0.39 -5.07 10.15
CA HIS A 162 -0.40 -6.07 9.10
C HIS A 162 0.80 -5.85 8.18
N LEU A 163 1.17 -4.59 8.03
CA LEU A 163 2.29 -4.23 7.19
C LEU A 163 3.60 -4.64 7.87
N LYS A 164 3.72 -4.25 9.13
CA LYS A 164 4.91 -4.56 9.90
C LYS A 164 5.13 -6.08 9.88
N GLN A 165 4.14 -6.80 10.39
CA GLN A 165 4.21 -8.25 10.43
C GLN A 165 4.78 -8.80 9.12
N SER A 166 4.38 -8.15 8.04
CA SER A 166 4.83 -8.55 6.72
C SER A 166 5.98 -7.66 6.25
N MET A 167 7.15 -7.89 6.84
CA MET A 167 8.32 -7.11 6.50
C MET A 167 9.37 -7.98 5.79
N GLY A 168 9.93 -8.91 6.54
CA GLY A 168 10.94 -9.81 6.01
C GLY A 168 12.34 -9.21 6.18
N ILE A 169 13.26 -10.07 6.57
CA ILE A 169 14.64 -9.65 6.76
C ILE A 169 15.24 -9.22 5.42
N HIS A 170 15.52 -7.92 5.32
CA HIS A 170 16.09 -7.37 4.11
C HIS A 170 16.35 -5.88 4.29
N ARG A 171 17.09 -5.33 3.34
CA ARG A 171 17.43 -3.91 3.39
C ARG A 171 18.28 -3.60 4.62
N ASP A 172 19.40 -2.94 4.37
CA ASP A 172 20.31 -2.58 5.44
C ASP A 172 20.21 -1.08 5.71
N GLY A 1 14.72 -2.89 17.58
CA GLY A 1 15.71 -2.19 18.38
C GLY A 1 16.88 -3.10 18.72
N SER A 2 18.03 -2.77 18.14
CA SER A 2 19.23 -3.55 18.37
C SER A 2 19.07 -4.96 17.80
N LEU A 3 19.85 -5.24 16.77
CA LEU A 3 19.80 -6.55 16.13
C LEU A 3 18.43 -6.73 15.46
N LEU A 4 18.44 -7.48 14.37
CA LEU A 4 17.21 -7.74 13.63
C LEU A 4 16.71 -6.43 13.03
N ARG A 5 17.06 -6.22 11.77
CA ARG A 5 16.65 -5.00 11.08
C ARG A 5 15.53 -5.33 10.08
N GLU A 6 14.57 -4.42 10.01
CA GLU A 6 13.44 -4.59 9.11
C GLU A 6 13.79 -4.08 7.72
N GLY A 7 12.95 -4.43 6.76
CA GLY A 7 13.16 -4.02 5.38
C GLY A 7 12.13 -4.66 4.45
N MET A 8 11.21 -3.84 3.98
CA MET A 8 10.17 -4.31 3.08
C MET A 8 9.56 -3.15 2.29
N LYS A 9 8.74 -3.51 1.31
CA LYS A 9 8.09 -2.51 0.48
C LYS A 9 6.60 -2.83 0.38
N VAL A 10 5.85 -1.85 -0.09
CA VAL A 10 4.41 -2.01 -0.23
C VAL A 10 3.94 -1.26 -1.48
N VAL A 11 2.80 -1.69 -2.00
CA VAL A 11 2.24 -1.07 -3.19
C VAL A 11 0.73 -0.87 -3.00
N ILE A 12 0.36 0.36 -2.64
CA ILE A 12 -1.03 0.69 -2.42
C ILE A 12 -1.64 1.22 -3.72
N ALA A 13 -2.07 0.28 -4.56
CA ALA A 13 -2.66 0.65 -5.84
C ALA A 13 -4.15 0.95 -5.62
N GLY A 14 -4.75 1.53 -6.66
CA GLY A 14 -6.16 1.89 -6.60
C GLY A 14 -6.41 3.26 -7.22
N ARG A 15 -7.39 3.30 -8.12
CA ARG A 15 -7.74 4.54 -8.79
C ARG A 15 -7.84 5.68 -7.77
N PRO A 16 -7.65 6.92 -8.28
CA PRO A 16 -7.72 8.10 -7.44
C PRO A 16 -9.17 8.43 -7.08
N ASN A 17 -9.31 9.37 -6.16
CA ASN A 17 -10.64 9.78 -5.71
C ASN A 17 -11.29 8.64 -4.93
N ALA A 18 -10.54 8.11 -3.98
CA ALA A 18 -11.03 7.01 -3.17
C ALA A 18 -10.25 6.98 -1.85
N GLY A 19 -9.77 8.14 -1.44
CA GLY A 19 -9.00 8.24 -0.21
C GLY A 19 -7.86 7.24 -0.19
N LYS A 20 -6.84 7.52 -1.01
CA LYS A 20 -5.69 6.65 -1.08
C LYS A 20 -4.49 7.33 -0.40
N SER A 21 -4.16 8.51 -0.90
CA SER A 21 -3.05 9.27 -0.35
C SER A 21 -3.23 9.45 1.15
N SER A 22 -4.43 9.89 1.52
CA SER A 22 -4.75 10.11 2.92
C SER A 22 -4.32 8.91 3.76
N LEU A 23 -4.53 7.73 3.18
CA LEU A 23 -4.17 6.49 3.86
C LEU A 23 -2.68 6.51 4.19
N LEU A 24 -1.88 6.64 3.15
CA LEU A 24 -0.43 6.69 3.31
C LEU A 24 -0.07 7.73 4.36
N ASN A 25 -0.78 8.85 4.31
CA ASN A 25 -0.55 9.94 5.23
C ASN A 25 -0.84 9.47 6.66
N ALA A 26 -1.98 8.79 6.80
CA ALA A 26 -2.38 8.28 8.10
C ALA A 26 -1.20 7.58 8.76
N LEU A 27 -0.68 6.59 8.06
CA LEU A 27 0.46 5.84 8.57
C LEU A 27 1.73 6.28 7.84
N ALA A 28 1.98 7.58 7.90
CA ALA A 28 3.15 8.15 7.25
C ALA A 28 4.23 8.41 8.30
N GLY A 29 3.84 9.13 9.34
CA GLY A 29 4.77 9.46 10.41
C GLY A 29 4.73 10.96 10.73
N ARG A 30 5.13 11.74 9.74
CA ARG A 30 5.15 13.19 9.89
C ARG A 30 3.73 13.72 10.05
N GLU A 31 3.62 14.79 10.82
CA GLU A 31 2.33 15.41 11.07
C GLU A 31 1.85 16.16 9.83
N ALA A 32 2.62 17.17 9.45
CA ALA A 32 2.30 17.97 8.28
C ALA A 32 2.28 17.07 7.03
N ALA A 33 1.12 16.50 6.76
CA ALA A 33 0.96 15.63 5.62
C ALA A 33 1.11 16.44 4.33
N ILE A 34 1.97 15.93 3.45
CA ILE A 34 2.21 16.60 2.18
C ILE A 34 1.47 15.87 1.06
N VAL A 35 0.56 16.59 0.43
CA VAL A 35 -0.23 16.02 -0.64
C VAL A 35 0.28 16.57 -1.98
N THR A 36 0.32 15.69 -2.97
CA THR A 36 0.78 16.06 -4.29
C THR A 36 -0.27 15.70 -5.35
N ASP A 37 -0.43 16.60 -6.31
CA ASP A 37 -1.39 16.39 -7.38
C ASP A 37 -0.65 16.31 -8.72
N ILE A 38 -0.25 15.10 -9.06
CA ILE A 38 0.47 14.87 -10.31
C ILE A 38 -0.01 13.56 -10.93
N ALA A 39 0.04 13.53 -12.26
CA ALA A 39 -0.38 12.34 -12.98
C ALA A 39 0.85 11.50 -13.34
N GLY A 40 1.80 12.15 -14.01
CA GLY A 40 3.02 11.48 -14.40
C GLY A 40 3.51 10.53 -13.30
N THR A 41 3.24 9.26 -13.50
CA THR A 41 3.65 8.25 -12.54
C THR A 41 5.15 8.34 -12.28
N THR A 42 5.52 8.11 -11.02
CA THR A 42 6.92 8.17 -10.63
C THR A 42 7.72 7.09 -11.33
N ARG A 43 9.02 7.32 -11.44
CA ARG A 43 9.90 6.37 -12.09
C ARG A 43 10.28 5.25 -11.11
N ASP A 44 10.12 5.54 -9.83
CA ASP A 44 10.44 4.57 -8.80
C ASP A 44 9.15 4.05 -8.18
N VAL A 45 8.04 4.50 -8.73
CA VAL A 45 6.72 4.09 -8.24
C VAL A 45 6.71 4.18 -6.72
N LEU A 46 7.50 5.11 -6.20
CA LEU A 46 7.58 5.30 -4.76
C LEU A 46 7.14 6.73 -4.42
N ARG A 47 5.87 6.85 -4.04
CA ARG A 47 5.32 8.15 -3.70
C ARG A 47 4.54 8.05 -2.38
N GLU A 48 4.68 6.90 -1.73
CA GLU A 48 4.00 6.67 -0.47
C GLU A 48 4.99 6.81 0.69
N HIS A 49 5.89 7.76 0.56
CA HIS A 49 6.89 8.01 1.58
C HIS A 49 7.41 6.67 2.12
N ILE A 50 7.97 6.74 3.32
CA ILE A 50 8.51 5.55 3.96
C ILE A 50 8.41 5.70 5.48
N HIS A 51 7.56 4.86 6.07
CA HIS A 51 7.37 4.89 7.51
C HIS A 51 8.27 3.85 8.17
N ILE A 52 9.19 4.34 8.99
CA ILE A 52 10.11 3.46 9.69
C ILE A 52 10.13 3.84 11.17
N ASP A 53 9.90 2.83 12.01
CA ASP A 53 9.89 3.04 13.44
C ASP A 53 11.32 2.91 13.98
N GLY A 54 12.03 1.91 13.46
CA GLY A 54 13.40 1.68 13.87
C GLY A 54 14.18 2.99 14.00
N MET A 55 14.51 3.56 12.85
CA MET A 55 15.25 4.80 12.82
C MET A 55 14.51 5.86 12.00
N PRO A 56 15.02 7.12 12.07
CA PRO A 56 14.41 8.22 11.35
C PRO A 56 14.74 8.14 9.86
N LEU A 57 16.04 8.10 9.57
CA LEU A 57 16.50 8.02 8.20
C LEU A 57 16.59 6.56 7.78
N HIS A 58 16.24 6.31 6.52
CA HIS A 58 16.28 4.97 5.97
C HIS A 58 16.22 5.01 4.45
N ILE A 59 15.17 5.67 3.95
CA ILE A 59 14.99 5.80 2.52
C ILE A 59 14.77 4.41 1.91
N ILE A 60 13.59 4.22 1.35
CA ILE A 60 13.25 2.96 0.73
C ILE A 60 12.50 3.22 -0.58
N ASP A 61 12.53 2.22 -1.46
CA ASP A 61 11.87 2.33 -2.74
C ASP A 61 11.09 1.04 -3.02
N THR A 62 9.84 1.21 -3.41
CA THR A 62 8.98 0.07 -3.70
C THR A 62 8.98 -0.21 -5.21
N ALA A 63 10.09 -0.76 -5.68
CA ALA A 63 10.22 -1.08 -7.09
C ALA A 63 9.18 -2.13 -7.47
N GLY A 64 9.38 -2.72 -8.64
CA GLY A 64 8.46 -3.74 -9.14
C GLY A 64 9.04 -4.46 -10.36
N LEU A 65 9.23 -3.69 -11.42
CA LEU A 65 9.77 -4.23 -12.65
C LEU A 65 11.20 -3.73 -12.84
N ARG A 66 11.91 -4.37 -13.76
CA ARG A 66 13.28 -3.99 -14.05
C ARG A 66 13.41 -2.48 -14.14
N GLU A 67 12.50 -1.89 -14.90
CA GLU A 67 12.50 -0.44 -15.08
C GLU A 67 12.68 0.27 -13.73
N ALA A 68 11.68 0.09 -12.87
CA ALA A 68 11.72 0.70 -11.56
C ALA A 68 12.96 0.21 -10.80
N SER A 69 13.03 -1.10 -10.64
CA SER A 69 14.14 -1.72 -9.95
C SER A 69 15.45 -1.01 -10.34
N ASP A 70 15.54 -0.65 -11.60
CA ASP A 70 16.72 0.03 -12.11
C ASP A 70 16.68 1.50 -11.69
N GLU A 71 15.77 2.23 -12.30
CA GLU A 71 15.61 3.65 -11.99
C GLU A 71 15.77 3.88 -10.49
N VAL A 72 15.07 3.05 -9.71
CA VAL A 72 15.12 3.16 -8.26
C VAL A 72 16.56 3.34 -7.82
N GLU A 73 17.39 2.36 -8.15
CA GLU A 73 18.80 2.41 -7.79
C GLU A 73 19.37 3.80 -8.06
N ARG A 74 19.11 4.29 -9.27
CA ARG A 74 19.60 5.60 -9.67
C ARG A 74 19.22 6.64 -8.61
N ILE A 75 17.94 6.72 -8.33
CA ILE A 75 17.45 7.67 -7.34
C ILE A 75 18.33 7.61 -6.10
N GLY A 76 18.58 6.39 -5.64
CA GLY A 76 19.40 6.20 -4.47
C GLY A 76 20.83 5.79 -4.86
N ILE A 77 21.34 6.45 -5.88
CA ILE A 77 22.68 6.17 -6.37
C ILE A 77 22.75 4.70 -6.82
N GLU A 78 23.32 3.88 -5.96
CA GLU A 78 23.45 2.46 -6.25
C GLU A 78 24.31 2.26 -7.50
N ARG A 79 24.83 1.05 -7.63
CA ARG A 79 25.67 0.73 -8.78
C ARG A 79 24.80 0.50 -10.02
N ALA A 80 24.26 -0.71 -10.11
CA ALA A 80 23.42 -1.06 -11.25
C ALA A 80 22.61 -2.31 -10.90
N TRP A 81 23.30 -3.31 -10.39
CA TRP A 81 22.66 -4.56 -10.01
C TRP A 81 22.65 -4.64 -8.48
N GLN A 82 21.63 -4.03 -7.91
CA GLN A 82 21.49 -4.02 -6.46
C GLN A 82 20.18 -4.71 -6.05
N GLU A 83 20.33 -5.69 -5.17
CA GLU A 83 19.17 -6.43 -4.68
C GLU A 83 18.05 -5.47 -4.26
N ILE A 84 16.83 -5.85 -4.61
CA ILE A 84 15.67 -5.03 -4.27
C ILE A 84 14.46 -5.94 -4.06
N GLU A 85 14.03 -6.00 -2.80
CA GLU A 85 12.89 -6.83 -2.46
C GLU A 85 11.72 -6.56 -3.41
N GLN A 86 10.66 -7.33 -3.24
CA GLN A 86 9.49 -7.18 -4.08
C GLN A 86 8.25 -6.93 -3.21
N ALA A 87 7.44 -5.98 -3.65
CA ALA A 87 6.23 -5.62 -2.94
C ALA A 87 5.50 -6.91 -2.53
N ASP A 88 5.58 -7.22 -1.24
CA ASP A 88 4.94 -8.40 -0.71
C ASP A 88 3.73 -7.99 0.14
N ARG A 89 2.77 -7.37 -0.52
CA ARG A 89 1.57 -6.92 0.15
C ARG A 89 0.82 -5.89 -0.70
N VAL A 90 -0.47 -6.13 -0.86
CA VAL A 90 -1.30 -5.23 -1.66
C VAL A 90 -2.48 -4.75 -0.81
N LEU A 91 -2.53 -3.44 -0.60
CA LEU A 91 -3.60 -2.84 0.17
C LEU A 91 -4.20 -1.67 -0.59
N PHE A 92 -5.32 -1.94 -1.25
CA PHE A 92 -5.99 -0.92 -2.03
C PHE A 92 -7.37 -0.61 -1.44
N MET A 93 -7.72 0.67 -1.48
CA MET A 93 -9.00 1.11 -0.95
C MET A 93 -10.09 1.04 -2.02
N VAL A 94 -11.26 0.56 -1.62
CA VAL A 94 -12.38 0.45 -2.53
C VAL A 94 -13.53 1.31 -2.02
N ASP A 95 -13.26 2.07 -0.98
CA ASP A 95 -14.26 2.94 -0.38
C ASP A 95 -15.43 2.09 0.12
N GLY A 96 -16.35 1.81 -0.79
CA GLY A 96 -17.51 1.01 -0.44
C GLY A 96 -18.33 0.66 -1.70
N THR A 97 -19.63 0.86 -1.60
CA THR A 97 -20.53 0.57 -2.71
C THR A 97 -19.96 1.15 -4.01
N THR A 98 -19.23 2.25 -3.87
CA THR A 98 -18.64 2.91 -5.02
C THR A 98 -18.09 1.87 -5.99
N THR A 99 -18.54 1.98 -7.24
CA THR A 99 -18.10 1.06 -8.27
C THR A 99 -17.72 1.83 -9.54
N ASP A 100 -17.02 1.14 -10.43
CA ASP A 100 -16.59 1.74 -11.67
C ASP A 100 -15.92 0.68 -12.55
N ALA A 101 -15.58 1.08 -13.76
CA ALA A 101 -14.94 0.18 -14.69
C ALA A 101 -13.43 0.18 -14.44
N VAL A 102 -13.03 0.99 -13.49
CA VAL A 102 -11.62 1.09 -13.13
C VAL A 102 -11.35 0.26 -11.88
N ASP A 103 -12.42 -0.08 -11.19
CA ASP A 103 -12.32 -0.87 -9.98
C ASP A 103 -11.69 -2.23 -10.31
N PRO A 104 -12.27 -2.89 -11.35
CA PRO A 104 -11.78 -4.19 -11.78
C PRO A 104 -10.46 -4.05 -12.55
N ALA A 105 -10.42 -3.06 -13.43
CA ALA A 105 -9.23 -2.82 -14.22
C ALA A 105 -8.13 -2.24 -13.33
N GLU A 106 -7.69 -3.06 -12.38
CA GLU A 106 -6.64 -2.64 -11.46
C GLU A 106 -6.42 -3.72 -10.40
N ILE A 107 -7.51 -4.32 -9.97
CA ILE A 107 -7.45 -5.36 -8.96
C ILE A 107 -7.33 -6.72 -9.65
N TRP A 108 -7.91 -6.80 -10.84
CA TRP A 108 -7.88 -8.04 -11.61
C TRP A 108 -6.40 -8.44 -11.80
N PRO A 109 -5.62 -7.49 -12.38
CA PRO A 109 -4.22 -7.73 -12.63
C PRO A 109 -3.41 -7.65 -11.33
N GLU A 110 -3.82 -8.46 -10.36
CA GLU A 110 -3.15 -8.48 -9.07
C GLU A 110 -3.11 -9.91 -8.52
N PHE A 111 -4.26 -10.57 -8.59
CA PHE A 111 -4.37 -11.93 -8.10
C PHE A 111 -3.14 -12.76 -8.48
N ILE A 112 -2.58 -12.43 -9.64
CA ILE A 112 -1.40 -13.12 -10.13
C ILE A 112 -0.15 -12.53 -9.47
N ALA A 113 0.08 -12.95 -8.23
CA ALA A 113 1.23 -12.47 -7.49
C ALA A 113 1.29 -13.18 -6.14
N ARG A 114 2.45 -13.74 -5.84
CA ARG A 114 2.65 -14.46 -4.60
C ARG A 114 2.73 -13.46 -3.43
N LEU A 115 1.69 -12.66 -3.31
CA LEU A 115 1.63 -11.67 -2.24
C LEU A 115 0.19 -11.52 -1.77
N PRO A 116 0.04 -11.08 -0.49
CA PRO A 116 -1.28 -10.89 0.09
C PRO A 116 -1.94 -9.62 -0.46
N ALA A 117 -3.27 -9.64 -0.48
CA ALA A 117 -4.03 -8.52 -0.97
C ALA A 117 -5.16 -8.21 0.00
N LYS A 118 -4.83 -7.39 0.99
CA LYS A 118 -5.81 -7.00 2.00
C LYS A 118 -6.93 -6.20 1.34
N LEU A 119 -8.15 -6.65 1.57
CA LEU A 119 -9.31 -5.98 1.00
C LEU A 119 -10.05 -5.24 2.12
N PRO A 120 -10.17 -3.89 1.92
CA PRO A 120 -10.86 -3.05 2.90
C PRO A 120 -12.37 -3.24 2.80
N ILE A 121 -13.03 -2.96 3.92
CA ILE A 121 -14.48 -3.09 3.98
C ILE A 121 -15.10 -1.73 4.30
N THR A 122 -16.40 -1.63 4.06
CA THR A 122 -17.11 -0.40 4.33
C THR A 122 -17.75 -0.43 5.71
N VAL A 123 -17.83 0.74 6.32
CA VAL A 123 -18.42 0.85 7.65
C VAL A 123 -19.94 0.86 7.53
N VAL A 124 -20.46 -0.16 6.86
CA VAL A 124 -21.89 -0.27 6.67
C VAL A 124 -22.49 1.12 6.43
N ARG A 125 -23.06 1.68 7.49
CA ARG A 125 -23.67 3.00 7.41
C ARG A 125 -25.02 2.93 6.70
N ASN A 126 -24.96 2.61 5.42
CA ASN A 126 -26.17 2.50 4.62
C ASN A 126 -25.98 1.43 3.56
N LYS A 127 -26.94 1.35 2.64
CA LYS A 127 -26.89 0.37 1.58
C LYS A 127 -27.24 -1.01 2.13
N ALA A 128 -28.30 -1.04 2.92
CA ALA A 128 -28.75 -2.29 3.52
C ALA A 128 -27.53 -3.08 4.00
N ASP A 129 -26.61 -2.37 4.64
CA ASP A 129 -25.40 -3.00 5.15
C ASP A 129 -24.58 -3.54 3.98
N ILE A 130 -23.51 -2.82 3.66
CA ILE A 130 -22.64 -3.21 2.57
C ILE A 130 -22.35 -4.71 2.68
N THR A 131 -22.47 -5.22 3.90
CA THR A 131 -22.23 -6.63 4.15
C THR A 131 -22.44 -7.44 2.87
N GLY A 132 -23.70 -7.49 2.45
CA GLY A 132 -24.05 -8.24 1.25
C GLY A 132 -22.99 -8.06 0.16
N GLU A 133 -23.11 -6.95 -0.57
CA GLU A 133 -22.17 -6.66 -1.63
C GLU A 133 -20.75 -7.04 -1.22
N THR A 134 -20.37 -6.58 -0.03
CA THR A 134 -19.05 -6.88 0.50
C THR A 134 -18.73 -8.36 0.33
N LEU A 135 -19.57 -9.19 0.94
CA LEU A 135 -19.39 -10.63 0.87
C LEU A 135 -19.13 -11.04 -0.58
N GLY A 136 -20.09 -10.70 -1.42
CA GLY A 136 -19.98 -11.02 -2.84
C GLY A 136 -18.55 -10.80 -3.35
N MET A 137 -18.06 -9.58 -3.12
CA MET A 137 -16.73 -9.23 -3.54
C MET A 137 -15.69 -10.20 -2.98
N SER A 138 -15.29 -11.14 -3.82
CA SER A 138 -14.31 -12.14 -3.41
C SER A 138 -13.68 -12.80 -4.65
N GLU A 139 -13.22 -11.96 -5.56
CA GLU A 139 -12.61 -12.45 -6.78
C GLU A 139 -11.12 -12.72 -6.56
N VAL A 140 -10.72 -12.61 -5.30
CA VAL A 140 -9.32 -12.85 -4.94
C VAL A 140 -9.24 -13.29 -3.48
N ASN A 141 -8.26 -14.13 -3.20
CA ASN A 141 -8.07 -14.63 -1.85
C ASN A 141 -7.56 -13.49 -0.96
N GLY A 142 -8.51 -12.77 -0.38
CA GLY A 142 -8.17 -11.66 0.50
C GLY A 142 -7.46 -12.14 1.76
N HIS A 143 -6.38 -11.46 2.10
CA HIS A 143 -5.60 -11.81 3.28
C HIS A 143 -6.44 -11.54 4.54
N ALA A 144 -7.09 -10.39 4.55
CA ALA A 144 -7.91 -10.00 5.68
C ALA A 144 -8.87 -8.89 5.25
N LEU A 145 -10.02 -8.86 5.91
CA LEU A 145 -11.02 -7.85 5.61
C LEU A 145 -11.20 -6.94 6.81
N ILE A 146 -10.95 -5.66 6.58
CA ILE A 146 -11.08 -4.66 7.64
C ILE A 146 -11.61 -3.35 7.05
N ARG A 147 -12.50 -2.72 7.80
CA ARG A 147 -13.09 -1.47 7.36
C ARG A 147 -12.49 -0.31 8.14
N LEU A 148 -12.14 0.75 7.41
CA LEU A 148 -11.56 1.93 8.02
C LEU A 148 -11.88 3.15 7.16
N SER A 149 -11.47 4.31 7.67
CA SER A 149 -11.70 5.56 6.95
C SER A 149 -10.38 6.29 6.74
N ALA A 150 -10.49 7.47 6.13
CA ALA A 150 -9.31 8.28 5.87
C ALA A 150 -9.06 9.22 7.05
N ARG A 151 -10.03 10.08 7.31
CA ARG A 151 -9.92 11.02 8.40
C ARG A 151 -9.86 10.28 9.74
N THR A 152 -10.98 9.68 10.11
CA THR A 152 -11.07 8.94 11.35
C THR A 152 -10.75 7.47 11.12
N GLY A 153 -9.45 7.19 10.99
CA GLY A 153 -9.00 5.83 10.76
C GLY A 153 -9.56 4.88 11.82
N GLU A 154 -10.74 4.35 11.53
CA GLU A 154 -11.39 3.43 12.45
C GLU A 154 -10.47 2.26 12.78
N GLY A 155 -9.84 1.73 11.73
CA GLY A 155 -8.93 0.60 11.89
C GLY A 155 -7.62 0.85 11.13
N VAL A 156 -6.95 1.91 11.51
CA VAL A 156 -5.69 2.27 10.87
C VAL A 156 -4.53 1.69 11.68
N ASP A 157 -4.89 1.06 12.78
CA ASP A 157 -3.89 0.44 13.65
C ASP A 157 -3.66 -1.01 13.23
N VAL A 158 -4.77 -1.71 13.05
CA VAL A 158 -4.70 -3.11 12.64
C VAL A 158 -4.01 -3.21 11.29
N LEU A 159 -3.97 -2.08 10.59
CA LEU A 159 -3.35 -2.03 9.28
C LEU A 159 -1.84 -1.86 9.45
N ARG A 160 -1.48 -0.95 10.36
CA ARG A 160 -0.07 -0.69 10.62
C ARG A 160 0.63 -1.96 11.11
N ASN A 161 0.04 -2.58 12.12
CA ASN A 161 0.60 -3.79 12.68
C ASN A 161 0.98 -4.74 11.55
N HIS A 162 -0.02 -5.19 10.82
CA HIS A 162 0.19 -6.10 9.71
C HIS A 162 1.44 -5.67 8.93
N LEU A 163 1.54 -4.37 8.71
CA LEU A 163 2.67 -3.82 7.99
C LEU A 163 3.97 -4.38 8.58
N LYS A 164 4.07 -4.30 9.89
CA LYS A 164 5.25 -4.79 10.58
C LYS A 164 5.06 -6.27 10.92
N GLN A 165 4.78 -7.05 9.87
CA GLN A 165 4.58 -8.47 10.04
C GLN A 165 5.00 -9.22 8.77
N SER A 166 4.45 -8.80 7.65
CA SER A 166 4.77 -9.42 6.37
C SER A 166 5.92 -8.67 5.70
N MET A 167 6.66 -7.95 6.53
CA MET A 167 7.80 -7.18 6.03
C MET A 167 8.98 -8.10 5.70
N GLY A 168 9.11 -9.14 6.50
CA GLY A 168 10.19 -10.10 6.32
C GLY A 168 11.55 -9.45 6.53
N ILE A 169 12.39 -10.14 7.27
CA ILE A 169 13.73 -9.64 7.57
C ILE A 169 14.54 -9.57 6.27
N HIS A 170 15.03 -8.37 5.98
CA HIS A 170 15.82 -8.16 4.78
C HIS A 170 16.35 -6.73 4.76
N ARG A 171 17.26 -6.48 3.82
CA ARG A 171 17.85 -5.16 3.69
C ARG A 171 19.01 -5.00 4.66
N ASP A 172 18.70 -5.17 5.94
CA ASP A 172 19.71 -5.05 6.98
C ASP A 172 20.61 -3.84 6.67
N GLY A 1 26.54 -4.74 18.18
CA GLY A 1 25.24 -4.12 18.40
C GLY A 1 24.37 -4.24 17.15
N SER A 2 23.62 -5.34 17.10
CA SER A 2 22.73 -5.58 15.97
C SER A 2 21.95 -6.87 16.19
N LEU A 3 20.64 -6.71 16.37
CA LEU A 3 19.77 -7.85 16.60
C LEU A 3 18.95 -8.12 15.33
N LEU A 4 18.12 -7.15 14.99
CA LEU A 4 17.27 -7.27 13.81
C LEU A 4 16.47 -5.97 13.64
N ARG A 5 16.45 -5.49 12.40
CA ARG A 5 15.73 -4.27 12.08
C ARG A 5 14.45 -4.60 11.31
N GLU A 6 14.60 -5.47 10.32
CA GLU A 6 13.47 -5.88 9.49
C GLU A 6 12.96 -4.69 8.67
N GLY A 7 13.13 -4.80 7.37
CA GLY A 7 12.68 -3.74 6.46
C GLY A 7 12.05 -4.33 5.21
N MET A 8 11.26 -3.50 4.54
CA MET A 8 10.58 -3.92 3.32
C MET A 8 9.81 -2.76 2.69
N LYS A 9 9.08 -3.08 1.64
CA LYS A 9 8.30 -2.08 0.93
C LYS A 9 6.82 -2.46 1.00
N VAL A 10 5.99 -1.62 0.39
CA VAL A 10 4.56 -1.86 0.36
C VAL A 10 3.95 -1.16 -0.86
N VAL A 11 2.84 -1.72 -1.33
CA VAL A 11 2.16 -1.17 -2.48
C VAL A 11 0.73 -0.80 -2.08
N ILE A 12 0.35 0.43 -2.41
CA ILE A 12 -0.98 0.91 -2.09
C ILE A 12 -1.61 1.53 -3.35
N ALA A 13 -2.18 0.67 -4.17
CA ALA A 13 -2.82 1.12 -5.40
C ALA A 13 -4.32 0.85 -5.32
N GLY A 14 -5.06 1.57 -6.14
CA GLY A 14 -6.51 1.43 -6.17
C GLY A 14 -7.16 2.58 -6.94
N ARG A 15 -8.40 2.85 -6.60
CA ARG A 15 -9.15 3.91 -7.25
C ARG A 15 -8.68 5.28 -6.75
N PRO A 16 -8.28 6.15 -7.72
CA PRO A 16 -7.81 7.47 -7.38
C PRO A 16 -8.97 8.39 -6.99
N ASN A 17 -9.32 8.33 -5.71
CA ASN A 17 -10.41 9.15 -5.20
C ASN A 17 -10.88 8.57 -3.86
N ALA A 18 -10.88 7.26 -3.78
CA ALA A 18 -11.30 6.57 -2.57
C ALA A 18 -10.18 6.65 -1.53
N GLY A 19 -9.84 7.88 -1.16
CA GLY A 19 -8.80 8.11 -0.18
C GLY A 19 -7.66 7.11 -0.35
N LYS A 20 -6.76 7.42 -1.27
CA LYS A 20 -5.62 6.56 -1.53
C LYS A 20 -4.38 7.11 -0.82
N SER A 21 -4.34 8.43 -0.72
CA SER A 21 -3.23 9.10 -0.07
C SER A 21 -3.54 9.32 1.42
N SER A 22 -4.77 9.72 1.68
CA SER A 22 -5.21 9.96 3.04
C SER A 22 -4.85 8.77 3.93
N LEU A 23 -4.80 7.60 3.30
CA LEU A 23 -4.47 6.39 4.02
C LEU A 23 -2.97 6.34 4.28
N LEU A 24 -2.22 6.76 3.27
CA LEU A 24 -0.77 6.77 3.38
C LEU A 24 -0.35 7.76 4.46
N ASN A 25 -1.00 8.91 4.45
CA ASN A 25 -0.71 9.96 5.42
C ASN A 25 -0.93 9.40 6.84
N ALA A 26 -2.02 8.68 6.99
CA ALA A 26 -2.36 8.09 8.28
C ALA A 26 -1.23 7.16 8.72
N LEU A 27 -0.78 6.35 7.77
CA LEU A 27 0.30 5.41 8.05
C LEU A 27 1.48 6.16 8.69
N ALA A 28 2.10 7.01 7.89
CA ALA A 28 3.23 7.79 8.36
C ALA A 28 2.89 8.42 9.71
N GLY A 29 1.92 9.33 9.68
CA GLY A 29 1.50 10.00 10.89
C GLY A 29 2.42 11.19 11.21
N ARG A 30 3.00 11.75 10.16
CA ARG A 30 3.90 12.89 10.32
C ARG A 30 3.09 14.17 10.55
N GLU A 31 3.70 15.07 11.30
CA GLU A 31 3.05 16.34 11.60
C GLU A 31 3.19 17.30 10.41
N ALA A 32 2.60 16.90 9.30
CA ALA A 32 2.65 17.70 8.09
C ALA A 32 2.12 16.88 6.92
N ALA A 33 0.84 16.56 6.99
CA ALA A 33 0.19 15.78 5.94
C ALA A 33 0.31 16.53 4.62
N ILE A 34 0.88 15.85 3.63
CA ILE A 34 1.05 16.44 2.31
C ILE A 34 0.39 15.54 1.27
N VAL A 35 -0.26 16.19 0.31
CA VAL A 35 -0.94 15.46 -0.75
C VAL A 35 -0.45 15.97 -2.11
N THR A 36 0.26 15.09 -2.81
CA THR A 36 0.81 15.43 -4.11
C THR A 36 -0.21 15.10 -5.21
N ASP A 37 -0.33 16.03 -6.15
CA ASP A 37 -1.26 15.85 -7.25
C ASP A 37 -0.49 15.94 -8.58
N ILE A 38 -0.01 14.78 -9.00
CA ILE A 38 0.74 14.71 -10.24
C ILE A 38 0.28 13.49 -11.05
N ALA A 39 0.58 13.52 -12.33
CA ALA A 39 0.20 12.43 -13.21
C ALA A 39 1.44 11.60 -13.57
N GLY A 40 2.54 12.31 -13.78
CA GLY A 40 3.80 11.66 -14.12
C GLY A 40 4.10 10.52 -13.14
N THR A 41 4.01 9.30 -13.65
CA THR A 41 4.27 8.12 -12.85
C THR A 41 5.76 7.97 -12.59
N THR A 42 6.17 8.36 -11.39
CA THR A 42 7.58 8.27 -11.01
C THR A 42 8.15 6.90 -11.38
N ARG A 43 9.18 6.94 -12.22
CA ARG A 43 9.82 5.71 -12.66
C ARG A 43 10.25 4.88 -11.45
N ASP A 44 10.66 5.58 -10.40
CA ASP A 44 11.10 4.91 -9.19
C ASP A 44 9.89 4.28 -8.49
N VAL A 45 8.72 4.60 -9.00
CA VAL A 45 7.48 4.08 -8.46
C VAL A 45 7.24 4.69 -7.08
N LEU A 46 8.19 4.48 -6.18
CA LEU A 46 8.10 5.01 -4.84
C LEU A 46 7.47 6.41 -4.89
N ARG A 47 6.18 6.45 -4.63
CA ARG A 47 5.46 7.71 -4.65
C ARG A 47 4.73 7.93 -3.32
N GLU A 48 5.03 7.04 -2.37
CA GLU A 48 4.41 7.12 -1.05
C GLU A 48 5.48 7.04 0.04
N HIS A 49 6.65 7.57 -0.29
CA HIS A 49 7.76 7.56 0.66
C HIS A 49 7.76 6.25 1.44
N ILE A 50 8.34 6.30 2.63
CA ILE A 50 8.41 5.14 3.49
C ILE A 50 8.67 5.58 4.93
N HIS A 51 7.66 5.40 5.76
CA HIS A 51 7.76 5.78 7.15
C HIS A 51 8.58 4.73 7.91
N ILE A 52 9.60 5.21 8.62
CA ILE A 52 10.46 4.33 9.38
C ILE A 52 10.32 4.65 10.87
N ASP A 53 9.29 4.08 11.48
CA ASP A 53 9.04 4.29 12.89
C ASP A 53 10.36 4.26 13.65
N GLY A 54 11.21 3.32 13.27
CA GLY A 54 12.51 3.17 13.90
C GLY A 54 13.20 4.53 14.05
N MET A 55 14.02 4.85 13.06
CA MET A 55 14.74 6.11 13.07
C MET A 55 14.39 6.95 11.84
N PRO A 56 14.28 8.29 12.06
CA PRO A 56 13.96 9.21 10.99
C PRO A 56 15.16 9.43 10.07
N LEU A 57 15.68 8.32 9.55
CA LEU A 57 16.83 8.38 8.67
C LEU A 57 16.82 7.16 7.75
N HIS A 58 17.29 7.37 6.53
CA HIS A 58 17.34 6.29 5.55
C HIS A 58 15.92 5.92 5.12
N ILE A 59 15.76 5.68 3.83
CA ILE A 59 14.47 5.31 3.28
C ILE A 59 14.67 4.38 2.08
N ILE A 60 13.64 3.59 1.81
CA ILE A 60 13.69 2.65 0.70
C ILE A 60 12.70 3.09 -0.38
N ASP A 61 12.52 2.22 -1.36
CA ASP A 61 11.60 2.51 -2.45
C ASP A 61 11.14 1.19 -3.08
N THR A 62 9.88 1.18 -3.48
CA THR A 62 9.31 -0.01 -4.10
C THR A 62 9.63 -0.04 -5.60
N ALA A 63 10.24 -1.15 -6.00
CA ALA A 63 10.62 -1.32 -7.39
C ALA A 63 9.36 -1.52 -8.24
N GLY A 64 8.86 -2.75 -8.24
CA GLY A 64 7.67 -3.08 -9.00
C GLY A 64 8.03 -3.75 -10.32
N LEU A 65 8.61 -2.96 -11.21
CA LEU A 65 9.01 -3.45 -12.53
C LEU A 65 10.53 -3.53 -12.60
N ARG A 66 11.02 -4.58 -13.22
CA ARG A 66 12.45 -4.78 -13.37
C ARG A 66 13.13 -3.46 -13.74
N GLU A 67 12.59 -2.83 -14.77
CA GLU A 67 13.13 -1.56 -15.22
C GLU A 67 13.19 -0.55 -14.08
N ALA A 68 12.08 -0.48 -13.34
CA ALA A 68 11.99 0.44 -12.22
C ALA A 68 13.20 0.22 -11.29
N SER A 69 13.46 -1.04 -10.99
CA SER A 69 14.56 -1.40 -10.12
C SER A 69 15.75 -0.48 -10.41
N ASP A 70 16.08 -0.36 -11.69
CA ASP A 70 17.19 0.47 -12.10
C ASP A 70 16.93 1.92 -11.67
N GLU A 71 15.99 2.55 -12.36
CA GLU A 71 15.63 3.93 -12.05
C GLU A 71 15.60 4.15 -10.54
N VAL A 72 15.20 3.10 -9.83
CA VAL A 72 15.12 3.16 -8.39
C VAL A 72 16.53 3.19 -7.80
N GLU A 73 17.31 2.19 -8.16
CA GLU A 73 18.67 2.09 -7.69
C GLU A 73 19.55 3.15 -8.34
N ARG A 74 19.47 4.35 -7.78
CA ARG A 74 20.25 5.47 -8.30
C ARG A 74 19.79 6.78 -7.66
N ILE A 75 18.51 6.83 -7.35
CA ILE A 75 17.94 8.01 -6.73
C ILE A 75 18.34 8.07 -5.25
N GLY A 76 18.78 6.92 -4.75
CA GLY A 76 19.21 6.83 -3.37
C GLY A 76 20.73 6.72 -3.27
N ILE A 77 21.38 6.78 -4.43
CA ILE A 77 22.82 6.69 -4.48
C ILE A 77 23.26 5.35 -3.87
N GLU A 78 23.27 4.34 -4.72
CA GLU A 78 23.67 3.01 -4.27
C GLU A 78 23.83 2.08 -5.48
N ARG A 79 24.30 0.86 -5.20
CA ARG A 79 24.49 -0.12 -6.24
C ARG A 79 23.37 -0.04 -7.27
N ALA A 80 23.77 0.13 -8.52
CA ALA A 80 22.81 0.23 -9.61
C ALA A 80 22.50 -1.18 -10.13
N TRP A 81 22.27 -2.09 -9.21
CA TRP A 81 21.96 -3.47 -9.56
C TRP A 81 22.20 -4.33 -8.32
N GLN A 82 21.32 -4.19 -7.35
CA GLN A 82 21.43 -4.94 -6.11
C GLN A 82 20.52 -4.36 -5.04
N GLU A 83 19.84 -5.24 -4.34
CA GLU A 83 18.93 -4.82 -3.28
C GLU A 83 17.71 -4.11 -3.87
N ILE A 84 16.60 -4.84 -3.89
CA ILE A 84 15.37 -4.30 -4.44
C ILE A 84 14.24 -5.32 -4.23
N GLU A 85 14.04 -5.67 -2.96
CA GLU A 85 13.01 -6.63 -2.61
C GLU A 85 11.75 -5.90 -2.15
N GLN A 86 10.74 -5.90 -3.02
CA GLN A 86 9.49 -5.25 -2.70
C GLN A 86 8.31 -6.19 -2.97
N ALA A 87 7.12 -5.61 -3.01
CA ALA A 87 5.91 -6.38 -3.26
C ALA A 87 5.81 -7.50 -2.23
N ASP A 88 4.95 -7.27 -1.24
CA ASP A 88 4.75 -8.24 -0.19
C ASP A 88 3.28 -8.20 0.26
N ARG A 89 2.82 -6.99 0.57
CA ARG A 89 1.45 -6.80 1.01
C ARG A 89 0.80 -5.67 0.21
N VAL A 90 -0.24 -6.04 -0.53
CA VAL A 90 -0.96 -5.06 -1.34
C VAL A 90 -2.14 -4.53 -0.54
N LEU A 91 -2.30 -3.21 -0.57
CA LEU A 91 -3.38 -2.57 0.15
C LEU A 91 -4.28 -1.84 -0.85
N PHE A 92 -5.23 -2.59 -1.40
CA PHE A 92 -6.15 -2.03 -2.37
C PHE A 92 -7.31 -1.31 -1.67
N MET A 93 -7.19 0.02 -1.61
CA MET A 93 -8.22 0.83 -0.98
C MET A 93 -9.44 0.98 -1.88
N VAL A 94 -10.57 0.48 -1.39
CA VAL A 94 -11.81 0.55 -2.14
C VAL A 94 -12.88 1.22 -1.29
N ASP A 95 -13.54 2.20 -1.88
CA ASP A 95 -14.58 2.93 -1.18
C ASP A 95 -15.65 1.94 -0.70
N GLY A 96 -16.61 2.47 0.05
CA GLY A 96 -17.69 1.65 0.57
C GLY A 96 -18.34 0.82 -0.54
N THR A 97 -19.49 1.31 -0.98
CA THR A 97 -20.23 0.63 -2.04
C THR A 97 -20.13 1.41 -3.34
N THR A 98 -18.90 1.76 -3.71
CA THR A 98 -18.65 2.50 -4.92
C THR A 98 -18.23 1.56 -6.05
N THR A 99 -19.13 1.38 -7.00
CA THR A 99 -18.86 0.50 -8.13
C THR A 99 -18.27 1.30 -9.29
N ASP A 100 -17.60 0.59 -10.19
CA ASP A 100 -16.99 1.22 -11.34
C ASP A 100 -16.30 0.15 -12.19
N ALA A 101 -16.27 0.40 -13.49
CA ALA A 101 -15.65 -0.53 -14.41
C ALA A 101 -14.12 -0.40 -14.31
N VAL A 102 -13.71 0.58 -13.52
CA VAL A 102 -12.28 0.82 -13.33
C VAL A 102 -11.82 0.12 -12.05
N ASP A 103 -12.78 -0.16 -11.19
CA ASP A 103 -12.49 -0.83 -9.93
C ASP A 103 -11.70 -2.11 -10.21
N PRO A 104 -12.26 -2.94 -11.13
CA PRO A 104 -11.62 -4.19 -11.49
C PRO A 104 -10.40 -3.95 -12.40
N ALA A 105 -10.56 -2.98 -13.29
CA ALA A 105 -9.49 -2.64 -14.21
C ALA A 105 -8.19 -2.43 -13.44
N GLU A 106 -8.34 -1.96 -12.20
CA GLU A 106 -7.20 -1.72 -11.34
C GLU A 106 -6.67 -3.03 -10.77
N ILE A 107 -7.62 -3.87 -10.34
CA ILE A 107 -7.27 -5.16 -9.77
C ILE A 107 -7.11 -6.18 -10.89
N TRP A 108 -6.39 -5.79 -11.92
CA TRP A 108 -6.15 -6.66 -13.06
C TRP A 108 -4.85 -7.41 -12.82
N PRO A 109 -3.74 -6.64 -12.72
CA PRO A 109 -2.43 -7.21 -12.48
C PRO A 109 -2.28 -7.67 -11.04
N GLU A 110 -3.29 -7.34 -10.23
CA GLU A 110 -3.28 -7.70 -8.83
C GLU A 110 -3.67 -9.18 -8.67
N PHE A 111 -4.78 -9.53 -9.31
CA PHE A 111 -5.27 -10.90 -9.24
C PHE A 111 -4.13 -11.90 -9.39
N ILE A 112 -3.30 -11.67 -10.40
CA ILE A 112 -2.18 -12.55 -10.67
C ILE A 112 -0.94 -12.02 -9.93
N ALA A 113 -0.55 -12.74 -8.90
CA ALA A 113 0.62 -12.34 -8.12
C ALA A 113 0.98 -13.48 -7.16
N ARG A 114 2.06 -13.26 -6.42
CA ARG A 114 2.52 -14.25 -5.46
C ARG A 114 2.60 -13.64 -4.06
N LEU A 115 1.55 -12.90 -3.71
CA LEU A 115 1.48 -12.26 -2.42
C LEU A 115 0.03 -11.92 -2.09
N PRO A 116 -0.26 -11.82 -0.77
CA PRO A 116 -1.60 -11.50 -0.31
C PRO A 116 -1.92 -10.03 -0.53
N ALA A 117 -3.21 -9.73 -0.63
CA ALA A 117 -3.65 -8.37 -0.83
C ALA A 117 -4.94 -8.13 -0.05
N LYS A 118 -4.81 -7.39 1.04
CA LYS A 118 -5.96 -7.09 1.89
C LYS A 118 -6.93 -6.20 1.12
N LEU A 119 -8.00 -5.80 1.81
CA LEU A 119 -9.01 -4.96 1.20
C LEU A 119 -10.05 -4.59 2.25
N PRO A 120 -10.33 -3.25 2.34
CA PRO A 120 -11.30 -2.75 3.30
C PRO A 120 -12.73 -3.06 2.84
N ILE A 121 -13.68 -2.68 3.68
CA ILE A 121 -15.08 -2.90 3.38
C ILE A 121 -15.88 -1.65 3.75
N THR A 122 -15.60 -1.13 4.94
CA THR A 122 -16.28 0.05 5.42
C THR A 122 -17.74 -0.28 5.76
N VAL A 123 -18.18 0.22 6.90
CA VAL A 123 -19.54 -0.01 7.35
C VAL A 123 -20.35 1.27 7.17
N VAL A 124 -20.35 1.78 5.95
CA VAL A 124 -21.07 3.00 5.64
C VAL A 124 -22.45 2.95 6.30
N ARG A 125 -22.94 4.13 6.66
CA ARG A 125 -24.24 4.23 7.30
C ARG A 125 -25.23 3.26 6.65
N ASN A 126 -25.56 3.55 5.40
CA ASN A 126 -26.48 2.71 4.66
C ASN A 126 -26.18 1.24 4.94
N LYS A 127 -27.03 0.65 5.77
CA LYS A 127 -26.88 -0.75 6.12
C LYS A 127 -27.08 -1.63 4.88
N ALA A 128 -28.32 -1.65 4.42
CA ALA A 128 -28.65 -2.44 3.24
C ALA A 128 -27.92 -1.87 2.03
N ASP A 129 -26.64 -2.23 1.95
CA ASP A 129 -25.81 -1.76 0.84
C ASP A 129 -24.45 -2.45 0.92
N ILE A 130 -23.86 -2.40 2.10
CA ILE A 130 -22.56 -3.02 2.32
C ILE A 130 -22.65 -4.52 2.05
N THR A 131 -23.85 -5.05 2.25
CA THR A 131 -24.07 -6.47 2.03
C THR A 131 -23.77 -6.84 0.59
N GLY A 132 -24.58 -6.30 -0.32
CA GLY A 132 -24.40 -6.56 -1.74
C GLY A 132 -23.18 -5.83 -2.29
N GLU A 133 -22.04 -6.10 -1.67
CA GLU A 133 -20.80 -5.46 -2.09
C GLU A 133 -19.61 -6.12 -1.38
N THR A 134 -19.70 -6.16 -0.05
CA THR A 134 -18.64 -6.75 0.75
C THR A 134 -18.48 -8.24 0.40
N LEU A 135 -19.47 -9.00 0.81
CA LEU A 135 -19.45 -10.44 0.56
C LEU A 135 -19.36 -10.69 -0.95
N GLY A 136 -20.30 -10.10 -1.67
CA GLY A 136 -20.34 -10.25 -3.12
C GLY A 136 -18.94 -10.16 -3.71
N MET A 137 -18.35 -8.98 -3.62
CA MET A 137 -17.02 -8.75 -4.14
C MET A 137 -16.00 -9.69 -3.48
N SER A 138 -15.90 -10.88 -4.06
CA SER A 138 -14.97 -11.88 -3.55
C SER A 138 -14.25 -12.56 -4.70
N GLU A 139 -13.42 -11.79 -5.38
CA GLU A 139 -12.66 -12.32 -6.51
C GLU A 139 -11.38 -13.00 -6.02
N VAL A 140 -10.51 -12.20 -5.43
CA VAL A 140 -9.25 -12.71 -4.92
C VAL A 140 -9.38 -12.94 -3.41
N ASN A 141 -8.75 -14.02 -2.96
CA ASN A 141 -8.79 -14.37 -1.55
C ASN A 141 -8.46 -13.12 -0.71
N GLY A 142 -7.35 -12.49 -1.06
CA GLY A 142 -6.91 -11.30 -0.35
C GLY A 142 -6.56 -11.62 1.11
N HIS A 143 -5.57 -10.89 1.61
CA HIS A 143 -5.12 -11.09 2.98
C HIS A 143 -6.34 -11.28 3.89
N ALA A 144 -7.18 -10.25 3.93
CA ALA A 144 -8.37 -10.29 4.76
C ALA A 144 -9.22 -9.05 4.49
N LEU A 145 -10.16 -8.81 5.39
CA LEU A 145 -11.04 -7.66 5.25
C LEU A 145 -11.09 -6.90 6.59
N ILE A 146 -10.86 -5.61 6.50
CA ILE A 146 -10.88 -4.77 7.69
C ILE A 146 -11.43 -3.38 7.32
N ARG A 147 -12.61 -3.10 7.84
CA ARG A 147 -13.26 -1.82 7.58
C ARG A 147 -12.52 -0.69 8.30
N LEU A 148 -12.61 0.49 7.72
CA LEU A 148 -11.96 1.65 8.30
C LEU A 148 -12.48 2.92 7.61
N SER A 149 -11.79 4.02 7.86
CA SER A 149 -12.17 5.29 7.28
C SER A 149 -10.95 5.99 6.69
N ALA A 150 -11.11 7.27 6.40
CA ALA A 150 -10.03 8.06 5.84
C ALA A 150 -9.49 9.02 6.89
N ARG A 151 -10.41 9.78 7.48
CA ARG A 151 -10.05 10.74 8.51
C ARG A 151 -10.47 10.22 9.89
N THR A 152 -11.59 9.51 9.91
CA THR A 152 -12.10 8.96 11.15
C THR A 152 -11.14 7.92 11.72
N GLY A 153 -10.20 7.52 10.87
CA GLY A 153 -9.21 6.53 11.27
C GLY A 153 -9.83 5.13 11.33
N GLU A 154 -10.28 4.78 12.52
CA GLU A 154 -10.89 3.47 12.72
C GLU A 154 -9.82 2.38 12.75
N GLY A 155 -9.20 2.17 11.60
CA GLY A 155 -8.17 1.16 11.48
C GLY A 155 -6.78 1.78 11.70
N VAL A 156 -6.16 2.15 10.59
CA VAL A 156 -4.84 2.75 10.64
C VAL A 156 -3.88 1.82 11.39
N ASP A 157 -3.82 2.01 12.70
CA ASP A 157 -2.96 1.20 13.54
C ASP A 157 -3.18 -0.28 13.20
N VAL A 158 -4.44 -0.64 13.04
CA VAL A 158 -4.80 -2.01 12.72
C VAL A 158 -3.91 -2.50 11.57
N LEU A 159 -4.28 -2.11 10.36
CA LEU A 159 -3.54 -2.51 9.18
C LEU A 159 -2.04 -2.30 9.43
N ARG A 160 -1.74 -1.21 10.12
CA ARG A 160 -0.35 -0.89 10.44
C ARG A 160 0.40 -2.15 10.88
N ASN A 161 -0.12 -2.77 11.93
CA ASN A 161 0.48 -3.98 12.47
C ASN A 161 0.77 -4.94 11.31
N HIS A 162 -0.20 -5.09 10.44
CA HIS A 162 -0.07 -5.98 9.30
C HIS A 162 0.98 -5.41 8.34
N LEU A 163 1.10 -4.09 8.36
CA LEU A 163 2.06 -3.42 7.50
C LEU A 163 3.48 -3.72 7.99
N LYS A 164 3.57 -4.09 9.26
CA LYS A 164 4.85 -4.41 9.85
C LYS A 164 5.13 -5.91 9.71
N GLN A 165 4.19 -6.69 10.23
CA GLN A 165 4.32 -8.14 10.18
C GLN A 165 4.84 -8.58 8.80
N SER A 166 4.41 -7.84 7.78
CA SER A 166 4.84 -8.13 6.42
C SER A 166 6.35 -8.06 6.32
N MET A 167 6.90 -6.98 6.87
CA MET A 167 8.34 -6.77 6.84
C MET A 167 9.08 -8.02 7.30
N GLY A 168 9.88 -8.57 6.38
CA GLY A 168 10.64 -9.77 6.68
C GLY A 168 12.09 -9.42 7.02
N ILE A 169 12.76 -10.36 7.67
CA ILE A 169 14.14 -10.17 8.06
C ILE A 169 14.94 -9.64 6.87
N HIS A 170 15.29 -8.37 6.95
CA HIS A 170 16.05 -7.73 5.88
C HIS A 170 16.36 -6.29 6.27
N ARG A 171 17.56 -5.86 5.93
CA ARG A 171 18.00 -4.51 6.22
C ARG A 171 18.25 -3.72 4.93
N ASP A 172 17.78 -2.49 4.91
CA ASP A 172 17.95 -1.63 3.76
C ASP A 172 17.32 -2.32 2.53
#